data_8RZI
#
_entry.id   8RZI
#
_cell.length_a   219.695
_cell.length_b   106.554
_cell.length_c   164.442
_cell.angle_alpha   90.000
_cell.angle_beta   114.012
_cell.angle_gamma   90.000
#
_symmetry.space_group_name_H-M   'C 1 2 1'
#
loop_
_entity.id
_entity.type
_entity.pdbx_description
1 polymer 'Conserved hypothetical periplasmic protein'
2 non-polymer (1~{R},4~{S},5~{S},8~{S})-4-fluoranyl-2,6-dioxabicyclo[3.2.1]octan-8-ol
3 non-polymer 'L(+)-TARTARIC ACID'
4 non-polymer DI(HYDROXYETHYL)ETHER
5 non-polymer 'SODIUM ION'
6 non-polymer 'CHLORIDE ION'
7 non-polymer 1,2-ETHANEDIOL
8 water water
#
_entity_poly.entity_id   1
_entity_poly.type   'polypeptide(L)'
_entity_poly.pdbx_seq_one_letter_code
;MGSSHHHHHHGSLDSPDPIVLENGKLNINIDSKTGCFSVTEKTSGHVWKSDPWENAAGLLTLTDSKGKKQTVNISKSKKI
EVSKTAKNTVSLKFIDPVFEDGSVAKGVSIATELRLDPNNAQLDVEVTEHRSGNFTLYDLRYPARAFSLKTDEDKGAAVI
PQKQGVICPSYIFPMNGGRFCKWDDATYNNKSQGSLELFNNGTGLTMPWWGTYNEKSAVMGIVDVSARPHMQYNINNNGQ
YLFNAKGVMSPYQRIVFLDPIWKLDQEKGKMRISYHFIPGGDYVDMAKVYQKEAKARGHFVSLQEKLKRNPNVNKLPGAI
YFGIYGGYPHYVNMPGMAFTFDELKNIIKTIHDDLRVDKAFVHAWGTFSNFVPHNYPISEALGGPEKLKAAVDLAKSYGY
LYSSYHAYSPMLENDPNFTTDLMQRDAEGKLMNTGSRWARVDPKFQKGLAQKNIEKEISYLGLEADITDITFAAYRENGK
EGRIELAKYIDSFNLVNGTEHGQEQWIPYFDMFEGMTYLEDRPLSVISHPAPLFNLVYHEAIANFGKIQDPDNEVTANGD
FRIKALRSMLFGRGTTIFFAPYEFEGMRPMIEMARDLVSPVHKETFYSELKSHEYLSADYKVQRSRFSSGTEVIANLGPV
AQKIEGGISIPGYGYRIQMKDGSLKTGHFQVSLHMD
;
_entity_poly.pdbx_strand_id   A,B,C,D
#
loop_
_chem_comp.id
_chem_comp.type
_chem_comp.name
_chem_comp.formula
A1H37 non-polymer (1~{R},4~{S},5~{S},8~{S})-4-fluoranyl-2,6-dioxabicyclo[3.2.1]octan-8-ol 'C6 H9 F O3'
CL non-polymer 'CHLORIDE ION' 'Cl -1'
EDO non-polymer 1,2-ETHANEDIOL 'C2 H6 O2'
NA non-polymer 'SODIUM ION' 'Na 1'
PEG non-polymer DI(HYDROXYETHYL)ETHER 'C4 H10 O3'
TLA non-polymer 'L(+)-TARTARIC ACID' 'C4 H6 O6'
#
# COMPACT_ATOMS: atom_id res chain seq x y z
N PRO A 18 -45.62 -19.69 5.74
CA PRO A 18 -45.58 -20.76 4.74
C PRO A 18 -46.98 -21.00 4.17
N ILE A 19 -47.56 -19.99 3.53
CA ILE A 19 -48.81 -20.14 2.79
C ILE A 19 -48.56 -20.93 1.52
N VAL A 20 -49.53 -21.77 1.14
CA VAL A 20 -49.32 -22.76 0.09
C VAL A 20 -50.42 -22.64 -0.96
N LEU A 21 -50.01 -22.66 -2.23
CA LEU A 21 -50.90 -22.92 -3.34
C LEU A 21 -50.48 -24.25 -3.94
N GLU A 22 -51.45 -25.11 -4.22
CA GLU A 22 -51.10 -26.47 -4.63
C GLU A 22 -52.14 -26.96 -5.65
N ASN A 23 -51.67 -27.68 -6.66
CA ASN A 23 -52.54 -28.53 -7.46
C ASN A 23 -51.79 -29.84 -7.69
N GLY A 24 -52.29 -30.66 -8.63
CA GLY A 24 -51.64 -31.95 -8.87
C GLY A 24 -50.24 -31.85 -9.46
N LYS A 25 -49.89 -30.72 -10.07
CA LYS A 25 -48.61 -30.58 -10.76
C LYS A 25 -47.60 -29.69 -10.05
N LEU A 26 -48.05 -28.73 -9.23
CA LEU A 26 -47.16 -27.73 -8.67
C LEU A 26 -47.52 -27.46 -7.23
N ASN A 27 -46.50 -27.05 -6.47
CA ASN A 27 -46.67 -26.67 -5.09
C ASN A 27 -45.91 -25.36 -4.87
N ILE A 28 -46.66 -24.29 -4.54
CA ILE A 28 -46.13 -22.94 -4.37
C ILE A 28 -46.08 -22.63 -2.87
N ASN A 29 -44.89 -22.45 -2.31
CA ASN A 29 -44.76 -22.15 -0.89
C ASN A 29 -44.36 -20.69 -0.73
N ILE A 30 -45.22 -19.88 -0.11
CA ILE A 30 -45.00 -18.45 0.04
C ILE A 30 -44.64 -18.13 1.48
N ASP A 31 -43.54 -17.40 1.68
CA ASP A 31 -43.14 -16.95 3.01
C ASP A 31 -43.92 -15.70 3.41
N SER A 32 -44.57 -15.78 4.59
CA SER A 32 -45.41 -14.70 5.09
C SER A 32 -44.62 -13.47 5.53
N LYS A 33 -43.36 -13.65 5.92
CA LYS A 33 -42.55 -12.56 6.44
C LYS A 33 -41.85 -11.76 5.32
N THR A 34 -41.43 -12.44 4.25
CA THR A 34 -40.69 -11.83 3.15
C THR A 34 -41.49 -11.67 1.87
N GLY A 35 -42.46 -12.54 1.62
CA GLY A 35 -43.11 -12.62 0.33
C GLY A 35 -42.42 -13.51 -0.68
N CYS A 36 -41.22 -14.01 -0.38
CA CYS A 36 -40.52 -14.93 -1.29
C CYS A 36 -41.31 -16.23 -1.45
N PHE A 37 -41.22 -16.82 -2.63
CA PHE A 37 -41.89 -18.10 -2.83
C PHE A 37 -40.98 -19.08 -3.54
N SER A 38 -41.20 -20.36 -3.24
CA SER A 38 -40.57 -21.47 -3.93
C SER A 38 -41.64 -22.23 -4.71
N VAL A 39 -41.22 -22.93 -5.75
CA VAL A 39 -42.13 -23.71 -6.57
C VAL A 39 -41.57 -25.12 -6.68
N THR A 40 -42.33 -26.10 -6.21
CA THR A 40 -41.98 -27.50 -6.36
C THR A 40 -42.73 -28.07 -7.56
N GLU A 41 -41.98 -28.45 -8.59
CA GLU A 41 -42.53 -29.13 -9.75
C GLU A 41 -42.62 -30.62 -9.42
N LYS A 42 -43.85 -31.11 -9.19
CA LYS A 42 -44.05 -32.38 -8.48
C LYS A 42 -43.73 -33.61 -9.33
N THR A 43 -43.72 -33.52 -10.66
CA THR A 43 -43.40 -34.70 -11.46
C THR A 43 -41.93 -35.08 -11.32
N SER A 44 -41.02 -34.12 -11.48
CA SER A 44 -39.61 -34.35 -11.24
C SER A 44 -39.20 -34.15 -9.78
N GLY A 45 -40.01 -33.44 -8.99
CA GLY A 45 -39.61 -33.10 -7.65
C GLY A 45 -38.63 -31.94 -7.54
N HIS A 46 -38.22 -31.35 -8.65
CA HIS A 46 -37.31 -30.22 -8.57
C HIS A 46 -37.99 -29.05 -7.86
N VAL A 47 -37.23 -28.36 -7.03
CA VAL A 47 -37.72 -27.18 -6.32
C VAL A 47 -37.01 -25.94 -6.87
N TRP A 48 -37.80 -24.97 -7.31
CA TRP A 48 -37.27 -23.64 -7.66
C TRP A 48 -37.29 -22.79 -6.41
N LYS A 49 -36.12 -22.29 -6.00
CA LYS A 49 -35.99 -21.54 -4.77
C LYS A 49 -36.17 -20.04 -5.02
N SER A 50 -36.45 -19.30 -3.96
CA SER A 50 -36.49 -17.85 -4.09
C SER A 50 -35.07 -17.30 -4.01
N ASP A 51 -34.95 -15.96 -4.06
CA ASP A 51 -33.68 -15.26 -4.08
C ASP A 51 -32.63 -15.93 -3.19
N PRO A 52 -31.64 -16.61 -3.77
CA PRO A 52 -30.63 -17.28 -2.94
C PRO A 52 -29.67 -16.32 -2.25
N TRP A 53 -29.66 -15.05 -2.64
CA TRP A 53 -28.68 -14.11 -2.10
C TRP A 53 -29.22 -13.36 -0.88
N GLU A 54 -30.33 -12.64 -1.04
CA GLU A 54 -30.78 -11.68 -0.04
C GLU A 54 -32.18 -11.96 0.47
N ASN A 55 -32.76 -13.10 0.10
CA ASN A 55 -34.17 -13.40 0.37
C ASN A 55 -35.07 -12.22 0.01
N ALA A 56 -34.86 -11.66 -1.17
CA ALA A 56 -35.63 -10.53 -1.68
C ALA A 56 -36.75 -11.04 -2.60
N ALA A 57 -38.00 -10.70 -2.25
CA ALA A 57 -39.10 -10.98 -3.17
C ALA A 57 -39.01 -10.06 -4.39
N GLY A 58 -38.57 -8.82 -4.20
CA GLY A 58 -38.42 -7.88 -5.30
C GLY A 58 -37.36 -6.85 -4.97
N LEU A 59 -36.87 -6.20 -6.01
CA LEU A 59 -35.86 -5.15 -5.90
C LEU A 59 -36.46 -3.90 -6.55
N LEU A 60 -36.69 -2.88 -5.72
CA LEU A 60 -37.35 -1.65 -6.15
C LEU A 60 -36.37 -0.49 -6.19
N THR A 61 -36.29 0.18 -7.33
CA THR A 61 -35.46 1.35 -7.48
C THR A 61 -36.34 2.59 -7.41
N LEU A 62 -36.02 3.49 -6.47
CA LEU A 62 -36.81 4.68 -6.21
C LEU A 62 -35.91 5.78 -5.64
N THR A 63 -36.39 7.01 -5.72
CA THR A 63 -35.67 8.12 -5.13
C THR A 63 -35.92 8.17 -3.62
N ASP A 64 -34.93 8.68 -2.89
CA ASP A 64 -35.00 8.81 -1.44
C ASP A 64 -35.45 10.22 -1.07
N SER A 65 -35.40 10.52 0.24
CA SER A 65 -35.77 11.85 0.73
C SER A 65 -34.99 12.95 0.03
N LYS A 66 -33.71 12.70 -0.25
CA LYS A 66 -32.81 13.70 -0.82
C LYS A 66 -32.78 13.68 -2.34
N GLY A 67 -33.55 12.78 -2.98
CA GLY A 67 -33.63 12.75 -4.42
C GLY A 67 -32.67 11.79 -5.13
N LYS A 68 -31.78 11.12 -4.40
CA LYS A 68 -30.90 10.13 -5.01
C LYS A 68 -31.67 8.85 -5.34
N LYS A 69 -31.39 8.29 -6.52
CA LYS A 69 -31.90 6.96 -6.84
C LYS A 69 -31.29 5.95 -5.87
N GLN A 70 -32.12 5.02 -5.40
CA GLN A 70 -31.63 3.91 -4.61
C GLN A 70 -32.45 2.66 -4.91
N THR A 71 -31.83 1.49 -4.72
CA THR A 71 -32.49 0.21 -4.94
C THR A 71 -32.63 -0.53 -3.61
N VAL A 72 -33.85 -0.98 -3.31
CA VAL A 72 -34.16 -1.57 -2.02
C VAL A 72 -34.75 -2.98 -2.18
N ASN A 73 -34.56 -3.79 -1.14
CA ASN A 73 -35.18 -5.11 -1.02
C ASN A 73 -36.57 -4.92 -0.42
N ILE A 74 -37.62 -5.09 -1.24
CA ILE A 74 -38.97 -4.83 -0.72
C ILE A 74 -39.38 -5.83 0.34
N SER A 75 -38.69 -6.98 0.46
CA SER A 75 -38.96 -7.86 1.59
C SER A 75 -38.55 -7.26 2.93
N LYS A 76 -37.76 -6.18 2.93
CA LYS A 76 -37.40 -5.47 4.15
C LYS A 76 -38.33 -4.29 4.43
N SER A 77 -39.52 -4.29 3.85
CA SER A 77 -40.42 -3.16 4.02
C SER A 77 -40.98 -3.12 5.44
N LYS A 78 -41.49 -1.93 5.83
CA LYS A 78 -42.04 -1.77 7.18
C LYS A 78 -43.15 -2.78 7.46
N LYS A 79 -44.06 -3.00 6.49
CA LYS A 79 -45.18 -3.92 6.63
C LYS A 79 -45.31 -4.79 5.38
N ILE A 80 -45.48 -6.09 5.58
CA ILE A 80 -45.69 -7.02 4.48
C ILE A 80 -46.91 -7.88 4.80
N GLU A 81 -47.91 -7.81 3.93
CA GLU A 81 -49.14 -8.57 4.04
C GLU A 81 -49.14 -9.67 3.00
N VAL A 82 -49.35 -10.91 3.42
CA VAL A 82 -49.54 -12.04 2.52
C VAL A 82 -50.75 -12.82 2.98
N SER A 83 -51.76 -12.92 2.12
CA SER A 83 -53.01 -13.57 2.45
C SER A 83 -53.50 -14.37 1.26
N LYS A 84 -53.94 -15.61 1.50
CA LYS A 84 -54.67 -16.35 0.49
C LYS A 84 -56.04 -15.68 0.35
N THR A 85 -56.31 -15.07 -0.81
CA THR A 85 -57.55 -14.33 -1.01
C THR A 85 -58.52 -15.03 -1.94
N ALA A 86 -58.15 -16.20 -2.46
CA ALA A 86 -59.01 -17.06 -3.25
C ALA A 86 -58.39 -18.46 -3.21
N LYS A 87 -59.10 -19.44 -3.78
CA LYS A 87 -58.62 -20.83 -3.77
C LYS A 87 -57.18 -20.93 -4.24
N ASN A 88 -56.85 -20.22 -5.33
CA ASN A 88 -55.55 -20.33 -5.98
C ASN A 88 -54.92 -18.96 -6.20
N THR A 89 -55.26 -17.99 -5.36
CA THR A 89 -54.69 -16.65 -5.46
C THR A 89 -54.14 -16.23 -4.11
N VAL A 90 -52.87 -15.89 -4.08
CA VAL A 90 -52.26 -15.22 -2.95
C VAL A 90 -52.02 -13.77 -3.34
N SER A 91 -52.45 -12.85 -2.50
CA SER A 91 -52.23 -11.44 -2.69
C SER A 91 -51.14 -10.99 -1.71
N LEU A 92 -50.20 -10.19 -2.19
CA LEU A 92 -49.08 -9.74 -1.38
C LEU A 92 -49.05 -8.22 -1.37
N LYS A 93 -48.70 -7.65 -0.22
CA LYS A 93 -48.56 -6.20 -0.14
C LYS A 93 -47.30 -5.84 0.62
N PHE A 94 -46.48 -4.97 0.01
CA PHE A 94 -45.22 -4.47 0.56
C PHE A 94 -45.39 -2.98 0.83
N ILE A 95 -45.43 -2.60 2.10
CA ILE A 95 -45.77 -1.23 2.51
C ILE A 95 -44.57 -0.60 3.19
N ASP A 96 -44.22 0.60 2.76
CA ASP A 96 -43.16 1.42 3.34
C ASP A 96 -41.81 0.71 3.29
N PRO A 97 -41.19 0.69 2.11
CA PRO A 97 -39.84 0.12 2.01
C PRO A 97 -38.87 0.94 2.85
N VAL A 98 -37.84 0.27 3.33
CA VAL A 98 -36.83 0.89 4.18
C VAL A 98 -35.57 1.03 3.36
N PHE A 99 -34.97 2.22 3.40
CA PHE A 99 -33.71 2.49 2.72
C PHE A 99 -32.54 1.89 3.49
N GLU A 100 -31.36 1.90 2.86
CA GLU A 100 -30.18 1.31 3.49
C GLU A 100 -29.70 2.13 4.68
N ASP A 101 -29.89 3.45 4.66
CA ASP A 101 -29.54 4.23 5.84
C ASP A 101 -30.51 3.97 6.99
N GLY A 102 -31.68 3.41 6.72
CA GLY A 102 -32.68 3.16 7.74
C GLY A 102 -33.87 4.08 7.72
N SER A 103 -33.85 5.14 6.90
CA SER A 103 -35.01 5.96 6.67
C SER A 103 -36.08 5.15 5.93
N VAL A 104 -37.29 5.71 5.82
CA VAL A 104 -38.44 4.99 5.28
C VAL A 104 -39.04 5.76 4.11
N ALA A 105 -39.38 5.02 3.05
CA ALA A 105 -40.20 5.52 1.95
C ALA A 105 -41.67 5.48 2.38
N LYS A 106 -42.02 6.37 3.32
CA LYS A 106 -43.37 6.39 3.87
C LYS A 106 -44.39 6.69 2.77
N GLY A 107 -45.42 5.84 2.68
CA GLY A 107 -46.42 6.02 1.66
C GLY A 107 -46.09 5.40 0.31
N VAL A 108 -45.04 4.60 0.23
CA VAL A 108 -44.76 3.83 -0.98
C VAL A 108 -45.26 2.41 -0.75
N SER A 109 -45.98 1.86 -1.72
CA SER A 109 -46.35 0.46 -1.61
C SER A 109 -46.38 -0.21 -2.98
N ILE A 110 -46.30 -1.53 -2.93
CA ILE A 110 -46.28 -2.42 -4.08
C ILE A 110 -47.25 -3.53 -3.76
N ALA A 111 -48.25 -3.75 -4.62
CA ALA A 111 -49.14 -4.88 -4.45
C ALA A 111 -48.96 -5.86 -5.60
N THR A 112 -48.92 -7.15 -5.28
CA THR A 112 -48.69 -8.20 -6.27
C THR A 112 -49.66 -9.35 -6.01
N GLU A 113 -49.76 -10.25 -6.98
CA GLU A 113 -50.54 -11.46 -6.83
C GLU A 113 -49.83 -12.64 -7.47
N LEU A 114 -50.02 -13.80 -6.85
CA LEU A 114 -49.66 -15.08 -7.44
C LEU A 114 -50.94 -15.87 -7.62
N ARG A 115 -51.19 -16.33 -8.85
CA ARG A 115 -52.42 -17.05 -9.17
C ARG A 115 -52.04 -18.37 -9.82
N LEU A 116 -52.31 -19.48 -9.12
CA LEU A 116 -52.01 -20.80 -9.65
C LEU A 116 -53.16 -21.28 -10.51
N ASP A 117 -52.84 -21.84 -11.68
CA ASP A 117 -53.91 -22.39 -12.49
C ASP A 117 -54.49 -23.61 -11.78
N PRO A 118 -55.82 -23.76 -11.79
CA PRO A 118 -56.43 -24.87 -11.04
C PRO A 118 -55.95 -26.24 -11.49
N ASN A 119 -55.61 -26.40 -12.76
CA ASN A 119 -55.27 -27.71 -13.27
C ASN A 119 -53.86 -27.83 -13.82
N ASN A 120 -53.33 -26.79 -14.44
CA ASN A 120 -52.09 -26.87 -15.19
C ASN A 120 -50.89 -26.36 -14.40
N ALA A 121 -49.71 -26.78 -14.84
CA ALA A 121 -48.46 -26.34 -14.24
C ALA A 121 -48.14 -24.91 -14.71
N GLN A 122 -49.02 -23.99 -14.33
CA GLN A 122 -48.87 -22.59 -14.71
C GLN A 122 -49.15 -21.70 -13.52
N LEU A 123 -48.32 -20.68 -13.35
CA LEU A 123 -48.41 -19.70 -12.27
C LEU A 123 -48.31 -18.31 -12.86
N ASP A 124 -49.39 -17.54 -12.77
CA ASP A 124 -49.36 -16.13 -13.15
C ASP A 124 -48.83 -15.28 -12.00
N VAL A 125 -47.96 -14.34 -12.32
CA VAL A 125 -47.37 -13.42 -11.35
C VAL A 125 -47.60 -12.01 -11.87
N GLU A 126 -48.15 -11.14 -11.03
CA GLU A 126 -48.55 -9.84 -11.53
C GLU A 126 -48.33 -8.77 -10.47
N VAL A 127 -47.82 -7.62 -10.91
CA VAL A 127 -47.74 -6.41 -10.11
C VAL A 127 -49.05 -5.65 -10.36
N THR A 128 -49.95 -5.69 -9.39
CA THR A 128 -51.29 -5.15 -9.59
C THR A 128 -51.41 -3.67 -9.27
N GLU A 129 -50.57 -3.16 -8.38
CA GLU A 129 -50.69 -1.78 -7.93
C GLU A 129 -49.35 -1.33 -7.39
N HIS A 130 -49.03 -0.05 -7.59
CA HIS A 130 -47.87 0.55 -6.95
C HIS A 130 -48.23 1.99 -6.63
N ARG A 131 -47.85 2.44 -5.43
CA ARG A 131 -48.13 3.80 -4.99
C ARG A 131 -46.82 4.45 -4.58
N SER A 132 -46.59 5.66 -5.07
CA SER A 132 -45.29 6.30 -4.94
C SER A 132 -45.22 7.40 -3.88
N GLY A 133 -46.36 7.87 -3.38
CA GLY A 133 -46.33 8.97 -2.41
C GLY A 133 -45.57 10.15 -2.98
N ASN A 134 -44.67 10.71 -2.17
CA ASN A 134 -43.87 11.85 -2.60
C ASN A 134 -42.56 11.44 -3.26
N PHE A 135 -42.29 10.14 -3.37
CA PHE A 135 -41.11 9.68 -4.07
C PHE A 135 -41.44 9.38 -5.52
N THR A 136 -40.43 9.00 -6.29
CA THR A 136 -40.59 8.57 -7.67
C THR A 136 -40.13 7.12 -7.80
N LEU A 137 -40.99 6.26 -8.35
CA LEU A 137 -40.65 4.85 -8.54
C LEU A 137 -40.09 4.64 -9.94
N TYR A 138 -39.09 3.75 -10.06
CA TYR A 138 -38.44 3.51 -11.33
C TYR A 138 -38.54 2.02 -11.65
N ASP A 139 -37.47 1.25 -11.47
CA ASP A 139 -37.48 -0.16 -11.85
C ASP A 139 -38.00 -1.02 -10.70
N LEU A 140 -38.76 -2.05 -11.04
CA LEU A 140 -39.09 -3.09 -10.08
C LEU A 140 -38.75 -4.44 -10.69
N ARG A 141 -37.78 -5.12 -10.11
CA ARG A 141 -37.52 -6.53 -10.43
C ARG A 141 -38.47 -7.36 -9.58
N TYR A 142 -39.42 -8.04 -10.23
CA TYR A 142 -40.37 -8.86 -9.49
C TYR A 142 -40.86 -10.01 -10.39
N PRO A 143 -40.69 -11.27 -9.98
CA PRO A 143 -39.97 -11.68 -8.77
C PRO A 143 -38.47 -11.60 -8.97
N ALA A 144 -37.75 -11.27 -7.90
CA ALA A 144 -36.31 -11.04 -7.98
C ALA A 144 -35.52 -12.35 -7.84
N ARG A 145 -34.54 -12.52 -8.72
CA ARG A 145 -33.61 -13.66 -8.68
C ARG A 145 -34.34 -14.98 -8.41
N ALA A 146 -35.45 -15.17 -9.14
CA ALA A 146 -36.28 -16.36 -9.07
C ALA A 146 -35.85 -17.39 -10.10
N PHE A 147 -36.28 -18.63 -9.89
CA PHE A 147 -36.08 -19.73 -10.83
C PHE A 147 -34.61 -19.86 -11.24
N SER A 148 -33.73 -19.77 -10.26
CA SER A 148 -32.32 -19.72 -10.56
C SER A 148 -31.72 -21.13 -10.65
N LEU A 149 -30.60 -21.19 -11.33
CA LEU A 149 -29.79 -22.39 -11.45
C LEU A 149 -28.53 -22.15 -10.66
N LYS A 150 -28.05 -23.18 -9.98
CA LYS A 150 -26.86 -23.10 -9.14
C LYS A 150 -25.67 -23.52 -9.99
N THR A 151 -24.76 -22.57 -10.23
CA THR A 151 -23.65 -22.80 -11.15
C THR A 151 -22.85 -24.04 -10.75
N ASP A 152 -22.62 -24.92 -11.73
CA ASP A 152 -21.83 -26.14 -11.62
C ASP A 152 -22.50 -27.20 -10.77
N GLU A 153 -23.75 -26.98 -10.41
CA GLU A 153 -24.55 -27.95 -9.69
C GLU A 153 -25.76 -28.33 -10.55
N ASP A 154 -26.61 -27.37 -10.89
CA ASP A 154 -27.56 -27.57 -11.97
C ASP A 154 -26.81 -27.64 -13.30
N LYS A 155 -27.08 -28.66 -14.09
CA LYS A 155 -26.50 -28.79 -15.43
C LYS A 155 -27.60 -28.46 -16.42
N GLY A 156 -27.64 -27.21 -16.87
CA GLY A 156 -28.69 -26.73 -17.73
C GLY A 156 -28.30 -25.39 -18.29
N ALA A 157 -29.28 -24.48 -18.44
CA ALA A 157 -29.02 -23.23 -19.12
C ALA A 157 -30.18 -22.25 -18.88
N ALA A 158 -29.85 -20.97 -18.93
CA ALA A 158 -30.83 -19.95 -19.21
C ALA A 158 -31.14 -19.93 -20.70
N VAL A 159 -32.37 -19.58 -21.03
CA VAL A 159 -32.90 -19.61 -22.39
C VAL A 159 -33.39 -18.21 -22.70
N ILE A 160 -32.78 -17.56 -23.69
CA ILE A 160 -33.00 -16.14 -23.96
C ILE A 160 -33.21 -15.93 -25.45
N PRO A 161 -34.43 -15.50 -25.90
CA PRO A 161 -34.65 -15.26 -27.34
C PRO A 161 -34.07 -13.94 -27.80
N GLN A 162 -32.76 -13.76 -27.54
CA GLN A 162 -32.02 -12.63 -28.08
C GLN A 162 -31.82 -12.82 -29.58
N LYS A 163 -32.53 -12.01 -30.39
CA LYS A 163 -32.66 -12.20 -31.82
C LYS A 163 -33.04 -13.63 -32.14
N GLN A 164 -32.26 -14.39 -32.94
CA GLN A 164 -32.69 -15.78 -33.21
C GLN A 164 -32.75 -16.62 -31.93
N GLY A 165 -31.92 -16.32 -30.94
CA GLY A 165 -31.96 -16.98 -29.64
C GLY A 165 -30.61 -17.56 -29.18
N VAL A 166 -30.42 -17.60 -27.84
CA VAL A 166 -29.23 -18.20 -27.26
C VAL A 166 -29.61 -19.00 -26.01
N ILE A 167 -28.76 -19.94 -25.64
CA ILE A 167 -28.82 -20.51 -24.31
C ILE A 167 -27.49 -20.21 -23.62
N CYS A 168 -27.55 -20.10 -22.29
CA CYS A 168 -26.38 -19.79 -21.45
C CYS A 168 -26.22 -20.89 -20.41
N PRO A 169 -25.33 -21.85 -20.64
CA PRO A 169 -25.18 -22.96 -19.70
C PRO A 169 -24.85 -22.48 -18.30
N SER A 170 -25.37 -23.20 -17.32
CA SER A 170 -25.20 -22.92 -15.90
C SER A 170 -24.00 -23.66 -15.28
N TYR A 171 -22.98 -24.00 -16.06
CA TYR A 171 -21.87 -24.81 -15.58
C TYR A 171 -20.75 -24.70 -16.61
N ILE A 172 -19.50 -24.89 -16.16
CA ILE A 172 -18.36 -24.79 -17.07
C ILE A 172 -18.15 -26.15 -17.75
N PHE A 173 -17.77 -26.12 -19.02
CA PHE A 173 -17.71 -27.30 -19.88
C PHE A 173 -16.51 -27.17 -20.81
N PRO A 174 -16.06 -28.27 -21.41
CA PRO A 174 -14.89 -28.16 -22.28
C PRO A 174 -15.22 -27.37 -23.54
N MET A 175 -14.26 -26.55 -23.96
CA MET A 175 -14.36 -25.81 -25.20
C MET A 175 -12.97 -25.37 -25.56
N ASN A 176 -12.83 -24.79 -26.75
CA ASN A 176 -11.56 -24.23 -27.16
C ASN A 176 -10.98 -23.36 -26.06
N GLY A 177 -9.65 -23.46 -25.87
CA GLY A 177 -9.00 -22.75 -24.77
C GLY A 177 -9.22 -21.25 -24.79
N GLY A 178 -9.19 -20.64 -25.98
CA GLY A 178 -9.40 -19.21 -26.08
C GLY A 178 -10.83 -18.81 -25.72
N ARG A 179 -11.82 -19.50 -26.28
CA ARG A 179 -13.20 -19.30 -25.88
C ARG A 179 -13.38 -19.54 -24.38
N PHE A 180 -12.68 -20.56 -23.85
CA PHE A 180 -12.83 -20.94 -22.45
C PHE A 180 -12.42 -19.80 -21.52
N CYS A 181 -11.26 -19.17 -21.79
CA CYS A 181 -10.83 -18.06 -20.96
C CYS A 181 -11.84 -16.91 -21.01
N LYS A 182 -12.29 -16.54 -22.22
CA LYS A 182 -13.29 -15.47 -22.35
C LYS A 182 -14.59 -15.83 -21.63
N TRP A 183 -15.07 -17.07 -21.83
CA TRP A 183 -16.32 -17.53 -21.22
C TRP A 183 -16.24 -17.42 -19.69
N ASP A 184 -15.31 -18.15 -19.09
CA ASP A 184 -15.18 -18.18 -17.64
C ASP A 184 -14.89 -16.79 -17.09
N ASP A 185 -14.01 -16.03 -17.74
CA ASP A 185 -13.72 -14.68 -17.25
C ASP A 185 -14.97 -13.81 -17.22
N ALA A 186 -15.84 -13.92 -18.24
CA ALA A 186 -17.04 -13.09 -18.27
C ALA A 186 -18.00 -13.41 -17.13
N THR A 187 -18.00 -14.65 -16.62
CA THR A 187 -18.87 -14.96 -15.49
C THR A 187 -18.39 -14.31 -14.20
N TYR A 188 -17.22 -13.68 -14.19
CA TYR A 188 -16.68 -12.97 -13.02
C TYR A 188 -16.54 -11.48 -13.26
N ASN A 189 -17.14 -10.93 -14.32
CA ASN A 189 -17.11 -9.48 -14.48
C ASN A 189 -18.46 -9.06 -15.03
N ASN A 190 -18.55 -7.79 -15.43
CA ASN A 190 -19.86 -7.24 -15.73
C ASN A 190 -20.40 -7.73 -17.06
N LYS A 191 -19.64 -8.52 -17.82
CA LYS A 191 -20.21 -9.07 -19.05
C LYS A 191 -21.35 -10.03 -18.78
N SER A 192 -21.43 -10.61 -17.60
CA SER A 192 -22.47 -11.59 -17.30
C SER A 192 -23.64 -11.01 -16.54
N GLN A 193 -23.78 -9.69 -16.46
CA GLN A 193 -24.96 -9.13 -15.81
C GLN A 193 -25.39 -7.89 -16.56
N GLY A 194 -26.71 -7.64 -16.59
CA GLY A 194 -27.23 -6.50 -17.33
C GLY A 194 -28.69 -6.77 -17.71
N SER A 195 -29.20 -5.97 -18.65
CA SER A 195 -30.59 -6.13 -19.07
C SER A 195 -30.73 -5.97 -20.57
N LEU A 196 -31.82 -6.53 -21.10
CA LEU A 196 -32.16 -6.44 -22.51
C LEU A 196 -33.61 -5.95 -22.64
N GLU A 197 -33.94 -5.42 -23.82
CA GLU A 197 -35.30 -4.97 -24.10
C GLU A 197 -36.00 -5.89 -25.10
N LEU A 198 -37.32 -5.73 -25.18
CA LEU A 198 -38.16 -6.51 -26.09
C LEU A 198 -38.32 -5.82 -27.45
N PHE A 199 -38.23 -6.62 -28.52
CA PHE A 199 -38.71 -6.26 -29.86
C PHE A 199 -37.90 -5.13 -30.48
N ASN A 200 -36.58 -5.14 -30.32
CA ASN A 200 -35.73 -4.27 -31.13
C ASN A 200 -34.86 -5.13 -32.06
N ASN A 201 -34.22 -4.47 -33.01
CA ASN A 201 -33.34 -5.13 -33.96
C ASN A 201 -31.88 -4.98 -33.56
N GLY A 202 -31.61 -4.57 -32.32
CA GLY A 202 -30.27 -4.50 -31.77
C GLY A 202 -29.97 -5.66 -30.86
N THR A 203 -29.68 -5.38 -29.60
CA THR A 203 -29.23 -6.43 -28.66
C THR A 203 -30.37 -7.23 -28.04
N GLY A 204 -31.63 -6.91 -28.34
CA GLY A 204 -32.74 -7.32 -27.51
C GLY A 204 -33.45 -8.61 -27.94
N LEU A 205 -34.56 -8.86 -27.26
CA LEU A 205 -35.36 -10.07 -27.41
C LEU A 205 -36.38 -9.91 -28.54
N THR A 206 -36.62 -10.99 -29.25
CA THR A 206 -37.64 -11.05 -30.30
C THR A 206 -38.90 -11.79 -29.90
N MET A 207 -38.92 -12.40 -28.72
CA MET A 207 -40.14 -13.02 -28.21
C MET A 207 -40.25 -12.69 -26.73
N PRO A 208 -41.47 -12.48 -26.23
CA PRO A 208 -41.67 -12.05 -24.83
C PRO A 208 -41.65 -13.20 -23.81
N TRP A 209 -40.57 -13.98 -23.82
CA TRP A 209 -40.45 -15.07 -22.86
C TRP A 209 -38.97 -15.35 -22.61
N TRP A 210 -38.71 -16.07 -21.53
CA TRP A 210 -37.35 -16.50 -21.20
C TRP A 210 -37.48 -17.57 -20.13
N GLY A 211 -36.38 -18.29 -19.86
CA GLY A 211 -36.54 -19.40 -18.93
C GLY A 211 -35.24 -20.01 -18.49
N THR A 212 -35.37 -20.98 -17.58
CA THR A 212 -34.23 -21.74 -17.10
C THR A 212 -34.60 -23.21 -17.03
N TYR A 213 -33.61 -24.08 -17.20
CA TYR A 213 -33.85 -25.50 -17.05
C TYR A 213 -32.59 -26.17 -16.56
N ASN A 214 -32.78 -27.29 -15.88
CA ASN A 214 -31.69 -28.17 -15.49
C ASN A 214 -32.04 -29.57 -16.02
N GLU A 215 -31.39 -30.61 -15.50
CA GLU A 215 -31.61 -31.94 -16.03
C GLU A 215 -32.96 -32.51 -15.64
N LYS A 216 -33.62 -31.94 -14.63
CA LYS A 216 -34.89 -32.44 -14.15
C LYS A 216 -36.09 -31.70 -14.74
N SER A 217 -35.99 -30.38 -14.91
CA SER A 217 -37.19 -29.57 -15.06
C SER A 217 -36.85 -28.26 -15.75
N ALA A 218 -37.88 -27.65 -16.34
CA ALA A 218 -37.75 -26.36 -17.00
C ALA A 218 -38.87 -25.43 -16.54
N VAL A 219 -38.58 -24.13 -16.54
CA VAL A 219 -39.60 -23.10 -16.32
C VAL A 219 -39.35 -21.97 -17.33
N MET A 220 -40.41 -21.44 -17.91
CA MET A 220 -40.30 -20.24 -18.72
C MET A 220 -41.43 -19.31 -18.34
N GLY A 221 -41.20 -18.02 -18.51
CA GLY A 221 -42.20 -17.00 -18.24
C GLY A 221 -42.61 -16.29 -19.52
N ILE A 222 -43.91 -16.12 -19.73
CA ILE A 222 -44.43 -15.38 -20.88
C ILE A 222 -45.00 -14.06 -20.40
N VAL A 223 -44.49 -12.96 -20.96
CA VAL A 223 -44.89 -11.61 -20.57
C VAL A 223 -46.21 -11.23 -21.23
N ASP A 224 -47.10 -10.62 -20.45
CA ASP A 224 -48.39 -10.18 -20.97
C ASP A 224 -48.22 -9.36 -22.24
N VAL A 225 -49.12 -9.59 -23.20
CA VAL A 225 -49.04 -8.91 -24.50
C VAL A 225 -49.10 -7.39 -24.37
N SER A 226 -49.70 -6.88 -23.30
CA SER A 226 -49.82 -5.42 -23.14
C SER A 226 -48.59 -4.78 -22.52
N ALA A 227 -47.58 -5.55 -22.08
CA ALA A 227 -46.52 -4.99 -21.26
C ALA A 227 -45.19 -5.00 -21.98
N ARG A 228 -44.28 -4.14 -21.51
CA ARG A 228 -42.92 -4.05 -22.04
C ARG A 228 -41.90 -3.98 -20.90
N PRO A 229 -41.81 -5.01 -20.05
CA PRO A 229 -40.69 -5.06 -19.12
C PRO A 229 -39.40 -5.28 -19.88
N HIS A 230 -38.29 -4.92 -19.23
CA HIS A 230 -36.97 -5.38 -19.65
C HIS A 230 -36.67 -6.73 -18.98
N MET A 231 -35.55 -7.33 -19.37
CA MET A 231 -35.14 -8.61 -18.80
C MET A 231 -33.75 -8.47 -18.23
N GLN A 232 -33.61 -8.65 -16.92
CA GLN A 232 -32.30 -8.69 -16.29
C GLN A 232 -31.71 -10.09 -16.41
N TYR A 233 -30.41 -10.17 -16.74
CA TYR A 233 -29.73 -11.46 -16.76
C TYR A 233 -28.58 -11.46 -15.77
N ASN A 234 -28.26 -12.66 -15.28
CA ASN A 234 -27.11 -12.88 -14.40
C ASN A 234 -26.62 -14.28 -14.74
N ILE A 235 -25.53 -14.36 -15.49
CA ILE A 235 -25.11 -15.62 -16.06
C ILE A 235 -23.91 -16.16 -15.30
N ASN A 236 -24.19 -16.95 -14.25
CA ASN A 236 -23.18 -17.59 -13.40
C ASN A 236 -22.40 -16.58 -12.58
N ASN A 237 -22.91 -15.38 -12.42
CA ASN A 237 -22.22 -14.33 -11.67
C ASN A 237 -22.60 -14.43 -10.19
N ASN A 238 -21.62 -14.21 -9.30
CA ASN A 238 -21.88 -14.26 -7.87
C ASN A 238 -22.32 -12.92 -7.28
N GLY A 239 -22.69 -11.95 -8.12
CA GLY A 239 -23.13 -10.66 -7.62
C GLY A 239 -22.04 -9.73 -7.15
N GLN A 240 -20.78 -10.00 -7.51
CA GLN A 240 -19.69 -9.08 -7.21
C GLN A 240 -20.00 -7.65 -7.66
N TYR A 241 -20.79 -7.49 -8.74
CA TYR A 241 -21.15 -6.16 -9.20
C TYR A 241 -21.93 -5.36 -8.17
N LEU A 242 -22.58 -6.02 -7.21
CA LEU A 242 -23.29 -5.30 -6.18
C LEU A 242 -22.33 -4.70 -5.16
N PHE A 243 -21.09 -5.14 -5.14
CA PHE A 243 -20.18 -4.80 -4.07
C PHE A 243 -18.93 -4.06 -4.52
N ASN A 244 -18.73 -3.87 -5.82
CA ASN A 244 -17.47 -3.27 -6.27
C ASN A 244 -17.33 -1.86 -5.75
N ALA A 245 -18.43 -1.10 -5.71
CA ALA A 245 -18.35 0.27 -5.22
C ALA A 245 -18.05 0.30 -3.73
N LYS A 246 -18.51 -0.70 -2.98
CA LYS A 246 -18.14 -0.82 -1.57
C LYS A 246 -16.72 -1.35 -1.40
N GLY A 247 -16.12 -1.91 -2.45
CA GLY A 247 -14.77 -2.43 -2.30
C GLY A 247 -14.68 -3.59 -1.34
N VAL A 248 -15.63 -4.53 -1.39
CA VAL A 248 -15.57 -5.77 -0.64
C VAL A 248 -15.91 -6.94 -1.57
N MET A 249 -15.61 -8.13 -1.11
CA MET A 249 -15.85 -9.35 -1.89
C MET A 249 -17.30 -9.80 -1.73
N SER A 250 -17.89 -10.32 -2.79
CA SER A 250 -19.27 -10.83 -2.69
C SER A 250 -19.30 -12.06 -1.81
N PRO A 251 -20.25 -12.16 -0.88
CA PRO A 251 -20.46 -13.39 -0.12
C PRO A 251 -21.43 -14.38 -0.77
N TYR A 252 -21.95 -14.09 -1.96
CA TYR A 252 -23.02 -14.87 -2.57
C TYR A 252 -22.45 -15.94 -3.49
N GLN A 253 -23.28 -16.91 -3.86
CA GLN A 253 -22.79 -17.94 -4.76
C GLN A 253 -23.17 -17.64 -6.20
N ARG A 254 -22.37 -18.17 -7.10
CA ARG A 254 -22.59 -18.07 -8.54
C ARG A 254 -23.89 -18.77 -8.93
N ILE A 255 -24.78 -18.03 -9.61
CA ILE A 255 -26.07 -18.56 -10.03
C ILE A 255 -26.42 -17.95 -11.37
N VAL A 256 -27.41 -18.57 -12.03
CA VAL A 256 -28.00 -18.06 -13.25
C VAL A 256 -29.43 -17.65 -12.92
N PHE A 257 -29.81 -16.43 -13.29
CA PHE A 257 -31.22 -16.05 -13.20
C PHE A 257 -31.54 -15.02 -14.28
N LEU A 258 -32.84 -14.95 -14.60
CA LEU A 258 -33.43 -13.98 -15.53
C LEU A 258 -34.66 -13.41 -14.82
N ASP A 259 -34.73 -12.08 -14.69
CA ASP A 259 -35.81 -11.40 -13.96
C ASP A 259 -36.56 -10.44 -14.87
N PRO A 260 -37.87 -10.29 -14.70
CA PRO A 260 -38.57 -9.15 -15.32
C PRO A 260 -38.15 -7.86 -14.65
N ILE A 261 -37.94 -6.81 -15.45
CA ILE A 261 -37.81 -5.45 -14.92
C ILE A 261 -39.05 -4.66 -15.35
N TRP A 262 -39.95 -4.41 -14.40
CA TRP A 262 -41.10 -3.57 -14.69
C TRP A 262 -40.72 -2.10 -14.54
N LYS A 263 -40.89 -1.32 -15.62
CA LYS A 263 -40.51 0.10 -15.61
C LYS A 263 -41.70 0.88 -15.06
N LEU A 264 -41.73 1.03 -13.74
CA LEU A 264 -42.91 1.60 -13.07
C LEU A 264 -43.21 3.02 -13.52
N ASP A 265 -42.20 3.77 -13.95
CA ASP A 265 -42.40 5.15 -14.39
C ASP A 265 -42.86 5.25 -15.84
N GLN A 266 -43.04 4.14 -16.54
CA GLN A 266 -43.34 4.15 -17.97
C GLN A 266 -44.49 3.24 -18.34
N GLU A 267 -44.69 2.19 -17.55
CA GLU A 267 -45.47 1.06 -18.01
C GLU A 267 -46.95 1.35 -17.84
N LYS A 268 -47.70 1.22 -18.93
CA LYS A 268 -49.14 1.42 -18.90
C LYS A 268 -49.94 0.13 -19.02
N GLY A 269 -49.29 -0.99 -19.33
CA GLY A 269 -49.99 -2.25 -19.54
C GLY A 269 -50.10 -3.05 -18.25
N LYS A 270 -50.61 -4.26 -18.40
CA LYS A 270 -50.77 -5.17 -17.27
C LYS A 270 -49.43 -5.84 -16.98
N MET A 271 -48.91 -5.65 -15.76
CA MET A 271 -47.58 -6.13 -15.39
C MET A 271 -47.66 -7.58 -14.91
N ARG A 272 -47.96 -8.46 -15.86
CA ARG A 272 -48.20 -9.87 -15.60
C ARG A 272 -47.20 -10.68 -16.38
N ILE A 273 -46.70 -11.74 -15.76
CA ILE A 273 -45.90 -12.75 -16.45
C ILE A 273 -46.45 -14.11 -16.07
N SER A 274 -46.54 -15.00 -17.05
CA SER A 274 -47.13 -16.32 -16.89
C SER A 274 -46.03 -17.36 -16.94
N TYR A 275 -45.77 -18.00 -15.81
CA TYR A 275 -44.73 -19.02 -15.74
C TYR A 275 -45.34 -20.40 -16.05
N HIS A 276 -44.69 -21.14 -16.93
CA HIS A 276 -45.08 -22.50 -17.31
C HIS A 276 -43.95 -23.44 -16.90
N PHE A 277 -44.34 -24.60 -16.35
CA PHE A 277 -43.40 -25.53 -15.73
C PHE A 277 -43.45 -26.85 -16.47
N ILE A 278 -42.30 -27.29 -16.98
CA ILE A 278 -42.24 -28.43 -17.87
C ILE A 278 -41.29 -29.47 -17.30
N PRO A 279 -41.80 -30.57 -16.74
CA PRO A 279 -40.91 -31.64 -16.26
C PRO A 279 -40.08 -32.21 -17.40
N GLY A 280 -38.78 -32.33 -17.17
CA GLY A 280 -37.89 -32.84 -18.19
C GLY A 280 -37.75 -31.97 -19.43
N GLY A 281 -38.25 -30.73 -19.41
CA GLY A 281 -38.20 -29.91 -20.61
C GLY A 281 -36.90 -29.13 -20.74
N ASP A 282 -36.66 -28.63 -21.96
CA ASP A 282 -35.56 -27.70 -22.17
C ASP A 282 -36.02 -26.57 -23.11
N TYR A 283 -35.07 -25.95 -23.80
CA TYR A 283 -35.44 -24.80 -24.63
C TYR A 283 -36.40 -25.17 -25.75
N VAL A 284 -36.34 -26.40 -26.25
CA VAL A 284 -37.29 -26.82 -27.27
C VAL A 284 -38.70 -26.78 -26.72
N ASP A 285 -38.89 -27.32 -25.51
CA ASP A 285 -40.24 -27.38 -24.95
C ASP A 285 -40.77 -26.00 -24.63
N MET A 286 -39.91 -25.12 -24.15
CA MET A 286 -40.31 -23.73 -23.93
C MET A 286 -40.79 -23.10 -25.22
N ALA A 287 -40.03 -23.27 -26.31
CA ALA A 287 -40.39 -22.67 -27.59
C ALA A 287 -41.76 -23.17 -28.03
N LYS A 288 -42.02 -24.47 -27.88
CA LYS A 288 -43.29 -25.02 -28.30
C LYS A 288 -44.44 -24.54 -27.42
N VAL A 289 -44.18 -24.34 -26.12
CA VAL A 289 -45.18 -23.69 -25.28
C VAL A 289 -45.49 -22.30 -25.83
N TYR A 290 -44.45 -21.52 -26.14
CA TYR A 290 -44.73 -20.18 -26.65
C TYR A 290 -45.42 -20.24 -28.02
N GLN A 291 -45.16 -21.27 -28.81
CA GLN A 291 -45.77 -21.33 -30.14
C GLN A 291 -47.29 -21.36 -30.06
N LYS A 292 -47.86 -21.97 -29.01
CA LYS A 292 -49.31 -21.91 -28.82
C LYS A 292 -49.78 -20.50 -28.57
N GLU A 293 -49.05 -19.76 -27.73
CA GLU A 293 -49.43 -18.39 -27.42
C GLU A 293 -49.23 -17.46 -28.62
N ALA A 294 -48.20 -17.71 -29.43
CA ALA A 294 -47.99 -16.93 -30.66
C ALA A 294 -49.18 -17.06 -31.61
N LYS A 295 -49.68 -18.30 -31.81
CA LYS A 295 -50.88 -18.49 -32.61
C LYS A 295 -52.08 -17.75 -31.99
N ALA A 296 -52.24 -17.84 -30.67
CA ALA A 296 -53.35 -17.16 -30.02
C ALA A 296 -53.24 -15.65 -30.17
N ARG A 297 -52.02 -15.12 -30.25
CA ARG A 297 -51.81 -13.69 -30.38
C ARG A 297 -52.02 -13.21 -31.80
N GLY A 298 -52.21 -14.12 -32.76
CA GLY A 298 -52.41 -13.75 -34.14
C GLY A 298 -51.16 -13.55 -34.96
N HIS A 299 -49.98 -13.80 -34.40
CA HIS A 299 -48.74 -13.62 -35.17
C HIS A 299 -48.55 -14.72 -36.22
N PHE A 300 -49.12 -15.90 -36.00
CA PHE A 300 -48.71 -17.11 -36.74
C PHE A 300 -49.59 -17.28 -37.98
N VAL A 301 -49.11 -16.84 -39.12
CA VAL A 301 -49.74 -17.07 -40.42
C VAL A 301 -48.77 -17.91 -41.24
N SER A 302 -49.15 -19.14 -41.56
CA SER A 302 -48.19 -20.12 -42.05
C SER A 302 -47.78 -19.83 -43.49
N LEU A 303 -46.56 -20.27 -43.83
CA LEU A 303 -46.12 -20.16 -45.22
C LEU A 303 -46.99 -20.97 -46.17
N GLN A 304 -47.67 -22.00 -45.68
CA GLN A 304 -48.59 -22.72 -46.57
C GLN A 304 -49.81 -21.86 -46.89
N GLU A 305 -50.34 -21.14 -45.91
N GLU A 305 -50.35 -21.18 -45.89
CA GLU A 305 -51.42 -20.22 -46.23
CA GLU A 305 -51.39 -20.18 -46.15
C GLU A 305 -50.93 -19.11 -47.15
C GLU A 305 -50.92 -19.14 -47.14
N LYS A 306 -49.72 -18.60 -46.92
CA LYS A 306 -49.18 -17.56 -47.80
C LYS A 306 -48.97 -18.09 -49.22
N LEU A 307 -48.60 -19.37 -49.35
CA LEU A 307 -48.42 -19.98 -50.67
C LEU A 307 -49.77 -20.14 -51.37
N LYS A 308 -50.80 -20.53 -50.63
CA LYS A 308 -52.14 -20.61 -51.19
C LYS A 308 -52.58 -19.25 -51.73
N ARG A 309 -52.25 -18.18 -51.03
CA ARG A 309 -52.60 -16.86 -51.53
C ARG A 309 -51.73 -16.43 -52.72
N ASN A 310 -50.48 -16.87 -52.79
CA ASN A 310 -49.53 -16.40 -53.79
C ASN A 310 -48.62 -17.55 -54.19
N PRO A 311 -48.93 -18.26 -55.27
CA PRO A 311 -48.06 -19.35 -55.75
C PRO A 311 -46.58 -18.98 -55.87
N ASN A 312 -46.24 -17.71 -56.13
CA ASN A 312 -44.84 -17.33 -56.28
C ASN A 312 -44.04 -17.48 -55.00
N VAL A 313 -44.71 -17.69 -53.85
CA VAL A 313 -43.95 -17.95 -52.63
C VAL A 313 -43.03 -19.16 -52.84
N ASN A 314 -43.42 -20.08 -53.73
CA ASN A 314 -42.65 -21.31 -53.95
C ASN A 314 -41.42 -21.08 -54.81
N LYS A 315 -41.11 -19.83 -55.15
CA LYS A 315 -39.80 -19.53 -55.72
C LYS A 315 -38.74 -19.29 -54.65
N LEU A 316 -39.14 -19.22 -53.39
CA LEU A 316 -38.25 -19.00 -52.25
C LEU A 316 -37.53 -20.26 -51.78
N PRO A 317 -38.18 -21.45 -51.72
CA PRO A 317 -37.47 -22.63 -51.22
C PRO A 317 -36.32 -23.02 -52.13
N GLY A 318 -35.14 -23.15 -51.54
CA GLY A 318 -33.95 -23.40 -52.35
C GLY A 318 -33.33 -22.17 -52.97
N ALA A 319 -33.89 -20.99 -52.75
CA ALA A 319 -33.33 -19.77 -53.32
C ALA A 319 -32.16 -19.24 -52.47
N ILE A 320 -31.09 -18.87 -53.14
CA ILE A 320 -30.07 -18.02 -52.52
C ILE A 320 -30.51 -16.56 -52.63
N TYR A 321 -30.43 -15.84 -51.52
CA TYR A 321 -30.71 -14.41 -51.47
C TYR A 321 -29.43 -13.65 -51.83
N PHE A 322 -29.43 -12.99 -52.99
CA PHE A 322 -28.29 -12.21 -53.47
C PHE A 322 -28.57 -10.73 -53.30
N GLY A 323 -27.75 -10.05 -52.53
CA GLY A 323 -27.84 -8.60 -52.51
C GLY A 323 -26.68 -8.04 -53.28
N ILE A 324 -26.98 -7.35 -54.37
CA ILE A 324 -25.95 -6.67 -55.16
C ILE A 324 -25.93 -5.24 -54.65
N TYR A 325 -24.89 -4.91 -53.88
CA TYR A 325 -24.87 -3.65 -53.15
C TYR A 325 -24.14 -2.61 -53.99
N GLY A 326 -24.89 -1.67 -54.57
CA GLY A 326 -24.29 -0.63 -55.40
C GLY A 326 -23.92 0.66 -54.71
N GLY A 327 -23.76 0.64 -53.38
CA GLY A 327 -23.49 1.88 -52.64
C GLY A 327 -24.72 2.70 -52.31
N TYR A 328 -25.90 2.22 -52.67
CA TYR A 328 -27.20 2.81 -52.45
C TYR A 328 -27.90 2.02 -51.35
N PRO A 329 -28.64 2.64 -50.43
CA PRO A 329 -29.15 4.01 -50.39
C PRO A 329 -28.18 5.07 -49.90
N HIS A 330 -26.98 4.65 -49.49
CA HIS A 330 -26.04 5.56 -48.84
C HIS A 330 -25.59 6.66 -49.79
N TYR A 331 -25.45 6.35 -51.07
CA TYR A 331 -24.96 7.27 -52.08
C TYR A 331 -25.66 6.93 -53.39
N VAL A 332 -25.84 7.96 -54.23
CA VAL A 332 -26.43 7.82 -55.55
C VAL A 332 -25.30 7.71 -56.56
N ASN A 333 -25.30 6.64 -57.35
CA ASN A 333 -24.30 6.38 -58.38
C ASN A 333 -22.87 6.59 -57.88
N MET A 334 -22.52 5.86 -56.86
CA MET A 334 -21.18 6.07 -56.31
C MET A 334 -20.12 5.41 -57.18
N PRO A 335 -19.08 6.14 -57.60
CA PRO A 335 -18.01 5.53 -58.39
C PRO A 335 -17.35 4.37 -57.67
N GLY A 336 -17.21 3.25 -58.39
CA GLY A 336 -16.55 2.07 -57.83
C GLY A 336 -17.46 1.15 -57.03
N MET A 337 -18.73 1.52 -56.87
CA MET A 337 -19.74 0.71 -56.19
C MET A 337 -21.00 0.55 -57.02
N ALA A 338 -21.49 1.61 -57.65
CA ALA A 338 -22.73 1.53 -58.43
C ALA A 338 -22.58 0.55 -59.58
N PHE A 339 -23.62 -0.23 -59.84
CA PHE A 339 -23.67 -1.07 -61.03
C PHE A 339 -24.57 -0.40 -62.07
N THR A 340 -24.24 -0.59 -63.34
CA THR A 340 -25.20 -0.28 -64.39
C THR A 340 -26.25 -1.40 -64.47
N PHE A 341 -27.35 -1.09 -65.15
CA PHE A 341 -28.37 -2.12 -65.33
C PHE A 341 -27.89 -3.23 -66.27
N ASP A 342 -27.05 -2.93 -67.26
CA ASP A 342 -26.44 -4.00 -68.05
C ASP A 342 -25.54 -4.87 -67.20
N GLU A 343 -24.78 -4.26 -66.29
CA GLU A 343 -23.95 -5.03 -65.37
C GLU A 343 -24.81 -5.92 -64.48
N LEU A 344 -25.89 -5.36 -63.93
CA LEU A 344 -26.85 -6.16 -63.16
C LEU A 344 -27.35 -7.36 -63.97
N LYS A 345 -27.78 -7.13 -65.21
CA LYS A 345 -28.26 -8.22 -66.06
C LYS A 345 -27.22 -9.31 -66.22
N ASN A 346 -25.97 -8.92 -66.46
CA ASN A 346 -24.90 -9.89 -66.67
C ASN A 346 -24.60 -10.70 -65.39
N ILE A 347 -24.69 -10.06 -64.21
CA ILE A 347 -24.53 -10.80 -62.96
C ILE A 347 -25.62 -11.86 -62.83
N ILE A 348 -26.87 -11.46 -63.13
CA ILE A 348 -27.99 -12.40 -63.10
C ILE A 348 -27.76 -13.54 -64.08
N LYS A 349 -27.34 -13.21 -65.30
CA LYS A 349 -27.07 -14.24 -66.29
C LYS A 349 -25.99 -15.20 -65.81
N THR A 350 -24.89 -14.68 -65.25
CA THR A 350 -23.81 -15.54 -64.79
C THR A 350 -24.26 -16.46 -63.67
N ILE A 351 -24.98 -15.92 -62.68
CA ILE A 351 -25.50 -16.72 -61.58
C ILE A 351 -26.30 -17.91 -62.10
N HIS A 352 -27.08 -17.70 -63.16
CA HIS A 352 -27.92 -18.77 -63.70
C HIS A 352 -27.15 -19.68 -64.64
N ASP A 353 -26.58 -19.11 -65.71
CA ASP A 353 -26.04 -19.93 -66.80
C ASP A 353 -24.69 -20.54 -66.44
N ASP A 354 -23.87 -19.81 -65.69
N ASP A 354 -23.85 -19.79 -65.73
CA ASP A 354 -22.53 -20.27 -65.34
CA ASP A 354 -22.52 -20.26 -65.32
C ASP A 354 -22.51 -20.97 -64.00
C ASP A 354 -22.56 -21.03 -63.99
N LEU A 355 -23.10 -20.37 -62.96
CA LEU A 355 -23.11 -20.95 -61.63
C LEU A 355 -24.26 -21.94 -61.40
N ARG A 356 -25.17 -22.09 -62.38
CA ARG A 356 -26.25 -23.10 -62.33
C ARG A 356 -27.10 -22.98 -61.07
N VAL A 357 -27.35 -21.75 -60.63
CA VAL A 357 -28.21 -21.52 -59.48
C VAL A 357 -29.66 -21.61 -59.94
N ASP A 358 -30.40 -22.59 -59.40
CA ASP A 358 -31.71 -22.86 -59.96
C ASP A 358 -32.78 -21.89 -59.45
N LYS A 359 -32.63 -21.41 -58.21
CA LYS A 359 -33.62 -20.55 -57.58
C LYS A 359 -32.90 -19.43 -56.85
N ALA A 360 -33.41 -18.21 -56.92
CA ALA A 360 -32.70 -17.07 -56.34
C ALA A 360 -33.65 -15.91 -56.11
N PHE A 361 -33.34 -15.12 -55.08
CA PHE A 361 -33.95 -13.82 -54.84
C PHE A 361 -32.88 -12.77 -55.11
N VAL A 362 -32.99 -12.07 -56.24
CA VAL A 362 -32.02 -11.05 -56.64
C VAL A 362 -32.49 -9.72 -56.10
N HIS A 363 -31.65 -9.06 -55.29
CA HIS A 363 -32.00 -7.83 -54.59
C HIS A 363 -30.99 -6.76 -54.97
N ALA A 364 -31.41 -5.77 -55.78
CA ALA A 364 -30.48 -4.81 -56.39
C ALA A 364 -30.56 -3.49 -55.63
N TRP A 365 -29.46 -3.12 -54.96
CA TRP A 365 -29.40 -1.93 -54.13
C TRP A 365 -28.80 -0.82 -54.99
N GLY A 366 -29.66 0.00 -55.57
CA GLY A 366 -29.17 1.09 -56.38
C GLY A 366 -29.81 1.12 -57.75
N THR A 367 -31.08 1.49 -57.81
CA THR A 367 -31.80 1.53 -59.08
C THR A 367 -32.48 2.88 -59.32
N PHE A 368 -32.41 3.81 -58.38
CA PHE A 368 -33.10 5.09 -58.48
C PHE A 368 -32.09 6.22 -58.44
N SER A 369 -32.45 7.36 -59.03
CA SER A 369 -31.54 8.51 -59.09
C SER A 369 -31.82 9.55 -58.00
N ASN A 370 -32.81 9.32 -57.16
CA ASN A 370 -33.03 10.09 -55.95
C ASN A 370 -32.69 9.25 -54.72
N PHE A 371 -32.42 9.92 -53.62
CA PHE A 371 -32.27 9.24 -52.35
C PHE A 371 -33.62 8.81 -51.80
N VAL A 372 -33.63 7.66 -51.14
CA VAL A 372 -34.76 7.31 -50.29
C VAL A 372 -34.95 8.48 -49.32
N PRO A 373 -36.19 8.86 -48.98
CA PRO A 373 -37.41 8.07 -49.22
C PRO A 373 -38.13 8.33 -50.54
N HIS A 374 -37.47 8.92 -51.53
CA HIS A 374 -38.07 9.11 -52.85
C HIS A 374 -37.48 8.06 -53.78
N ASN A 375 -38.16 6.91 -53.86
CA ASN A 375 -37.66 5.70 -54.50
C ASN A 375 -37.98 5.71 -56.00
N TYR A 376 -37.51 6.75 -56.69
CA TYR A 376 -37.82 7.01 -58.08
C TYR A 376 -36.98 8.20 -58.52
N PRO A 377 -36.78 8.44 -59.83
CA PRO A 377 -37.18 7.54 -60.89
C PRO A 377 -36.14 6.44 -61.05
N ILE A 378 -36.44 5.41 -61.84
CA ILE A 378 -35.40 4.49 -62.27
C ILE A 378 -34.30 5.30 -62.93
N SER A 379 -33.05 5.03 -62.56
CA SER A 379 -31.97 5.95 -62.88
C SER A 379 -31.62 5.94 -64.36
N GLU A 380 -31.65 7.13 -64.98
CA GLU A 380 -31.11 7.29 -66.34
C GLU A 380 -29.61 7.01 -66.40
N ALA A 381 -28.85 7.49 -65.40
CA ALA A 381 -27.39 7.33 -65.43
C ALA A 381 -26.99 5.87 -65.46
N LEU A 382 -27.76 5.01 -64.79
CA LEU A 382 -27.46 3.60 -64.79
C LEU A 382 -28.00 2.88 -66.01
N GLY A 383 -28.75 3.55 -66.89
CA GLY A 383 -29.23 2.90 -68.08
C GLY A 383 -30.68 3.16 -68.46
N GLY A 384 -31.50 3.61 -67.53
CA GLY A 384 -32.87 3.90 -67.84
C GLY A 384 -33.79 2.71 -67.60
N PRO A 385 -35.10 2.98 -67.63
CA PRO A 385 -36.07 1.93 -67.28
C PRO A 385 -36.00 0.70 -68.17
N GLU A 386 -35.76 0.87 -69.47
CA GLU A 386 -35.79 -0.28 -70.35
C GLU A 386 -34.69 -1.27 -70.03
N LYS A 387 -33.49 -0.77 -69.73
CA LYS A 387 -32.40 -1.68 -69.38
C LYS A 387 -32.63 -2.33 -68.01
N LEU A 388 -33.27 -1.64 -67.08
CA LEU A 388 -33.61 -2.30 -65.84
C LEU A 388 -34.65 -3.36 -66.09
N LYS A 389 -35.67 -3.05 -66.90
CA LYS A 389 -36.67 -4.06 -67.25
C LYS A 389 -36.01 -5.28 -67.90
N ALA A 390 -35.01 -5.07 -68.75
CA ALA A 390 -34.36 -6.21 -69.38
C ALA A 390 -33.71 -7.12 -68.34
N ALA A 391 -33.08 -6.53 -67.31
CA ALA A 391 -32.51 -7.32 -66.23
C ALA A 391 -33.59 -8.09 -65.49
N VAL A 392 -34.68 -7.39 -65.11
CA VAL A 392 -35.77 -8.04 -64.36
C VAL A 392 -36.42 -9.12 -65.21
N ASP A 393 -36.60 -8.85 -66.51
CA ASP A 393 -37.21 -9.86 -67.37
C ASP A 393 -36.34 -11.10 -67.47
N LEU A 394 -35.01 -10.93 -67.58
CA LEU A 394 -34.11 -12.08 -67.56
C LEU A 394 -34.27 -12.86 -66.27
N ALA A 395 -34.23 -12.15 -65.14
CA ALA A 395 -34.44 -12.79 -63.84
C ALA A 395 -35.73 -13.59 -63.84
N LYS A 396 -36.83 -12.97 -64.28
CA LYS A 396 -38.11 -13.69 -64.28
C LYS A 396 -38.10 -14.87 -65.25
N SER A 397 -37.34 -14.77 -66.35
CA SER A 397 -37.32 -15.90 -67.27
C SER A 397 -36.64 -17.13 -66.65
N TYR A 398 -35.82 -16.92 -65.62
CA TYR A 398 -35.20 -17.99 -64.85
C TYR A 398 -36.08 -18.49 -63.72
N GLY A 399 -37.21 -17.84 -63.45
CA GLY A 399 -37.96 -18.15 -62.26
C GLY A 399 -37.41 -17.56 -60.98
N TYR A 400 -36.49 -16.59 -61.08
CA TYR A 400 -35.98 -15.87 -59.92
C TYR A 400 -36.99 -14.82 -59.44
N LEU A 401 -36.96 -14.54 -58.14
CA LEU A 401 -37.60 -13.34 -57.62
C LEU A 401 -36.66 -12.14 -57.74
N TYR A 402 -37.25 -10.95 -57.91
CA TYR A 402 -36.46 -9.73 -58.01
C TYR A 402 -37.07 -8.62 -57.16
N SER A 403 -36.20 -7.81 -56.54
CA SER A 403 -36.62 -6.57 -55.91
C SER A 403 -35.51 -5.53 -55.99
N SER A 404 -35.90 -4.26 -56.15
CA SER A 404 -35.00 -3.16 -55.89
C SER A 404 -34.89 -2.93 -54.38
N TYR A 405 -33.88 -2.15 -53.97
CA TYR A 405 -33.86 -1.63 -52.61
C TYR A 405 -34.90 -0.54 -52.46
N HIS A 406 -35.73 -0.63 -51.41
CA HIS A 406 -36.72 0.39 -51.07
C HIS A 406 -36.64 0.72 -49.59
N ALA A 407 -36.86 2.00 -49.26
CA ALA A 407 -37.04 2.42 -47.87
C ALA A 407 -37.84 3.72 -47.86
N TYR A 408 -38.77 3.84 -46.91
CA TYR A 408 -39.62 5.01 -46.80
C TYR A 408 -39.42 5.75 -45.49
N SER A 409 -38.58 5.22 -44.61
CA SER A 409 -38.26 5.81 -43.32
C SER A 409 -37.05 6.77 -43.27
N PRO A 410 -36.07 6.73 -44.16
CA PRO A 410 -34.88 7.57 -43.98
C PRO A 410 -35.13 9.03 -44.33
N MET A 411 -34.29 9.90 -43.76
CA MET A 411 -34.22 11.29 -44.19
C MET A 411 -32.75 11.68 -44.04
N LEU A 412 -32.02 11.71 -45.15
CA LEU A 412 -30.57 11.65 -45.14
C LEU A 412 -29.95 13.04 -45.29
N GLU A 413 -28.93 13.31 -44.45
CA GLU A 413 -28.19 14.56 -44.49
C GLU A 413 -27.65 14.92 -45.86
N ASN A 414 -27.25 13.92 -46.65
CA ASN A 414 -26.60 14.19 -47.93
C ASN A 414 -27.59 14.19 -49.10
N ASP A 415 -28.87 14.02 -48.82
CA ASP A 415 -29.92 14.16 -49.82
C ASP A 415 -30.15 15.63 -50.11
N PRO A 416 -30.00 16.08 -51.36
CA PRO A 416 -30.30 17.49 -51.65
C PRO A 416 -31.73 17.84 -51.34
N ASN A 417 -32.64 16.85 -51.29
CA ASN A 417 -34.02 17.10 -50.93
C ASN A 417 -34.28 16.97 -49.43
N PHE A 418 -33.23 16.84 -48.62
CA PHE A 418 -33.42 16.68 -47.19
C PHE A 418 -34.35 17.76 -46.65
N THR A 419 -35.28 17.36 -45.80
CA THR A 419 -36.12 18.33 -45.10
C THR A 419 -36.51 17.74 -43.76
N THR A 420 -36.65 18.60 -42.76
CA THR A 420 -37.23 18.15 -41.50
C THR A 420 -38.76 18.09 -41.54
N ASP A 421 -39.39 18.38 -42.69
CA ASP A 421 -40.85 18.46 -42.75
C ASP A 421 -41.50 17.12 -42.41
N LEU A 422 -40.90 16.02 -42.86
CA LEU A 422 -41.43 14.69 -42.64
C LEU A 422 -40.91 14.03 -41.37
N MET A 423 -40.12 14.73 -40.56
CA MET A 423 -39.63 14.16 -39.31
C MET A 423 -40.64 14.39 -38.18
N GLN A 424 -40.58 13.54 -37.16
CA GLN A 424 -41.45 13.67 -36.01
C GLN A 424 -40.82 14.59 -34.97
N ARG A 425 -41.65 15.36 -34.27
CA ARG A 425 -41.21 16.20 -33.16
C ARG A 425 -41.92 15.77 -31.88
N ASP A 426 -41.25 16.02 -30.75
CA ASP A 426 -41.78 15.64 -29.45
C ASP A 426 -42.55 16.81 -28.84
N ALA A 427 -43.01 16.62 -27.59
CA ALA A 427 -43.88 17.61 -26.96
C ALA A 427 -43.21 18.97 -26.83
N GLU A 428 -41.88 19.02 -26.79
CA GLU A 428 -41.18 20.29 -26.69
C GLU A 428 -40.81 20.88 -28.05
N GLY A 429 -41.31 20.30 -29.14
CA GLY A 429 -41.02 20.80 -30.46
C GLY A 429 -39.71 20.36 -31.03
N LYS A 430 -39.04 19.39 -30.41
CA LYS A 430 -37.70 18.99 -30.81
C LYS A 430 -37.76 17.80 -31.76
N LEU A 431 -36.86 17.79 -32.75
CA LEU A 431 -36.82 16.69 -33.68
C LEU A 431 -36.50 15.39 -32.96
N MET A 432 -37.16 14.32 -33.38
CA MET A 432 -36.91 13.00 -32.85
C MET A 432 -36.02 12.25 -33.83
N ASN A 433 -35.21 11.34 -33.31
CA ASN A 433 -34.31 10.53 -34.13
C ASN A 433 -33.34 11.38 -34.96
N THR A 434 -32.91 12.53 -34.45
CA THR A 434 -31.77 13.20 -35.08
C THR A 434 -30.55 12.28 -35.09
N GLY A 435 -30.48 11.32 -34.21
CA GLY A 435 -29.29 10.47 -34.18
C GLY A 435 -29.39 9.21 -35.00
N SER A 436 -30.48 9.03 -35.75
CA SER A 436 -30.75 7.74 -36.36
C SER A 436 -31.29 7.96 -37.79
N ARG A 437 -30.37 8.18 -38.72
CA ARG A 437 -30.75 8.74 -40.02
C ARG A 437 -31.67 7.84 -40.82
N TRP A 438 -31.65 6.52 -40.57
CA TRP A 438 -32.42 5.60 -41.41
C TRP A 438 -33.87 5.51 -40.99
N ALA A 439 -34.22 6.05 -39.82
CA ALA A 439 -35.58 6.01 -39.30
C ALA A 439 -35.96 7.40 -38.80
N ARG A 440 -36.03 8.37 -39.71
CA ARG A 440 -36.39 9.75 -39.38
C ARG A 440 -37.79 10.15 -39.82
N VAL A 441 -38.33 9.55 -40.88
CA VAL A 441 -39.64 9.93 -41.39
C VAL A 441 -40.72 9.36 -40.47
N ASP A 442 -41.60 10.23 -39.98
CA ASP A 442 -42.69 9.76 -39.13
C ASP A 442 -43.47 8.68 -39.87
N PRO A 443 -43.68 7.50 -39.28
CA PRO A 443 -44.39 6.43 -40.00
C PRO A 443 -45.78 6.82 -40.51
N LYS A 444 -46.41 7.86 -39.96
CA LYS A 444 -47.68 8.30 -40.52
C LYS A 444 -47.55 8.88 -41.93
N PHE A 445 -46.34 9.17 -42.38
CA PHE A 445 -46.12 9.59 -43.76
C PHE A 445 -45.70 8.47 -44.69
N GLN A 446 -45.34 7.29 -44.17
CA GLN A 446 -44.59 6.34 -44.99
C GLN A 446 -45.45 5.63 -46.04
N LYS A 447 -46.71 5.32 -45.76
CA LYS A 447 -47.57 4.80 -46.81
C LYS A 447 -47.70 5.80 -47.98
N GLY A 448 -47.91 7.08 -47.66
CA GLY A 448 -47.97 8.07 -48.74
C GLY A 448 -46.69 8.12 -49.56
N LEU A 449 -45.52 7.99 -48.91
CA LEU A 449 -44.28 7.96 -49.67
C LEU A 449 -44.18 6.72 -50.54
N ALA A 450 -44.59 5.56 -50.03
CA ALA A 450 -44.60 4.36 -50.87
C ALA A 450 -45.55 4.54 -52.07
N GLN A 451 -46.70 5.18 -51.84
CA GLN A 451 -47.69 5.36 -52.90
C GLN A 451 -47.19 6.22 -54.04
N LYS A 452 -46.17 7.06 -53.81
CA LYS A 452 -45.72 7.96 -54.88
C LYS A 452 -45.31 7.17 -56.12
N ASN A 453 -44.64 6.03 -55.94
CA ASN A 453 -44.12 5.29 -57.10
C ASN A 453 -44.23 3.77 -57.04
N ILE A 454 -44.51 3.13 -55.90
CA ILE A 454 -44.35 1.68 -55.89
C ILE A 454 -45.28 1.02 -56.91
N GLU A 455 -46.50 1.55 -57.08
CA GLU A 455 -47.42 0.93 -58.04
C GLU A 455 -46.93 1.12 -59.47
N LYS A 456 -46.35 2.27 -59.77
CA LYS A 456 -45.80 2.47 -61.10
C LYS A 456 -44.67 1.50 -61.37
N GLU A 457 -43.82 1.27 -60.36
CA GLU A 457 -42.69 0.35 -60.53
C GLU A 457 -43.19 -1.08 -60.68
N ILE A 458 -44.10 -1.52 -59.83
CA ILE A 458 -44.70 -2.85 -59.96
C ILE A 458 -45.26 -3.03 -61.37
N SER A 459 -46.02 -2.03 -61.82
CA SER A 459 -46.65 -2.08 -63.14
C SER A 459 -45.61 -2.15 -64.24
N TYR A 460 -44.61 -1.26 -64.20
CA TYR A 460 -43.69 -1.15 -65.33
C TYR A 460 -42.76 -2.35 -65.41
N LEU A 461 -42.24 -2.82 -64.29
CA LEU A 461 -41.30 -3.92 -64.29
C LEU A 461 -41.98 -5.27 -64.18
N GLY A 462 -43.30 -5.31 -64.02
CA GLY A 462 -43.98 -6.58 -63.80
C GLY A 462 -43.49 -7.29 -62.55
N LEU A 463 -43.36 -6.55 -61.45
CA LEU A 463 -42.72 -7.10 -60.26
C LEU A 463 -43.56 -8.23 -59.66
N GLU A 464 -42.87 -9.23 -59.12
CA GLU A 464 -43.48 -10.31 -58.37
C GLU A 464 -43.06 -10.31 -56.92
N ALA A 465 -42.18 -9.40 -56.52
CA ALA A 465 -41.56 -9.49 -55.20
C ALA A 465 -41.24 -8.08 -54.75
N ASP A 466 -41.03 -7.94 -53.45
CA ASP A 466 -40.65 -6.64 -52.90
C ASP A 466 -39.98 -6.86 -51.56
N ILE A 467 -38.92 -6.08 -51.31
CA ILE A 467 -38.26 -6.02 -50.01
C ILE A 467 -38.16 -4.56 -49.60
N THR A 468 -38.46 -4.30 -48.32
CA THR A 468 -38.42 -2.95 -47.75
C THR A 468 -37.51 -2.93 -46.52
N ASP A 469 -36.66 -1.92 -46.40
CA ASP A 469 -35.68 -1.81 -45.32
C ASP A 469 -36.27 -1.03 -44.15
N ILE A 470 -35.77 -1.34 -42.94
CA ILE A 470 -35.85 -0.52 -41.72
C ILE A 470 -37.21 -0.53 -41.01
N THR A 471 -38.29 -0.21 -41.73
CA THR A 471 -39.53 0.16 -41.03
C THR A 471 -40.04 -0.96 -40.13
N PHE A 472 -39.85 -2.23 -40.51
CA PHE A 472 -40.39 -3.35 -39.75
C PHE A 472 -39.31 -4.14 -39.02
N ALA A 473 -38.16 -3.51 -38.71
CA ALA A 473 -37.08 -4.20 -37.99
C ALA A 473 -37.35 -4.29 -36.49
N ALA A 474 -38.21 -3.43 -35.95
CA ALA A 474 -38.53 -3.38 -34.53
C ALA A 474 -40.05 -3.33 -34.38
N TYR A 475 -40.54 -3.39 -33.12
CA TYR A 475 -41.98 -3.22 -32.82
C TYR A 475 -42.07 -2.32 -31.59
N ARG A 476 -41.90 -1.01 -31.80
CA ARG A 476 -42.07 -0.01 -30.77
C ARG A 476 -43.46 0.62 -30.84
N GLU A 477 -43.88 1.20 -29.71
CA GLU A 477 -45.21 1.80 -29.66
C GLU A 477 -45.28 3.04 -30.55
N ASN A 478 -44.31 3.94 -30.43
CA ASN A 478 -44.39 5.20 -31.16
C ASN A 478 -44.30 4.93 -32.66
N GLY A 479 -45.34 5.35 -33.39
CA GLY A 479 -45.38 5.19 -34.83
C GLY A 479 -45.98 3.90 -35.30
N LYS A 480 -46.35 3.00 -34.38
CA LYS A 480 -46.86 1.67 -34.74
C LYS A 480 -47.99 1.75 -35.75
N GLU A 481 -48.92 2.68 -35.58
CA GLU A 481 -50.09 2.70 -36.44
C GLU A 481 -49.72 3.06 -37.86
N GLY A 482 -48.79 4.00 -38.05
CA GLY A 482 -48.32 4.30 -39.39
C GLY A 482 -47.62 3.10 -40.03
N ARG A 483 -46.83 2.38 -39.24
CA ARG A 483 -46.16 1.17 -39.75
C ARG A 483 -47.18 0.12 -40.17
N ILE A 484 -48.23 -0.10 -39.36
CA ILE A 484 -49.28 -1.06 -39.71
C ILE A 484 -49.94 -0.64 -41.01
N GLU A 485 -50.17 0.66 -41.17
CA GLU A 485 -50.80 1.15 -42.39
C GLU A 485 -49.92 0.87 -43.62
N LEU A 486 -48.61 1.11 -43.50
CA LEU A 486 -47.69 0.78 -44.59
C LEU A 486 -47.67 -0.74 -44.85
N ALA A 487 -47.60 -1.54 -43.79
CA ALA A 487 -47.59 -3.00 -43.97
C ALA A 487 -48.83 -3.48 -44.71
N LYS A 488 -50.02 -2.95 -44.37
CA LYS A 488 -51.24 -3.40 -45.06
C LYS A 488 -51.22 -3.00 -46.52
N TYR A 489 -50.69 -1.81 -46.80
CA TYR A 489 -50.59 -1.32 -48.18
C TYR A 489 -49.70 -2.24 -49.03
N ILE A 490 -48.46 -2.48 -48.56
CA ILE A 490 -47.55 -3.38 -49.27
C ILE A 490 -48.16 -4.77 -49.41
N ASP A 491 -48.72 -5.30 -48.33
CA ASP A 491 -49.32 -6.62 -48.38
C ASP A 491 -50.48 -6.68 -49.38
N SER A 492 -51.15 -5.55 -49.64
CA SER A 492 -52.32 -5.58 -50.53
C SER A 492 -51.95 -5.87 -51.97
N PHE A 493 -50.67 -5.72 -52.33
CA PHE A 493 -50.24 -6.02 -53.69
C PHE A 493 -50.09 -7.51 -53.95
N ASN A 494 -50.07 -8.33 -52.91
CA ASN A 494 -49.88 -9.78 -53.02
C ASN A 494 -48.62 -10.13 -53.82
N LEU A 495 -47.51 -9.50 -53.47
CA LEU A 495 -46.19 -9.85 -53.95
C LEU A 495 -45.54 -10.74 -52.90
N VAL A 496 -44.56 -11.53 -53.34
CA VAL A 496 -43.68 -12.17 -52.36
C VAL A 496 -42.93 -11.05 -51.67
N ASN A 497 -43.15 -10.85 -50.39
CA ASN A 497 -42.50 -9.67 -49.84
C ASN A 497 -41.67 -9.97 -48.61
N GLY A 498 -40.56 -9.26 -48.54
CA GLY A 498 -39.60 -9.43 -47.48
C GLY A 498 -39.37 -8.10 -46.81
N THR A 499 -38.73 -8.17 -45.67
CA THR A 499 -38.36 -6.93 -45.01
C THR A 499 -37.14 -7.20 -44.16
N GLU A 500 -36.46 -6.12 -43.82
CA GLU A 500 -35.28 -6.19 -42.98
C GLU A 500 -35.63 -6.62 -41.56
N HIS A 501 -34.98 -7.70 -41.12
CA HIS A 501 -34.96 -8.17 -39.74
C HIS A 501 -36.31 -8.74 -39.32
N GLY A 502 -37.35 -7.89 -39.33
CA GLY A 502 -38.68 -8.30 -38.91
C GLY A 502 -38.85 -8.45 -37.40
N GLN A 503 -40.07 -8.69 -36.96
CA GLN A 503 -40.44 -9.02 -35.59
C GLN A 503 -41.70 -9.89 -35.68
N GLU A 504 -42.01 -10.62 -34.61
CA GLU A 504 -43.12 -11.58 -34.67
C GLU A 504 -44.43 -10.90 -35.04
N GLN A 505 -44.61 -9.64 -34.62
CA GLN A 505 -45.84 -8.90 -34.89
C GLN A 505 -46.03 -8.64 -36.38
N TRP A 506 -44.96 -8.65 -37.18
CA TRP A 506 -45.06 -8.37 -38.61
C TRP A 506 -45.19 -9.63 -39.46
N ILE A 507 -45.11 -10.82 -38.85
CA ILE A 507 -45.17 -12.06 -39.61
C ILE A 507 -46.42 -12.15 -40.48
N PRO A 508 -47.61 -11.70 -40.03
CA PRO A 508 -48.79 -11.82 -40.91
C PRO A 508 -48.64 -11.14 -42.26
N TYR A 509 -47.74 -10.16 -42.39
CA TYR A 509 -47.69 -9.28 -43.56
C TYR A 509 -46.56 -9.60 -44.52
N PHE A 510 -45.66 -10.53 -44.19
CA PHE A 510 -44.47 -10.76 -44.98
C PHE A 510 -44.27 -12.26 -45.21
N ASP A 511 -43.51 -12.57 -46.25
CA ASP A 511 -43.10 -13.93 -46.52
C ASP A 511 -41.69 -14.24 -46.05
N MET A 512 -40.81 -13.24 -45.99
CA MET A 512 -39.45 -13.51 -45.55
C MET A 512 -38.90 -12.34 -44.77
N PHE A 513 -38.02 -12.66 -43.81
CA PHE A 513 -37.26 -11.70 -43.02
C PHE A 513 -35.79 -11.81 -43.45
N GLU A 514 -35.18 -10.67 -43.79
CA GLU A 514 -33.75 -10.63 -44.03
C GLU A 514 -33.08 -10.34 -42.69
N GLY A 515 -32.52 -11.38 -42.07
CA GLY A 515 -31.96 -11.29 -40.75
C GLY A 515 -32.69 -12.21 -39.78
N MET A 516 -32.92 -11.72 -38.56
CA MET A 516 -33.42 -12.54 -37.45
C MET A 516 -32.43 -13.66 -37.17
N THR A 517 -31.14 -13.27 -37.11
CA THR A 517 -30.05 -14.19 -36.80
C THR A 517 -29.34 -13.65 -35.57
N TYR A 518 -28.16 -13.04 -35.74
CA TYR A 518 -27.31 -12.64 -34.62
C TYR A 518 -26.61 -11.34 -34.94
N LEU A 519 -26.56 -10.43 -33.97
CA LEU A 519 -25.57 -9.35 -34.09
C LEU A 519 -24.16 -9.94 -34.00
N GLU A 520 -23.19 -9.19 -34.54
CA GLU A 520 -21.80 -9.63 -34.41
C GLU A 520 -21.28 -9.40 -33.00
N ASP A 521 -21.41 -8.18 -32.49
CA ASP A 521 -21.02 -7.80 -31.14
C ASP A 521 -22.27 -7.56 -30.32
N ARG A 522 -22.41 -8.29 -29.22
CA ARG A 522 -23.66 -8.29 -28.46
C ARG A 522 -23.38 -8.69 -27.02
N PRO A 523 -24.15 -8.17 -26.07
CA PRO A 523 -24.13 -8.75 -24.72
C PRO A 523 -24.39 -10.24 -24.81
N LEU A 524 -23.61 -11.02 -24.03
CA LEU A 524 -23.73 -12.45 -23.81
C LEU A 524 -22.96 -13.24 -24.85
N SER A 525 -22.36 -12.59 -25.85
CA SER A 525 -21.78 -13.37 -26.95
C SER A 525 -20.69 -14.33 -26.48
N VAL A 526 -19.91 -13.98 -25.45
CA VAL A 526 -18.85 -14.91 -25.05
C VAL A 526 -19.31 -15.94 -24.03
N ILE A 527 -20.58 -15.89 -23.59
CA ILE A 527 -21.10 -16.81 -22.59
C ILE A 527 -22.46 -17.35 -23.02
N SER A 528 -22.63 -17.59 -24.32
CA SER A 528 -23.88 -18.15 -24.82
C SER A 528 -23.59 -18.97 -26.06
N HIS A 529 -24.52 -19.87 -26.37
CA HIS A 529 -24.53 -20.55 -27.64
C HIS A 529 -25.76 -20.19 -28.45
N PRO A 530 -25.62 -19.91 -29.73
CA PRO A 530 -26.79 -19.74 -30.59
C PRO A 530 -27.66 -20.99 -30.53
N ALA A 531 -28.97 -20.75 -30.47
CA ALA A 531 -30.03 -21.75 -30.39
C ALA A 531 -31.17 -21.21 -31.25
N PRO A 532 -31.81 -22.06 -32.04
CA PRO A 532 -32.82 -21.56 -33.00
C PRO A 532 -34.19 -21.35 -32.34
N LEU A 533 -34.20 -20.52 -31.30
CA LEU A 533 -35.43 -20.27 -30.53
C LEU A 533 -36.52 -19.68 -31.41
N PHE A 534 -36.20 -18.63 -32.19
CA PHE A 534 -37.23 -18.00 -33.00
C PHE A 534 -37.77 -18.98 -34.05
N ASN A 535 -36.87 -19.73 -34.70
CA ASN A 535 -37.35 -20.63 -35.75
C ASN A 535 -38.04 -21.85 -35.15
N LEU A 536 -37.67 -22.26 -33.93
CA LEU A 536 -38.42 -23.32 -33.26
C LEU A 536 -39.88 -22.92 -33.10
N VAL A 537 -40.17 -21.61 -32.99
CA VAL A 537 -41.54 -21.14 -32.90
C VAL A 537 -42.13 -20.93 -34.29
N TYR A 538 -41.42 -20.20 -35.14
CA TYR A 538 -42.01 -19.53 -36.29
C TYR A 538 -41.52 -20.01 -37.65
N HIS A 539 -40.72 -21.10 -37.73
CA HIS A 539 -40.18 -21.50 -39.03
C HIS A 539 -41.28 -21.81 -40.05
N GLU A 540 -42.41 -22.37 -39.62
CA GLU A 540 -43.52 -22.63 -40.53
C GLU A 540 -44.19 -21.36 -41.03
N ALA A 541 -43.97 -20.23 -40.37
CA ALA A 541 -44.71 -18.99 -40.61
C ALA A 541 -43.92 -17.90 -41.31
N ILE A 542 -42.60 -17.87 -41.22
CA ILE A 542 -41.81 -16.82 -41.85
C ILE A 542 -40.47 -17.43 -42.25
N ALA A 543 -40.05 -17.16 -43.48
CA ALA A 543 -38.75 -17.60 -43.96
C ALA A 543 -37.70 -16.57 -43.55
N ASN A 544 -36.52 -17.02 -43.12
CA ASN A 544 -35.52 -16.00 -42.84
C ASN A 544 -34.23 -16.32 -43.56
N PHE A 545 -33.46 -15.26 -43.81
CA PHE A 545 -32.17 -15.36 -44.47
C PHE A 545 -31.16 -14.60 -43.61
N GLY A 546 -29.88 -14.77 -43.94
CA GLY A 546 -28.84 -14.07 -43.20
C GLY A 546 -28.91 -12.57 -43.42
N LYS A 547 -28.41 -11.84 -42.42
CA LYS A 547 -28.43 -10.37 -42.43
C LYS A 547 -27.41 -9.82 -43.42
N ILE A 548 -27.77 -8.74 -44.11
CA ILE A 548 -26.89 -8.24 -45.18
C ILE A 548 -25.56 -7.73 -44.62
N GLN A 549 -25.55 -7.19 -43.38
CA GLN A 549 -24.29 -6.68 -42.82
C GLN A 549 -23.35 -7.81 -42.38
N ASP A 550 -23.87 -9.00 -42.17
CA ASP A 550 -23.09 -10.15 -41.70
C ASP A 550 -23.40 -11.33 -42.62
N PRO A 551 -23.14 -11.20 -43.91
CA PRO A 551 -23.60 -12.20 -44.87
C PRO A 551 -22.72 -13.45 -44.80
N ASP A 552 -23.11 -14.46 -45.56
CA ASP A 552 -22.39 -15.72 -45.49
C ASP A 552 -21.03 -15.68 -46.18
N ASN A 553 -20.76 -14.66 -46.99
CA ASN A 553 -19.47 -14.46 -47.65
C ASN A 553 -18.50 -13.60 -46.84
N GLU A 554 -18.92 -13.08 -45.68
CA GLU A 554 -18.01 -12.31 -44.83
C GLU A 554 -17.60 -13.13 -43.62
N VAL A 555 -16.34 -12.98 -43.20
CA VAL A 555 -15.83 -13.65 -42.02
C VAL A 555 -15.95 -12.70 -40.83
N THR A 556 -16.72 -13.08 -39.82
CA THR A 556 -17.08 -12.17 -38.72
C THR A 556 -17.05 -12.94 -37.41
N ALA A 557 -17.45 -12.25 -36.34
CA ALA A 557 -17.60 -12.93 -35.06
C ALA A 557 -18.56 -14.10 -35.13
N ASN A 558 -19.51 -14.10 -36.09
CA ASN A 558 -20.49 -15.18 -36.18
C ASN A 558 -20.05 -16.30 -37.11
N GLY A 559 -18.87 -16.20 -37.70
CA GLY A 559 -18.26 -17.32 -38.39
C GLY A 559 -17.84 -16.96 -39.81
N ASP A 560 -17.22 -17.95 -40.45
CA ASP A 560 -16.91 -17.89 -41.86
C ASP A 560 -18.02 -18.61 -42.64
N PHE A 561 -17.79 -18.92 -43.93
CA PHE A 561 -18.81 -19.59 -44.70
C PHE A 561 -19.02 -21.01 -44.19
N ARG A 562 -17.94 -21.68 -43.76
CA ARG A 562 -18.10 -23.04 -43.24
C ARG A 562 -19.12 -23.07 -42.11
N ILE A 563 -18.91 -22.24 -41.09
CA ILE A 563 -19.75 -22.22 -39.91
C ILE A 563 -21.15 -21.74 -40.28
N LYS A 564 -21.26 -20.67 -41.08
CA LYS A 564 -22.56 -20.09 -41.40
C LYS A 564 -23.42 -21.03 -42.23
N ALA A 565 -22.81 -21.73 -43.21
CA ALA A 565 -23.59 -22.63 -44.03
C ALA A 565 -24.14 -23.77 -43.20
N LEU A 566 -23.31 -24.34 -42.30
CA LEU A 566 -23.79 -25.43 -41.46
C LEU A 566 -24.87 -24.96 -40.52
N ARG A 567 -24.65 -23.82 -39.85
CA ARG A 567 -25.69 -23.28 -38.97
C ARG A 567 -26.97 -22.97 -39.74
N SER A 568 -26.86 -22.54 -41.01
CA SER A 568 -28.04 -22.29 -41.84
C SER A 568 -28.93 -23.52 -41.91
N MET A 569 -28.33 -24.69 -42.16
CA MET A 569 -29.12 -25.91 -42.31
C MET A 569 -29.67 -26.38 -40.97
N LEU A 570 -28.90 -26.19 -39.91
CA LEU A 570 -29.38 -26.53 -38.57
C LEU A 570 -30.56 -25.66 -38.15
N PHE A 571 -30.48 -24.36 -38.43
CA PHE A 571 -31.48 -23.43 -37.87
C PHE A 571 -32.64 -23.20 -38.82
N GLY A 572 -32.49 -23.64 -40.08
CA GLY A 572 -33.54 -23.51 -41.06
C GLY A 572 -33.64 -22.16 -41.72
N ARG A 573 -32.52 -21.43 -41.91
CA ARG A 573 -32.56 -20.21 -42.70
C ARG A 573 -31.91 -20.41 -44.07
N GLY A 574 -32.08 -19.41 -44.94
CA GLY A 574 -31.54 -19.46 -46.27
C GLY A 574 -30.23 -18.69 -46.37
N THR A 575 -29.51 -18.92 -47.46
CA THR A 575 -28.19 -18.33 -47.68
C THR A 575 -28.32 -16.86 -48.11
N THR A 576 -27.43 -16.01 -47.60
CA THR A 576 -27.33 -14.61 -48.02
C THR A 576 -25.92 -14.35 -48.53
N ILE A 577 -25.82 -14.01 -49.81
CA ILE A 577 -24.57 -13.60 -50.44
C ILE A 577 -24.74 -12.13 -50.74
N PHE A 578 -24.01 -11.26 -50.04
CA PHE A 578 -24.23 -9.80 -50.13
C PHE A 578 -22.90 -9.15 -50.46
N PHE A 579 -22.81 -8.51 -51.63
CA PHE A 579 -21.49 -8.13 -52.12
C PHE A 579 -21.59 -6.85 -52.93
N ALA A 580 -20.50 -6.08 -52.91
CA ALA A 580 -20.31 -5.05 -53.89
C ALA A 580 -20.00 -5.70 -55.25
N PRO A 581 -20.39 -5.05 -56.37
CA PRO A 581 -20.18 -5.67 -57.69
C PRO A 581 -18.74 -6.09 -57.97
N TYR A 582 -17.74 -5.32 -57.53
CA TYR A 582 -16.36 -5.69 -57.82
C TYR A 582 -15.97 -7.00 -57.16
N GLU A 583 -16.70 -7.43 -56.14
CA GLU A 583 -16.37 -8.67 -55.45
C GLU A 583 -16.88 -9.91 -56.16
N PHE A 584 -17.71 -9.76 -57.21
CA PHE A 584 -18.51 -10.87 -57.69
C PHE A 584 -17.69 -12.12 -57.98
N GLU A 585 -16.55 -11.96 -58.65
CA GLU A 585 -15.76 -13.17 -58.98
C GLU A 585 -15.30 -13.90 -57.72
N GLY A 586 -15.05 -13.18 -56.64
CA GLY A 586 -14.66 -13.89 -55.44
C GLY A 586 -15.81 -14.60 -54.75
N MET A 587 -17.04 -14.33 -55.15
CA MET A 587 -18.19 -14.99 -54.56
C MET A 587 -18.44 -16.36 -55.15
N ARG A 588 -17.92 -16.63 -56.34
CA ARG A 588 -18.23 -17.86 -57.06
C ARG A 588 -18.10 -19.12 -56.21
N PRO A 589 -16.97 -19.39 -55.54
CA PRO A 589 -16.91 -20.64 -54.76
C PRO A 589 -17.97 -20.72 -53.68
N MET A 590 -18.35 -19.60 -53.06
CA MET A 590 -19.34 -19.73 -52.00
C MET A 590 -20.75 -19.92 -52.55
N ILE A 591 -21.04 -19.31 -53.69
CA ILE A 591 -22.29 -19.57 -54.38
C ILE A 591 -22.39 -21.05 -54.76
N GLU A 592 -21.30 -21.63 -55.28
CA GLU A 592 -21.35 -23.03 -55.68
C GLU A 592 -21.55 -23.95 -54.48
N MET A 593 -20.84 -23.69 -53.39
CA MET A 593 -21.01 -24.51 -52.19
C MET A 593 -22.42 -24.37 -51.61
N ALA A 594 -22.94 -23.15 -51.49
CA ALA A 594 -24.32 -22.97 -51.06
C ALA A 594 -25.28 -23.69 -51.99
N ARG A 595 -25.07 -23.57 -53.30
CA ARG A 595 -25.89 -24.28 -54.28
C ARG A 595 -25.89 -25.78 -54.02
N ASP A 596 -24.73 -26.36 -53.76
CA ASP A 596 -24.66 -27.81 -53.68
C ASP A 596 -25.09 -28.35 -52.33
N LEU A 597 -24.88 -27.59 -51.25
CA LEU A 597 -25.13 -28.10 -49.90
C LEU A 597 -26.36 -27.52 -49.24
N VAL A 598 -26.48 -26.20 -49.17
CA VAL A 598 -27.52 -25.55 -48.38
C VAL A 598 -28.84 -25.52 -49.15
N SER A 599 -28.78 -25.12 -50.43
CA SER A 599 -30.00 -24.95 -51.21
C SER A 599 -30.90 -26.17 -51.22
N PRO A 600 -30.42 -27.40 -51.45
CA PRO A 600 -31.36 -28.54 -51.45
C PRO A 600 -31.99 -28.81 -50.09
N VAL A 601 -31.28 -28.52 -49.00
CA VAL A 601 -31.80 -28.73 -47.66
C VAL A 601 -32.81 -27.65 -47.30
N HIS A 602 -32.47 -26.40 -47.62
CA HIS A 602 -33.41 -25.29 -47.46
C HIS A 602 -34.70 -25.56 -48.23
N LYS A 603 -34.56 -25.95 -49.50
CA LYS A 603 -35.72 -26.26 -50.32
C LYS A 603 -36.60 -27.30 -49.66
N GLU A 604 -35.99 -28.37 -49.16
CA GLU A 604 -36.78 -29.47 -48.61
C GLU A 604 -37.47 -29.09 -47.30
N THR A 605 -36.81 -28.28 -46.46
CA THR A 605 -37.32 -27.99 -45.12
C THR A 605 -38.09 -26.68 -45.05
N PHE A 606 -38.16 -25.92 -46.14
CA PHE A 606 -38.66 -24.54 -46.11
C PHE A 606 -40.00 -24.41 -45.39
N TYR A 607 -40.98 -25.25 -45.74
CA TYR A 607 -42.33 -25.06 -45.21
C TYR A 607 -42.55 -25.75 -43.87
N SER A 608 -41.58 -26.51 -43.39
CA SER A 608 -41.82 -27.46 -42.32
C SER A 608 -41.62 -26.82 -40.94
N GLU A 609 -42.04 -27.55 -39.92
CA GLU A 609 -41.71 -27.18 -38.55
C GLU A 609 -40.33 -27.70 -38.19
N LEU A 610 -39.52 -26.83 -37.58
CA LEU A 610 -38.32 -27.29 -36.88
C LEU A 610 -38.78 -27.93 -35.58
N LYS A 611 -38.87 -29.26 -35.59
CA LYS A 611 -39.50 -29.98 -34.47
C LYS A 611 -38.61 -29.98 -33.25
N SER A 612 -37.30 -30.14 -33.44
CA SER A 612 -36.40 -30.31 -32.32
C SER A 612 -35.00 -29.87 -32.72
N HIS A 613 -34.26 -29.37 -31.75
CA HIS A 613 -32.84 -29.08 -31.88
C HIS A 613 -32.16 -29.66 -30.65
N GLU A 614 -30.95 -30.21 -30.84
CA GLU A 614 -30.19 -30.78 -29.74
C GLU A 614 -28.71 -30.46 -29.90
N TYR A 615 -28.04 -30.28 -28.76
CA TYR A 615 -26.58 -30.23 -28.70
C TYR A 615 -26.09 -31.62 -28.35
N LEU A 616 -25.24 -32.20 -29.21
CA LEU A 616 -24.82 -33.58 -29.04
C LEU A 616 -23.40 -33.74 -28.50
N SER A 617 -22.63 -32.67 -28.40
CA SER A 617 -21.29 -32.76 -27.85
C SER A 617 -21.22 -31.85 -26.63
N ALA A 618 -20.29 -32.18 -25.74
CA ALA A 618 -20.12 -31.42 -24.50
C ALA A 618 -19.64 -29.98 -24.75
N ASP A 619 -19.01 -29.70 -25.89
CA ASP A 619 -18.63 -28.32 -26.20
C ASP A 619 -19.69 -27.59 -27.01
N TYR A 620 -20.87 -28.21 -27.22
CA TYR A 620 -22.03 -27.64 -27.90
C TYR A 620 -21.78 -27.38 -29.39
N LYS A 621 -20.69 -27.89 -29.97
CA LYS A 621 -20.42 -27.64 -31.38
C LYS A 621 -21.11 -28.62 -32.33
N VAL A 622 -21.39 -29.85 -31.90
CA VAL A 622 -22.11 -30.82 -32.72
C VAL A 622 -23.59 -30.73 -32.33
N GLN A 623 -24.46 -30.61 -33.34
CA GLN A 623 -25.88 -30.36 -33.12
C GLN A 623 -26.70 -31.17 -34.10
N ARG A 624 -27.97 -31.43 -33.71
CA ARG A 624 -28.92 -32.18 -34.52
C ARG A 624 -30.25 -31.44 -34.56
N SER A 625 -30.75 -31.20 -35.77
CA SER A 625 -32.06 -30.61 -36.01
C SER A 625 -32.93 -31.57 -36.79
N ARG A 626 -34.21 -31.63 -36.43
CA ARG A 626 -35.19 -32.47 -37.09
C ARG A 626 -36.35 -31.61 -37.56
N PHE A 627 -36.64 -31.70 -38.86
CA PHE A 627 -37.69 -30.92 -39.50
C PHE A 627 -38.86 -31.83 -39.83
N SER A 628 -40.07 -31.27 -39.85
CA SER A 628 -41.22 -32.13 -40.08
C SER A 628 -41.38 -32.53 -41.55
N SER A 629 -40.48 -32.09 -42.42
CA SER A 629 -40.43 -32.65 -43.76
C SER A 629 -39.81 -34.04 -43.79
N GLY A 630 -39.37 -34.56 -42.63
CA GLY A 630 -38.62 -35.79 -42.61
C GLY A 630 -37.14 -35.61 -42.86
N THR A 631 -36.60 -34.45 -42.51
CA THR A 631 -35.20 -34.14 -42.76
C THR A 631 -34.52 -34.01 -41.42
N GLU A 632 -33.36 -34.66 -41.27
CA GLU A 632 -32.56 -34.48 -40.06
C GLU A 632 -31.19 -33.94 -40.44
N VAL A 633 -30.77 -32.88 -39.77
CA VAL A 633 -29.48 -32.23 -40.02
C VAL A 633 -28.62 -32.43 -38.79
N ILE A 634 -27.49 -33.10 -38.95
CA ILE A 634 -26.43 -33.09 -37.96
C ILE A 634 -25.25 -32.32 -38.53
N ALA A 635 -24.68 -31.41 -37.74
CA ALA A 635 -23.50 -30.71 -38.18
C ALA A 635 -22.61 -30.42 -36.99
N ASN A 636 -21.34 -30.22 -37.32
CA ASN A 636 -20.26 -30.00 -36.35
C ASN A 636 -19.63 -28.65 -36.70
N LEU A 637 -19.88 -27.65 -35.86
CA LEU A 637 -19.44 -26.28 -36.11
C LEU A 637 -18.04 -26.00 -35.56
N GLY A 638 -17.32 -27.04 -35.17
CA GLY A 638 -15.99 -26.87 -34.62
C GLY A 638 -14.96 -27.60 -35.46
N PRO A 639 -13.69 -27.44 -35.13
CA PRO A 639 -12.63 -27.92 -36.03
C PRO A 639 -12.32 -29.40 -35.95
N VAL A 640 -12.74 -30.09 -34.89
CA VAL A 640 -12.26 -31.45 -34.65
C VAL A 640 -13.42 -32.42 -34.83
N ALA A 641 -13.11 -33.58 -35.43
CA ALA A 641 -14.10 -34.64 -35.56
C ALA A 641 -14.56 -35.05 -34.17
N GLN A 642 -15.86 -35.30 -34.02
CA GLN A 642 -16.40 -35.75 -32.75
C GLN A 642 -17.45 -36.82 -32.99
N LYS A 643 -17.52 -37.77 -32.07
CA LYS A 643 -18.45 -38.88 -32.19
C LYS A 643 -19.76 -38.60 -31.45
N ILE A 644 -20.85 -39.13 -31.98
CA ILE A 644 -22.14 -39.10 -31.32
C ILE A 644 -22.61 -40.53 -31.04
N GLU A 645 -23.88 -40.67 -30.68
CA GLU A 645 -24.45 -41.97 -30.35
C GLU A 645 -24.21 -42.98 -31.46
N GLY A 646 -23.99 -44.24 -31.08
CA GLY A 646 -23.59 -45.25 -32.03
C GLY A 646 -22.15 -45.17 -32.48
N GLY A 647 -21.34 -44.26 -31.91
CA GLY A 647 -19.99 -44.10 -32.39
C GLY A 647 -19.90 -43.57 -33.81
N ILE A 648 -20.98 -42.96 -34.33
CA ILE A 648 -20.88 -42.23 -35.59
C ILE A 648 -20.02 -41.00 -35.37
N SER A 649 -19.14 -40.70 -36.31
CA SER A 649 -18.22 -39.58 -36.21
C SER A 649 -18.67 -38.47 -37.17
N ILE A 650 -18.78 -37.25 -36.66
CA ILE A 650 -19.09 -36.08 -37.48
C ILE A 650 -17.81 -35.29 -37.68
N PRO A 651 -17.32 -35.15 -38.91
CA PRO A 651 -16.07 -34.44 -39.14
C PRO A 651 -16.15 -32.99 -38.69
N GLY A 652 -14.98 -32.42 -38.40
CA GLY A 652 -14.89 -30.99 -38.18
C GLY A 652 -15.46 -30.20 -39.34
N TYR A 653 -16.23 -29.16 -39.04
CA TYR A 653 -16.96 -28.39 -40.06
C TYR A 653 -17.66 -29.33 -41.05
N GLY A 654 -18.31 -30.37 -40.48
CA GLY A 654 -18.83 -31.47 -41.26
C GLY A 654 -20.31 -31.64 -40.96
N TYR A 655 -20.94 -32.55 -41.70
CA TYR A 655 -22.39 -32.73 -41.66
C TYR A 655 -22.77 -34.17 -42.00
N ARG A 656 -23.93 -34.55 -41.48
CA ARG A 656 -24.56 -35.84 -41.74
C ARG A 656 -26.06 -35.58 -41.82
N ILE A 657 -26.63 -35.64 -43.02
CA ILE A 657 -27.99 -35.15 -43.28
C ILE A 657 -28.85 -36.25 -43.86
N GLN A 658 -29.91 -36.62 -43.16
CA GLN A 658 -30.87 -37.61 -43.65
C GLN A 658 -31.99 -36.86 -44.39
N MET A 659 -32.05 -37.03 -45.71
CA MET A 659 -33.04 -36.35 -46.54
C MET A 659 -34.33 -37.17 -46.59
N LYS A 660 -35.42 -36.48 -46.94
CA LYS A 660 -36.72 -37.16 -47.05
C LYS A 660 -36.68 -38.30 -48.05
N ASP A 661 -35.89 -38.19 -49.12
CA ASP A 661 -35.86 -39.25 -50.13
C ASP A 661 -35.00 -40.43 -49.73
N GLY A 662 -34.57 -40.51 -48.47
CA GLY A 662 -33.79 -41.62 -47.98
C GLY A 662 -32.29 -41.48 -48.17
N SER A 663 -31.84 -40.51 -48.96
CA SER A 663 -30.42 -40.37 -49.18
C SER A 663 -29.79 -39.80 -47.92
N LEU A 664 -28.53 -40.17 -47.70
CA LEU A 664 -27.74 -39.67 -46.58
C LEU A 664 -26.60 -38.82 -47.17
N LYS A 665 -26.63 -37.52 -46.90
CA LYS A 665 -25.59 -36.61 -47.35
C LYS A 665 -24.54 -36.47 -46.25
N THR A 666 -23.29 -36.74 -46.59
CA THR A 666 -22.21 -36.57 -45.64
C THR A 666 -21.05 -35.86 -46.33
N GLY A 667 -20.32 -35.09 -45.55
CA GLY A 667 -19.21 -34.33 -46.09
C GLY A 667 -18.69 -33.38 -45.04
N HIS A 668 -17.82 -32.48 -45.50
CA HIS A 668 -17.22 -31.49 -44.61
C HIS A 668 -16.50 -30.44 -45.45
N PHE A 669 -16.33 -29.27 -44.85
CA PHE A 669 -15.55 -28.20 -45.46
C PHE A 669 -14.07 -28.43 -45.17
N GLN A 670 -13.23 -28.01 -46.11
CA GLN A 670 -11.78 -28.16 -45.99
C GLN A 670 -11.12 -26.87 -46.44
N VAL A 671 -10.17 -26.36 -45.65
CA VAL A 671 -9.34 -25.23 -46.06
C VAL A 671 -8.01 -25.78 -46.55
N SER A 672 -7.59 -25.38 -47.74
CA SER A 672 -6.33 -25.86 -48.28
C SER A 672 -5.49 -24.69 -48.76
N LEU A 673 -4.18 -24.95 -48.80
CA LEU A 673 -3.17 -23.97 -49.18
C LEU A 673 -2.62 -24.37 -50.54
N HIS A 674 -2.75 -23.49 -51.50
CA HIS A 674 -2.27 -23.68 -52.87
CA HIS A 674 -2.25 -23.70 -52.85
C HIS A 674 -0.99 -22.88 -53.03
N MET A 675 0.17 -23.53 -52.89
CA MET A 675 1.48 -22.89 -53.10
C MET A 675 1.91 -23.18 -54.53
N ASP A 676 1.93 -22.15 -55.39
CA ASP A 676 2.19 -22.37 -56.82
C ASP A 676 3.57 -22.96 -57.05
N PRO B 18 -3.17 39.12 -35.57
CA PRO B 18 -2.78 37.71 -35.39
C PRO B 18 -1.28 37.58 -35.10
N ILE B 19 -0.94 36.95 -33.99
CA ILE B 19 0.46 36.77 -33.62
C ILE B 19 1.03 35.63 -34.46
N VAL B 20 2.27 35.79 -34.91
CA VAL B 20 2.90 34.85 -35.84
C VAL B 20 4.17 34.29 -35.20
N LEU B 21 4.27 32.96 -35.17
CA LEU B 21 5.53 32.25 -34.97
C LEU B 21 5.89 31.58 -36.29
N GLU B 22 7.17 31.61 -36.64
CA GLU B 22 7.55 31.10 -37.95
C GLU B 22 9.02 30.69 -37.95
N ASN B 23 9.33 29.58 -38.62
CA ASN B 23 10.72 29.24 -38.96
C ASN B 23 10.79 28.96 -40.46
N GLY B 24 11.82 28.23 -40.89
CA GLY B 24 11.96 27.92 -42.30
C GLY B 24 10.91 26.97 -42.83
N LYS B 25 10.22 26.26 -41.95
CA LYS B 25 9.32 25.19 -42.37
C LYS B 25 7.85 25.46 -42.08
N LEU B 26 7.55 26.17 -41.00
CA LEU B 26 6.17 26.34 -40.55
C LEU B 26 5.87 27.80 -40.25
N ASN B 27 4.61 28.15 -40.44
CA ASN B 27 4.08 29.45 -40.07
C ASN B 27 2.89 29.18 -39.13
N ILE B 28 2.99 29.67 -37.89
CA ILE B 28 1.91 29.49 -36.92
C ILE B 28 1.16 30.82 -36.82
N ASN B 29 -0.14 30.81 -37.14
CA ASN B 29 -0.98 31.99 -36.99
C ASN B 29 -1.86 31.83 -35.75
N ILE B 30 -1.73 32.75 -34.81
CA ILE B 30 -2.43 32.68 -33.53
C ILE B 30 -3.36 33.90 -33.43
N ASP B 31 -4.66 33.62 -33.36
CA ASP B 31 -5.71 34.65 -33.28
C ASP B 31 -5.73 35.27 -31.88
N SER B 32 -5.56 36.58 -31.81
CA SER B 32 -5.50 37.28 -30.52
C SER B 32 -6.82 37.23 -29.76
N LYS B 33 -7.93 37.19 -30.48
CA LYS B 33 -9.23 37.26 -29.82
C LYS B 33 -9.68 35.91 -29.28
N THR B 34 -9.25 34.81 -29.91
CA THR B 34 -9.71 33.48 -29.53
C THR B 34 -8.61 32.59 -28.99
N GLY B 35 -7.35 32.81 -29.39
CA GLY B 35 -6.31 31.87 -29.07
C GLY B 35 -6.25 30.66 -29.99
N CYS B 36 -7.22 30.52 -30.92
CA CYS B 36 -7.11 29.50 -31.95
C CYS B 36 -5.86 29.72 -32.79
N PHE B 37 -5.28 28.63 -33.27
CA PHE B 37 -4.11 28.75 -34.11
C PHE B 37 -4.22 27.85 -35.32
N SER B 38 -3.60 28.27 -36.40
CA SER B 38 -3.43 27.46 -37.60
C SER B 38 -1.94 27.24 -37.84
N VAL B 39 -1.63 26.17 -38.57
CA VAL B 39 -0.25 25.82 -38.91
C VAL B 39 -0.15 25.63 -40.41
N THR B 40 0.64 26.46 -41.06
CA THR B 40 0.92 26.33 -42.48
C THR B 40 2.22 25.55 -42.64
N GLU B 41 2.13 24.41 -43.29
CA GLU B 41 3.33 23.73 -43.75
C GLU B 41 3.76 24.39 -45.04
N LYS B 42 4.88 25.12 -45.00
CA LYS B 42 5.19 26.03 -46.09
C LYS B 42 5.60 25.28 -47.36
N THR B 43 6.12 24.06 -47.24
CA THR B 43 6.59 23.41 -48.45
C THR B 43 5.44 22.96 -49.35
N SER B 44 4.32 22.54 -48.76
CA SER B 44 3.17 22.07 -49.51
C SER B 44 2.07 23.12 -49.60
N GLY B 45 2.11 24.12 -48.73
CA GLY B 45 1.03 25.07 -48.64
C GLY B 45 -0.15 24.60 -47.83
N HIS B 46 -0.10 23.40 -47.25
CA HIS B 46 -1.24 22.91 -46.49
C HIS B 46 -1.41 23.73 -45.21
N VAL B 47 -2.65 24.14 -44.93
CA VAL B 47 -2.96 24.89 -43.72
C VAL B 47 -3.73 23.96 -42.80
N TRP B 48 -3.13 23.57 -41.68
CA TRP B 48 -3.86 22.85 -40.65
C TRP B 48 -4.72 23.85 -39.88
N LYS B 49 -6.02 23.63 -39.84
CA LYS B 49 -6.92 24.65 -39.32
C LYS B 49 -7.21 24.46 -37.83
N SER B 50 -7.67 25.55 -37.21
CA SER B 50 -8.22 25.43 -35.86
C SER B 50 -9.65 24.89 -35.95
N ASP B 51 -10.28 24.67 -34.79
CA ASP B 51 -11.64 24.11 -34.68
C ASP B 51 -12.59 24.60 -35.77
N PRO B 52 -12.95 23.75 -36.73
CA PRO B 52 -13.82 24.18 -37.82
C PRO B 52 -15.27 24.36 -37.42
N TRP B 53 -15.68 23.86 -36.25
CA TRP B 53 -17.06 23.86 -35.83
C TRP B 53 -17.43 25.13 -35.06
N GLU B 54 -16.67 25.47 -34.02
CA GLU B 54 -17.02 26.53 -33.09
C GLU B 54 -15.91 27.53 -32.83
N ASN B 55 -14.77 27.40 -33.50
CA ASN B 55 -13.61 28.26 -33.24
C ASN B 55 -13.22 28.22 -31.77
N ALA B 56 -13.24 27.02 -31.20
CA ALA B 56 -12.84 26.81 -29.83
C ALA B 56 -11.34 26.49 -29.80
N ALA B 57 -10.56 27.31 -29.09
CA ALA B 57 -9.18 26.91 -28.87
C ALA B 57 -9.11 25.68 -27.98
N GLY B 58 -10.07 25.54 -27.07
CA GLY B 58 -10.11 24.42 -26.15
C GLY B 58 -11.50 24.25 -25.59
N LEU B 59 -11.76 23.05 -25.09
CA LEU B 59 -13.05 22.68 -24.53
C LEU B 59 -12.79 22.22 -23.10
N LEU B 60 -13.34 22.98 -22.13
CA LEU B 60 -13.10 22.79 -20.71
C LEU B 60 -14.35 22.27 -20.04
N THR B 61 -14.24 21.14 -19.34
CA THR B 61 -15.33 20.64 -18.51
C THR B 61 -15.09 21.01 -17.04
N LEU B 62 -16.07 21.66 -16.43
CA LEU B 62 -15.99 22.13 -15.05
C LEU B 62 -17.39 22.22 -14.44
N THR B 63 -17.43 22.29 -13.12
CA THR B 63 -18.68 22.49 -12.40
C THR B 63 -19.11 23.95 -12.48
N ASP B 64 -20.43 24.18 -12.54
CA ASP B 64 -20.99 25.51 -12.42
C ASP B 64 -21.32 25.80 -10.95
N SER B 65 -21.89 26.98 -10.68
CA SER B 65 -22.18 27.34 -9.29
C SER B 65 -23.24 26.43 -8.66
N LYS B 66 -24.10 25.81 -9.46
CA LYS B 66 -24.95 24.72 -9.00
C LYS B 66 -24.21 23.39 -8.91
N GLY B 67 -22.91 23.36 -9.21
CA GLY B 67 -22.17 22.12 -9.13
C GLY B 67 -22.43 21.13 -10.24
N LYS B 68 -23.23 21.48 -11.25
CA LYS B 68 -23.44 20.64 -12.42
C LYS B 68 -22.23 20.71 -13.36
N LYS B 69 -21.84 19.55 -13.91
CA LYS B 69 -20.76 19.55 -14.90
C LYS B 69 -21.23 20.18 -16.20
N GLN B 70 -20.39 21.06 -16.77
CA GLN B 70 -20.67 21.76 -18.02
C GLN B 70 -19.39 21.82 -18.84
N THR B 71 -19.53 21.80 -20.17
CA THR B 71 -18.38 21.91 -21.06
C THR B 71 -18.44 23.23 -21.83
N VAL B 72 -17.41 24.05 -21.68
CA VAL B 72 -17.38 25.38 -22.27
C VAL B 72 -16.25 25.52 -23.28
N ASN B 73 -16.47 26.40 -24.25
CA ASN B 73 -15.48 26.89 -25.19
C ASN B 73 -14.65 27.97 -24.49
N ILE B 74 -13.38 27.69 -24.22
CA ILE B 74 -12.56 28.66 -23.48
C ILE B 74 -12.25 29.90 -24.29
N SER B 75 -12.42 29.88 -25.61
CA SER B 75 -12.27 31.08 -26.42
C SER B 75 -13.37 32.10 -26.19
N LYS B 76 -14.41 31.73 -25.45
CA LYS B 76 -15.47 32.66 -25.05
C LYS B 76 -15.28 33.17 -23.62
N SER B 77 -14.11 32.96 -23.02
CA SER B 77 -13.80 33.51 -21.72
C SER B 77 -13.82 35.04 -21.76
N LYS B 78 -13.99 35.65 -20.57
CA LYS B 78 -14.09 37.10 -20.48
C LYS B 78 -12.80 37.81 -20.87
N LYS B 79 -11.64 37.20 -20.59
CA LYS B 79 -10.34 37.79 -20.89
C LYS B 79 -9.47 36.74 -21.59
N ILE B 80 -8.99 37.06 -22.80
CA ILE B 80 -8.00 36.25 -23.52
C ILE B 80 -6.76 37.08 -23.69
N GLU B 81 -5.63 36.59 -23.18
CA GLU B 81 -4.35 37.24 -23.33
C GLU B 81 -3.47 36.37 -24.20
N VAL B 82 -2.98 36.93 -25.31
CA VAL B 82 -2.09 36.22 -26.22
C VAL B 82 -0.91 37.13 -26.46
N SER B 83 0.27 36.71 -26.05
CA SER B 83 1.44 37.55 -26.25
C SER B 83 2.66 36.69 -26.56
N LYS B 84 3.51 37.20 -27.44
CA LYS B 84 4.74 36.53 -27.79
C LYS B 84 5.76 36.84 -26.70
N THR B 85 5.99 35.88 -25.80
CA THR B 85 6.85 36.09 -24.65
C THR B 85 8.31 35.72 -24.92
N ALA B 86 8.62 35.20 -26.11
CA ALA B 86 9.98 34.88 -26.50
C ALA B 86 9.94 34.73 -28.01
N LYS B 87 11.13 34.59 -28.62
CA LYS B 87 11.19 34.60 -30.09
C LYS B 87 10.31 33.51 -30.69
N ASN B 88 10.31 32.32 -30.08
CA ASN B 88 9.57 31.18 -30.61
C ASN B 88 8.56 30.65 -29.60
N THR B 89 8.06 31.52 -28.72
CA THR B 89 7.09 31.13 -27.71
C THR B 89 5.94 32.12 -27.70
N VAL B 90 4.72 31.60 -27.74
CA VAL B 90 3.54 32.40 -27.50
C VAL B 90 2.86 31.87 -26.25
N SER B 91 2.54 32.79 -25.33
CA SER B 91 1.86 32.44 -24.09
C SER B 91 0.41 32.85 -24.19
N LEU B 92 -0.48 31.97 -23.74
CA LEU B 92 -1.91 32.26 -23.77
C LEU B 92 -2.49 32.12 -22.38
N LYS B 93 -3.49 32.96 -22.10
CA LYS B 93 -4.21 32.88 -20.84
C LYS B 93 -5.71 33.06 -21.12
N PHE B 94 -6.50 32.12 -20.62
CA PHE B 94 -7.95 32.17 -20.76
C PHE B 94 -8.52 32.38 -19.36
N ILE B 95 -9.17 33.54 -19.16
CA ILE B 95 -9.55 34.01 -17.83
C ILE B 95 -11.07 34.14 -17.73
N ASP B 96 -11.64 33.49 -16.71
CA ASP B 96 -13.06 33.50 -16.40
C ASP B 96 -13.90 32.99 -17.56
N PRO B 97 -13.93 31.68 -17.80
CA PRO B 97 -14.84 31.13 -18.81
C PRO B 97 -16.29 31.54 -18.53
N VAL B 98 -17.12 31.48 -19.56
CA VAL B 98 -18.52 31.87 -19.52
C VAL B 98 -19.38 30.64 -19.80
N PHE B 99 -20.36 30.37 -18.95
CA PHE B 99 -21.24 29.22 -19.19
C PHE B 99 -22.29 29.55 -20.24
N GLU B 100 -23.05 28.51 -20.63
CA GLU B 100 -24.08 28.69 -21.66
C GLU B 100 -25.15 29.66 -21.22
N ASP B 101 -25.46 29.69 -19.92
CA ASP B 101 -26.48 30.59 -19.38
C ASP B 101 -25.96 32.01 -19.19
N GLY B 102 -24.70 32.29 -19.51
CA GLY B 102 -24.17 33.63 -19.40
C GLY B 102 -23.44 33.95 -18.11
N SER B 103 -23.62 33.15 -17.05
CA SER B 103 -22.85 33.35 -15.84
C SER B 103 -21.38 33.03 -16.08
N VAL B 104 -20.54 33.36 -15.10
CA VAL B 104 -19.10 33.39 -15.25
C VAL B 104 -18.46 32.52 -14.18
N ALA B 105 -17.55 31.63 -14.59
CA ALA B 105 -16.70 30.91 -13.65
C ALA B 105 -15.58 31.86 -13.22
N LYS B 106 -15.93 32.83 -12.36
CA LYS B 106 -14.96 33.83 -11.94
C LYS B 106 -13.85 33.20 -11.12
N GLY B 107 -12.60 33.53 -11.47
CA GLY B 107 -11.45 32.95 -10.81
C GLY B 107 -10.87 31.71 -11.47
N VAL B 108 -11.58 31.09 -12.42
CA VAL B 108 -11.01 30.02 -13.20
C VAL B 108 -10.12 30.61 -14.29
N SER B 109 -8.98 29.98 -14.55
CA SER B 109 -8.13 30.41 -15.64
C SER B 109 -7.32 29.22 -16.16
N ILE B 110 -7.00 29.29 -17.46
CA ILE B 110 -6.16 28.30 -18.14
C ILE B 110 -5.03 29.02 -18.84
N ALA B 111 -3.79 28.61 -18.55
CA ALA B 111 -2.60 29.17 -19.19
C ALA B 111 -1.93 28.10 -20.04
N THR B 112 -1.53 28.48 -21.25
CA THR B 112 -0.93 27.56 -22.22
C THR B 112 0.23 28.26 -22.93
N GLU B 113 1.08 27.47 -23.57
CA GLU B 113 2.19 27.97 -24.39
C GLU B 113 2.27 27.20 -25.70
N LEU B 114 2.64 27.90 -26.77
CA LEU B 114 3.01 27.32 -28.05
C LEU B 114 4.48 27.64 -28.28
N ARG B 115 5.32 26.61 -28.42
CA ARG B 115 6.75 26.79 -28.62
C ARG B 115 7.16 26.14 -29.94
N LEU B 116 7.57 26.96 -30.88
CA LEU B 116 8.03 26.50 -32.18
C LEU B 116 9.51 26.16 -32.11
N ASP B 117 9.88 24.97 -32.59
CA ASP B 117 11.28 24.64 -32.70
C ASP B 117 11.97 25.66 -33.61
N PRO B 118 13.19 26.10 -33.28
CA PRO B 118 13.83 27.11 -34.14
C PRO B 118 14.21 26.57 -35.52
N ASN B 119 14.44 25.28 -35.65
CA ASN B 119 14.87 24.73 -36.93
C ASN B 119 13.87 23.74 -37.53
N ASN B 120 13.24 22.91 -36.72
CA ASN B 120 12.49 21.79 -37.25
C ASN B 120 11.00 22.09 -37.32
N ALA B 121 10.29 21.28 -38.11
CA ALA B 121 8.84 21.40 -38.28
C ALA B 121 8.17 20.73 -37.08
N GLN B 122 8.34 21.38 -35.94
CA GLN B 122 7.85 20.83 -34.69
C GLN B 122 7.30 21.95 -33.83
N LEU B 123 6.10 21.74 -33.28
CA LEU B 123 5.43 22.70 -32.42
C LEU B 123 5.09 21.98 -31.12
N ASP B 124 5.59 22.49 -30.01
CA ASP B 124 5.20 22.00 -28.70
C ASP B 124 4.01 22.81 -28.19
N VAL B 125 3.01 22.11 -27.67
CA VAL B 125 1.84 22.73 -27.07
C VAL B 125 1.73 22.24 -25.64
N GLU B 126 1.61 23.16 -24.69
CA GLU B 126 1.62 22.76 -23.28
C GLU B 126 0.61 23.57 -22.48
N VAL B 127 -0.17 22.86 -21.65
CA VAL B 127 -1.01 23.50 -20.64
C VAL B 127 -0.14 23.72 -19.40
N THR B 128 0.28 24.96 -19.16
CA THR B 128 1.28 25.28 -18.16
C THR B 128 0.68 25.54 -16.79
N GLU B 129 -0.56 26.02 -16.74
CA GLU B 129 -1.18 26.39 -15.48
C GLU B 129 -2.68 26.30 -15.64
N HIS B 130 -3.36 25.85 -14.59
CA HIS B 130 -4.79 25.98 -14.48
C HIS B 130 -5.12 26.37 -13.04
N ARG B 131 -6.15 27.21 -12.91
CA ARG B 131 -6.63 27.69 -11.62
C ARG B 131 -8.13 27.44 -11.52
N SER B 132 -8.56 26.87 -10.39
CA SER B 132 -9.92 26.39 -10.22
C SER B 132 -10.86 27.36 -9.52
N GLY B 133 -10.34 28.32 -8.76
CA GLY B 133 -11.21 29.10 -7.89
C GLY B 133 -12.09 28.21 -7.04
N ASN B 134 -13.37 28.58 -6.93
CA ASN B 134 -14.35 27.80 -6.21
C ASN B 134 -14.99 26.72 -7.06
N PHE B 135 -14.55 26.58 -8.30
CA PHE B 135 -15.07 25.58 -9.20
C PHE B 135 -14.15 24.37 -9.19
N THR B 136 -14.60 23.30 -9.82
CA THR B 136 -13.80 22.10 -9.95
C THR B 136 -13.63 21.81 -11.44
N LEU B 137 -12.38 21.57 -11.86
CA LEU B 137 -12.04 21.38 -13.26
C LEU B 137 -11.86 19.90 -13.58
N TYR B 138 -12.38 19.48 -14.74
CA TYR B 138 -12.20 18.12 -15.16
C TYR B 138 -11.45 18.06 -16.49
N ASP B 139 -12.11 17.71 -17.58
CA ASP B 139 -11.42 17.49 -18.85
C ASP B 139 -11.08 18.81 -19.53
N LEU B 140 -9.93 18.85 -20.18
CA LEU B 140 -9.56 19.94 -21.08
C LEU B 140 -9.08 19.32 -22.38
N ARG B 141 -9.90 19.46 -23.43
CA ARG B 141 -9.47 19.20 -24.80
C ARG B 141 -8.71 20.43 -25.25
N TYR B 142 -7.42 20.29 -25.46
CA TYR B 142 -6.58 21.39 -25.90
C TYR B 142 -5.38 20.82 -26.65
N PRO B 143 -5.15 21.24 -27.91
CA PRO B 143 -6.02 22.10 -28.73
C PRO B 143 -7.28 21.34 -29.15
N ALA B 144 -8.42 22.02 -29.19
CA ALA B 144 -9.70 21.37 -29.49
C ALA B 144 -9.89 21.29 -31.00
N ARG B 145 -10.15 20.07 -31.49
CA ARG B 145 -10.59 19.83 -32.86
C ARG B 145 -9.62 20.41 -33.89
N ALA B 146 -8.33 20.28 -33.59
CA ALA B 146 -7.25 20.77 -34.41
C ALA B 146 -6.76 19.71 -35.39
N PHE B 147 -6.07 20.16 -36.42
CA PHE B 147 -5.41 19.27 -37.38
C PHE B 147 -6.41 18.34 -38.06
N SER B 148 -7.61 18.86 -38.29
CA SER B 148 -8.66 18.00 -38.79
C SER B 148 -8.52 17.76 -40.28
N LEU B 149 -9.18 16.70 -40.74
CA LEU B 149 -9.35 16.38 -42.15
C LEU B 149 -10.81 16.55 -42.51
N LYS B 150 -11.05 17.06 -43.72
CA LYS B 150 -12.40 17.30 -44.21
C LYS B 150 -12.91 16.06 -44.93
N THR B 151 -13.97 15.45 -44.39
CA THR B 151 -14.45 14.17 -44.94
C THR B 151 -14.76 14.30 -46.43
N ASP B 152 -14.27 13.34 -47.21
CA ASP B 152 -14.46 13.22 -48.66
C ASP B 152 -13.85 14.38 -49.43
N GLU B 153 -13.02 15.19 -48.81
CA GLU B 153 -12.18 16.12 -49.54
C GLU B 153 -10.72 15.76 -49.35
N ASP B 154 -10.21 15.80 -48.13
CA ASP B 154 -8.94 15.16 -47.83
C ASP B 154 -9.07 13.66 -48.04
N LYS B 155 -8.08 13.06 -48.69
CA LYS B 155 -8.05 11.63 -48.91
C LYS B 155 -6.85 11.13 -48.10
N GLY B 156 -7.12 10.77 -46.85
CA GLY B 156 -6.09 10.38 -45.91
C GLY B 156 -6.75 9.64 -44.78
N ALA B 157 -6.28 9.85 -43.55
CA ALA B 157 -6.71 9.03 -42.45
C ALA B 157 -6.26 9.64 -41.13
N ALA B 158 -7.04 9.38 -40.09
CA ALA B 158 -6.54 9.42 -38.72
C ALA B 158 -5.67 8.19 -38.48
N VAL B 159 -4.63 8.35 -37.68
CA VAL B 159 -3.68 7.30 -37.37
C VAL B 159 -3.70 7.10 -35.85
N ILE B 160 -4.08 5.90 -35.41
CA ILE B 160 -4.34 5.65 -33.98
C ILE B 160 -3.65 4.36 -33.54
N PRO B 161 -2.67 4.40 -32.64
CA PRO B 161 -2.05 3.14 -32.21
C PRO B 161 -2.88 2.39 -31.18
N GLN B 162 -4.11 2.06 -31.56
CA GLN B 162 -4.96 1.19 -30.76
C GLN B 162 -4.45 -0.24 -30.90
N LYS B 163 -3.91 -0.78 -29.81
CA LYS B 163 -3.17 -2.04 -29.77
C LYS B 163 -2.16 -2.04 -30.91
N GLN B 164 -2.20 -3.02 -31.82
CA GLN B 164 -1.21 -3.02 -32.90
C GLN B 164 -1.34 -1.77 -33.79
N GLY B 165 -2.55 -1.24 -33.92
CA GLY B 165 -2.75 0.04 -34.59
C GLY B 165 -3.80 -0.03 -35.68
N VAL B 166 -4.42 1.12 -35.96
CA VAL B 166 -5.39 1.25 -37.04
C VAL B 166 -5.21 2.60 -37.72
N ILE B 167 -5.73 2.69 -38.93
CA ILE B 167 -5.97 3.97 -39.60
C ILE B 167 -7.45 4.07 -39.89
N CYS B 168 -7.97 5.28 -39.85
CA CYS B 168 -9.37 5.55 -40.15
C CYS B 168 -9.45 6.49 -41.33
N PRO B 169 -9.72 6.01 -42.54
CA PRO B 169 -9.78 6.90 -43.72
C PRO B 169 -10.81 8.03 -43.59
N SER B 170 -10.46 9.18 -44.19
CA SER B 170 -11.27 10.40 -44.13
C SER B 170 -12.20 10.55 -45.32
N TYR B 171 -12.64 9.45 -45.91
CA TYR B 171 -13.46 9.46 -47.11
C TYR B 171 -14.08 8.08 -47.27
N ILE B 172 -15.16 8.01 -48.02
CA ILE B 172 -15.84 6.74 -48.29
C ILE B 172 -15.21 6.14 -49.55
N PHE B 173 -15.11 4.81 -49.59
CA PHE B 173 -14.36 4.08 -50.59
C PHE B 173 -15.06 2.75 -50.82
N PRO B 174 -14.78 2.07 -51.94
CA PRO B 174 -15.43 0.77 -52.18
C PRO B 174 -14.99 -0.29 -51.19
N MET B 175 -15.93 -1.15 -50.81
CA MET B 175 -15.68 -2.27 -49.92
C MET B 175 -16.91 -3.17 -49.98
N ASN B 176 -16.79 -4.36 -49.40
CA ASN B 176 -17.91 -5.27 -49.31
C ASN B 176 -19.16 -4.54 -48.82
N GLY B 177 -20.30 -4.86 -49.42
CA GLY B 177 -21.51 -4.09 -49.15
C GLY B 177 -21.95 -4.12 -47.70
N GLY B 178 -21.81 -5.28 -47.06
CA GLY B 178 -22.15 -5.35 -45.64
C GLY B 178 -21.21 -4.50 -44.79
N ARG B 179 -19.90 -4.63 -45.02
CA ARG B 179 -18.95 -3.74 -44.35
C ARG B 179 -19.28 -2.28 -44.63
N PHE B 180 -19.66 -1.98 -45.87
CA PHE B 180 -19.92 -0.60 -46.29
C PHE B 180 -21.08 0.01 -45.52
N CYS B 181 -22.17 -0.74 -45.36
CA CYS B 181 -23.31 -0.22 -44.61
C CYS B 181 -22.92 0.10 -43.17
N LYS B 182 -22.23 -0.83 -42.50
CA LYS B 182 -21.82 -0.57 -41.13
C LYS B 182 -20.84 0.60 -41.07
N TRP B 183 -19.91 0.65 -42.01
CA TRP B 183 -18.90 1.70 -42.03
C TRP B 183 -19.56 3.07 -42.12
N ASP B 184 -20.34 3.29 -43.18
CA ASP B 184 -20.95 4.59 -43.42
C ASP B 184 -21.92 4.96 -42.30
N ASP B 185 -22.73 4.00 -41.85
CA ASP B 185 -23.69 4.26 -40.78
C ASP B 185 -22.98 4.71 -39.51
N ALA B 186 -21.83 4.11 -39.21
CA ALA B 186 -21.09 4.44 -38.00
C ALA B 186 -20.57 5.89 -38.02
N THR B 187 -20.28 6.43 -39.20
CA THR B 187 -19.84 7.82 -39.25
C THR B 187 -20.97 8.81 -38.97
N TYR B 188 -22.21 8.35 -38.92
CA TYR B 188 -23.36 9.21 -38.60
C TYR B 188 -23.96 8.90 -37.23
N ASN B 189 -23.31 8.12 -36.38
CA ASN B 189 -23.89 7.90 -35.05
C ASN B 189 -22.74 7.90 -34.04
N ASN B 190 -23.00 7.45 -32.82
CA ASN B 190 -21.99 7.61 -31.79
C ASN B 190 -20.87 6.59 -31.87
N LYS B 191 -20.92 5.65 -32.82
CA LYS B 191 -19.78 4.76 -32.97
C LYS B 191 -18.51 5.52 -33.37
N SER B 192 -18.62 6.71 -33.96
CA SER B 192 -17.47 7.40 -34.55
C SER B 192 -16.97 8.56 -33.69
N GLN B 193 -17.39 8.65 -32.44
CA GLN B 193 -16.86 9.66 -31.51
C GLN B 193 -16.72 9.03 -30.14
N GLY B 194 -15.71 9.47 -29.39
CA GLY B 194 -15.46 8.91 -28.09
C GLY B 194 -14.01 9.15 -27.70
N SER B 195 -13.55 8.41 -26.69
CA SER B 195 -12.15 8.56 -26.27
C SER B 195 -11.52 7.21 -25.94
N LEU B 196 -10.20 7.19 -25.99
CA LEU B 196 -9.37 6.05 -25.63
C LEU B 196 -8.30 6.51 -24.66
N GLU B 197 -7.77 5.56 -23.92
CA GLU B 197 -6.78 5.77 -22.88
C GLU B 197 -5.44 5.18 -23.32
N LEU B 198 -4.35 5.66 -22.71
CA LEU B 198 -3.00 5.19 -23.00
C LEU B 198 -2.61 3.96 -22.18
N PHE B 199 -2.01 2.97 -22.84
CA PHE B 199 -1.24 1.89 -22.19
C PHE B 199 -2.11 0.89 -21.41
N ASN B 200 -3.25 0.49 -21.97
CA ASN B 200 -3.98 -0.62 -21.39
C ASN B 200 -4.02 -1.77 -22.39
N ASN B 201 -4.46 -2.93 -21.92
CA ASN B 201 -4.61 -4.10 -22.79
C ASN B 201 -6.03 -4.27 -23.28
N GLY B 202 -6.88 -3.27 -23.06
CA GLY B 202 -8.23 -3.29 -23.58
C GLY B 202 -8.34 -2.51 -24.87
N THR B 203 -9.13 -1.45 -24.88
CA THR B 203 -9.46 -0.76 -26.11
C THR B 203 -8.47 0.35 -26.45
N GLY B 204 -7.47 0.59 -25.62
CA GLY B 204 -6.68 1.79 -25.73
C GLY B 204 -5.43 1.67 -26.59
N LEU B 205 -4.59 2.70 -26.44
CA LEU B 205 -3.40 2.95 -27.26
C LEU B 205 -2.17 2.34 -26.62
N THR B 206 -1.23 1.93 -27.45
CA THR B 206 -0.01 1.32 -26.96
C THR B 206 1.20 2.20 -27.21
N MET B 207 1.00 3.36 -27.81
CA MET B 207 2.08 4.32 -27.98
C MET B 207 1.50 5.71 -27.76
N PRO B 208 2.26 6.63 -27.22
CA PRO B 208 1.71 7.93 -26.81
C PRO B 208 1.71 8.95 -27.95
N TRP B 209 1.15 8.56 -29.09
CA TRP B 209 1.12 9.47 -30.22
C TRP B 209 -0.09 9.12 -31.07
N TRP B 210 -0.50 10.08 -31.89
CA TRP B 210 -1.56 9.88 -32.88
C TRP B 210 -1.44 11.00 -33.91
N GLY B 211 -2.21 10.87 -34.99
CA GLY B 211 -2.05 11.89 -36.01
C GLY B 211 -3.07 11.81 -37.11
N THR B 212 -2.93 12.74 -38.06
CA THR B 212 -3.79 12.81 -39.24
C THR B 212 -2.91 13.11 -40.44
N TYR B 213 -3.36 12.65 -41.61
CA TYR B 213 -2.63 12.99 -42.82
C TYR B 213 -3.59 13.02 -44.00
N ASN B 214 -3.24 13.86 -44.99
CA ASN B 214 -3.92 13.79 -46.27
C ASN B 214 -2.88 13.52 -47.33
N GLU B 215 -3.20 13.81 -48.59
CA GLU B 215 -2.28 13.52 -49.69
C GLU B 215 -1.11 14.48 -49.73
N LYS B 216 -1.20 15.62 -49.06
CA LYS B 216 -0.10 16.58 -49.05
C LYS B 216 0.79 16.44 -47.83
N SER B 217 0.22 16.07 -46.68
CA SER B 217 0.87 16.46 -45.44
C SER B 217 0.42 15.57 -44.29
N ALA B 218 1.33 15.32 -43.35
CA ALA B 218 1.01 14.57 -42.15
C ALA B 218 1.38 15.37 -40.91
N VAL B 219 0.59 15.19 -39.85
CA VAL B 219 0.96 15.72 -38.53
C VAL B 219 0.68 14.64 -37.48
N MET B 220 1.58 14.53 -36.51
CA MET B 220 1.38 13.65 -35.37
C MET B 220 1.78 14.40 -34.12
N GLY B 221 1.15 14.05 -33.00
CA GLY B 221 1.52 14.58 -31.70
C GLY B 221 2.05 13.48 -30.80
N ILE B 222 3.20 13.75 -30.17
CA ILE B 222 3.80 12.84 -29.19
C ILE B 222 3.56 13.40 -27.79
N VAL B 223 2.87 12.64 -26.95
CA VAL B 223 2.58 13.08 -25.60
C VAL B 223 3.82 12.98 -24.72
N ASP B 224 4.05 13.99 -23.87
CA ASP B 224 5.15 13.99 -22.92
C ASP B 224 5.18 12.72 -22.11
N VAL B 225 6.40 12.18 -21.88
CA VAL B 225 6.52 10.92 -21.16
C VAL B 225 5.87 10.97 -19.78
N SER B 226 5.73 12.16 -19.20
CA SER B 226 5.24 12.28 -17.84
C SER B 226 3.72 12.37 -17.74
N ALA B 227 3.00 12.48 -18.85
CA ALA B 227 1.57 12.77 -18.80
C ALA B 227 0.73 11.59 -19.31
N ARG B 228 -0.53 11.57 -18.90
CA ARG B 228 -1.48 10.55 -19.35
C ARG B 228 -2.79 11.22 -19.76
N PRO B 229 -2.77 11.99 -20.84
CA PRO B 229 -4.05 12.41 -21.44
C PRO B 229 -4.79 11.19 -21.98
N HIS B 230 -6.07 11.39 -22.19
CA HIS B 230 -6.85 10.51 -23.05
C HIS B 230 -6.87 11.11 -24.45
N MET B 231 -7.40 10.36 -25.40
CA MET B 231 -7.47 10.80 -26.78
C MET B 231 -8.92 10.75 -27.24
N GLN B 232 -9.49 11.91 -27.55
CA GLN B 232 -10.80 11.98 -28.17
C GLN B 232 -10.66 11.73 -29.67
N TYR B 233 -11.57 10.93 -30.24
CA TYR B 233 -11.63 10.73 -31.68
C TYR B 233 -12.98 11.19 -32.23
N ASN B 234 -12.95 11.59 -33.50
CA ASN B 234 -14.13 11.96 -34.26
C ASN B 234 -13.87 11.55 -35.69
N ILE B 235 -14.52 10.48 -36.15
CA ILE B 235 -14.15 9.85 -37.43
C ILE B 235 -15.25 10.08 -38.45
N ASN B 236 -15.13 11.19 -39.18
CA ASN B 236 -16.06 11.61 -40.22
C ASN B 236 -17.43 11.96 -39.69
N ASN B 237 -17.55 12.22 -38.39
CA ASN B 237 -18.80 12.64 -37.76
C ASN B 237 -18.94 14.16 -37.86
N ASN B 238 -20.18 14.63 -38.14
CA ASN B 238 -20.45 16.06 -38.25
C ASN B 238 -20.85 16.68 -36.93
N GLY B 239 -20.67 15.98 -35.82
CA GLY B 239 -21.04 16.52 -34.52
C GLY B 239 -22.51 16.40 -34.15
N GLN B 240 -23.28 15.59 -34.87
CA GLN B 240 -24.69 15.39 -34.50
C GLN B 240 -24.84 15.01 -33.04
N TYR B 241 -23.86 14.28 -32.48
CA TYR B 241 -23.92 13.94 -31.06
C TYR B 241 -23.97 15.16 -30.15
N LEU B 242 -23.51 16.33 -30.60
CA LEU B 242 -23.61 17.52 -29.77
C LEU B 242 -25.03 18.10 -29.75
N PHE B 243 -25.89 17.70 -30.68
CA PHE B 243 -27.19 18.32 -30.85
C PHE B 243 -28.36 17.37 -30.59
N ASN B 244 -28.12 16.08 -30.35
CA ASN B 244 -29.25 15.16 -30.23
C ASN B 244 -30.15 15.51 -29.04
N ALA B 245 -29.57 15.89 -27.90
CA ALA B 245 -30.43 16.25 -26.76
C ALA B 245 -31.21 17.52 -27.01
N LYS B 246 -30.68 18.45 -27.83
CA LYS B 246 -31.40 19.64 -28.24
C LYS B 246 -32.40 19.37 -29.36
N GLY B 247 -32.35 18.19 -29.97
CA GLY B 247 -33.28 17.87 -31.04
C GLY B 247 -33.17 18.75 -32.27
N VAL B 248 -31.95 19.16 -32.65
CA VAL B 248 -31.75 19.90 -33.90
C VAL B 248 -30.71 19.17 -34.73
N MET B 249 -30.73 19.45 -36.05
CA MET B 249 -29.74 18.88 -36.95
C MET B 249 -28.40 19.61 -36.79
N SER B 250 -27.31 18.87 -36.78
CA SER B 250 -26.01 19.52 -36.70
C SER B 250 -25.81 20.45 -37.89
N PRO B 251 -25.31 21.66 -37.67
CA PRO B 251 -24.93 22.55 -38.78
C PRO B 251 -23.48 22.42 -39.22
N TYR B 252 -22.72 21.48 -38.67
CA TYR B 252 -21.29 21.37 -38.93
C TYR B 252 -21.01 20.39 -40.05
N GLN B 253 -19.77 20.41 -40.53
CA GLN B 253 -19.34 19.52 -41.60
C GLN B 253 -18.69 18.26 -41.04
N ARG B 254 -18.80 17.18 -41.79
CA ARG B 254 -18.11 15.94 -41.45
C ARG B 254 -16.60 16.14 -41.52
N ILE B 255 -15.91 15.88 -40.40
CA ILE B 255 -14.46 16.00 -40.31
C ILE B 255 -13.90 14.83 -39.50
N VAL B 256 -12.59 14.67 -39.61
CA VAL B 256 -11.81 13.74 -38.81
C VAL B 256 -10.92 14.54 -37.88
N PHE B 257 -10.98 14.28 -36.57
CA PHE B 257 -10.00 14.87 -35.68
C PHE B 257 -9.72 13.93 -34.52
N LEU B 258 -8.57 14.18 -33.89
CA LEU B 258 -8.11 13.52 -32.68
C LEU B 258 -7.60 14.60 -31.73
N ASP B 259 -8.07 14.59 -30.48
CA ASP B 259 -7.68 15.63 -29.51
C ASP B 259 -7.06 15.02 -28.26
N PRO B 260 -6.02 15.64 -27.69
CA PRO B 260 -5.64 15.31 -26.31
C PRO B 260 -6.71 15.73 -25.32
N ILE B 261 -6.99 14.87 -24.36
CA ILE B 261 -7.86 15.22 -23.24
C ILE B 261 -7.00 15.24 -21.99
N TRP B 262 -6.70 16.43 -21.49
CA TRP B 262 -5.94 16.59 -20.26
C TRP B 262 -6.89 16.44 -19.08
N LYS B 263 -6.64 15.46 -18.23
CA LYS B 263 -7.49 15.18 -17.08
C LYS B 263 -7.06 16.09 -15.96
N LEU B 264 -7.64 17.30 -15.91
CA LEU B 264 -7.11 18.32 -15.02
C LEU B 264 -7.26 17.91 -13.55
N ASP B 265 -8.30 17.15 -13.23
CA ASP B 265 -8.51 16.67 -11.87
C ASP B 265 -7.51 15.61 -11.43
N GLN B 266 -6.72 15.05 -12.35
CA GLN B 266 -5.87 13.90 -12.04
C GLN B 266 -4.42 14.10 -12.40
N GLU B 267 -4.15 14.93 -13.41
CA GLU B 267 -2.86 14.94 -14.08
C GLU B 267 -1.81 15.65 -13.22
N LYS B 268 -0.72 14.95 -12.93
CA LYS B 268 0.39 15.53 -12.18
C LYS B 268 1.63 15.67 -13.04
N GLY B 269 1.59 15.26 -14.30
CA GLY B 269 2.71 15.39 -15.21
C GLY B 269 2.70 16.71 -15.96
N LYS B 270 3.63 16.82 -16.89
CA LYS B 270 3.77 18.00 -17.74
C LYS B 270 2.82 17.84 -18.93
N MET B 271 1.86 18.75 -19.06
CA MET B 271 0.78 18.57 -20.04
C MET B 271 1.24 19.12 -21.39
N ARG B 272 2.23 18.45 -21.94
CA ARG B 272 2.86 18.85 -23.19
C ARG B 272 2.61 17.78 -24.23
N ILE B 273 2.28 18.23 -25.44
CA ILE B 273 2.26 17.35 -26.62
C ILE B 273 3.12 18.01 -27.67
N SER B 274 3.92 17.22 -28.37
CA SER B 274 4.86 17.73 -29.38
C SER B 274 4.34 17.32 -30.75
N TYR B 275 3.99 18.30 -31.56
CA TYR B 275 3.48 18.01 -32.90
C TYR B 275 4.62 18.07 -33.90
N HIS B 276 4.69 17.04 -34.74
CA HIS B 276 5.69 16.90 -35.81
C HIS B 276 4.96 16.91 -37.15
N PHE B 277 5.45 17.72 -38.08
CA PHE B 277 4.79 17.95 -39.37
C PHE B 277 5.65 17.34 -40.47
N ILE B 278 5.08 16.39 -41.21
CA ILE B 278 5.85 15.60 -42.18
C ILE B 278 5.27 15.83 -43.57
N PRO B 279 5.98 16.56 -44.43
CA PRO B 279 5.48 16.79 -45.79
C PRO B 279 5.38 15.47 -46.53
N GLY B 280 4.20 15.19 -47.10
CA GLY B 280 4.03 13.96 -47.84
C GLY B 280 4.03 12.70 -47.00
N GLY B 281 3.94 12.81 -45.67
CA GLY B 281 4.04 11.66 -44.80
C GLY B 281 2.71 10.90 -44.60
N ASP B 282 2.81 9.67 -44.12
CA ASP B 282 1.63 8.93 -43.72
C ASP B 282 1.96 8.18 -42.43
N TYR B 283 1.17 7.15 -42.13
CA TYR B 283 1.31 6.45 -40.86
C TYR B 283 2.70 5.85 -40.70
N VAL B 284 3.34 5.48 -41.81
CA VAL B 284 4.68 4.89 -41.73
C VAL B 284 5.69 5.93 -41.24
N ASP B 285 5.65 7.11 -41.85
CA ASP B 285 6.58 8.17 -41.46
C ASP B 285 6.33 8.59 -40.02
N MET B 286 5.06 8.62 -39.60
CA MET B 286 4.76 8.92 -38.20
C MET B 286 5.41 7.90 -37.28
N ALA B 287 5.23 6.62 -37.60
CA ALA B 287 5.84 5.55 -36.81
C ALA B 287 7.36 5.72 -36.74
N LYS B 288 7.99 6.07 -37.84
CA LYS B 288 9.45 6.16 -37.81
C LYS B 288 9.87 7.37 -36.98
N VAL B 289 9.08 8.43 -36.98
CA VAL B 289 9.39 9.57 -36.12
C VAL B 289 9.26 9.17 -34.65
N TYR B 290 8.19 8.46 -34.29
CA TYR B 290 8.09 8.05 -32.89
C TYR B 290 9.19 7.06 -32.53
N GLN B 291 9.68 6.28 -33.50
CA GLN B 291 10.70 5.29 -33.18
C GLN B 291 11.94 5.97 -32.62
N LYS B 292 12.33 7.11 -33.18
CA LYS B 292 13.45 7.85 -32.61
C LYS B 292 13.19 8.24 -31.16
N GLU B 293 11.96 8.65 -30.86
CA GLU B 293 11.60 9.02 -29.49
C GLU B 293 11.56 7.79 -28.60
N ALA B 294 11.12 6.66 -29.16
CA ALA B 294 11.10 5.40 -28.43
C ALA B 294 12.50 5.00 -27.98
N LYS B 295 13.48 5.15 -28.87
CA LYS B 295 14.86 4.87 -28.48
C LYS B 295 15.34 5.83 -27.40
N ALA B 296 15.00 7.13 -27.52
CA ALA B 296 15.44 8.11 -26.54
C ALA B 296 14.85 7.81 -25.16
N ARG B 297 13.62 7.31 -25.12
CA ARG B 297 12.96 6.93 -23.86
C ARG B 297 13.49 5.65 -23.25
N GLY B 298 14.36 4.92 -23.95
CA GLY B 298 14.92 3.72 -23.41
C GLY B 298 14.09 2.46 -23.57
N HIS B 299 12.98 2.51 -24.32
CA HIS B 299 12.13 1.34 -24.51
C HIS B 299 12.73 0.35 -25.51
N PHE B 300 13.54 0.84 -26.44
CA PHE B 300 13.98 0.06 -27.59
C PHE B 300 15.26 -0.69 -27.20
N VAL B 301 15.15 -1.99 -26.96
CA VAL B 301 16.29 -2.88 -26.82
C VAL B 301 16.13 -3.97 -27.86
N SER B 302 17.09 -4.07 -28.78
CA SER B 302 16.85 -4.85 -30.00
C SER B 302 16.93 -6.35 -29.74
N LEU B 303 16.26 -7.11 -30.61
CA LEU B 303 16.32 -8.57 -30.52
C LEU B 303 17.74 -9.07 -30.80
N GLN B 304 18.52 -8.34 -31.58
CA GLN B 304 19.92 -8.73 -31.78
C GLN B 304 20.71 -8.60 -30.50
N GLU B 305 20.51 -7.50 -29.76
CA GLU B 305 21.11 -7.37 -28.44
C GLU B 305 20.66 -8.50 -27.52
N LYS B 306 19.37 -8.80 -27.54
CA LYS B 306 18.84 -9.86 -26.71
C LYS B 306 19.41 -11.21 -27.11
N LEU B 307 19.63 -11.41 -28.41
CA LEU B 307 20.24 -12.65 -28.91
C LEU B 307 21.68 -12.77 -28.45
N LYS B 308 22.43 -11.65 -28.46
CA LYS B 308 23.80 -11.69 -27.94
C LYS B 308 23.81 -12.13 -26.48
N ARG B 309 22.85 -11.66 -25.69
CA ARG B 309 22.81 -12.04 -24.29
C ARG B 309 22.34 -13.47 -24.09
N ASN B 310 21.47 -13.97 -24.96
CA ASN B 310 20.91 -15.32 -24.83
C ASN B 310 20.79 -15.97 -26.22
N PRO B 311 21.71 -16.86 -26.58
CA PRO B 311 21.57 -17.55 -27.87
C PRO B 311 20.25 -18.26 -28.07
N ASN B 312 19.56 -18.68 -26.99
CA ASN B 312 18.29 -19.39 -27.15
C ASN B 312 17.19 -18.51 -27.74
N VAL B 313 17.41 -17.20 -27.85
CA VAL B 313 16.45 -16.35 -28.56
C VAL B 313 16.27 -16.87 -29.97
N ASN B 314 17.31 -17.46 -30.54
CA ASN B 314 17.21 -17.88 -31.93
C ASN B 314 16.39 -19.16 -32.11
N LYS B 315 15.74 -19.68 -31.07
CA LYS B 315 14.76 -20.73 -31.22
C LYS B 315 13.37 -20.19 -31.50
N LEU B 316 13.19 -18.86 -31.46
CA LEU B 316 11.94 -18.15 -31.76
C LEU B 316 11.68 -17.94 -33.25
N PRO B 317 12.67 -17.57 -34.07
CA PRO B 317 12.38 -17.30 -35.48
C PRO B 317 11.89 -18.56 -36.18
N GLY B 318 10.73 -18.46 -36.83
CA GLY B 318 10.09 -19.60 -37.44
C GLY B 318 9.38 -20.53 -36.47
N ALA B 319 9.29 -20.17 -35.19
CA ALA B 319 8.59 -21.02 -34.24
C ALA B 319 7.11 -20.73 -34.27
N ILE B 320 6.31 -21.79 -34.25
CA ILE B 320 4.90 -21.66 -33.94
C ILE B 320 4.73 -21.66 -32.43
N TYR B 321 3.91 -20.75 -31.93
CA TYR B 321 3.56 -20.70 -30.51
C TYR B 321 2.33 -21.56 -30.27
N PHE B 322 2.49 -22.66 -29.54
CA PHE B 322 1.42 -23.59 -29.21
C PHE B 322 1.03 -23.38 -27.75
N GLY B 323 -0.24 -23.08 -27.51
CA GLY B 323 -0.71 -23.08 -26.15
C GLY B 323 -1.61 -24.26 -25.95
N ILE B 324 -1.25 -25.16 -25.06
CA ILE B 324 -2.04 -26.35 -24.77
C ILE B 324 -2.82 -26.02 -23.52
N TYR B 325 -4.12 -25.77 -23.67
CA TYR B 325 -4.91 -25.17 -22.61
C TYR B 325 -5.66 -26.27 -21.86
N GLY B 326 -5.21 -26.55 -20.64
CA GLY B 326 -5.78 -27.63 -19.87
C GLY B 326 -6.80 -27.18 -18.85
N GLY B 327 -7.42 -26.02 -19.07
CA GLY B 327 -8.43 -25.54 -18.14
C GLY B 327 -7.87 -24.79 -16.95
N TYR B 328 -6.58 -24.66 -16.87
CA TYR B 328 -5.81 -23.96 -15.85
C TYR B 328 -5.28 -22.67 -16.44
N PRO B 329 -5.27 -21.55 -15.69
CA PRO B 329 -5.40 -21.35 -14.24
C PRO B 329 -6.80 -21.35 -13.71
N HIS B 330 -7.77 -21.41 -14.62
CA HIS B 330 -9.16 -21.26 -14.23
C HIS B 330 -9.61 -22.37 -13.28
N TYR B 331 -9.16 -23.60 -13.53
CA TYR B 331 -9.54 -24.75 -12.72
C TYR B 331 -8.31 -25.64 -12.53
N VAL B 332 -8.28 -26.36 -11.42
CA VAL B 332 -7.25 -27.36 -11.17
C VAL B 332 -7.78 -28.71 -11.62
N ASN B 333 -7.07 -29.34 -12.55
CA ASN B 333 -7.38 -30.69 -13.02
C ASN B 333 -8.83 -30.82 -13.46
N MET B 334 -9.26 -29.95 -14.35
CA MET B 334 -10.66 -30.03 -14.78
C MET B 334 -10.94 -31.22 -15.70
N PRO B 335 -11.90 -32.08 -15.37
CA PRO B 335 -12.23 -33.20 -16.27
C PRO B 335 -12.63 -32.71 -17.65
N GLY B 336 -12.18 -33.42 -18.68
CA GLY B 336 -12.43 -33.04 -20.05
C GLY B 336 -11.59 -31.90 -20.61
N MET B 337 -10.69 -31.31 -19.81
CA MET B 337 -9.79 -30.25 -20.29
C MET B 337 -8.34 -30.47 -19.89
N ALA B 338 -8.08 -30.86 -18.65
CA ALA B 338 -6.72 -31.06 -18.19
C ALA B 338 -6.04 -32.16 -18.99
N PHE B 339 -4.78 -31.92 -19.36
CA PHE B 339 -3.93 -32.96 -19.93
C PHE B 339 -3.11 -33.62 -18.84
N THR B 340 -2.80 -34.91 -19.03
CA THR B 340 -1.74 -35.47 -18.21
C THR B 340 -0.39 -35.10 -18.79
N PHE B 341 0.66 -35.38 -18.04
CA PHE B 341 2.00 -35.07 -18.54
C PHE B 341 2.40 -36.01 -19.66
N ASP B 342 1.99 -37.28 -19.59
CA ASP B 342 2.23 -38.19 -20.71
C ASP B 342 1.51 -37.70 -21.96
N GLU B 343 0.30 -37.14 -21.80
CA GLU B 343 -0.43 -36.61 -22.94
C GLU B 343 0.28 -35.39 -23.54
N LEU B 344 0.77 -34.51 -22.66
CA LEU B 344 1.61 -33.40 -23.10
C LEU B 344 2.80 -33.87 -23.94
N LYS B 345 3.51 -34.89 -23.46
CA LYS B 345 4.67 -35.40 -24.19
C LYS B 345 4.26 -35.92 -25.56
N ASN B 346 3.13 -36.62 -25.64
CA ASN B 346 2.67 -37.17 -26.90
C ASN B 346 2.24 -36.07 -27.88
N ILE B 347 1.71 -34.96 -27.39
CA ILE B 347 1.40 -33.85 -28.28
C ILE B 347 2.68 -33.23 -28.83
N ILE B 348 3.66 -33.00 -27.97
CA ILE B 348 4.95 -32.47 -28.41
C ILE B 348 5.57 -33.39 -29.46
N LYS B 349 5.53 -34.70 -29.21
CA LYS B 349 6.10 -35.65 -30.16
C LYS B 349 5.38 -35.59 -31.51
N THR B 350 4.05 -35.54 -31.49
CA THR B 350 3.29 -35.51 -32.75
C THR B 350 3.57 -34.25 -33.54
N ILE B 351 3.64 -33.10 -32.86
CA ILE B 351 3.99 -31.84 -33.51
C ILE B 351 5.33 -31.96 -34.23
N HIS B 352 6.30 -32.62 -33.60
CA HIS B 352 7.63 -32.71 -34.21
C HIS B 352 7.71 -33.82 -35.27
N ASP B 353 7.36 -35.04 -34.91
CA ASP B 353 7.55 -36.20 -35.80
C ASP B 353 6.50 -36.26 -36.90
N ASP B 354 5.21 -36.08 -36.55
CA ASP B 354 4.11 -36.16 -37.51
C ASP B 354 4.00 -34.89 -38.34
N LEU B 355 3.89 -33.74 -37.68
CA LEU B 355 3.64 -32.48 -38.35
C LEU B 355 4.93 -31.75 -38.76
N ARG B 356 6.09 -32.35 -38.49
CA ARG B 356 7.39 -31.84 -38.97
C ARG B 356 7.56 -30.35 -38.68
N VAL B 357 7.15 -29.94 -37.49
CA VAL B 357 7.34 -28.55 -37.10
C VAL B 357 8.77 -28.42 -36.57
N ASP B 358 9.56 -27.60 -37.24
CA ASP B 358 10.98 -27.55 -36.93
C ASP B 358 11.26 -26.72 -35.67
N LYS B 359 10.45 -25.73 -35.39
CA LYS B 359 10.72 -24.80 -34.30
C LYS B 359 9.39 -24.51 -33.63
N ALA B 360 9.40 -24.43 -32.30
CA ALA B 360 8.13 -24.27 -31.59
C ALA B 360 8.38 -23.69 -30.20
N PHE B 361 7.40 -22.93 -29.73
CA PHE B 361 7.30 -22.51 -28.33
C PHE B 361 6.11 -23.24 -27.74
N VAL B 362 6.37 -24.25 -26.92
CA VAL B 362 5.29 -25.03 -26.32
C VAL B 362 4.97 -24.43 -24.97
N HIS B 363 3.73 -24.03 -24.78
CA HIS B 363 3.27 -23.36 -23.57
C HIS B 363 2.14 -24.18 -22.95
N ALA B 364 2.43 -24.84 -21.82
CA ALA B 364 1.52 -25.84 -21.24
C ALA B 364 0.76 -25.22 -20.07
N TRP B 365 -0.56 -25.06 -20.21
CA TRP B 365 -1.39 -24.41 -19.20
C TRP B 365 -2.02 -25.47 -18.32
N GLY B 366 -1.45 -25.69 -17.15
CA GLY B 366 -1.97 -26.68 -16.24
C GLY B 366 -0.91 -27.69 -15.80
N THR B 367 0.07 -27.23 -15.02
CA THR B 367 1.13 -28.11 -14.55
C THR B 367 1.19 -28.21 -13.02
N PHE B 368 0.38 -27.44 -12.31
CA PHE B 368 0.47 -27.30 -10.86
C PHE B 368 -0.85 -27.69 -10.20
N SER B 369 -0.77 -28.19 -8.97
CA SER B 369 -1.97 -28.64 -8.26
C SER B 369 -2.51 -27.61 -7.29
N ASN B 370 -1.92 -26.42 -7.25
CA ASN B 370 -2.52 -25.28 -6.58
C ASN B 370 -2.91 -24.21 -7.59
N PHE B 371 -3.86 -23.37 -7.20
CA PHE B 371 -4.19 -22.19 -7.99
C PHE B 371 -3.06 -21.17 -7.97
N VAL B 372 -2.83 -20.52 -9.11
CA VAL B 372 -2.01 -19.29 -9.07
C VAL B 372 -2.64 -18.34 -8.07
N PRO B 373 -1.87 -17.51 -7.35
CA PRO B 373 -0.44 -17.21 -7.53
C PRO B 373 0.55 -18.15 -6.81
N HIS B 374 0.08 -19.34 -6.41
CA HIS B 374 0.97 -20.36 -5.84
C HIS B 374 1.21 -21.38 -6.94
N ASN B 375 2.28 -21.13 -7.70
CA ASN B 375 2.59 -21.86 -8.94
C ASN B 375 3.37 -23.14 -8.65
N TYR B 376 2.78 -24.02 -7.81
CA TYR B 376 3.47 -25.19 -7.28
C TYR B 376 2.51 -26.00 -6.41
N PRO B 377 2.78 -27.29 -6.18
CA PRO B 377 3.86 -28.08 -6.78
C PRO B 377 3.47 -28.55 -8.16
N ILE B 378 4.43 -29.10 -8.90
CA ILE B 378 4.09 -29.85 -10.09
C ILE B 378 3.09 -30.93 -9.70
N SER B 379 2.06 -31.10 -10.51
CA SER B 379 0.89 -31.83 -10.07
C SER B 379 1.16 -33.34 -10.04
N GLU B 380 0.89 -33.96 -8.88
CA GLU B 380 0.96 -35.41 -8.80
C GLU B 380 -0.14 -36.07 -9.64
N ALA B 381 -1.35 -35.52 -9.61
CA ALA B 381 -2.46 -36.16 -10.34
C ALA B 381 -2.19 -36.20 -11.84
N LEU B 382 -1.48 -35.21 -12.39
CA LEU B 382 -1.17 -35.23 -13.81
C LEU B 382 0.03 -36.11 -14.14
N GLY B 383 0.71 -36.65 -13.13
CA GLY B 383 1.84 -37.53 -13.38
C GLY B 383 3.08 -37.20 -12.58
N GLY B 384 3.12 -36.03 -11.93
CA GLY B 384 4.22 -35.68 -11.07
C GLY B 384 5.45 -35.14 -11.78
N PRO B 385 6.43 -34.65 -11.00
CA PRO B 385 7.59 -33.98 -11.59
C PRO B 385 8.35 -34.75 -12.66
N GLU B 386 8.58 -36.06 -12.47
CA GLU B 386 9.42 -36.80 -13.43
C GLU B 386 8.76 -36.89 -14.80
N LYS B 387 7.43 -37.08 -14.84
CA LYS B 387 6.73 -37.15 -16.11
C LYS B 387 6.65 -35.79 -16.80
N LEU B 388 6.54 -34.71 -16.03
CA LEU B 388 6.63 -33.39 -16.68
C LEU B 388 8.02 -33.17 -17.24
N LYS B 389 9.07 -33.54 -16.47
CA LYS B 389 10.44 -33.38 -16.93
C LYS B 389 10.67 -34.15 -18.23
N ALA B 390 10.10 -35.35 -18.34
CA ALA B 390 10.18 -36.12 -19.58
C ALA B 390 9.57 -35.37 -20.76
N ALA B 391 8.39 -34.77 -20.56
CA ALA B 391 7.81 -33.95 -21.63
C ALA B 391 8.72 -32.78 -22.00
N VAL B 392 9.25 -32.09 -21.01
CA VAL B 392 10.11 -30.93 -21.26
C VAL B 392 11.42 -31.37 -21.90
N ASP B 393 11.97 -32.50 -21.47
CA ASP B 393 13.22 -32.99 -22.02
C ASP B 393 13.05 -33.38 -23.49
N LEU B 394 11.88 -33.92 -23.84
CA LEU B 394 11.58 -34.20 -25.23
C LEU B 394 11.53 -32.91 -26.05
N ALA B 395 10.80 -31.89 -25.56
CA ALA B 395 10.78 -30.62 -26.27
C ALA B 395 12.19 -30.05 -26.44
N LYS B 396 13.01 -30.10 -25.37
CA LYS B 396 14.36 -29.57 -25.50
C LYS B 396 15.19 -30.37 -26.51
N SER B 397 14.98 -31.68 -26.61
CA SER B 397 15.74 -32.49 -27.56
C SER B 397 15.39 -32.15 -29.00
N TYR B 398 14.21 -31.58 -29.23
CA TYR B 398 13.85 -31.03 -30.53
C TYR B 398 14.35 -29.61 -30.74
N GLY B 399 14.91 -28.98 -29.72
CA GLY B 399 15.22 -27.57 -29.84
C GLY B 399 14.04 -26.66 -29.66
N TYR B 400 12.93 -27.16 -29.10
CA TYR B 400 11.75 -26.33 -28.81
C TYR B 400 11.95 -25.53 -27.52
N LEU B 401 11.30 -24.37 -27.46
CA LEU B 401 11.14 -23.68 -26.20
C LEU B 401 9.95 -24.27 -25.45
N TYR B 402 10.04 -24.28 -24.11
CA TYR B 402 8.96 -24.77 -23.27
C TYR B 402 8.72 -23.80 -22.12
N SER B 403 7.45 -23.53 -21.82
CA SER B 403 7.09 -22.88 -20.56
C SER B 403 5.77 -23.44 -20.05
N SER B 404 5.65 -23.46 -18.72
CA SER B 404 4.37 -23.67 -18.07
C SER B 404 3.61 -22.36 -17.99
N TYR B 405 2.32 -22.43 -17.62
CA TYR B 405 1.58 -21.21 -17.33
C TYR B 405 1.95 -20.72 -15.93
N HIS B 406 2.26 -19.42 -15.81
CA HIS B 406 2.60 -18.77 -14.55
C HIS B 406 1.82 -17.47 -14.42
N ALA B 407 1.41 -17.16 -13.19
CA ALA B 407 0.87 -15.84 -12.92
C ALA B 407 0.98 -15.58 -11.43
N TYR B 408 1.37 -14.36 -11.06
CA TYR B 408 1.58 -13.98 -9.67
C TYR B 408 0.59 -12.92 -9.24
N SER B 409 -0.22 -12.44 -10.15
CA SER B 409 -1.21 -11.39 -9.91
C SER B 409 -2.62 -11.87 -9.52
N PRO B 410 -3.05 -13.09 -9.80
CA PRO B 410 -4.44 -13.45 -9.52
C PRO B 410 -4.69 -13.70 -8.04
N MET B 411 -5.96 -13.52 -7.65
CA MET B 411 -6.48 -13.99 -6.37
C MET B 411 -7.91 -14.46 -6.64
N LEU B 412 -8.11 -15.77 -6.73
CA LEU B 412 -9.29 -16.37 -7.33
C LEU B 412 -10.29 -16.82 -6.27
N GLU B 413 -11.56 -16.49 -6.49
CA GLU B 413 -12.66 -16.88 -5.62
C GLU B 413 -12.71 -18.38 -5.39
N ASN B 414 -12.38 -19.18 -6.40
CA ASN B 414 -12.50 -20.62 -6.23
C ASN B 414 -11.22 -21.26 -5.66
N ASP B 415 -10.22 -20.46 -5.30
CA ASP B 415 -9.00 -20.95 -4.64
C ASP B 415 -9.24 -21.09 -3.14
N PRO B 416 -9.02 -22.28 -2.55
CA PRO B 416 -9.16 -22.40 -1.09
C PRO B 416 -8.19 -21.51 -0.33
N ASN B 417 -7.06 -21.13 -0.92
CA ASN B 417 -6.10 -20.22 -0.32
C ASN B 417 -6.43 -18.75 -0.57
N PHE B 418 -7.62 -18.43 -1.07
CA PHE B 418 -8.01 -17.05 -1.30
C PHE B 418 -7.85 -16.23 -0.02
N THR B 419 -7.30 -15.02 -0.15
CA THR B 419 -7.21 -14.10 0.96
C THR B 419 -7.16 -12.68 0.43
N THR B 420 -7.86 -11.78 1.12
CA THR B 420 -7.74 -10.38 0.76
C THR B 420 -6.45 -9.75 1.29
N ASP B 421 -5.63 -10.51 2.06
CA ASP B 421 -4.39 -9.95 2.62
C ASP B 421 -3.39 -9.57 1.54
N LEU B 422 -3.45 -10.23 0.40
CA LEU B 422 -2.52 -9.94 -0.69
C LEU B 422 -3.04 -8.87 -1.65
N MET B 423 -4.21 -8.31 -1.38
CA MET B 423 -4.80 -7.35 -2.30
C MET B 423 -4.39 -5.93 -1.90
N GLN B 424 -4.77 -4.97 -2.74
CA GLN B 424 -4.43 -3.57 -2.50
C GLN B 424 -5.69 -2.81 -2.08
N ARG B 425 -5.52 -1.83 -1.22
CA ARG B 425 -6.62 -0.98 -0.77
C ARG B 425 -6.34 0.46 -1.19
N ASP B 426 -7.42 1.19 -1.47
CA ASP B 426 -7.33 2.55 -1.98
C ASP B 426 -7.35 3.54 -0.82
N ALA B 427 -7.39 4.83 -1.14
CA ALA B 427 -7.22 5.86 -0.13
C ALA B 427 -8.33 5.81 0.91
N GLU B 428 -9.46 5.16 0.58
CA GLU B 428 -10.57 5.03 1.52
C GLU B 428 -10.54 3.71 2.25
N GLY B 429 -9.49 2.91 2.06
CA GLY B 429 -9.39 1.61 2.68
C GLY B 429 -10.17 0.50 2.00
N LYS B 430 -10.73 0.74 0.81
CA LYS B 430 -11.54 -0.26 0.12
C LYS B 430 -10.67 -1.12 -0.77
N LEU B 431 -10.99 -2.42 -0.84
CA LEU B 431 -10.24 -3.31 -1.71
C LEU B 431 -10.30 -2.82 -3.16
N MET B 432 -9.20 -3.00 -3.88
CA MET B 432 -9.13 -2.60 -5.26
C MET B 432 -9.18 -3.84 -6.15
N ASN B 433 -9.78 -3.67 -7.33
CA ASN B 433 -9.93 -4.74 -8.32
C ASN B 433 -10.76 -5.88 -7.77
N THR B 434 -11.73 -5.60 -6.90
CA THR B 434 -12.68 -6.63 -6.53
C THR B 434 -13.41 -7.21 -7.74
N GLY B 435 -13.52 -6.45 -8.82
CA GLY B 435 -14.18 -6.96 -10.01
C GLY B 435 -13.22 -7.47 -11.06
N SER B 436 -11.93 -7.71 -10.68
CA SER B 436 -10.94 -8.06 -11.69
C SER B 436 -10.00 -9.15 -11.16
N ARG B 437 -10.49 -10.40 -11.20
CA ARG B 437 -9.88 -11.48 -10.42
C ARG B 437 -8.43 -11.76 -10.83
N TRP B 438 -8.06 -11.54 -12.08
CA TRP B 438 -6.72 -11.91 -12.52
C TRP B 438 -5.66 -10.89 -12.11
N ALA B 439 -6.05 -9.74 -11.59
CA ALA B 439 -5.11 -8.68 -11.22
C ALA B 439 -5.50 -8.10 -9.85
N ARG B 440 -5.51 -8.96 -8.83
CA ARG B 440 -5.86 -8.54 -7.48
C ARG B 440 -4.67 -8.45 -6.54
N VAL B 441 -3.60 -9.20 -6.79
CA VAL B 441 -2.44 -9.15 -5.90
C VAL B 441 -1.71 -7.83 -6.14
N ASP B 442 -1.47 -7.09 -5.06
CA ASP B 442 -0.67 -5.88 -5.16
C ASP B 442 0.68 -6.22 -5.80
N PRO B 443 1.11 -5.49 -6.84
CA PRO B 443 2.41 -5.77 -7.44
C PRO B 443 3.57 -5.79 -6.46
N LYS B 444 3.46 -5.07 -5.34
CA LYS B 444 4.55 -5.06 -4.37
C LYS B 444 4.74 -6.41 -3.71
N PHE B 445 3.77 -7.33 -3.84
CA PHE B 445 3.90 -8.67 -3.33
C PHE B 445 4.36 -9.68 -4.38
N GLN B 446 4.38 -9.29 -5.65
CA GLN B 446 4.43 -10.33 -6.67
C GLN B 446 5.82 -10.96 -6.83
N LYS B 447 6.90 -10.20 -6.65
CA LYS B 447 8.23 -10.82 -6.67
C LYS B 447 8.37 -11.89 -5.57
N GLY B 448 7.91 -11.58 -4.36
CA GLY B 448 7.93 -12.59 -3.30
C GLY B 448 7.16 -13.86 -3.65
N LEU B 449 6.03 -13.72 -4.36
CA LEU B 449 5.29 -14.90 -4.77
C LEU B 449 6.03 -15.69 -5.84
N ALA B 450 6.60 -14.99 -6.82
CA ALA B 450 7.40 -15.68 -7.83
C ALA B 450 8.59 -16.39 -7.19
N GLN B 451 9.21 -15.76 -6.18
CA GLN B 451 10.37 -16.34 -5.49
C GLN B 451 10.07 -17.68 -4.83
N LYS B 452 8.81 -17.97 -4.51
CA LYS B 452 8.53 -19.18 -3.76
C LYS B 452 8.90 -20.45 -4.53
N ASN B 453 8.81 -20.43 -5.86
CA ASN B 453 9.12 -21.66 -6.57
C ASN B 453 9.79 -21.50 -7.94
N ILE B 454 9.85 -20.30 -8.49
CA ILE B 454 10.28 -20.19 -9.88
C ILE B 454 11.70 -20.73 -10.06
N GLU B 455 12.61 -20.46 -9.10
CA GLU B 455 13.98 -20.92 -9.22
C GLU B 455 14.08 -22.44 -9.09
N LYS B 456 13.24 -23.04 -8.23
CA LYS B 456 13.20 -24.49 -8.11
C LYS B 456 12.65 -25.14 -9.39
N GLU B 457 11.63 -24.54 -10.01
CA GLU B 457 11.13 -25.07 -11.27
C GLU B 457 12.17 -24.92 -12.39
N ILE B 458 12.85 -23.77 -12.48
CA ILE B 458 13.91 -23.60 -13.49
C ILE B 458 14.98 -24.68 -13.30
N SER B 459 15.42 -24.84 -12.06
CA SER B 459 16.50 -25.78 -11.78
C SER B 459 16.05 -27.23 -12.03
N TYR B 460 14.87 -27.59 -11.56
CA TYR B 460 14.45 -28.99 -11.72
C TYR B 460 14.19 -29.34 -13.18
N LEU B 461 13.47 -28.49 -13.89
CA LEU B 461 13.11 -28.83 -15.26
C LEU B 461 14.18 -28.42 -16.27
N GLY B 462 15.23 -27.73 -15.84
CA GLY B 462 16.22 -27.23 -16.78
C GLY B 462 15.61 -26.27 -17.78
N LEU B 463 14.81 -25.32 -17.29
CA LEU B 463 14.04 -24.43 -18.15
C LEU B 463 14.94 -23.50 -18.94
N GLU B 464 14.54 -23.23 -20.19
CA GLU B 464 15.18 -22.26 -21.07
C GLU B 464 14.29 -21.07 -21.38
N ALA B 465 13.00 -21.14 -21.03
CA ALA B 465 12.04 -20.12 -21.36
C ALA B 465 11.06 -19.95 -20.22
N ASP B 466 10.35 -18.82 -20.23
CA ASP B 466 9.30 -18.58 -19.26
C ASP B 466 8.34 -17.57 -19.86
N ILE B 467 7.03 -17.79 -19.65
CA ILE B 467 6.01 -16.83 -20.02
C ILE B 467 5.18 -16.55 -18.78
N THR B 468 4.93 -15.27 -18.52
CA THR B 468 4.18 -14.83 -17.35
C THR B 468 2.92 -14.07 -17.81
N ASP B 469 1.77 -14.40 -17.22
CA ASP B 469 0.48 -13.80 -17.62
C ASP B 469 0.19 -12.53 -16.82
N ILE B 470 -0.59 -11.64 -17.44
CA ILE B 470 -1.30 -10.52 -16.80
C ILE B 470 -0.42 -9.34 -16.38
N THR B 471 0.64 -9.57 -15.59
CA THR B 471 1.26 -8.46 -14.85
C THR B 471 1.80 -7.37 -15.78
N PHE B 472 2.20 -7.74 -17.00
CA PHE B 472 2.84 -6.79 -17.91
C PHE B 472 2.00 -6.48 -19.13
N ALA B 473 0.67 -6.65 -19.04
CA ALA B 473 -0.21 -6.38 -20.17
C ALA B 473 -0.57 -4.92 -20.28
N ALA B 474 -0.40 -4.14 -19.21
CA ALA B 474 -0.68 -2.71 -19.21
C ALA B 474 0.52 -1.99 -18.62
N TYR B 475 0.46 -0.63 -18.66
CA TYR B 475 1.45 0.18 -17.96
C TYR B 475 0.76 1.34 -17.24
N ARG B 476 0.16 1.04 -16.10
CA ARG B 476 -0.51 2.02 -15.26
C ARG B 476 0.44 2.50 -14.17
N GLU B 477 0.17 3.72 -13.65
CA GLU B 477 1.01 4.28 -12.60
C GLU B 477 0.92 3.47 -11.32
N ASN B 478 -0.29 3.12 -10.91
CA ASN B 478 -0.48 2.45 -9.63
C ASN B 478 0.11 1.04 -9.68
N GLY B 479 1.04 0.75 -8.78
CA GLY B 479 1.67 -0.54 -8.69
C GLY B 479 2.88 -0.71 -9.59
N LYS B 480 3.28 0.35 -10.29
CA LYS B 480 4.33 0.25 -11.30
C LYS B 480 5.65 -0.21 -10.71
N GLU B 481 6.02 0.32 -9.53
CA GLU B 481 7.28 -0.06 -8.88
C GLU B 481 7.34 -1.56 -8.63
N GLY B 482 6.23 -2.14 -8.16
CA GLY B 482 6.23 -3.58 -7.93
C GLY B 482 6.35 -4.39 -9.20
N ARG B 483 5.73 -3.90 -10.29
CA ARG B 483 5.84 -4.63 -11.55
C ARG B 483 7.26 -4.58 -12.07
N ILE B 484 7.91 -3.42 -11.98
CA ILE B 484 9.31 -3.29 -12.39
C ILE B 484 10.20 -4.22 -11.58
N GLU B 485 9.97 -4.28 -10.27
CA GLU B 485 10.71 -5.21 -9.43
C GLU B 485 10.59 -6.65 -9.94
N LEU B 486 9.36 -7.11 -10.21
CA LEU B 486 9.14 -8.45 -10.73
C LEU B 486 9.76 -8.62 -12.12
N ALA B 487 9.66 -7.60 -12.97
CA ALA B 487 10.30 -7.68 -14.28
C ALA B 487 11.81 -7.88 -14.15
N LYS B 488 12.45 -7.17 -13.23
CA LYS B 488 13.89 -7.29 -13.09
C LYS B 488 14.28 -8.67 -12.57
N TYR B 489 13.48 -9.21 -11.65
CA TYR B 489 13.74 -10.52 -11.10
C TYR B 489 13.63 -11.61 -12.16
N ILE B 490 12.53 -11.61 -12.91
CA ILE B 490 12.36 -12.58 -13.97
C ILE B 490 13.49 -12.45 -14.98
N ASP B 491 13.76 -11.22 -15.40
CA ASP B 491 14.77 -10.99 -16.42
C ASP B 491 16.16 -11.41 -15.96
N SER B 492 16.40 -11.48 -14.63
CA SER B 492 17.71 -11.85 -14.12
C SER B 492 18.07 -13.30 -14.40
N PHE B 493 17.10 -14.17 -14.68
CA PHE B 493 17.44 -15.56 -14.95
C PHE B 493 17.98 -15.78 -16.34
N ASN B 494 17.86 -14.79 -17.22
CA ASN B 494 18.32 -14.87 -18.61
C ASN B 494 17.73 -16.08 -19.34
N LEU B 495 16.41 -16.26 -19.20
CA LEU B 495 15.65 -17.18 -20.03
C LEU B 495 15.07 -16.42 -21.21
N VAL B 496 14.73 -17.16 -22.27
CA VAL B 496 13.89 -16.57 -23.31
C VAL B 496 12.53 -16.30 -22.67
N ASN B 497 12.13 -15.04 -22.51
CA ASN B 497 10.94 -14.85 -21.71
C ASN B 497 9.87 -14.02 -22.42
N GLY B 498 8.65 -14.48 -22.24
CA GLY B 498 7.48 -13.90 -22.87
C GLY B 498 6.51 -13.38 -21.83
N THR B 499 5.63 -12.51 -22.25
CA THR B 499 4.57 -12.11 -21.35
C THR B 499 3.31 -11.85 -22.16
N GLU B 500 2.17 -11.87 -21.48
CA GLU B 500 0.89 -11.59 -22.12
C GLU B 500 0.80 -10.12 -22.54
N HIS B 501 0.51 -9.89 -23.82
CA HIS B 501 0.16 -8.60 -24.41
C HIS B 501 1.35 -7.65 -24.47
N GLY B 502 1.90 -7.28 -23.31
CA GLY B 502 3.05 -6.40 -23.25
C GLY B 502 2.65 -4.92 -23.40
N GLN B 503 3.63 -4.05 -23.15
CA GLN B 503 3.55 -2.63 -23.48
C GLN B 503 4.98 -2.20 -23.82
N GLU B 504 5.09 -1.05 -24.49
CA GLU B 504 6.42 -0.59 -24.90
C GLU B 504 7.34 -0.44 -23.70
N GLN B 505 6.81 -0.10 -22.52
CA GLN B 505 7.69 0.07 -21.37
C GLN B 505 8.33 -1.24 -20.91
N TRP B 506 7.72 -2.39 -21.22
CA TRP B 506 8.26 -3.67 -20.78
C TRP B 506 9.23 -4.27 -21.80
N ILE B 507 9.38 -3.64 -22.97
CA ILE B 507 10.23 -4.22 -24.02
C ILE B 507 11.66 -4.53 -23.54
N PRO B 508 12.27 -3.73 -22.66
CA PRO B 508 13.64 -4.08 -22.23
C PRO B 508 13.75 -5.39 -21.45
N TYR B 509 12.64 -5.95 -20.95
CA TYR B 509 12.69 -7.09 -20.04
C TYR B 509 12.26 -8.41 -20.66
N PHE B 510 11.79 -8.40 -21.91
CA PHE B 510 11.19 -9.57 -22.53
C PHE B 510 11.70 -9.73 -23.94
N ASP B 511 11.60 -10.96 -24.43
CA ASP B 511 11.88 -11.28 -25.81
C ASP B 511 10.63 -11.40 -26.66
N MET B 512 9.48 -11.79 -26.08
CA MET B 512 8.29 -11.93 -26.89
C MET B 512 7.06 -11.48 -26.12
N PHE B 513 6.08 -10.97 -26.86
CA PHE B 513 4.75 -10.62 -26.35
C PHE B 513 3.73 -11.56 -26.97
N GLU B 514 2.85 -12.15 -26.15
CA GLU B 514 1.70 -12.90 -26.66
C GLU B 514 0.52 -11.93 -26.76
N GLY B 515 0.18 -11.56 -27.99
CA GLY B 515 -0.78 -10.50 -28.23
C GLY B 515 -0.12 -9.29 -28.90
N MET B 516 -0.51 -8.10 -28.47
CA MET B 516 -0.20 -6.87 -29.18
C MET B 516 -0.72 -6.96 -30.62
N THR B 517 -1.98 -7.41 -30.75
CA THR B 517 -2.63 -7.51 -32.05
C THR B 517 -3.91 -6.69 -31.97
N TYR B 518 -5.09 -7.34 -31.87
CA TYR B 518 -6.39 -6.64 -31.95
C TYR B 518 -7.36 -7.29 -30.98
N LEU B 519 -8.11 -6.45 -30.25
CA LEU B 519 -9.33 -6.94 -29.62
C LEU B 519 -10.30 -7.40 -30.70
N GLU B 520 -11.22 -8.31 -30.33
CA GLU B 520 -12.25 -8.72 -31.28
C GLU B 520 -13.36 -7.67 -31.33
N ASP B 521 -13.85 -7.29 -30.15
N ASP B 521 -13.87 -7.25 -30.19
CA ASP B 521 -14.84 -6.24 -29.92
CA ASP B 521 -14.93 -6.25 -30.09
C ASP B 521 -14.10 -4.97 -29.54
C ASP B 521 -14.26 -4.99 -29.55
N ARG B 522 -14.21 -3.92 -30.35
CA ARG B 522 -13.49 -2.70 -29.99
C ARG B 522 -14.13 -1.49 -30.65
N PRO B 523 -14.10 -0.34 -29.97
CA PRO B 523 -14.42 0.91 -30.64
C PRO B 523 -13.58 1.08 -31.90
N LEU B 524 -14.23 1.61 -32.94
CA LEU B 524 -13.69 1.93 -34.25
C LEU B 524 -13.57 0.70 -35.13
N SER B 525 -13.96 -0.50 -34.68
CA SER B 525 -13.74 -1.69 -35.51
C SER B 525 -14.41 -1.57 -36.87
N VAL B 526 -15.60 -0.96 -36.95
CA VAL B 526 -16.29 -0.94 -38.24
C VAL B 526 -15.88 0.24 -39.11
N ILE B 527 -14.98 1.11 -38.62
CA ILE B 527 -14.57 2.28 -39.39
C ILE B 527 -13.06 2.45 -39.34
N SER B 528 -12.34 1.34 -39.32
CA SER B 528 -10.88 1.42 -39.35
C SER B 528 -10.34 0.18 -40.06
N HIS B 529 -9.09 0.29 -40.50
CA HIS B 529 -8.31 -0.81 -41.05
C HIS B 529 -7.13 -1.11 -40.14
N PRO B 530 -6.88 -2.38 -39.80
CA PRO B 530 -5.68 -2.70 -39.04
C PRO B 530 -4.46 -2.23 -39.81
N ALA B 531 -3.50 -1.67 -39.07
CA ALA B 531 -2.24 -1.16 -39.61
C ALA B 531 -1.13 -1.56 -38.64
N PRO B 532 0.04 -2.02 -39.13
CA PRO B 532 1.06 -2.51 -38.19
C PRO B 532 1.86 -1.38 -37.52
N LEU B 533 1.17 -0.51 -36.80
CA LEU B 533 1.84 0.68 -36.26
C LEU B 533 2.84 0.31 -35.16
N PHE B 534 2.45 -0.58 -34.25
CA PHE B 534 3.37 -0.95 -33.18
C PHE B 534 4.59 -1.64 -33.75
N ASN B 535 4.39 -2.56 -34.71
CA ASN B 535 5.53 -3.25 -35.28
C ASN B 535 6.34 -2.37 -36.23
N LEU B 536 5.72 -1.36 -36.87
CA LEU B 536 6.52 -0.39 -37.61
C LEU B 536 7.51 0.33 -36.69
N VAL B 537 7.20 0.42 -35.40
CA VAL B 537 8.15 0.99 -34.45
C VAL B 537 9.08 -0.07 -33.88
N TYR B 538 8.51 -1.18 -33.38
CA TYR B 538 9.21 -2.05 -32.44
C TYR B 538 9.54 -3.45 -32.94
N HIS B 539 9.32 -3.77 -34.22
CA HIS B 539 9.50 -5.16 -34.64
C HIS B 539 10.93 -5.65 -34.41
N GLU B 540 11.93 -4.78 -34.49
CA GLU B 540 13.32 -5.19 -34.25
C GLU B 540 13.62 -5.46 -32.78
N ALA B 541 12.74 -5.01 -31.88
CA ALA B 541 12.99 -5.03 -30.44
C ALA B 541 12.16 -6.04 -29.67
N ILE B 542 11.03 -6.47 -30.22
CA ILE B 542 10.16 -7.39 -29.51
C ILE B 542 9.42 -8.25 -30.53
N ALA B 543 9.38 -9.56 -30.28
CA ALA B 543 8.67 -10.48 -31.13
C ALA B 543 7.25 -10.61 -30.62
N ASN B 544 6.27 -10.56 -31.51
CA ASN B 544 4.94 -10.82 -31.00
C ASN B 544 4.29 -11.98 -31.76
N PHE B 545 3.29 -12.54 -31.09
CA PHE B 545 2.50 -13.68 -31.53
C PHE B 545 1.03 -13.36 -31.30
N GLY B 546 0.13 -14.11 -31.95
CA GLY B 546 -1.28 -13.84 -31.78
C GLY B 546 -1.74 -14.08 -30.34
N LYS B 547 -2.83 -13.39 -29.96
CA LYS B 547 -3.37 -13.49 -28.61
C LYS B 547 -4.05 -14.85 -28.39
N ILE B 548 -3.88 -15.43 -27.21
CA ILE B 548 -4.46 -16.76 -26.94
C ILE B 548 -5.99 -16.74 -27.01
N GLN B 549 -6.63 -15.61 -26.69
CA GLN B 549 -8.10 -15.59 -26.76
C GLN B 549 -8.61 -15.56 -28.18
N ASP B 550 -7.79 -15.10 -29.12
CA ASP B 550 -8.15 -14.91 -30.52
C ASP B 550 -7.11 -15.58 -31.40
N PRO B 551 -6.86 -16.87 -31.23
CA PRO B 551 -5.71 -17.50 -31.87
C PRO B 551 -5.99 -17.74 -33.35
N ASP B 552 -4.97 -18.21 -34.06
CA ASP B 552 -5.14 -18.35 -35.50
C ASP B 552 -6.02 -19.53 -35.89
N ASN B 553 -6.31 -20.44 -34.96
CA ASN B 553 -7.20 -21.58 -35.22
C ASN B 553 -8.66 -21.27 -34.92
N GLU B 554 -8.99 -20.07 -34.46
CA GLU B 554 -10.37 -19.69 -34.15
C GLU B 554 -10.88 -18.71 -35.20
N VAL B 555 -12.16 -18.82 -35.56
CA VAL B 555 -12.78 -17.88 -36.49
C VAL B 555 -13.45 -16.77 -35.68
N THR B 556 -13.02 -15.52 -35.87
CA THR B 556 -13.52 -14.44 -35.03
C THR B 556 -13.72 -13.20 -35.88
N ALA B 557 -14.08 -12.10 -35.21
CA ALA B 557 -14.19 -10.82 -35.88
C ALA B 557 -12.91 -10.46 -36.63
N ASN B 558 -11.74 -10.91 -36.16
CA ASN B 558 -10.46 -10.59 -36.76
C ASN B 558 -10.05 -11.57 -37.86
N GLY B 559 -10.88 -12.56 -38.15
CA GLY B 559 -10.69 -13.37 -39.33
C GLY B 559 -10.63 -14.86 -39.01
N ASP B 560 -10.48 -15.64 -40.07
CA ASP B 560 -10.26 -17.07 -40.00
C ASP B 560 -8.77 -17.32 -40.18
N PHE B 561 -8.38 -18.57 -40.43
CA PHE B 561 -6.95 -18.85 -40.59
C PHE B 561 -6.40 -18.19 -41.84
N ARG B 562 -7.15 -18.18 -42.96
CA ARG B 562 -6.71 -17.54 -44.19
C ARG B 562 -6.29 -16.10 -43.92
N ILE B 563 -7.19 -15.32 -43.34
CA ILE B 563 -6.93 -13.93 -43.07
C ILE B 563 -5.80 -13.77 -42.06
N LYS B 564 -5.85 -14.54 -40.97
CA LYS B 564 -4.88 -14.32 -39.90
C LYS B 564 -3.46 -14.69 -40.33
N ALA B 565 -3.32 -15.77 -41.09
CA ALA B 565 -2.01 -16.18 -41.57
C ALA B 565 -1.42 -15.10 -42.47
N LEU B 566 -2.21 -14.55 -43.37
CA LEU B 566 -1.70 -13.52 -44.29
C LEU B 566 -1.34 -12.25 -43.54
N ARG B 567 -2.21 -11.81 -42.61
CA ARG B 567 -1.90 -10.63 -41.83
C ARG B 567 -0.63 -10.85 -41.01
N SER B 568 -0.45 -12.07 -40.47
CA SER B 568 0.75 -12.41 -39.71
C SER B 568 2.01 -12.05 -40.48
N MET B 569 2.07 -12.45 -41.75
CA MET B 569 3.25 -12.20 -42.57
C MET B 569 3.39 -10.72 -42.92
N LEU B 570 2.26 -10.03 -43.14
CA LEU B 570 2.31 -8.60 -43.44
C LEU B 570 2.80 -7.79 -42.25
N PHE B 571 2.35 -8.14 -41.06
CA PHE B 571 2.63 -7.35 -39.87
C PHE B 571 3.86 -7.83 -39.12
N GLY B 572 4.40 -8.99 -39.48
CA GLY B 572 5.61 -9.45 -38.82
C GLY B 572 5.40 -10.15 -37.50
N ARG B 573 4.28 -10.84 -37.31
CA ARG B 573 4.06 -11.57 -36.06
C ARG B 573 4.09 -13.07 -36.33
N GLY B 574 4.24 -13.82 -35.26
CA GLY B 574 4.27 -15.27 -35.33
C GLY B 574 2.91 -15.92 -35.13
N THR B 575 2.82 -17.19 -35.53
CA THR B 575 1.58 -17.94 -35.48
C THR B 575 1.27 -18.39 -34.06
N THR B 576 0.00 -18.30 -33.66
CA THR B 576 -0.45 -18.80 -32.37
C THR B 576 -1.51 -19.87 -32.58
N ILE B 577 -1.25 -21.08 -32.11
CA ILE B 577 -2.23 -22.17 -32.13
C ILE B 577 -2.57 -22.46 -30.67
N PHE B 578 -3.80 -22.12 -30.24
CA PHE B 578 -4.18 -22.24 -28.84
C PHE B 578 -5.44 -23.09 -28.74
N PHE B 579 -5.34 -24.20 -28.04
CA PHE B 579 -6.36 -25.24 -28.17
C PHE B 579 -6.48 -26.04 -26.88
N ALA B 580 -7.71 -26.49 -26.60
CA ALA B 580 -7.90 -27.53 -25.59
C ALA B 580 -7.39 -28.87 -26.13
N PRO B 581 -6.92 -29.76 -25.25
CA PRO B 581 -6.33 -31.02 -25.77
C PRO B 581 -7.23 -31.81 -26.70
N TYR B 582 -8.56 -31.87 -26.45
CA TYR B 582 -9.43 -32.67 -27.32
C TYR B 582 -9.48 -32.15 -28.75
N GLU B 583 -9.13 -30.88 -28.99
CA GLU B 583 -9.18 -30.31 -30.33
C GLU B 583 -7.98 -30.67 -31.19
N PHE B 584 -6.96 -31.31 -30.62
CA PHE B 584 -5.66 -31.37 -31.28
C PHE B 584 -5.76 -31.88 -32.71
N GLU B 585 -6.52 -32.95 -32.94
CA GLU B 585 -6.60 -33.52 -34.29
C GLU B 585 -7.12 -32.51 -35.30
N GLY B 586 -8.05 -31.64 -34.89
CA GLY B 586 -8.55 -30.60 -35.77
C GLY B 586 -7.54 -29.48 -36.05
N MET B 587 -6.50 -29.37 -35.22
CA MET B 587 -5.47 -28.36 -35.45
C MET B 587 -4.52 -28.72 -36.58
N ARG B 588 -4.41 -29.99 -36.94
CA ARG B 588 -3.37 -30.45 -37.85
C ARG B 588 -3.30 -29.67 -39.16
N PRO B 589 -4.38 -29.49 -39.92
CA PRO B 589 -4.26 -28.75 -41.19
C PRO B 589 -3.73 -27.33 -40.99
N MET B 590 -4.07 -26.67 -39.90
CA MET B 590 -3.63 -25.30 -39.70
C MET B 590 -2.15 -25.23 -39.27
N ILE B 591 -1.72 -26.22 -38.49
CA ILE B 591 -0.31 -26.31 -38.13
C ILE B 591 0.53 -26.55 -39.38
N GLU B 592 0.04 -27.40 -40.28
CA GLU B 592 0.73 -27.69 -41.53
C GLU B 592 0.82 -26.46 -42.42
N MET B 593 -0.30 -25.74 -42.59
CA MET B 593 -0.27 -24.57 -43.46
C MET B 593 0.59 -23.48 -42.86
N ALA B 594 0.54 -23.33 -41.53
CA ALA B 594 1.40 -22.35 -40.88
C ALA B 594 2.85 -22.73 -41.10
N ARG B 595 3.19 -23.99 -40.82
CA ARG B 595 4.51 -24.52 -41.12
C ARG B 595 4.97 -24.19 -42.53
N ASP B 596 4.13 -24.46 -43.52
CA ASP B 596 4.57 -24.31 -44.90
C ASP B 596 4.63 -22.84 -45.34
N LEU B 597 3.72 -22.00 -44.88
CA LEU B 597 3.59 -20.64 -45.41
C LEU B 597 4.18 -19.60 -44.47
N VAL B 598 3.70 -19.55 -43.22
CA VAL B 598 4.06 -18.45 -42.32
C VAL B 598 5.45 -18.63 -41.74
N SER B 599 5.79 -19.86 -41.32
CA SER B 599 7.01 -20.05 -40.54
C SER B 599 8.28 -19.64 -41.29
N PRO B 600 8.49 -20.00 -42.56
CA PRO B 600 9.71 -19.51 -43.22
C PRO B 600 9.77 -18.00 -43.37
N VAL B 601 8.62 -17.32 -43.50
CA VAL B 601 8.62 -15.87 -43.63
C VAL B 601 8.89 -15.21 -42.28
N HIS B 602 8.19 -15.67 -41.23
CA HIS B 602 8.51 -15.30 -39.85
C HIS B 602 9.99 -15.49 -39.55
N LYS B 603 10.56 -16.62 -39.96
CA LYS B 603 11.96 -16.87 -39.65
C LYS B 603 12.87 -15.86 -40.33
N GLU B 604 12.65 -15.63 -41.63
CA GLU B 604 13.51 -14.74 -42.37
C GLU B 604 13.44 -13.29 -41.87
N THR B 605 12.28 -12.85 -41.43
CA THR B 605 12.04 -11.44 -41.11
C THR B 605 12.13 -11.14 -39.62
N PHE B 606 12.36 -12.17 -38.80
CA PHE B 606 12.20 -12.04 -37.35
C PHE B 606 12.96 -10.86 -36.76
N TYR B 607 14.24 -10.72 -37.09
CA TYR B 607 15.05 -9.69 -36.48
C TYR B 607 14.98 -8.35 -37.19
N SER B 608 14.32 -8.29 -38.34
N SER B 608 14.33 -8.29 -38.34
CA SER B 608 14.48 -7.16 -39.23
CA SER B 608 14.51 -7.15 -39.23
C SER B 608 13.58 -5.99 -38.81
C SER B 608 13.56 -6.01 -38.85
N GLU B 609 13.76 -4.87 -39.51
CA GLU B 609 12.85 -3.75 -39.39
C GLU B 609 11.72 -3.93 -40.39
N LEU B 610 10.50 -3.74 -39.92
CA LEU B 610 9.39 -3.60 -40.86
C LEU B 610 9.51 -2.19 -41.41
N LYS B 611 10.16 -2.05 -42.57
CA LYS B 611 10.50 -0.73 -43.08
C LYS B 611 9.26 0.01 -43.58
N SER B 612 8.34 -0.69 -44.24
CA SER B 612 7.20 0.00 -44.83
C SER B 612 6.05 -0.97 -44.93
N HIS B 613 4.85 -0.40 -44.87
CA HIS B 613 3.59 -1.08 -45.12
C HIS B 613 2.78 -0.17 -46.02
N GLU B 614 2.11 -0.76 -47.00
CA GLU B 614 1.28 -0.01 -47.93
C GLU B 614 -0.07 -0.69 -48.13
N TYR B 615 -1.10 0.11 -48.35
CA TYR B 615 -2.36 -0.40 -48.90
C TYR B 615 -2.35 -0.19 -50.42
N LEU B 616 -2.54 -1.27 -51.18
CA LEU B 616 -2.42 -1.24 -52.63
C LEU B 616 -3.75 -1.29 -53.40
N SER B 617 -4.88 -1.46 -52.73
CA SER B 617 -6.17 -1.50 -53.41
C SER B 617 -7.10 -0.47 -52.79
N ALA B 618 -8.11 -0.06 -53.56
CA ALA B 618 -9.05 0.95 -53.09
C ALA B 618 -9.79 0.49 -51.83
N ASP B 619 -10.02 -0.81 -51.67
CA ASP B 619 -10.73 -1.32 -50.50
C ASP B 619 -9.81 -1.69 -49.35
N TYR B 620 -8.51 -1.37 -49.45
CA TYR B 620 -7.51 -1.57 -48.40
C TYR B 620 -7.23 -3.04 -48.10
N LYS B 621 -7.74 -3.96 -48.91
CA LYS B 621 -7.55 -5.38 -48.63
C LYS B 621 -6.25 -5.94 -49.20
N VAL B 622 -5.66 -5.32 -50.22
CA VAL B 622 -4.37 -5.75 -50.77
C VAL B 622 -3.29 -4.87 -50.17
N GLN B 623 -2.27 -5.50 -49.57
CA GLN B 623 -1.27 -4.78 -48.80
C GLN B 623 0.13 -5.24 -49.16
N ARG B 624 1.12 -4.38 -48.91
CA ARG B 624 2.51 -4.74 -49.19
C ARG B 624 3.38 -4.28 -48.03
N SER B 625 4.15 -5.21 -47.48
CA SER B 625 5.08 -4.93 -46.40
C SER B 625 6.50 -5.24 -46.87
N ARG B 626 7.45 -4.42 -46.44
CA ARG B 626 8.85 -4.57 -46.81
C ARG B 626 9.68 -4.58 -45.53
N PHE B 627 10.48 -5.63 -45.38
CA PHE B 627 11.31 -5.85 -44.20
C PHE B 627 12.77 -5.64 -44.55
N SER B 628 13.55 -5.14 -43.58
CA SER B 628 14.97 -4.87 -43.84
C SER B 628 15.79 -6.14 -44.06
N SER B 629 15.21 -7.32 -43.90
CA SER B 629 15.89 -8.54 -44.34
C SER B 629 15.93 -8.66 -45.85
N GLY B 630 15.31 -7.76 -46.59
CA GLY B 630 15.11 -7.94 -48.02
C GLY B 630 13.86 -8.73 -48.38
N THR B 631 12.98 -8.99 -47.42
CA THR B 631 11.76 -9.74 -47.68
C THR B 631 10.62 -8.79 -47.99
N GLU B 632 9.83 -9.12 -49.02
CA GLU B 632 8.64 -8.37 -49.36
C GLU B 632 7.44 -9.29 -49.34
N VAL B 633 6.38 -8.86 -48.65
CA VAL B 633 5.12 -9.62 -48.53
C VAL B 633 4.01 -8.78 -49.14
N ILE B 634 3.38 -9.30 -50.19
CA ILE B 634 2.12 -8.77 -50.71
C ILE B 634 1.06 -9.82 -50.42
N ALA B 635 -0.09 -9.40 -49.90
CA ALA B 635 -1.18 -10.33 -49.63
C ALA B 635 -2.50 -9.62 -49.82
N ASN B 636 -3.52 -10.40 -50.13
CA ASN B 636 -4.86 -9.91 -50.44
C ASN B 636 -5.78 -10.56 -49.40
N LEU B 637 -6.27 -9.75 -48.46
CA LEU B 637 -7.06 -10.27 -47.35
C LEU B 637 -8.54 -10.32 -47.67
N GLY B 638 -8.92 -10.13 -48.93
CA GLY B 638 -10.32 -10.22 -49.31
C GLY B 638 -10.57 -11.34 -50.31
N PRO B 639 -11.84 -11.56 -50.67
CA PRO B 639 -12.19 -12.78 -51.43
C PRO B 639 -11.92 -12.72 -52.91
N VAL B 640 -11.70 -11.54 -53.50
CA VAL B 640 -11.64 -11.41 -54.96
C VAL B 640 -10.22 -11.06 -55.39
N ALA B 641 -9.75 -11.69 -56.47
CA ALA B 641 -8.47 -11.30 -57.03
C ALA B 641 -8.49 -9.83 -57.40
N GLN B 642 -7.38 -9.13 -57.14
CA GLN B 642 -7.23 -7.73 -57.53
C GLN B 642 -5.85 -7.48 -58.14
N LYS B 643 -5.79 -6.52 -59.06
CA LYS B 643 -4.55 -6.13 -59.71
C LYS B 643 -3.88 -4.97 -58.98
N ILE B 644 -2.54 -5.00 -58.95
CA ILE B 644 -1.69 -3.91 -58.46
C ILE B 644 -0.80 -3.38 -59.58
N GLU B 645 0.12 -2.48 -59.24
CA GLU B 645 1.01 -1.85 -60.20
C GLU B 645 1.59 -2.86 -61.19
N GLY B 646 1.57 -2.49 -62.47
CA GLY B 646 2.10 -3.36 -63.49
C GLY B 646 1.20 -4.52 -63.85
N GLY B 647 -0.07 -4.48 -63.43
CA GLY B 647 -0.98 -5.54 -63.81
C GLY B 647 -0.77 -6.87 -63.13
N ILE B 648 0.09 -6.92 -62.11
CA ILE B 648 0.19 -8.15 -61.34
C ILE B 648 -1.12 -8.37 -60.59
N SER B 649 -1.65 -9.58 -60.67
CA SER B 649 -2.88 -9.95 -59.99
C SER B 649 -2.57 -10.75 -58.73
N ILE B 650 -3.16 -10.34 -57.61
CA ILE B 650 -3.03 -11.05 -56.33
C ILE B 650 -4.35 -11.78 -56.08
N PRO B 651 -4.36 -13.11 -56.02
CA PRO B 651 -5.62 -13.82 -55.86
C PRO B 651 -6.25 -13.54 -54.51
N GLY B 652 -7.57 -13.71 -54.44
CA GLY B 652 -8.26 -13.63 -53.17
C GLY B 652 -7.64 -14.53 -52.13
N TYR B 653 -7.51 -14.04 -50.89
CA TYR B 653 -6.82 -14.76 -49.83
C TYR B 653 -5.48 -15.33 -50.33
N GLY B 654 -4.79 -14.53 -51.14
CA GLY B 654 -3.57 -14.94 -51.79
C GLY B 654 -2.38 -14.06 -51.43
N TYR B 655 -1.21 -14.48 -51.92
CA TYR B 655 0.03 -13.84 -51.50
C TYR B 655 1.02 -13.86 -52.65
N ARG B 656 1.97 -12.94 -52.55
CA ARG B 656 3.09 -12.86 -53.48
C ARG B 656 4.26 -12.34 -52.66
N ILE B 657 5.27 -13.19 -52.45
CA ILE B 657 6.32 -12.92 -51.46
C ILE B 657 7.67 -13.05 -52.15
N GLN B 658 8.46 -11.97 -52.15
CA GLN B 658 9.85 -12.05 -52.58
C GLN B 658 10.72 -12.30 -51.36
N MET B 659 11.41 -13.44 -51.35
CA MET B 659 12.29 -13.80 -50.26
C MET B 659 13.66 -13.13 -50.44
N LYS B 660 14.47 -13.21 -49.39
CA LYS B 660 15.78 -12.55 -49.39
C LYS B 660 16.64 -12.99 -50.57
N ASP B 661 16.60 -14.27 -50.90
CA ASP B 661 17.44 -14.80 -51.97
C ASP B 661 16.90 -14.53 -53.37
N GLY B 662 15.87 -13.70 -53.51
CA GLY B 662 15.32 -13.43 -54.82
C GLY B 662 14.24 -14.40 -55.30
N SER B 663 14.00 -15.49 -54.58
CA SER B 663 12.95 -16.39 -55.03
C SER B 663 11.57 -15.77 -54.78
N LEU B 664 10.62 -16.13 -55.65
CA LEU B 664 9.27 -15.62 -55.59
C LEU B 664 8.34 -16.74 -55.15
N LYS B 665 7.56 -16.51 -54.10
CA LYS B 665 6.51 -17.42 -53.66
C LYS B 665 5.13 -16.82 -53.95
N THR B 666 4.28 -17.57 -54.63
CA THR B 666 2.92 -17.13 -54.88
C THR B 666 1.96 -18.28 -54.56
N GLY B 667 0.75 -17.92 -54.16
CA GLY B 667 -0.24 -18.91 -53.83
C GLY B 667 -1.45 -18.25 -53.19
N HIS B 668 -2.34 -19.10 -52.69
CA HIS B 668 -3.59 -18.61 -52.12
C HIS B 668 -4.23 -19.75 -51.35
N PHE B 669 -5.11 -19.38 -50.42
CA PHE B 669 -5.93 -20.30 -49.66
C PHE B 669 -7.22 -20.58 -50.42
N GLN B 670 -7.73 -21.78 -50.24
CA GLN B 670 -8.98 -22.17 -50.86
C GLN B 670 -9.86 -22.85 -49.82
N VAL B 671 -11.14 -22.52 -49.81
CA VAL B 671 -12.12 -23.25 -49.02
C VAL B 671 -12.90 -24.15 -49.96
N SER B 672 -13.00 -25.43 -49.61
CA SER B 672 -13.64 -26.44 -50.44
C SER B 672 -14.73 -27.14 -49.66
N LEU B 673 -15.66 -27.71 -50.40
CA LEU B 673 -16.68 -28.59 -49.84
C LEU B 673 -16.49 -30.00 -50.37
N HIS B 674 -16.15 -30.94 -49.47
CA HIS B 674 -16.07 -32.34 -49.84
C HIS B 674 -17.43 -32.98 -49.58
N MET B 675 -17.94 -33.69 -50.59
CA MET B 675 -19.22 -34.38 -50.46
C MET B 675 -19.01 -35.85 -50.77
N ASP B 676 -19.25 -36.71 -49.79
CA ASP B 676 -19.21 -38.17 -50.00
C ASP B 676 -20.14 -38.60 -51.10
N PRO C 18 -3.78 -36.56 35.64
CA PRO C 18 -3.06 -35.51 36.39
C PRO C 18 -2.45 -36.00 37.69
N ILE C 19 -1.16 -35.76 37.86
CA ILE C 19 -0.49 -36.06 39.12
C ILE C 19 -0.75 -34.90 40.09
N VAL C 20 -1.05 -35.22 41.34
CA VAL C 20 -1.34 -34.20 42.35
C VAL C 20 -0.30 -34.29 43.46
N LEU C 21 0.18 -33.12 43.90
CA LEU C 21 0.86 -32.96 45.17
C LEU C 21 0.05 -32.02 46.03
N GLU C 22 -0.11 -32.37 47.30
CA GLU C 22 -1.02 -31.60 48.14
C GLU C 22 -0.61 -31.69 49.59
N ASN C 23 -0.63 -30.54 50.27
CA ASN C 23 -0.62 -30.50 51.73
C ASN C 23 -1.82 -29.64 52.15
N GLY C 24 -1.78 -29.12 53.37
CA GLY C 24 -2.90 -28.31 53.83
C GLY C 24 -2.96 -26.89 53.28
N LYS C 25 -1.89 -26.43 52.62
CA LYS C 25 -1.82 -25.06 52.15
C LYS C 25 -1.81 -24.94 50.63
N LEU C 26 -1.29 -25.94 49.91
CA LEU C 26 -1.10 -25.89 48.47
C LEU C 26 -1.57 -27.17 47.82
N ASN C 27 -2.17 -27.03 46.64
CA ASN C 27 -2.44 -28.15 45.75
C ASN C 27 -1.70 -27.90 44.43
N ILE C 28 -0.89 -28.87 44.04
CA ILE C 28 -0.08 -28.81 42.84
C ILE C 28 -0.65 -29.83 41.85
N ASN C 29 -1.26 -29.34 40.76
CA ASN C 29 -1.82 -30.16 39.70
C ASN C 29 -0.84 -30.19 38.53
N ILE C 30 -0.32 -31.38 38.20
CA ILE C 30 0.68 -31.52 37.14
C ILE C 30 0.06 -32.26 35.98
N ASP C 31 0.02 -31.61 34.81
CA ASP C 31 -0.47 -32.26 33.60
C ASP C 31 0.50 -33.35 33.17
N SER C 32 0.00 -34.57 33.02
CA SER C 32 0.88 -35.67 32.65
C SER C 32 1.30 -35.64 31.17
N LYS C 33 0.55 -34.93 30.32
CA LYS C 33 0.92 -34.88 28.90
C LYS C 33 1.99 -33.83 28.62
N THR C 34 1.93 -32.68 29.29
CA THR C 34 2.82 -31.57 28.98
C THR C 34 3.85 -31.29 30.06
N GLY C 35 3.61 -31.72 31.30
CA GLY C 35 4.48 -31.34 32.37
C GLY C 35 4.18 -29.99 32.98
N CYS C 36 3.22 -29.26 32.44
CA CYS C 36 2.80 -28.01 33.03
C CYS C 36 2.12 -28.26 34.37
N PHE C 37 2.25 -27.31 35.29
CA PHE C 37 1.55 -27.45 36.56
C PHE C 37 0.90 -26.13 36.96
N SER C 38 -0.22 -26.25 37.64
CA SER C 38 -0.88 -25.17 38.35
C SER C 38 -0.62 -25.33 39.83
N VAL C 39 -0.75 -24.22 40.56
CA VAL C 39 -0.61 -24.22 42.01
C VAL C 39 -1.80 -23.51 42.60
N THR C 40 -2.59 -24.23 43.39
CA THR C 40 -3.72 -23.64 44.10
C THR C 40 -3.29 -23.31 45.52
N GLU C 41 -3.35 -22.03 45.86
CA GLU C 41 -3.04 -21.58 47.22
C GLU C 41 -4.37 -21.59 47.98
N LYS C 42 -4.56 -22.61 48.83
CA LYS C 42 -5.88 -23.00 49.29
C LYS C 42 -6.48 -22.04 50.30
N THR C 43 -5.69 -21.16 50.93
CA THR C 43 -6.26 -20.23 51.89
C THR C 43 -7.12 -19.18 51.20
N SER C 44 -6.60 -18.58 50.14
CA SER C 44 -7.34 -17.59 49.36
C SER C 44 -8.07 -18.21 48.18
N GLY C 45 -7.75 -19.45 47.81
CA GLY C 45 -8.31 -20.07 46.64
C GLY C 45 -7.68 -19.65 45.33
N HIS C 46 -6.74 -18.70 45.33
CA HIS C 46 -6.12 -18.30 44.08
C HIS C 46 -5.37 -19.45 43.42
N VAL C 47 -5.51 -19.54 42.10
CA VAL C 47 -4.85 -20.57 41.31
C VAL C 47 -3.79 -19.90 40.45
N TRP C 48 -2.53 -20.29 40.65
CA TRP C 48 -1.45 -19.90 39.75
C TRP C 48 -1.46 -20.86 38.58
N LYS C 49 -1.70 -20.34 37.37
CA LYS C 49 -1.77 -21.20 36.21
C LYS C 49 -0.39 -21.38 35.58
N SER C 50 -0.30 -22.39 34.73
CA SER C 50 0.90 -22.54 33.91
C SER C 50 0.82 -21.58 32.73
N ASP C 51 1.84 -21.63 31.88
CA ASP C 51 2.01 -20.76 30.72
C ASP C 51 0.67 -20.52 30.03
N PRO C 52 0.09 -19.31 30.14
CA PRO C 52 -1.18 -19.01 29.46
C PRO C 52 -1.05 -18.85 27.95
N TRP C 53 0.16 -18.69 27.41
CA TRP C 53 0.32 -18.46 25.99
C TRP C 53 0.35 -19.76 25.18
N GLU C 54 1.34 -20.61 25.45
CA GLU C 54 1.65 -21.76 24.61
C GLU C 54 1.55 -23.08 25.37
N ASN C 55 1.17 -23.05 26.65
CA ASN C 55 1.23 -24.23 27.51
C ASN C 55 2.59 -24.91 27.44
N ALA C 56 3.65 -24.10 27.52
CA ALA C 56 5.01 -24.62 27.60
C ALA C 56 5.41 -24.79 29.06
N ALA C 57 5.82 -26.01 29.42
CA ALA C 57 6.41 -26.21 30.75
C ALA C 57 7.75 -25.51 30.85
N GLY C 58 8.52 -25.49 29.76
CA GLY C 58 9.81 -24.81 29.73
C GLY C 58 10.15 -24.41 28.31
N LEU C 59 11.07 -23.45 28.20
CA LEU C 59 11.55 -22.98 26.90
C LEU C 59 13.04 -23.22 26.81
N LEU C 60 13.44 -24.05 25.86
CA LEU C 60 14.81 -24.48 25.69
C LEU C 60 15.39 -23.91 24.41
N THR C 61 16.53 -23.24 24.53
CA THR C 61 17.29 -22.71 23.41
C THR C 61 18.46 -23.64 23.15
N LEU C 62 18.59 -24.08 21.89
CA LEU C 62 19.61 -25.05 21.50
C LEU C 62 19.89 -24.89 20.01
N THR C 63 21.03 -25.41 19.57
CA THR C 63 21.32 -25.47 18.14
C THR C 63 20.53 -26.59 17.49
N ASP C 64 20.18 -26.40 16.21
CA ASP C 64 19.55 -27.45 15.43
C ASP C 64 20.62 -28.26 14.67
N SER C 65 20.16 -29.07 13.70
CA SER C 65 21.09 -29.84 12.86
C SER C 65 21.96 -28.91 11.99
N LYS C 66 21.39 -27.81 11.50
CA LYS C 66 22.14 -26.82 10.73
C LYS C 66 22.99 -25.91 11.62
N GLY C 67 22.95 -26.07 12.95
CA GLY C 67 23.77 -25.27 13.83
C GLY C 67 23.22 -23.91 14.22
N LYS C 68 21.99 -23.58 13.82
CA LYS C 68 21.39 -22.32 14.22
C LYS C 68 20.69 -22.49 15.57
N LYS C 69 20.76 -21.44 16.39
CA LYS C 69 20.02 -21.45 17.64
C LYS C 69 18.52 -21.44 17.36
N GLN C 70 17.78 -22.22 18.15
CA GLN C 70 16.33 -22.16 18.13
C GLN C 70 15.80 -22.34 19.55
N THR C 71 14.60 -21.84 19.79
CA THR C 71 13.96 -21.94 21.09
C THR C 71 12.71 -22.79 20.94
N VAL C 72 12.59 -23.85 21.73
CA VAL C 72 11.53 -24.82 21.55
C VAL C 72 10.76 -25.00 22.84
N ASN C 73 9.47 -25.34 22.69
CA ASN C 73 8.57 -25.66 23.79
C ASN C 73 8.83 -27.12 24.19
N ILE C 74 9.48 -27.33 25.35
CA ILE C 74 9.87 -28.70 25.70
C ILE C 74 8.68 -29.62 25.92
N SER C 75 7.48 -29.06 26.13
CA SER C 75 6.28 -29.89 26.18
C SER C 75 5.91 -30.46 24.82
N LYS C 76 6.59 -30.05 23.75
CA LYS C 76 6.40 -30.65 22.44
C LYS C 76 7.32 -31.83 22.22
N SER C 77 8.08 -32.23 23.22
CA SER C 77 9.06 -33.28 23.05
C SER C 77 8.38 -34.59 22.67
N LYS C 78 9.17 -35.50 22.09
CA LYS C 78 8.63 -36.77 21.65
C LYS C 78 8.09 -37.58 22.85
N LYS C 79 8.87 -37.65 23.93
CA LYS C 79 8.49 -38.41 25.12
C LYS C 79 8.50 -37.51 26.34
N ILE C 80 7.40 -37.55 27.11
CA ILE C 80 7.26 -36.77 28.35
C ILE C 80 6.86 -37.72 29.48
N GLU C 81 7.76 -37.92 30.44
CA GLU C 81 7.53 -38.83 31.57
C GLU C 81 7.27 -38.01 32.82
N VAL C 82 6.09 -38.20 33.43
CA VAL C 82 5.73 -37.53 34.67
C VAL C 82 5.25 -38.59 35.65
N SER C 83 5.91 -38.69 36.80
CA SER C 83 5.52 -39.70 37.79
C SER C 83 5.86 -39.25 39.19
N LYS C 84 4.99 -39.61 40.15
CA LYS C 84 5.22 -39.35 41.58
C LYS C 84 6.24 -40.35 42.09
N THR C 85 7.46 -39.89 42.37
CA THR C 85 8.55 -40.75 42.80
C THR C 85 8.73 -40.84 44.32
N ALA C 86 8.11 -39.94 45.08
CA ALA C 86 8.09 -39.98 46.53
C ALA C 86 6.80 -39.31 47.00
N LYS C 87 6.56 -39.35 48.33
CA LYS C 87 5.30 -38.82 48.86
C LYS C 87 5.02 -37.41 48.35
N ASN C 88 6.06 -36.56 48.28
CA ASN C 88 5.88 -35.17 47.89
C ASN C 88 6.84 -34.75 46.78
N THR C 89 7.20 -35.70 45.90
CA THR C 89 8.09 -35.43 44.78
C THR C 89 7.49 -35.97 43.49
N VAL C 90 7.49 -35.14 42.45
CA VAL C 90 7.18 -35.58 41.09
C VAL C 90 8.43 -35.39 40.24
N SER C 91 8.78 -36.41 39.47
CA SER C 91 9.90 -36.34 38.54
C SER C 91 9.37 -36.21 37.12
N LEU C 92 10.02 -35.34 36.34
CA LEU C 92 9.66 -35.09 34.96
C LEU C 92 10.87 -35.32 34.08
N LYS C 93 10.63 -35.88 32.89
CA LYS C 93 11.67 -36.02 31.89
C LYS C 93 11.07 -35.64 30.55
N PHE C 94 11.77 -34.77 29.83
CA PHE C 94 11.38 -34.31 28.50
C PHE C 94 12.43 -34.85 27.55
N ILE C 95 12.04 -35.77 26.68
CA ILE C 95 13.00 -36.49 25.85
C ILE C 95 12.71 -36.20 24.39
N ASP C 96 13.76 -35.82 23.66
CA ASP C 96 13.74 -35.56 22.22
C ASP C 96 12.81 -34.41 21.90
N PRO C 97 13.25 -33.17 22.13
CA PRO C 97 12.46 -31.99 21.73
C PRO C 97 12.37 -31.90 20.21
N VAL C 98 11.27 -31.32 19.74
CA VAL C 98 10.99 -31.14 18.32
C VAL C 98 11.14 -29.66 17.94
N PHE C 99 11.89 -29.41 16.86
CA PHE C 99 12.06 -28.07 16.32
C PHE C 99 10.82 -27.61 15.55
N GLU C 100 10.85 -26.34 15.13
CA GLU C 100 9.70 -25.78 14.39
C GLU C 100 9.45 -26.54 13.09
N ASP C 101 10.52 -26.92 12.37
CA ASP C 101 10.38 -27.60 11.09
C ASP C 101 10.08 -29.09 11.21
N GLY C 102 9.81 -29.59 12.41
CA GLY C 102 9.51 -30.99 12.59
C GLY C 102 10.69 -31.91 12.81
N SER C 103 11.92 -31.44 12.58
CA SER C 103 13.07 -32.28 12.91
C SER C 103 13.16 -32.48 14.43
N VAL C 104 13.76 -33.60 14.83
CA VAL C 104 13.85 -33.98 16.23
C VAL C 104 15.29 -33.83 16.68
N ALA C 105 15.47 -33.27 17.88
CA ALA C 105 16.78 -33.21 18.53
C ALA C 105 17.02 -34.54 19.26
N LYS C 106 17.24 -35.59 18.47
CA LYS C 106 17.39 -36.92 19.05
C LYS C 106 18.60 -36.96 19.99
N GLY C 107 18.39 -37.47 21.19
CA GLY C 107 19.42 -37.51 22.20
C GLY C 107 19.45 -36.35 23.16
N VAL C 108 18.48 -35.45 23.10
CA VAL C 108 18.40 -34.31 24.01
C VAL C 108 17.33 -34.63 25.04
N SER C 109 17.63 -34.35 26.32
CA SER C 109 16.66 -34.58 27.37
C SER C 109 16.87 -33.59 28.50
N ILE C 110 15.77 -33.22 29.15
CA ILE C 110 15.76 -32.41 30.36
C ILE C 110 15.00 -33.17 31.43
N ALA C 111 15.61 -33.33 32.60
CA ALA C 111 14.96 -33.95 33.75
C ALA C 111 14.79 -32.91 34.86
N THR C 112 13.59 -32.84 35.44
CA THR C 112 13.30 -31.89 36.49
C THR C 112 12.54 -32.58 37.62
N GLU C 113 12.47 -31.89 38.76
CA GLU C 113 11.68 -32.35 39.90
C GLU C 113 10.87 -31.21 40.48
N LEU C 114 9.67 -31.54 40.96
CA LEU C 114 8.87 -30.69 41.83
C LEU C 114 8.80 -31.37 43.19
N ARG C 115 9.09 -30.61 44.25
CA ARG C 115 9.10 -31.15 45.61
C ARG C 115 8.28 -30.23 46.50
N LEU C 116 7.13 -30.73 46.97
CA LEU C 116 6.25 -29.99 47.88
C LEU C 116 6.68 -30.22 49.32
N ASP C 117 6.91 -29.12 50.05
CA ASP C 117 7.17 -29.22 51.48
C ASP C 117 5.99 -29.90 52.16
N PRO C 118 6.23 -30.84 53.09
CA PRO C 118 5.09 -31.56 53.71
C PRO C 118 4.13 -30.66 54.49
N ASN C 119 4.57 -29.49 54.98
CA ASN C 119 3.71 -28.66 55.82
C ASN C 119 3.55 -27.23 55.31
N ASN C 120 4.64 -26.61 54.88
CA ASN C 120 4.61 -25.21 54.49
C ASN C 120 4.19 -25.07 53.03
N ALA C 121 3.79 -23.84 52.68
CA ALA C 121 3.45 -23.50 51.31
C ALA C 121 4.74 -23.18 50.54
N GLN C 122 5.53 -24.24 50.36
CA GLN C 122 6.80 -24.12 49.66
C GLN C 122 6.92 -25.24 48.63
N LEU C 123 7.37 -24.90 47.42
CA LEU C 123 7.58 -25.85 46.34
C LEU C 123 8.98 -25.62 45.79
N ASP C 124 9.82 -26.67 45.83
CA ASP C 124 11.13 -26.61 45.20
C ASP C 124 10.99 -27.08 43.76
N VAL C 125 11.55 -26.31 42.83
CA VAL C 125 11.62 -26.71 41.42
C VAL C 125 13.09 -26.78 41.03
N GLU C 126 13.48 -27.89 40.41
CA GLU C 126 14.89 -28.12 40.14
C GLU C 126 15.07 -28.78 38.78
N VAL C 127 16.01 -28.26 38.00
CA VAL C 127 16.47 -28.94 36.79
C VAL C 127 17.57 -29.89 37.23
N THR C 128 17.27 -31.19 37.25
CA THR C 128 18.16 -32.17 37.84
C THR C 128 19.16 -32.74 36.84
N GLU C 129 18.82 -32.76 35.56
CA GLU C 129 19.70 -33.34 34.55
C GLU C 129 19.32 -32.83 33.16
N HIS C 130 20.35 -32.54 32.36
CA HIS C 130 20.16 -32.23 30.95
C HIS C 130 21.22 -33.00 30.16
N ARG C 131 20.80 -33.60 29.05
CA ARG C 131 21.74 -34.25 28.13
C ARG C 131 21.54 -33.64 26.75
N SER C 132 22.65 -33.42 26.04
CA SER C 132 22.61 -32.60 24.84
C SER C 132 22.91 -33.34 23.55
N GLY C 133 23.51 -34.54 23.61
CA GLY C 133 23.79 -35.26 22.37
C GLY C 133 24.81 -34.54 21.51
N ASN C 134 24.55 -34.50 20.21
CA ASN C 134 25.40 -33.77 19.26
C ASN C 134 24.96 -32.33 19.09
N PHE C 135 24.00 -31.88 19.89
CA PHE C 135 23.55 -30.52 19.91
C PHE C 135 24.25 -29.76 21.04
N THR C 136 24.03 -28.45 21.07
CA THR C 136 24.55 -27.60 22.14
C THR C 136 23.37 -26.88 22.79
N LEU C 137 23.26 -27.00 24.12
CA LEU C 137 22.17 -26.41 24.87
C LEU C 137 22.60 -25.09 25.48
N TYR C 138 21.69 -24.11 25.46
CA TYR C 138 21.99 -22.77 25.95
C TYR C 138 21.04 -22.41 27.08
N ASP C 139 20.01 -21.62 26.82
CA ASP C 139 19.13 -21.16 27.89
C ASP C 139 18.02 -22.18 28.11
N LEU C 140 17.60 -22.30 29.36
CA LEU C 140 16.36 -23.01 29.69
C LEU C 140 15.55 -22.13 30.64
N ARG C 141 14.38 -21.69 30.19
CA ARG C 141 13.42 -21.05 31.09
C ARG C 141 12.54 -22.14 31.69
N TYR C 142 12.67 -22.35 32.97
CA TYR C 142 11.92 -23.41 33.63
C TYR C 142 11.69 -23.03 35.08
N PRO C 143 10.44 -22.98 35.55
CA PRO C 143 9.23 -23.12 34.73
C PRO C 143 9.05 -21.90 33.83
N ALA C 144 8.48 -22.09 32.64
CA ALA C 144 8.29 -21.02 31.68
C ALA C 144 6.96 -20.32 31.92
N ARG C 145 7.02 -19.00 32.09
CA ARG C 145 5.83 -18.16 32.20
C ARG C 145 4.87 -18.67 33.25
N ALA C 146 5.44 -19.09 34.38
CA ALA C 146 4.69 -19.52 35.56
C ALA C 146 4.34 -18.31 36.42
N PHE C 147 3.39 -18.52 37.33
CA PHE C 147 3.04 -17.55 38.38
C PHE C 147 2.71 -16.17 37.79
N SER C 148 2.07 -16.18 36.63
CA SER C 148 1.75 -14.94 35.93
C SER C 148 0.60 -14.20 36.60
N LEU C 149 0.56 -12.89 36.36
CA LEU C 149 -0.58 -12.05 36.67
C LEU C 149 -1.26 -11.63 35.36
N LYS C 150 -2.58 -11.63 35.36
CA LYS C 150 -3.35 -11.25 34.19
C LYS C 150 -3.56 -9.74 34.22
N THR C 151 -3.01 -9.04 33.24
CA THR C 151 -3.01 -7.58 33.24
C THR C 151 -4.43 -7.05 33.32
N ASP C 152 -4.64 -6.10 34.24
CA ASP C 152 -5.94 -5.45 34.46
C ASP C 152 -7.03 -6.40 34.95
N GLU C 153 -6.70 -7.66 35.21
CA GLU C 153 -7.57 -8.58 35.94
C GLU C 153 -7.02 -8.82 37.34
N ASP C 154 -5.81 -9.37 37.44
CA ASP C 154 -5.06 -9.35 38.69
C ASP C 154 -4.58 -7.93 38.97
N LYS C 155 -4.93 -7.41 40.14
CA LYS C 155 -4.44 -6.11 40.59
C LYS C 155 -3.34 -6.38 41.59
N GLY C 156 -2.10 -6.24 41.16
CA GLY C 156 -0.96 -6.53 42.00
C GLY C 156 0.30 -6.09 41.29
N ALA C 157 1.39 -6.82 41.46
CA ALA C 157 2.64 -6.37 40.85
C ALA C 157 3.66 -7.51 40.80
N ALA C 158 4.54 -7.44 39.81
CA ALA C 158 5.81 -8.15 39.90
C ALA C 158 6.73 -7.41 40.88
N VAL C 159 7.62 -8.17 41.51
CA VAL C 159 8.48 -7.69 42.58
C VAL C 159 9.91 -8.07 42.22
N ILE C 160 10.75 -7.07 41.96
CA ILE C 160 12.08 -7.30 41.38
C ILE C 160 13.14 -6.55 42.20
N PRO C 161 14.06 -7.23 42.86
CA PRO C 161 15.13 -6.53 43.60
C PRO C 161 16.21 -5.98 42.67
N GLN C 162 15.80 -5.11 41.76
CA GLN C 162 16.73 -4.38 40.88
C GLN C 162 17.34 -3.24 41.68
N LYS C 163 18.63 -3.38 42.00
CA LYS C 163 19.33 -2.53 42.97
C LYS C 163 18.51 -2.40 44.26
N GLN C 164 18.10 -1.19 44.68
CA GLN C 164 17.31 -1.13 45.90
C GLN C 164 16.00 -1.91 45.76
N GLY C 165 15.45 -1.97 44.55
CA GLY C 165 14.27 -2.79 44.28
C GLY C 165 13.14 -2.01 43.65
N VAL C 166 12.24 -2.69 42.94
CA VAL C 166 11.09 -2.07 42.29
C VAL C 166 9.93 -3.04 42.34
N ILE C 167 8.72 -2.49 42.14
CA ILE C 167 7.56 -3.30 41.80
C ILE C 167 7.01 -2.81 40.47
N CYS C 168 6.42 -3.73 39.72
CA CYS C 168 5.79 -3.41 38.43
C CYS C 168 4.32 -3.79 38.48
N PRO C 169 3.43 -2.82 38.71
CA PRO C 169 1.99 -3.10 38.74
C PRO C 169 1.51 -3.87 37.51
N SER C 170 0.61 -4.82 37.76
CA SER C 170 -0.02 -5.64 36.73
C SER C 170 -1.34 -5.05 36.22
N TYR C 171 -1.49 -3.73 36.23
CA TYR C 171 -2.73 -3.06 35.82
C TYR C 171 -2.41 -1.59 35.60
N ILE C 172 -3.28 -0.89 34.86
CA ILE C 172 -3.09 0.54 34.62
C ILE C 172 -3.78 1.31 35.74
N PHE C 173 -3.23 2.47 36.09
CA PHE C 173 -3.71 3.24 37.24
C PHE C 173 -3.49 4.71 36.96
N PRO C 174 -4.14 5.59 37.74
CA PRO C 174 -3.92 7.05 37.54
C PRO C 174 -2.49 7.48 37.88
N MET C 175 -1.94 8.35 37.03
CA MET C 175 -0.64 8.96 37.27
C MET C 175 -0.53 10.19 36.38
N ASN C 176 0.54 10.96 36.53
CA ASN C 176 0.77 12.09 35.65
C ASN C 176 0.65 11.68 34.18
N GLY C 177 0.00 12.54 33.40
CA GLY C 177 -0.23 12.23 31.98
C GLY C 177 1.02 11.83 31.23
N GLY C 178 2.11 12.56 31.45
CA GLY C 178 3.35 12.22 30.76
C GLY C 178 3.88 10.86 31.18
N ARG C 179 3.94 10.63 32.49
CA ARG C 179 4.30 9.30 32.97
C ARG C 179 3.37 8.24 32.39
N PHE C 180 2.07 8.51 32.40
CA PHE C 180 1.07 7.56 31.92
C PHE C 180 1.33 7.16 30.48
N CYS C 181 1.58 8.14 29.62
CA CYS C 181 1.85 7.81 28.23
C CYS C 181 3.08 6.91 28.09
N LYS C 182 4.17 7.23 28.81
CA LYS C 182 5.38 6.42 28.72
C LYS C 182 5.16 5.04 29.31
N TRP C 183 4.44 4.98 30.43
CA TRP C 183 4.21 3.71 31.11
C TRP C 183 3.40 2.74 30.23
N ASP C 184 2.22 3.17 29.81
CA ASP C 184 1.34 2.34 29.00
C ASP C 184 2.02 1.94 27.68
N ASP C 185 2.66 2.90 27.01
CA ASP C 185 3.33 2.59 25.74
C ASP C 185 4.39 1.50 25.93
N ALA C 186 5.15 1.55 27.02
CA ALA C 186 6.22 0.58 27.23
C ALA C 186 5.69 -0.84 27.39
N THR C 187 4.46 -1.00 27.92
CA THR C 187 3.88 -2.33 28.02
C THR C 187 3.48 -2.89 26.66
N TYR C 188 3.60 -2.10 25.60
CA TYR C 188 3.33 -2.57 24.25
C TYR C 188 4.57 -2.54 23.36
N ASN C 189 5.76 -2.42 23.94
CA ASN C 189 6.94 -2.52 23.09
C ASN C 189 8.01 -3.26 23.88
N ASN C 190 9.22 -3.29 23.33
CA ASN C 190 10.25 -4.14 23.92
C ASN C 190 10.77 -3.62 25.25
N LYS C 191 10.32 -2.45 25.72
CA LYS C 191 10.77 -1.98 27.02
C LYS C 191 10.28 -2.87 28.14
N SER C 192 9.22 -3.64 27.92
CA SER C 192 8.64 -4.44 28.99
C SER C 192 9.01 -5.91 28.92
N GLN C 193 10.00 -6.28 28.10
CA GLN C 193 10.52 -7.65 28.11
C GLN C 193 12.03 -7.64 27.98
N GLY C 194 12.65 -8.65 28.57
CA GLY C 194 14.10 -8.75 28.58
C GLY C 194 14.56 -9.59 29.78
N SER C 195 15.84 -9.44 30.12
CA SER C 195 16.40 -10.21 31.20
C SER C 195 17.41 -9.36 31.98
N LEU C 196 17.53 -9.67 33.27
CA LEU C 196 18.49 -9.08 34.20
C LEU C 196 19.37 -10.18 34.80
N GLU C 197 20.55 -9.80 35.27
CA GLU C 197 21.49 -10.71 35.91
C GLU C 197 21.57 -10.45 37.41
N LEU C 198 22.13 -11.43 38.13
CA LEU C 198 22.32 -11.36 39.58
C LEU C 198 23.65 -10.70 39.96
N PHE C 199 23.59 -9.82 40.96
CA PHE C 199 24.75 -9.37 41.74
C PHE C 199 25.72 -8.50 40.95
N ASN C 200 25.18 -7.59 40.13
CA ASN C 200 26.00 -6.57 39.51
C ASN C 200 25.55 -5.19 40.00
N ASN C 201 26.39 -4.19 39.71
CA ASN C 201 26.14 -2.81 40.10
C ASN C 201 25.56 -2.02 38.96
N GLY C 202 25.16 -2.69 37.86
CA GLY C 202 24.46 -2.03 36.79
C GLY C 202 22.95 -2.19 36.89
N THR C 203 22.35 -2.80 35.87
CA THR C 203 20.90 -2.94 35.74
C THR C 203 20.33 -4.10 36.54
N GLY C 204 21.17 -4.87 37.23
CA GLY C 204 20.81 -6.20 37.67
C GLY C 204 20.24 -6.27 39.09
N LEU C 205 20.11 -7.50 39.57
CA LEU C 205 19.49 -7.82 40.85
C LEU C 205 20.53 -7.84 41.97
N THR C 206 20.09 -7.42 43.16
CA THR C 206 20.92 -7.44 44.34
C THR C 206 20.56 -8.54 45.32
N MET C 207 19.48 -9.27 45.07
CA MET C 207 19.11 -10.41 45.90
C MET C 207 18.58 -11.50 44.99
N PRO C 208 18.80 -12.79 45.33
CA PRO C 208 18.43 -13.91 44.47
C PRO C 208 16.97 -14.35 44.61
N TRP C 209 16.05 -13.41 44.44
CA TRP C 209 14.64 -13.76 44.49
C TRP C 209 13.84 -12.75 43.69
N TRP C 210 12.60 -13.13 43.38
CA TRP C 210 11.68 -12.27 42.66
C TRP C 210 10.30 -12.89 42.83
N GLY C 211 9.25 -12.12 42.57
CA GLY C 211 7.93 -12.72 42.73
C GLY C 211 6.81 -11.88 42.17
N THR C 212 5.60 -12.40 42.36
CA THR C 212 4.38 -11.78 41.86
C THR C 212 3.30 -11.89 42.93
N TYR C 213 2.44 -10.88 43.02
CA TYR C 213 1.33 -10.95 43.94
C TYR C 213 0.13 -10.26 43.33
N ASN C 214 -1.05 -10.75 43.68
CA ASN C 214 -2.28 -10.05 43.36
C ASN C 214 -2.97 -9.67 44.66
N GLU C 215 -4.25 -9.28 44.55
CA GLU C 215 -5.03 -8.94 45.73
C GLU C 215 -5.25 -10.13 46.65
N LYS C 216 -5.11 -11.35 46.15
CA LYS C 216 -5.39 -12.49 47.01
C LYS C 216 -4.15 -13.15 47.57
N SER C 217 -3.03 -13.15 46.84
CA SER C 217 -1.97 -14.08 47.17
C SER C 217 -0.67 -13.62 46.54
N ALA C 218 0.43 -14.13 47.08
CA ALA C 218 1.78 -13.76 46.67
C ALA C 218 2.63 -15.01 46.51
N VAL C 219 3.52 -15.01 45.51
CA VAL C 219 4.51 -16.06 45.35
C VAL C 219 5.87 -15.42 45.05
N MET C 220 6.93 -16.02 45.57
N MET C 220 6.92 -16.02 45.60
CA MET C 220 8.27 -15.59 45.24
CA MET C 220 8.30 -15.62 45.30
C MET C 220 9.18 -16.82 45.21
C MET C 220 9.14 -16.87 45.15
N GLY C 221 10.21 -16.76 44.38
CA GLY C 221 11.14 -17.86 44.25
C GLY C 221 12.52 -17.39 44.66
N ILE C 222 13.21 -18.20 45.45
CA ILE C 222 14.56 -17.92 45.94
C ILE C 222 15.50 -18.87 45.21
N VAL C 223 16.50 -18.31 44.54
CA VAL C 223 17.42 -19.13 43.74
C VAL C 223 18.47 -19.76 44.65
N ASP C 224 18.78 -21.03 44.40
CA ASP C 224 19.79 -21.75 45.17
C ASP C 224 21.09 -20.94 45.24
N VAL C 225 21.75 -20.98 46.40
CA VAL C 225 22.93 -20.15 46.61
C VAL C 225 24.07 -20.49 45.65
N SER C 226 24.06 -21.71 45.09
CA SER C 226 25.13 -22.15 44.20
C SER C 226 24.91 -21.76 42.74
N ALA C 227 23.76 -21.20 42.39
CA ALA C 227 23.45 -21.02 40.98
C ALA C 227 23.43 -19.55 40.60
N ARG C 228 23.55 -19.29 39.30
CA ARG C 228 23.47 -17.94 38.76
C ARG C 228 22.60 -17.92 37.50
N PRO C 229 21.31 -18.18 37.63
CA PRO C 229 20.40 -17.93 36.52
C PRO C 229 20.28 -16.43 36.28
N HIS C 230 19.81 -16.08 35.08
CA HIS C 230 19.29 -14.74 34.87
C HIS C 230 17.79 -14.78 35.09
N MET C 231 17.15 -13.62 35.04
CA MET C 231 15.73 -13.50 35.27
C MET C 231 15.09 -12.84 34.05
N GLN C 232 14.18 -13.56 33.39
CA GLN C 232 13.41 -12.98 32.29
C GLN C 232 12.21 -12.23 32.84
N TYR C 233 11.93 -11.04 32.30
CA TYR C 233 10.75 -10.31 32.72
C TYR C 233 9.82 -10.01 31.54
N ASN C 234 8.53 -9.96 31.86
CA ASN C 234 7.47 -9.62 30.90
C ASN C 234 6.44 -8.78 31.65
N ILE C 235 6.42 -7.47 31.41
CA ILE C 235 5.65 -6.59 32.28
C ILE C 235 4.44 -6.10 31.50
N ASN C 236 3.36 -6.86 31.58
CA ASN C 236 2.08 -6.56 30.93
C ASN C 236 2.18 -6.66 29.41
N ASN C 237 3.25 -7.26 28.88
CA ASN C 237 3.39 -7.48 27.45
C ASN C 237 2.59 -8.71 26.99
N ASN C 238 1.96 -8.61 25.81
CA ASN C 238 1.19 -9.73 25.25
C ASN C 238 2.03 -10.62 24.34
N GLY C 239 3.35 -10.47 24.36
CA GLY C 239 4.19 -11.32 23.55
C GLY C 239 4.33 -10.90 22.10
N GLN C 240 3.97 -9.66 21.76
CA GLN C 240 4.13 -9.19 20.38
C GLN C 240 5.58 -9.37 19.91
N TYR C 241 6.54 -9.30 20.84
CA TYR C 241 7.95 -9.43 20.47
C TYR C 241 8.25 -10.80 19.87
N LEU C 242 7.46 -11.81 20.22
CA LEU C 242 7.61 -13.13 19.61
C LEU C 242 7.10 -13.16 18.18
N PHE C 243 6.37 -12.13 17.75
CA PHE C 243 5.70 -12.17 16.46
C PHE C 243 6.10 -11.06 15.49
N ASN C 244 6.94 -10.12 15.90
CA ASN C 244 7.24 -9.01 15.00
C ASN C 244 8.02 -9.48 13.78
N ALA C 245 8.95 -10.42 13.94
CA ALA C 245 9.72 -10.85 12.77
C ALA C 245 8.82 -11.58 11.77
N LYS C 246 7.82 -12.31 12.25
CA LYS C 246 6.82 -12.92 11.39
C LYS C 246 5.83 -11.91 10.80
N GLY C 247 5.78 -10.69 11.33
CA GLY C 247 4.83 -9.70 10.86
C GLY C 247 3.38 -10.10 11.06
N VAL C 248 3.04 -10.69 12.21
CA VAL C 248 1.66 -10.95 12.58
C VAL C 248 1.41 -10.38 13.97
N MET C 249 0.13 -10.24 14.30
CA MET C 249 -0.27 -9.76 15.62
C MET C 249 -0.25 -10.92 16.60
N SER C 250 0.17 -10.64 17.83
CA SER C 250 0.16 -11.68 18.86
C SER C 250 -1.26 -12.11 19.18
N PRO C 251 -1.55 -13.41 19.25
CA PRO C 251 -2.84 -13.88 19.74
C PRO C 251 -2.93 -14.00 21.26
N TYR C 252 -1.87 -13.66 21.98
CA TYR C 252 -1.78 -13.90 23.41
C TYR C 252 -2.33 -12.74 24.22
N GLN C 253 -2.58 -13.01 25.49
CA GLN C 253 -3.10 -12.05 26.44
C GLN C 253 -1.98 -11.32 27.19
N ARG C 254 -2.22 -10.04 27.50
CA ARG C 254 -1.27 -9.25 28.29
C ARG C 254 -1.15 -9.83 29.70
N ILE C 255 0.09 -10.12 30.11
CA ILE C 255 0.36 -10.73 31.40
C ILE C 255 1.69 -10.22 31.96
N VAL C 256 1.88 -10.43 33.25
CA VAL C 256 3.14 -10.19 33.96
C VAL C 256 3.72 -11.54 34.34
N PHE C 257 5.00 -11.76 34.03
CA PHE C 257 5.68 -12.94 34.55
C PHE C 257 7.17 -12.69 34.66
N LEU C 258 7.80 -13.48 35.53
CA LEU C 258 9.22 -13.48 35.78
C LEU C 258 9.70 -14.93 35.74
N ASP C 259 10.67 -15.23 34.87
CA ASP C 259 11.16 -16.60 34.72
C ASP C 259 12.65 -16.71 35.06
N PRO C 260 13.06 -17.79 35.71
CA PRO C 260 14.49 -18.10 35.78
C PRO C 260 14.99 -18.54 34.40
N ILE C 261 16.18 -18.05 34.04
CA ILE C 261 16.87 -18.51 32.83
C ILE C 261 18.08 -19.30 33.31
N TRP C 262 18.03 -20.63 33.20
CA TRP C 262 19.17 -21.46 33.52
C TRP C 262 20.10 -21.49 32.32
N LYS C 263 21.37 -21.12 32.51
CA LYS C 263 22.33 -21.09 31.39
C LYS C 263 23.03 -22.45 31.34
N LEU C 264 22.45 -23.39 30.58
CA LEU C 264 22.96 -24.76 30.59
C LEU C 264 24.37 -24.85 30.04
N ASP C 265 24.79 -23.90 29.23
CA ASP C 265 26.16 -23.86 28.71
C ASP C 265 27.17 -23.37 29.73
N GLN C 266 26.72 -22.86 30.89
CA GLN C 266 27.62 -22.25 31.86
C GLN C 266 27.46 -22.80 33.27
N GLU C 267 26.24 -23.17 33.66
CA GLU C 267 25.88 -23.31 35.07
C GLU C 267 26.47 -24.60 35.65
N LYS C 268 27.26 -24.47 36.71
CA LYS C 268 27.76 -25.66 37.40
C LYS C 268 27.17 -25.85 38.80
N GLY C 269 26.30 -24.96 39.24
CA GLY C 269 25.61 -25.12 40.50
C GLY C 269 24.30 -25.89 40.35
N LYS C 270 23.58 -25.99 41.46
CA LYS C 270 22.32 -26.72 41.49
C LYS C 270 21.18 -25.82 41.03
N MET C 271 20.50 -26.23 39.97
CA MET C 271 19.50 -25.40 39.30
C MET C 271 18.16 -25.56 40.00
N ARG C 272 18.11 -25.01 41.21
CA ARG C 272 16.98 -25.14 42.11
C ARG C 272 16.46 -23.74 42.45
N ILE C 273 15.14 -23.58 42.35
CA ILE C 273 14.48 -22.38 42.84
C ILE C 273 13.38 -22.82 43.81
N SER C 274 13.29 -22.15 44.95
CA SER C 274 12.37 -22.50 46.02
C SER C 274 11.24 -21.48 46.06
N TYR C 275 10.03 -21.89 45.69
CA TYR C 275 8.89 -20.99 45.68
C TYR C 275 8.19 -21.00 47.04
N HIS C 276 7.91 -19.81 47.57
CA HIS C 276 7.16 -19.64 48.80
C HIS C 276 5.88 -18.89 48.49
N PHE C 277 4.76 -19.37 49.00
CA PHE C 277 3.45 -18.80 48.71
C PHE C 277 2.91 -18.15 49.97
N ILE C 278 2.34 -16.96 49.83
CA ILE C 278 1.95 -16.16 50.98
C ILE C 278 0.55 -15.62 50.77
N PRO C 279 -0.47 -16.19 51.40
CA PRO C 279 -1.83 -15.64 51.27
C PRO C 279 -1.86 -14.19 51.73
N GLY C 280 -2.46 -13.33 50.92
CA GLY C 280 -2.57 -11.91 51.28
C GLY C 280 -1.27 -11.15 51.41
N GLY C 281 -0.15 -11.70 50.90
CA GLY C 281 1.14 -11.05 51.00
C GLY C 281 1.47 -10.14 49.81
N ASP C 282 2.47 -9.28 50.01
CA ASP C 282 2.98 -8.43 48.94
C ASP C 282 4.51 -8.42 49.03
N TYR C 283 5.13 -7.36 48.52
CA TYR C 283 6.59 -7.34 48.49
C TYR C 283 7.19 -7.30 49.88
N VAL C 284 6.47 -6.74 50.86
CA VAL C 284 6.98 -6.72 52.24
C VAL C 284 7.15 -8.15 52.76
N ASP C 285 6.09 -8.95 52.62
CA ASP C 285 6.12 -10.34 53.07
C ASP C 285 7.23 -11.11 52.36
N MET C 286 7.34 -10.94 51.03
CA MET C 286 8.41 -11.59 50.29
C MET C 286 9.77 -11.25 50.88
N ALA C 287 9.99 -9.96 51.19
CA ALA C 287 11.30 -9.56 51.68
C ALA C 287 11.58 -10.17 53.04
N LYS C 288 10.56 -10.32 53.88
CA LYS C 288 10.79 -10.92 55.18
C LYS C 288 11.02 -12.43 55.08
N VAL C 289 10.43 -13.08 54.07
CA VAL C 289 10.79 -14.48 53.81
C VAL C 289 12.26 -14.57 53.43
N TYR C 290 12.71 -13.74 52.49
CA TYR C 290 14.11 -13.83 52.10
C TYR C 290 15.03 -13.44 53.24
N GLN C 291 14.63 -12.49 54.09
CA GLN C 291 15.47 -12.07 55.20
C GLN C 291 15.87 -13.26 56.08
N LYS C 292 14.95 -14.19 56.31
CA LYS C 292 15.28 -15.42 57.02
C LYS C 292 16.39 -16.19 56.30
N GLU C 293 16.26 -16.33 54.98
CA GLU C 293 17.28 -17.01 54.19
C GLU C 293 18.60 -16.25 54.19
N ALA C 294 18.55 -14.92 54.15
CA ALA C 294 19.77 -14.11 54.16
C ALA C 294 20.58 -14.34 55.43
N LYS C 295 19.90 -14.48 56.58
CA LYS C 295 20.58 -14.82 57.83
C LYS C 295 21.17 -16.24 57.78
N ALA C 296 20.44 -17.19 57.19
CA ALA C 296 20.98 -18.54 57.08
C ALA C 296 22.21 -18.56 56.19
N ARG C 297 22.28 -17.68 55.21
CA ARG C 297 23.40 -17.68 54.27
C ARG C 297 24.64 -17.00 54.83
N GLY C 298 24.55 -16.34 55.98
CA GLY C 298 25.69 -15.67 56.54
C GLY C 298 25.84 -14.21 56.14
N HIS C 299 24.95 -13.70 55.30
CA HIS C 299 25.09 -12.31 54.86
C HIS C 299 24.77 -11.32 55.98
N PHE C 300 23.94 -11.73 56.95
CA PHE C 300 23.30 -10.79 57.87
C PHE C 300 24.16 -10.64 59.13
N VAL C 301 24.89 -9.53 59.21
CA VAL C 301 25.60 -9.13 60.42
C VAL C 301 25.11 -7.73 60.79
N SER C 302 24.50 -7.62 61.97
CA SER C 302 23.73 -6.43 62.31
C SER C 302 24.62 -5.26 62.68
N LEU C 303 24.09 -4.05 62.44
CA LEU C 303 24.79 -2.84 62.83
C LEU C 303 25.03 -2.78 64.33
N GLN C 304 24.15 -3.39 65.11
CA GLN C 304 24.38 -3.46 66.55
C GLN C 304 25.63 -4.27 66.87
N GLU C 305 25.80 -5.44 66.25
CA GLU C 305 27.04 -6.20 66.45
C GLU C 305 28.24 -5.40 65.95
N LYS C 306 28.09 -4.68 64.84
CA LYS C 306 29.20 -3.86 64.37
C LYS C 306 29.47 -2.71 65.32
N LEU C 307 28.44 -2.21 66.00
CA LEU C 307 28.63 -1.17 67.01
C LEU C 307 29.37 -1.71 68.22
N LYS C 308 29.00 -2.91 68.69
CA LYS C 308 29.75 -3.58 69.76
C LYS C 308 31.24 -3.61 69.45
N ARG C 309 31.60 -3.97 68.21
CA ARG C 309 33.00 -4.11 67.84
C ARG C 309 33.67 -2.74 67.69
N ASN C 310 32.94 -1.73 67.26
CA ASN C 310 33.54 -0.41 66.99
C ASN C 310 32.54 0.68 67.39
N PRO C 311 32.71 1.27 68.56
CA PRO C 311 31.81 2.35 68.98
C PRO C 311 31.78 3.53 68.02
N ASN C 312 32.80 3.72 67.18
CA ASN C 312 32.75 4.80 66.21
C ASN C 312 31.67 4.61 65.14
N VAL C 313 31.07 3.42 65.06
CA VAL C 313 29.91 3.24 64.21
C VAL C 313 28.83 4.25 64.56
N ASN C 314 28.76 4.66 65.84
CA ASN C 314 27.69 5.55 66.24
C ASN C 314 27.89 6.98 65.77
N LYS C 315 28.96 7.25 65.02
CA LYS C 315 29.12 8.53 64.35
C LYS C 315 28.34 8.61 63.05
N LEU C 316 27.80 7.51 62.58
CA LEU C 316 27.01 7.45 61.34
C LEU C 316 25.54 7.86 61.46
N PRO C 317 24.81 7.45 62.51
CA PRO C 317 23.39 7.84 62.60
C PRO C 317 23.23 9.36 62.58
N GLY C 318 22.46 9.84 61.62
CA GLY C 318 22.23 11.27 61.53
C GLY C 318 23.34 12.03 60.84
N ALA C 319 24.31 11.34 60.24
CA ALA C 319 25.39 11.99 59.51
C ALA C 319 25.00 12.24 58.06
N ILE C 320 25.29 13.45 57.58
CA ILE C 320 25.25 13.70 56.15
C ILE C 320 26.57 13.24 55.55
N TYR C 321 26.49 12.57 54.41
CA TYR C 321 27.67 12.08 53.73
C TYR C 321 28.10 13.13 52.70
N PHE C 322 29.28 13.71 52.90
CA PHE C 322 29.80 14.79 52.06
C PHE C 322 30.95 14.27 51.22
N GLY C 323 30.76 14.22 49.92
CA GLY C 323 31.86 13.94 49.01
C GLY C 323 32.38 15.22 48.41
N ILE C 324 33.62 15.57 48.72
CA ILE C 324 34.27 16.75 48.16
C ILE C 324 35.09 16.25 46.99
N TYR C 325 34.56 16.43 45.79
CA TYR C 325 35.12 15.80 44.60
C TYR C 325 36.13 16.75 43.94
N GLY C 326 37.41 16.42 44.06
CA GLY C 326 38.44 17.30 43.56
C GLY C 326 38.96 16.91 42.19
N GLY C 327 38.15 16.20 41.40
CA GLY C 327 38.61 15.76 40.10
C GLY C 327 39.44 14.49 40.11
N TYR C 328 39.66 13.90 41.26
CA TYR C 328 40.44 12.69 41.51
C TYR C 328 39.48 11.57 41.90
N PRO C 329 39.72 10.30 41.48
CA PRO C 329 40.89 9.69 40.85
C PRO C 329 41.09 9.99 39.38
N HIS C 330 40.16 10.69 38.74
CA HIS C 330 40.24 10.81 37.29
C HIS C 330 41.45 11.61 36.84
N TYR C 331 41.90 12.56 37.65
CA TYR C 331 42.98 13.46 37.30
C TYR C 331 43.73 13.81 38.57
N VAL C 332 45.02 14.07 38.43
CA VAL C 332 45.85 14.48 39.56
C VAL C 332 45.95 16.00 39.53
N ASN C 333 45.50 16.63 40.61
CA ASN C 333 45.57 18.08 40.83
C ASN C 333 45.00 18.86 39.63
N MET C 334 43.73 18.58 39.30
CA MET C 334 43.16 19.20 38.12
C MET C 334 42.74 20.64 38.40
N PRO C 335 43.19 21.60 37.60
CA PRO C 335 42.83 23.01 37.85
C PRO C 335 41.33 23.23 37.68
N GLY C 336 40.76 24.00 38.60
CA GLY C 336 39.35 24.26 38.62
C GLY C 336 38.52 23.22 39.35
N MET C 337 39.14 22.14 39.83
CA MET C 337 38.45 21.07 40.54
C MET C 337 39.18 20.65 41.81
N ALA C 338 40.50 20.47 41.74
CA ALA C 338 41.23 20.02 42.92
C ALA C 338 41.10 21.05 44.03
N PHE C 339 41.02 20.57 45.26
CA PHE C 339 41.08 21.41 46.45
C PHE C 339 42.46 21.32 47.09
N THR C 340 42.88 22.40 47.74
CA THR C 340 44.03 22.29 48.63
C THR C 340 43.56 21.75 49.98
N PHE C 341 44.51 21.33 50.79
CA PHE C 341 44.13 20.85 52.12
C PHE C 341 43.66 21.98 53.02
N ASP C 342 44.13 23.20 52.81
CA ASP C 342 43.58 24.33 53.56
C ASP C 342 42.14 24.59 53.14
N GLU C 343 41.83 24.50 51.85
CA GLU C 343 40.46 24.66 51.40
C GLU C 343 39.57 23.52 51.93
N LEU C 344 40.11 22.30 52.00
CA LEU C 344 39.34 21.20 52.56
C LEU C 344 39.02 21.45 54.03
N LYS C 345 40.04 21.89 54.79
CA LYS C 345 39.84 22.26 56.19
C LYS C 345 38.73 23.30 56.33
N ASN C 346 38.75 24.34 55.49
N ASN C 346 38.75 24.33 55.48
CA ASN C 346 37.76 25.39 55.67
CA ASN C 346 37.79 25.42 55.60
C ASN C 346 36.37 24.98 55.19
C ASN C 346 36.38 24.99 55.17
N ILE C 347 36.26 23.96 54.33
CA ILE C 347 34.93 23.41 54.03
C ILE C 347 34.39 22.64 55.23
N ILE C 348 35.23 21.80 55.84
CA ILE C 348 34.81 21.10 57.06
C ILE C 348 34.42 22.09 58.15
N LYS C 349 35.20 23.16 58.29
CA LYS C 349 34.89 24.18 59.28
C LYS C 349 33.53 24.80 59.02
N THR C 350 33.26 25.20 57.77
CA THR C 350 31.99 25.85 57.47
C THR C 350 30.81 24.91 57.70
N ILE C 351 30.98 23.61 57.41
CA ILE C 351 29.90 22.65 57.61
C ILE C 351 29.53 22.57 59.09
N HIS C 352 30.53 22.61 59.97
CA HIS C 352 30.26 22.55 61.40
C HIS C 352 29.85 23.91 61.96
N ASP C 353 30.67 24.94 61.73
CA ASP C 353 30.47 26.19 62.47
C ASP C 353 29.32 27.03 61.91
N ASP C 354 29.17 27.06 60.59
CA ASP C 354 28.14 27.89 59.94
C ASP C 354 26.89 27.12 59.59
N LEU C 355 27.01 25.88 59.12
CA LEU C 355 25.83 25.08 58.82
C LEU C 355 25.40 24.21 60.00
N ARG C 356 26.18 24.19 61.08
CA ARG C 356 25.81 23.51 62.33
C ARG C 356 25.29 22.09 62.07
N VAL C 357 26.01 21.38 61.20
CA VAL C 357 25.78 19.96 61.02
C VAL C 357 26.47 19.23 62.16
N ASP C 358 25.70 18.44 62.92
CA ASP C 358 26.28 17.79 64.10
C ASP C 358 27.09 16.56 63.74
N LYS C 359 26.64 15.77 62.76
CA LYS C 359 27.33 14.54 62.43
C LYS C 359 27.56 14.50 60.92
N ALA C 360 28.72 13.97 60.51
CA ALA C 360 29.05 13.98 59.09
C ALA C 360 30.08 12.91 58.79
N PHE C 361 30.04 12.40 57.57
CA PHE C 361 31.10 11.58 56.99
C PHE C 361 31.69 12.41 55.87
N VAL C 362 32.90 12.93 56.08
CA VAL C 362 33.58 13.75 55.08
C VAL C 362 34.48 12.85 54.27
N HIS C 363 34.24 12.81 52.95
CA HIS C 363 34.94 11.93 52.03
C HIS C 363 35.64 12.83 51.02
N ALA C 364 36.97 12.90 51.11
CA ALA C 364 37.76 13.85 50.33
C ALA C 364 38.39 13.16 49.13
N TRP C 365 37.96 13.51 47.91
CA TRP C 365 38.44 12.84 46.70
C TRP C 365 39.58 13.65 46.11
N GLY C 366 40.82 13.26 46.43
CA GLY C 366 41.95 13.94 45.85
C GLY C 366 42.92 14.41 46.90
N THR C 367 43.65 13.44 47.47
CA THR C 367 44.60 13.71 48.51
C THR C 367 45.99 13.19 48.19
N PHE C 368 46.17 12.44 47.10
CA PHE C 368 47.44 11.83 46.74
C PHE C 368 47.92 12.40 45.41
N SER C 369 49.23 12.32 45.21
CA SER C 369 49.86 12.85 44.02
C SER C 369 50.17 11.79 42.96
N ASN C 370 49.90 10.51 43.25
CA ASN C 370 49.89 9.48 42.23
C ASN C 370 48.44 9.09 41.92
N PHE C 371 48.27 8.47 40.75
CA PHE C 371 46.98 7.87 40.39
C PHE C 371 46.75 6.58 41.16
N VAL C 372 45.49 6.32 41.52
CA VAL C 372 45.16 4.98 42.02
C VAL C 372 45.56 4.00 40.93
N PRO C 373 46.00 2.77 41.27
CA PRO C 373 45.92 2.16 42.60
C PRO C 373 47.14 2.37 43.49
N HIS C 374 47.90 3.42 43.25
CA HIS C 374 49.01 3.76 44.15
C HIS C 374 48.54 4.97 44.94
N ASN C 375 47.98 4.67 46.13
CA ASN C 375 47.23 5.64 46.93
C ASN C 375 48.17 6.39 47.88
N TYR C 376 49.17 7.04 47.29
CA TYR C 376 50.27 7.65 48.02
C TYR C 376 51.14 8.41 47.02
N PRO C 377 51.97 9.35 47.49
CA PRO C 377 52.00 9.86 48.86
C PRO C 377 50.92 10.92 49.02
N ILE C 378 50.65 11.37 50.24
CA ILE C 378 49.81 12.55 50.42
C ILE C 378 50.40 13.71 49.62
N SER C 379 49.55 14.43 48.89
CA SER C 379 50.06 15.36 47.88
C SER C 379 50.77 16.57 48.50
N GLU C 380 52.05 16.73 48.14
CA GLU C 380 52.76 17.98 48.44
C GLU C 380 52.11 19.17 47.76
N ALA C 381 51.72 19.01 46.50
CA ALA C 381 51.15 20.13 45.75
C ALA C 381 49.91 20.71 46.44
N LEU C 382 49.14 19.88 47.13
CA LEU C 382 47.91 20.32 47.80
C LEU C 382 48.15 20.83 49.21
N GLY C 383 49.40 20.81 49.68
CA GLY C 383 49.67 21.31 51.01
C GLY C 383 50.53 20.41 51.88
N GLY C 384 50.69 19.14 51.51
CA GLY C 384 51.52 18.23 52.28
C GLY C 384 50.77 17.50 53.38
N PRO C 385 51.42 16.48 53.94
CA PRO C 385 50.74 15.65 54.96
C PRO C 385 50.38 16.39 56.24
N GLU C 386 51.18 17.37 56.68
CA GLU C 386 50.81 18.17 57.85
C GLU C 386 49.46 18.86 57.64
N LYS C 387 49.30 19.55 56.51
CA LYS C 387 48.07 20.29 56.26
C LYS C 387 46.87 19.37 56.08
N LEU C 388 47.06 18.18 55.51
CA LEU C 388 45.95 17.23 55.49
C LEU C 388 45.61 16.77 56.90
N LYS C 389 46.63 16.44 57.69
CA LYS C 389 46.38 16.07 59.09
C LYS C 389 45.62 17.16 59.83
N ALA C 390 45.92 18.44 59.56
CA ALA C 390 45.20 19.51 60.22
C ALA C 390 43.71 19.48 59.83
N ALA C 391 43.40 19.20 58.57
CA ALA C 391 42.00 19.10 58.16
C ALA C 391 41.33 17.91 58.83
N VAL C 392 42.00 16.75 58.80
CA VAL C 392 41.45 15.54 59.41
C VAL C 392 41.28 15.74 60.92
N ASP C 393 42.29 16.33 61.57
CA ASP C 393 42.20 16.56 63.00
C ASP C 393 41.00 17.43 63.34
N LEU C 394 40.75 18.46 62.52
CA LEU C 394 39.58 19.30 62.77
C LEU C 394 38.29 18.48 62.66
N ALA C 395 38.17 17.61 61.65
CA ALA C 395 36.97 16.80 61.51
C ALA C 395 36.79 15.87 62.71
N LYS C 396 37.89 15.34 63.24
CA LYS C 396 37.80 14.45 64.39
C LYS C 396 37.40 15.19 65.66
N SER C 397 37.85 16.44 65.82
CA SER C 397 37.47 17.24 66.97
C SER C 397 35.98 17.56 66.97
N TYR C 398 35.35 17.53 65.80
CA TYR C 398 33.90 17.65 65.67
C TYR C 398 33.18 16.32 65.85
N GLY C 399 33.90 15.21 65.94
CA GLY C 399 33.25 13.92 65.96
C GLY C 399 32.81 13.41 64.60
N TYR C 400 33.24 14.05 63.51
CA TYR C 400 32.97 13.63 62.16
C TYR C 400 33.83 12.42 61.78
N LEU C 401 33.33 11.64 60.82
CA LEU C 401 34.15 10.62 60.18
C LEU C 401 34.85 11.21 58.97
N TYR C 402 36.07 10.74 58.73
CA TYR C 402 36.83 11.17 57.57
C TYR C 402 37.39 9.96 56.83
N SER C 403 37.35 10.04 55.50
CA SER C 403 38.08 9.14 54.64
C SER C 403 38.53 9.90 53.40
N SER C 404 39.65 9.46 52.85
CA SER C 404 40.05 9.89 51.52
C SER C 404 39.46 8.93 50.49
N TYR C 405 39.53 9.31 49.23
CA TYR C 405 39.21 8.37 48.16
C TYR C 405 40.31 7.31 48.10
N HIS C 406 39.92 6.05 48.09
CA HIS C 406 40.85 4.95 47.84
C HIS C 406 40.28 4.02 46.76
N ALA C 407 41.18 3.43 45.97
CA ALA C 407 40.82 2.38 45.04
C ALA C 407 42.07 1.57 44.71
N TYR C 408 41.93 0.23 44.70
CA TYR C 408 43.02 -0.67 44.38
C TYR C 408 42.78 -1.44 43.10
N SER C 409 41.61 -1.27 42.47
CA SER C 409 41.25 -1.94 41.22
C SER C 409 41.57 -1.21 39.92
N PRO C 410 41.71 0.11 39.86
CA PRO C 410 41.88 0.76 38.55
C PRO C 410 43.28 0.56 37.99
N MET C 411 43.38 0.71 36.66
CA MET C 411 44.65 0.86 35.96
C MET C 411 44.40 1.82 34.80
N LEU C 412 44.83 3.07 34.94
CA LEU C 412 44.32 4.18 34.13
C LEU C 412 45.27 4.53 32.99
N GLU C 413 44.69 4.72 31.78
CA GLU C 413 45.45 5.09 30.60
C GLU C 413 46.30 6.35 30.78
N ASN C 414 45.80 7.33 31.55
CA ASN C 414 46.53 8.57 31.72
C ASN C 414 47.48 8.55 32.92
N ASP C 415 47.61 7.44 33.61
CA ASP C 415 48.59 7.31 34.68
C ASP C 415 49.96 7.04 34.07
N PRO C 416 50.96 7.90 34.31
CA PRO C 416 52.32 7.60 33.80
C PRO C 416 52.87 6.28 34.28
N ASN C 417 52.35 5.72 35.37
CA ASN C 417 52.73 4.41 35.89
C ASN C 417 51.94 3.26 35.30
N PHE C 418 51.08 3.53 34.32
CA PHE C 418 50.23 2.48 33.77
C PHE C 418 51.07 1.29 33.33
N THR C 419 50.62 0.10 33.70
CA THR C 419 51.22 -1.13 33.20
C THR C 419 50.14 -2.18 33.08
N THR C 420 50.30 -3.07 32.11
CA THR C 420 49.41 -4.22 32.04
C THR C 420 49.83 -5.35 32.96
N ASP C 421 50.95 -5.19 33.68
CA ASP C 421 51.49 -6.28 34.50
C ASP C 421 50.46 -6.80 35.52
N LEU C 422 49.66 -5.90 36.10
CA LEU C 422 48.73 -6.31 37.14
C LEU C 422 47.31 -6.55 36.60
N MET C 423 47.12 -6.56 35.29
CA MET C 423 45.81 -6.87 34.74
C MET C 423 45.70 -8.38 34.52
N GLN C 424 44.47 -8.88 34.51
CA GLN C 424 44.22 -10.30 34.29
C GLN C 424 44.15 -10.60 32.80
N ARG C 425 44.61 -11.80 32.43
CA ARG C 425 44.44 -12.27 31.06
C ARG C 425 43.61 -13.54 31.06
N ASP C 426 42.90 -13.77 29.94
CA ASP C 426 42.02 -14.91 29.78
C ASP C 426 42.77 -16.10 29.19
N ALA C 427 42.04 -17.18 28.88
CA ALA C 427 42.70 -18.40 28.43
C ALA C 427 43.41 -18.22 27.11
N GLU C 428 43.05 -17.22 26.32
CA GLU C 428 43.77 -16.97 25.08
C GLU C 428 44.91 -15.98 25.26
N GLY C 429 45.22 -15.62 26.51
CA GLY C 429 46.28 -14.66 26.75
C GLY C 429 45.87 -13.22 26.49
N LYS C 430 44.59 -12.96 26.33
CA LYS C 430 44.12 -11.62 26.04
C LYS C 430 43.79 -10.87 27.33
N LEU C 431 44.06 -9.56 27.32
CA LEU C 431 43.76 -8.74 28.48
C LEU C 431 42.26 -8.70 28.74
N MET C 432 41.89 -8.74 30.02
CA MET C 432 40.52 -8.66 30.45
C MET C 432 40.23 -7.25 30.94
N ASN C 433 38.99 -6.83 30.72
CA ASN C 433 38.51 -5.52 31.14
C ASN C 433 39.32 -4.38 30.51
N THR C 434 39.77 -4.56 29.26
CA THR C 434 40.31 -3.42 28.51
C THR C 434 39.27 -2.32 28.36
N GLY C 435 37.98 -2.66 28.41
CA GLY C 435 36.92 -1.67 28.34
C GLY C 435 36.41 -1.12 29.65
N SER C 436 37.01 -1.47 30.80
N SER C 436 37.10 -1.38 30.77
CA SER C 436 36.52 -1.04 32.12
CA SER C 436 36.56 -1.08 32.09
C SER C 436 37.72 -0.61 32.97
C SER C 436 37.72 -0.62 32.99
N ARG C 437 38.12 0.66 32.82
CA ARG C 437 39.37 1.14 33.38
C ARG C 437 39.40 1.14 34.91
N TRP C 438 38.25 1.18 35.57
CA TRP C 438 38.21 1.20 37.03
C TRP C 438 38.33 -0.19 37.64
N ALA C 439 38.17 -1.26 36.86
CA ALA C 439 38.28 -2.63 37.38
C ALA C 439 39.23 -3.41 36.48
N ARG C 440 40.50 -3.03 36.50
CA ARG C 440 41.48 -3.69 35.66
C ARG C 440 42.51 -4.51 36.44
N VAL C 441 42.74 -4.20 37.70
CA VAL C 441 43.76 -4.92 38.46
C VAL C 441 43.17 -6.24 38.93
N ASP C 442 43.86 -7.34 38.62
CA ASP C 442 43.44 -8.65 39.06
C ASP C 442 43.23 -8.63 40.58
N PRO C 443 42.04 -8.96 41.07
CA PRO C 443 41.82 -8.93 42.53
C PRO C 443 42.88 -9.66 43.34
N LYS C 444 43.57 -10.65 42.76
CA LYS C 444 44.57 -11.34 43.56
C LYS C 444 45.75 -10.46 43.94
N PHE C 445 45.89 -9.27 43.30
CA PHE C 445 46.93 -8.33 43.65
C PHE C 445 46.46 -7.21 44.58
N GLN C 446 45.16 -7.09 44.84
CA GLN C 446 44.66 -5.85 45.41
C GLN C 446 44.99 -5.70 46.89
N LYS C 447 45.00 -6.80 47.66
CA LYS C 447 45.44 -6.68 49.04
C LYS C 447 46.87 -6.16 49.12
N GLY C 448 47.74 -6.66 48.23
CA GLY C 448 49.12 -6.19 48.24
C GLY C 448 49.23 -4.71 47.90
N LEU C 449 48.35 -4.22 47.03
CA LEU C 449 48.36 -2.80 46.70
C LEU C 449 47.88 -1.96 47.88
N ALA C 450 46.83 -2.40 48.57
CA ALA C 450 46.39 -1.71 49.78
C ALA C 450 47.50 -1.65 50.82
N GLN C 451 48.23 -2.76 50.98
CA GLN C 451 49.26 -2.87 52.01
C GLN C 451 50.39 -1.88 51.82
N LYS C 452 50.58 -1.37 50.61
CA LYS C 452 51.71 -0.46 50.38
C LYS C 452 51.63 0.77 51.28
N ASN C 453 50.44 1.34 51.46
CA ASN C 453 50.40 2.57 52.25
C ASN C 453 49.26 2.69 53.25
N ILE C 454 48.24 1.84 53.23
CA ILE C 454 47.03 2.14 54.00
C ILE C 454 47.34 2.17 55.50
N GLU C 455 48.25 1.31 55.97
CA GLU C 455 48.58 1.34 57.40
C GLU C 455 49.38 2.58 57.76
N LYS C 456 50.27 3.02 56.88
CA LYS C 456 50.95 4.30 57.10
C LYS C 456 49.95 5.44 57.17
N GLU C 457 48.97 5.45 56.24
CA GLU C 457 48.00 6.55 56.25
C GLU C 457 47.11 6.50 57.49
N ILE C 458 46.66 5.31 57.90
CA ILE C 458 45.87 5.17 59.11
C ILE C 458 46.65 5.69 60.31
N SER C 459 47.88 5.19 60.46
CA SER C 459 48.73 5.57 61.57
C SER C 459 48.98 7.08 61.57
N TYR C 460 49.37 7.64 60.42
CA TYR C 460 49.78 9.03 60.40
C TYR C 460 48.59 9.97 60.60
N LEU C 461 47.47 9.70 59.95
CA LEU C 461 46.33 10.59 60.10
C LEU C 461 45.47 10.26 61.30
N GLY C 462 45.71 9.12 61.95
CA GLY C 462 44.83 8.67 63.02
C GLY C 462 43.43 8.43 62.50
N LEU C 463 43.33 7.71 61.39
CA LEU C 463 42.05 7.46 60.75
C LEU C 463 41.13 6.59 61.61
N GLU C 464 39.84 6.94 61.60
CA GLU C 464 38.78 6.15 62.21
C GLU C 464 37.88 5.49 61.17
N ALA C 465 38.05 5.83 59.90
CA ALA C 465 37.14 5.40 58.87
C ALA C 465 37.92 5.24 57.57
N ASP C 466 37.30 4.55 56.63
CA ASP C 466 37.88 4.30 55.32
C ASP C 466 36.73 3.99 54.37
N ILE C 467 36.82 4.47 53.14
CA ILE C 467 35.90 4.07 52.08
C ILE C 467 36.73 3.66 50.89
N THR C 468 36.39 2.51 50.32
CA THR C 468 37.09 1.95 49.16
C THR C 468 36.13 1.88 47.99
N ASP C 469 36.58 2.31 46.81
CA ASP C 469 35.73 2.34 45.61
C ASP C 469 35.88 1.05 44.80
N ILE C 470 34.80 0.71 44.07
CA ILE C 470 34.75 -0.25 42.95
C ILE C 470 34.78 -1.72 43.35
N THR C 471 35.78 -2.13 44.13
CA THR C 471 36.09 -3.55 44.26
C THR C 471 34.89 -4.37 44.75
N PHE C 472 34.03 -3.79 45.60
CA PHE C 472 32.95 -4.53 46.21
C PHE C 472 31.58 -4.12 45.69
N ALA C 473 31.51 -3.57 44.47
CA ALA C 473 30.25 -3.12 43.89
C ALA C 473 29.46 -4.25 43.25
N ALA C 474 30.08 -5.40 42.99
CA ALA C 474 29.40 -6.54 42.39
C ALA C 474 29.83 -7.80 43.13
N TYR C 475 29.27 -8.96 42.75
CA TYR C 475 29.69 -10.25 43.32
C TYR C 475 29.75 -11.30 42.19
N ARG C 476 30.78 -11.20 41.37
CA ARG C 476 31.00 -12.13 40.28
C ARG C 476 31.95 -13.25 40.72
N GLU C 477 31.96 -14.34 39.95
CA GLU C 477 32.83 -15.47 40.31
C GLU C 477 34.30 -15.13 40.09
N ASN C 478 34.63 -14.59 38.94
CA ASN C 478 36.03 -14.36 38.60
C ASN C 478 36.64 -13.33 39.56
N GLY C 479 37.70 -13.73 40.24
CA GLY C 479 38.40 -12.86 41.17
C GLY C 479 37.80 -12.76 42.55
N LYS C 480 36.79 -13.57 42.86
CA LYS C 480 36.09 -13.41 44.13
C LYS C 480 37.02 -13.62 45.31
N GLU C 481 37.93 -14.60 45.21
CA GLU C 481 38.81 -14.92 46.32
C GLU C 481 39.78 -13.78 46.62
N GLY C 482 40.33 -13.15 45.59
CA GLY C 482 41.17 -11.99 45.84
C GLY C 482 40.38 -10.86 46.47
N ARG C 483 39.11 -10.71 46.08
CA ARG C 483 38.28 -9.66 46.69
C ARG C 483 38.02 -9.97 48.16
N ILE C 484 37.68 -11.23 48.46
CA ILE C 484 37.51 -11.65 49.85
C ILE C 484 38.76 -11.36 50.66
N GLU C 485 39.94 -11.65 50.09
CA GLU C 485 41.21 -11.36 50.74
C GLU C 485 41.33 -9.87 51.10
N LEU C 486 41.07 -8.98 50.14
CA LEU C 486 41.10 -7.54 50.42
C LEU C 486 40.08 -7.18 51.49
N ALA C 487 38.85 -7.70 51.38
CA ALA C 487 37.81 -7.38 52.35
C ALA C 487 38.23 -7.73 53.77
N LYS C 488 38.80 -8.92 53.97
CA LYS C 488 39.25 -9.30 55.31
C LYS C 488 40.38 -8.41 55.80
N TYR C 489 41.24 -7.98 54.89
CA TYR C 489 42.36 -7.14 55.29
C TYR C 489 41.87 -5.77 55.75
N ILE C 490 41.03 -5.11 54.96
CA ILE C 490 40.45 -3.83 55.33
C ILE C 490 39.69 -3.95 56.65
N ASP C 491 38.82 -4.95 56.73
CA ASP C 491 38.00 -5.16 57.92
C ASP C 491 38.84 -5.34 59.18
N SER C 492 40.07 -5.85 59.02
CA SER C 492 40.93 -6.12 60.18
C SER C 492 41.46 -4.85 60.84
N PHE C 493 41.37 -3.68 60.18
CA PHE C 493 41.75 -2.45 60.86
C PHE C 493 40.69 -1.96 61.83
N ASN C 494 39.48 -2.52 61.78
CA ASN C 494 38.38 -2.11 62.64
C ASN C 494 38.12 -0.60 62.55
N LEU C 495 38.13 -0.08 61.33
CA LEU C 495 37.63 1.26 61.06
C LEU C 495 36.15 1.19 60.73
N VAL C 496 35.46 2.32 60.90
CA VAL C 496 34.14 2.41 60.30
C VAL C 496 34.39 2.37 58.80
N ASN C 497 33.98 1.30 58.12
CA ASN C 497 34.37 1.28 56.72
C ASN C 497 33.19 1.11 55.78
N GLY C 498 33.29 1.84 54.67
CA GLY C 498 32.25 1.91 53.68
C GLY C 498 32.85 1.54 52.33
N THR C 499 31.95 1.25 51.41
CA THR C 499 32.43 0.90 50.08
C THR C 499 31.36 1.28 49.08
N GLU C 500 31.80 1.46 47.82
CA GLU C 500 30.85 1.78 46.75
C GLU C 500 29.85 0.66 46.52
N HIS C 501 28.57 1.04 46.51
CA HIS C 501 27.45 0.21 46.09
C HIS C 501 27.24 -1.01 46.97
N GLY C 502 28.21 -1.94 47.00
CA GLY C 502 28.10 -3.13 47.81
C GLY C 502 27.23 -4.20 47.17
N GLN C 503 27.27 -5.39 47.79
CA GLN C 503 26.33 -6.47 47.55
C GLN C 503 26.09 -7.17 48.90
N GLU C 504 24.99 -7.94 48.97
CA GLU C 504 24.67 -8.63 50.22
C GLU C 504 25.83 -9.47 50.72
N GLN C 505 26.59 -10.09 49.82
CA GLN C 505 27.74 -10.92 50.21
C GLN C 505 28.84 -10.14 50.93
N TRP C 506 28.90 -8.83 50.73
CA TRP C 506 29.93 -8.03 51.38
C TRP C 506 29.46 -7.40 52.68
N ILE C 507 28.19 -7.55 53.02
CA ILE C 507 27.65 -6.95 54.26
C ILE C 507 28.45 -7.32 55.51
N PRO C 508 28.99 -8.53 55.67
CA PRO C 508 29.73 -8.82 56.92
C PRO C 508 30.99 -7.99 57.10
N TYR C 509 31.53 -7.39 56.04
CA TYR C 509 32.82 -6.73 56.12
C TYR C 509 32.73 -5.22 56.17
N PHE C 510 31.53 -4.65 56.05
CA PHE C 510 31.40 -3.21 55.90
C PHE C 510 30.31 -2.69 56.81
N ASP C 511 30.40 -1.42 57.11
CA ASP C 511 29.41 -0.73 57.89
C ASP C 511 28.45 0.07 57.03
N MET C 512 28.91 0.60 55.91
CA MET C 512 28.02 1.37 55.06
C MET C 512 28.35 1.14 53.59
N PHE C 513 27.31 1.26 52.77
CA PHE C 513 27.36 1.21 51.32
C PHE C 513 27.02 2.59 50.76
N GLU C 514 27.86 3.09 49.85
CA GLU C 514 27.54 4.30 49.10
C GLU C 514 26.81 3.86 47.83
N GLY C 515 25.50 4.04 47.81
CA GLY C 515 24.67 3.58 46.72
C GLY C 515 23.67 2.53 47.21
N MET C 516 23.46 1.50 46.40
CA MET C 516 22.38 0.54 46.63
C MET C 516 21.06 1.31 46.60
N THR C 517 20.96 2.22 45.64
CA THR C 517 19.73 2.95 45.36
C THR C 517 19.24 2.60 43.96
N TYR C 518 19.40 3.51 42.99
CA TYR C 518 18.84 3.32 41.65
C TYR C 518 19.79 3.88 40.59
N LEU C 519 19.89 3.17 39.46
CA LEU C 519 20.46 3.81 38.27
C LEU C 519 19.52 4.93 37.80
N GLU C 520 20.10 5.90 37.10
CA GLU C 520 19.26 6.94 36.49
C GLU C 520 18.52 6.40 35.28
N ASP C 521 19.23 5.72 34.37
CA ASP C 521 18.65 5.10 33.19
C ASP C 521 18.71 3.60 33.37
N ARG C 522 17.56 2.94 33.29
CA ARG C 522 17.55 1.50 33.58
C ARG C 522 16.36 0.86 32.91
N PRO C 523 16.47 -0.40 32.51
CA PRO C 523 15.28 -1.17 32.12
C PRO C 523 14.26 -1.10 33.24
N LEU C 524 12.98 -0.99 32.85
CA LEU C 524 11.83 -0.98 33.73
C LEU C 524 11.57 0.40 34.33
N SER C 525 12.42 1.42 34.07
CA SER C 525 12.27 2.69 34.76
C SER C 525 10.92 3.36 34.51
N VAL C 526 10.35 3.22 33.31
CA VAL C 526 9.06 3.87 33.05
C VAL C 526 7.86 2.99 33.39
N ILE C 527 8.07 1.75 33.85
CA ILE C 527 6.97 0.86 34.21
C ILE C 527 7.19 0.21 35.56
N SER C 528 7.84 0.93 36.48
CA SER C 528 8.03 0.43 37.83
C SER C 528 7.99 1.58 38.83
N HIS C 529 7.86 1.21 40.10
CA HIS C 529 7.96 2.13 41.21
C HIS C 529 9.09 1.70 42.12
N PRO C 530 9.99 2.59 42.55
CA PRO C 530 10.97 2.21 43.57
C PRO C 530 10.27 1.73 44.83
N ALA C 531 10.76 0.62 45.36
CA ALA C 531 10.34 0.01 46.61
C ALA C 531 11.59 -0.36 47.40
N PRO C 532 11.59 -0.23 48.73
CA PRO C 532 12.82 -0.47 49.51
C PRO C 532 13.05 -1.95 49.81
N LEU C 533 13.16 -2.76 48.74
CA LEU C 533 13.24 -4.20 48.91
C LEU C 533 14.52 -4.61 49.63
N PHE C 534 15.66 -4.13 49.14
CA PHE C 534 16.92 -4.42 49.82
C PHE C 534 16.87 -4.01 51.28
N ASN C 535 16.41 -2.79 51.55
CA ASN C 535 16.44 -2.30 52.91
C ASN C 535 15.40 -2.98 53.79
N LEU C 536 14.28 -3.42 53.19
CA LEU C 536 13.34 -4.28 53.91
C LEU C 536 14.00 -5.57 54.37
N VAL C 537 15.03 -6.02 53.67
CA VAL C 537 15.79 -7.18 54.14
C VAL C 537 16.90 -6.76 55.09
N TYR C 538 17.71 -5.77 54.71
CA TYR C 538 19.04 -5.56 55.28
C TYR C 538 19.26 -4.25 56.04
N HIS C 539 18.25 -3.41 56.24
CA HIS C 539 18.49 -2.10 56.85
C HIS C 539 19.16 -2.23 58.22
N GLU C 540 18.87 -3.29 58.96
CA GLU C 540 19.53 -3.45 60.26
C GLU C 540 20.98 -3.85 60.15
N ALA C 541 21.43 -4.29 58.96
CA ALA C 541 22.75 -4.89 58.81
C ALA C 541 23.74 -4.03 58.04
N ILE C 542 23.27 -3.09 57.22
CA ILE C 542 24.16 -2.21 56.47
C ILE C 542 23.47 -0.86 56.32
N ALA C 543 24.21 0.21 56.56
CA ALA C 543 23.70 1.55 56.32
C ALA C 543 23.96 1.91 54.86
N ASN C 544 22.99 2.53 54.19
CA ASN C 544 23.34 2.99 52.86
C ASN C 544 23.07 4.48 52.70
N PHE C 545 23.66 5.03 51.64
CA PHE C 545 23.63 6.46 51.36
C PHE C 545 23.43 6.60 49.87
N GLY C 546 22.97 7.78 49.44
CA GLY C 546 22.84 8.05 48.03
C GLY C 546 24.14 7.83 47.25
N LYS C 547 24.00 7.52 45.97
CA LYS C 547 25.14 7.27 45.08
C LYS C 547 25.79 8.59 44.67
N ILE C 548 27.13 8.61 44.65
CA ILE C 548 27.82 9.85 44.35
C ILE C 548 27.50 10.36 42.94
N GLN C 549 27.26 9.46 41.97
CA GLN C 549 26.92 9.96 40.63
C GLN C 549 25.51 10.55 40.57
N ASP C 550 24.65 10.22 41.52
CA ASP C 550 23.27 10.68 41.52
C ASP C 550 22.95 11.20 42.92
N PRO C 551 23.65 12.22 43.38
CA PRO C 551 23.52 12.64 44.77
C PRO C 551 22.29 13.52 44.97
N ASP C 552 22.03 13.81 46.23
CA ASP C 552 20.78 14.48 46.56
C ASP C 552 20.77 15.92 46.09
N ASN C 553 21.93 16.48 45.75
CA ASN C 553 22.00 17.85 45.27
C ASN C 553 21.93 17.96 43.75
N GLU C 554 21.81 16.85 43.03
CA GLU C 554 21.65 16.89 41.57
C GLU C 554 20.20 16.55 41.18
N VAL C 555 19.73 17.16 40.10
CA VAL C 555 18.39 16.87 39.57
C VAL C 555 18.54 15.86 38.46
N THR C 556 17.95 14.68 38.64
CA THR C 556 18.11 13.59 37.67
C THR C 556 16.77 12.90 37.47
N ALA C 557 16.82 11.86 36.63
CA ALA C 557 15.68 10.96 36.46
C ALA C 557 15.13 10.47 37.78
N ASN C 558 15.96 10.38 38.82
CA ASN C 558 15.50 9.88 40.11
C ASN C 558 15.02 10.97 41.05
N GLY C 559 14.97 12.22 40.63
CA GLY C 559 14.31 13.26 41.40
C GLY C 559 15.19 14.46 41.64
N ASP C 560 14.59 15.48 42.28
CA ASP C 560 15.29 16.65 42.78
C ASP C 560 15.53 16.45 44.28
N PHE C 561 15.93 17.50 44.99
CA PHE C 561 16.19 17.31 46.42
C PHE C 561 14.89 17.01 47.18
N ARG C 562 13.79 17.67 46.81
CA ARG C 562 12.48 17.38 47.41
C ARG C 562 12.20 15.88 47.38
N ILE C 563 12.23 15.31 46.17
CA ILE C 563 11.90 13.89 46.01
C ILE C 563 12.93 13.02 46.72
N LYS C 564 14.22 13.29 46.51
CA LYS C 564 15.22 12.40 47.07
C LYS C 564 15.25 12.47 48.60
N ALA C 565 15.00 13.65 49.17
CA ALA C 565 15.00 13.78 50.62
C ALA C 565 13.87 12.95 51.23
N LEU C 566 12.67 13.05 50.67
CA LEU C 566 11.54 12.26 51.16
C LEU C 566 11.79 10.77 50.99
N ARG C 567 12.26 10.35 49.81
CA ARG C 567 12.52 8.93 49.61
C ARG C 567 13.56 8.41 50.59
N SER C 568 14.61 9.21 50.86
CA SER C 568 15.62 8.89 51.86
C SER C 568 14.99 8.42 53.16
N MET C 569 14.05 9.20 53.68
CA MET C 569 13.45 8.87 54.98
C MET C 569 12.55 7.66 54.86
N LEU C 570 11.80 7.56 53.76
CA LEU C 570 10.96 6.40 53.53
C LEU C 570 11.78 5.13 53.46
N PHE C 571 12.92 5.18 52.76
CA PHE C 571 13.66 3.98 52.46
C PHE C 571 14.73 3.67 53.49
N GLY C 572 15.08 4.63 54.34
CA GLY C 572 16.05 4.38 55.38
C GLY C 572 17.49 4.58 54.97
N ARG C 573 17.76 5.46 54.01
CA ARG C 573 19.14 5.77 53.66
C ARG C 573 19.52 7.16 54.15
N GLY C 574 20.85 7.40 54.23
CA GLY C 574 21.35 8.71 54.57
C GLY C 574 21.51 9.63 53.38
N THR C 575 21.66 10.91 53.69
CA THR C 575 21.83 11.95 52.68
C THR C 575 23.23 11.93 52.08
N THR C 576 23.31 12.11 50.76
CA THR C 576 24.59 12.25 50.07
C THR C 576 24.65 13.62 49.41
N ILE C 577 25.68 14.40 49.74
CA ILE C 577 25.92 15.69 49.11
C ILE C 577 27.27 15.58 48.44
N PHE C 578 27.29 15.58 47.10
CA PHE C 578 28.48 15.29 46.31
C PHE C 578 28.73 16.43 45.34
N PHE C 579 29.86 17.11 45.48
CA PHE C 579 30.03 18.39 44.79
C PHE C 579 31.48 18.67 44.47
N ALA C 580 31.71 19.36 43.35
CA ALA C 580 32.99 20.01 43.14
C ALA C 580 33.11 21.18 44.12
N PRO C 581 34.33 21.50 44.57
CA PRO C 581 34.49 22.57 45.56
C PRO C 581 33.83 23.88 45.15
N TYR C 582 33.90 24.25 43.86
CA TYR C 582 33.37 25.54 43.41
C TYR C 582 31.86 25.65 43.60
N GLU C 583 31.18 24.53 43.76
CA GLU C 583 29.73 24.52 43.97
C GLU C 583 29.33 24.73 45.41
N PHE C 584 30.31 24.80 46.33
CA PHE C 584 29.98 24.60 47.74
C PHE C 584 28.91 25.57 48.23
N GLU C 585 29.07 26.87 47.93
CA GLU C 585 28.07 27.85 48.38
C GLU C 585 26.66 27.50 47.92
N GLY C 586 26.53 26.89 46.73
CA GLY C 586 25.22 26.46 46.25
C GLY C 586 24.64 25.25 46.99
N MET C 587 25.46 24.54 47.76
CA MET C 587 24.97 23.40 48.52
C MET C 587 24.32 23.81 49.84
N ARG C 588 24.64 25.00 50.35
CA ARG C 588 24.15 25.37 51.69
C ARG C 588 22.66 25.17 51.90
N PRO C 589 21.77 25.64 51.03
CA PRO C 589 20.34 25.42 51.32
C PRO C 589 19.96 23.94 51.43
N MET C 590 20.57 23.08 50.62
CA MET C 590 20.23 21.66 50.66
C MET C 590 20.84 20.97 51.88
N ILE C 591 22.07 21.34 52.24
CA ILE C 591 22.64 20.88 53.51
C ILE C 591 21.71 21.26 54.67
N GLU C 592 21.23 22.51 54.68
CA GLU C 592 20.36 22.98 55.76
C GLU C 592 19.08 22.15 55.85
N MET C 593 18.44 21.91 54.69
CA MET C 593 17.18 21.16 54.72
C MET C 593 17.39 19.70 55.10
N ALA C 594 18.49 19.10 54.65
CA ALA C 594 18.78 17.72 55.04
C ALA C 594 19.05 17.64 56.54
N ARG C 595 19.83 18.58 57.07
CA ARG C 595 20.06 18.67 58.50
C ARG C 595 18.75 18.74 59.28
N ASP C 596 17.83 19.61 58.86
CA ASP C 596 16.61 19.83 59.63
C ASP C 596 15.61 18.69 59.46
N LEU C 597 15.45 18.15 58.25
CA LEU C 597 14.42 17.16 57.99
C LEU C 597 14.94 15.74 58.04
N VAL C 598 16.01 15.43 57.31
CA VAL C 598 16.41 14.04 57.09
C VAL C 598 17.25 13.51 58.24
N SER C 599 18.23 14.29 58.68
CA SER C 599 19.18 13.78 59.68
C SER C 599 18.50 13.28 60.96
N PRO C 600 17.51 13.96 61.55
CA PRO C 600 16.88 13.43 62.78
C PRO C 600 16.20 12.09 62.57
N VAL C 601 15.53 11.91 61.43
CA VAL C 601 14.86 10.65 61.12
C VAL C 601 15.89 9.57 60.83
N HIS C 602 16.91 9.90 60.04
CA HIS C 602 18.02 8.97 59.81
C HIS C 602 18.65 8.53 61.13
N LYS C 603 18.89 9.49 62.03
CA LYS C 603 19.51 9.14 63.32
C LYS C 603 18.63 8.17 64.11
N GLU C 604 17.33 8.46 64.19
CA GLU C 604 16.45 7.68 65.03
C GLU C 604 16.24 6.27 64.47
N THR C 605 16.17 6.13 63.14
CA THR C 605 15.84 4.85 62.51
C THR C 605 17.06 4.00 62.15
N PHE C 606 18.27 4.56 62.30
CA PHE C 606 19.49 3.98 61.72
C PHE C 606 19.65 2.48 62.00
N TYR C 607 19.58 2.07 63.26
CA TYR C 607 19.85 0.68 63.63
C TYR C 607 18.65 -0.23 63.49
N SER C 608 17.48 0.34 63.20
CA SER C 608 16.23 -0.39 63.33
C SER C 608 15.92 -1.19 62.08
N GLU C 609 14.87 -2.01 62.18
CA GLU C 609 14.34 -2.69 61.03
C GLU C 609 13.32 -1.81 60.32
N LEU C 610 13.39 -1.79 59.00
CA LEU C 610 12.28 -1.28 58.19
C LEU C 610 11.22 -2.38 58.17
N LYS C 611 10.24 -2.25 59.09
CA LYS C 611 9.25 -3.30 59.28
C LYS C 611 8.30 -3.40 58.10
N SER C 612 7.89 -2.28 57.53
CA SER C 612 6.90 -2.29 56.47
C SER C 612 7.03 -1.04 55.63
N HIS C 613 6.75 -1.19 54.33
CA HIS C 613 6.57 -0.09 53.43
C HIS C 613 5.23 -0.28 52.73
N GLU C 614 4.49 0.81 52.53
CA GLU C 614 3.21 0.75 51.87
C GLU C 614 3.03 1.89 50.89
N TYR C 615 2.26 1.62 49.84
CA TYR C 615 1.79 2.67 48.94
C TYR C 615 0.36 3.04 49.37
N LEU C 616 0.14 4.33 49.65
CA LEU C 616 -1.13 4.78 50.19
C LEU C 616 -2.01 5.53 49.18
N SER C 617 -1.57 5.66 47.93
CA SER C 617 -2.36 6.37 46.94
C SER C 617 -2.35 5.57 45.64
N ALA C 618 -3.40 5.78 44.84
CA ALA C 618 -3.57 5.01 43.61
C ALA C 618 -2.41 5.21 42.66
N ASP C 619 -1.80 6.40 42.66
CA ASP C 619 -0.68 6.69 41.78
C ASP C 619 0.66 6.29 42.38
N TYR C 620 0.65 5.67 43.57
CA TYR C 620 1.84 5.17 44.25
C TYR C 620 2.80 6.28 44.71
N LYS C 621 2.39 7.54 44.68
CA LYS C 621 3.27 8.62 45.11
C LYS C 621 3.20 8.89 46.62
N VAL C 622 2.09 8.56 47.28
CA VAL C 622 2.00 8.69 48.73
C VAL C 622 2.36 7.34 49.35
N GLN C 623 3.30 7.35 50.29
CA GLN C 623 3.85 6.11 50.85
C GLN C 623 4.05 6.27 52.34
N ARG C 624 4.07 5.13 53.04
CA ARG C 624 4.26 5.07 54.49
C ARG C 624 5.26 3.98 54.85
N SER C 625 6.26 4.32 55.66
CA SER C 625 7.23 3.36 56.18
C SER C 625 7.16 3.33 57.70
N ARG C 626 7.38 2.14 58.27
CA ARG C 626 7.34 1.96 59.72
C ARG C 626 8.59 1.22 60.14
N PHE C 627 9.36 1.84 61.03
CA PHE C 627 10.62 1.31 61.49
C PHE C 627 10.45 0.81 62.92
N SER C 628 11.23 -0.21 63.28
CA SER C 628 11.15 -0.83 64.61
C SER C 628 11.66 0.09 65.72
N SER C 629 12.23 1.24 65.38
CA SER C 629 12.48 2.25 66.41
C SER C 629 11.19 2.91 66.91
N GLY C 630 10.04 2.57 66.35
CA GLY C 630 8.81 3.28 66.62
C GLY C 630 8.64 4.54 65.81
N THR C 631 9.36 4.69 64.71
CA THR C 631 9.26 5.84 63.85
C THR C 631 8.37 5.50 62.65
N GLU C 632 7.46 6.41 62.31
CA GLU C 632 6.63 6.27 61.12
C GLU C 632 6.86 7.47 60.22
N VAL C 633 7.07 7.20 58.92
CA VAL C 633 7.31 8.21 57.91
C VAL C 633 6.24 8.09 56.84
N ILE C 634 5.44 9.14 56.68
CA ILE C 634 4.53 9.27 55.54
C ILE C 634 5.03 10.40 54.67
N ALA C 635 5.07 10.19 53.37
CA ALA C 635 5.50 11.25 52.48
C ALA C 635 4.83 11.08 51.12
N ASN C 636 4.74 12.21 50.43
CA ASN C 636 4.05 12.33 49.16
C ASN C 636 5.09 12.82 48.17
N LEU C 637 5.45 11.98 47.21
CA LEU C 637 6.52 12.28 46.26
C LEU C 637 5.98 12.90 44.98
N GLY C 638 4.72 13.36 44.99
CA GLY C 638 4.08 14.00 43.85
C GLY C 638 3.69 15.43 44.19
N PRO C 639 3.26 16.19 43.18
CA PRO C 639 3.11 17.65 43.38
C PRO C 639 1.81 18.06 44.05
N VAL C 640 0.80 17.19 44.08
CA VAL C 640 -0.54 17.56 44.55
C VAL C 640 -0.80 16.87 45.89
N ALA C 641 -1.41 17.62 46.80
CA ALA C 641 -1.86 17.07 48.07
C ALA C 641 -2.84 15.93 47.82
N GLN C 642 -2.77 14.91 48.69
CA GLN C 642 -3.62 13.74 48.53
C GLN C 642 -4.01 13.21 49.90
N LYS C 643 -5.29 12.82 50.03
CA LYS C 643 -5.78 12.25 51.28
C LYS C 643 -5.46 10.75 51.38
N ILE C 644 -5.19 10.30 52.59
CA ILE C 644 -4.88 8.90 52.83
C ILE C 644 -5.95 8.34 53.73
N GLU C 645 -5.93 7.02 53.91
CA GLU C 645 -6.87 6.35 54.80
C GLU C 645 -6.90 7.07 56.14
N GLY C 646 -8.10 7.43 56.60
CA GLY C 646 -8.26 8.23 57.79
C GLY C 646 -8.67 9.67 57.56
N GLY C 647 -8.57 10.19 56.32
CA GLY C 647 -8.92 11.57 56.06
C GLY C 647 -7.77 12.55 56.20
N ILE C 648 -6.58 12.09 56.59
CA ILE C 648 -5.42 12.97 56.64
C ILE C 648 -4.99 13.35 55.22
N SER C 649 -4.70 14.63 55.01
CA SER C 649 -4.18 15.07 53.73
C SER C 649 -2.67 15.30 53.83
N ILE C 650 -1.93 14.77 52.86
CA ILE C 650 -0.47 14.90 52.81
C ILE C 650 -0.13 15.87 51.69
N PRO C 651 0.55 16.98 51.99
CA PRO C 651 0.87 17.97 50.94
C PRO C 651 1.77 17.39 49.86
N GLY C 652 1.66 17.95 48.65
CA GLY C 652 2.60 17.65 47.61
C GLY C 652 4.02 17.90 48.08
N TYR C 653 4.92 16.94 47.84
CA TYR C 653 6.28 16.98 48.37
C TYR C 653 6.27 17.25 49.87
N GLY C 654 5.34 16.59 50.57
CA GLY C 654 5.14 16.80 51.99
C GLY C 654 5.29 15.52 52.78
N TYR C 655 5.18 15.67 54.10
CA TYR C 655 5.51 14.60 55.01
C TYR C 655 4.72 14.74 56.30
N ARG C 656 4.45 13.60 56.90
CA ARG C 656 3.88 13.51 58.24
C ARG C 656 4.66 12.39 58.93
N ILE C 657 5.40 12.74 59.98
CA ILE C 657 6.35 11.81 60.61
C ILE C 657 6.04 11.74 62.09
N GLN C 658 5.83 10.52 62.60
CA GLN C 658 5.68 10.27 64.02
C GLN C 658 7.01 9.77 64.55
N MET C 659 7.65 10.54 65.44
CA MET C 659 8.88 10.08 66.06
C MET C 659 8.57 9.15 67.24
N LYS C 660 9.58 8.41 67.69
CA LYS C 660 9.35 7.37 68.70
C LYS C 660 8.90 7.98 70.03
N ASP C 661 9.26 9.24 70.31
CA ASP C 661 8.75 9.89 71.50
C ASP C 661 7.31 10.35 71.36
N GLY C 662 6.67 10.11 70.22
CA GLY C 662 5.29 10.48 70.02
C GLY C 662 5.07 11.81 69.33
N SER C 663 6.08 12.67 69.27
CA SER C 663 5.89 13.97 68.64
C SER C 663 5.64 13.81 67.13
N LEU C 664 4.90 14.77 66.57
CA LEU C 664 4.50 14.76 65.17
C LEU C 664 5.20 15.89 64.41
N LYS C 665 5.87 15.53 63.31
CA LYS C 665 6.45 16.51 62.41
C LYS C 665 5.68 16.49 61.09
N THR C 666 5.19 17.65 60.67
CA THR C 666 4.56 17.78 59.36
C THR C 666 5.17 18.97 58.62
N GLY C 667 5.06 18.94 57.30
CA GLY C 667 5.66 19.98 56.49
C GLY C 667 5.67 19.59 55.02
N HIS C 668 6.32 20.43 54.22
CA HIS C 668 6.36 20.24 52.77
C HIS C 668 7.44 21.13 52.18
N PHE C 669 7.88 20.76 50.99
CA PHE C 669 8.82 21.59 50.26
C PHE C 669 8.06 22.60 49.41
N GLN C 670 8.70 23.72 49.13
CA GLN C 670 8.14 24.76 48.27
C GLN C 670 9.20 25.19 47.29
N VAL C 671 8.80 25.36 46.03
CA VAL C 671 9.61 26.04 45.02
C VAL C 671 8.97 27.40 44.80
N SER C 672 9.75 28.46 44.94
CA SER C 672 9.20 29.78 44.72
C SER C 672 10.14 30.57 43.81
N LEU C 673 9.64 31.68 43.31
CA LEU C 673 10.37 32.56 42.42
C LEU C 673 10.59 33.87 43.17
N HIS C 674 11.85 34.23 43.36
CA HIS C 674 12.17 35.49 44.02
C HIS C 674 12.53 36.48 42.92
N MET C 675 11.60 37.39 42.61
CA MET C 675 11.76 38.38 41.55
C MET C 675 12.27 39.68 42.17
N ASP C 676 13.47 40.11 41.76
CA ASP C 676 14.12 41.29 42.33
C ASP C 676 13.34 42.56 42.02
N PRO D 18 51.56 14.76 -4.12
CA PRO D 18 50.25 15.16 -3.58
C PRO D 18 49.54 16.19 -4.45
N ILE D 19 48.24 16.00 -4.63
CA ILE D 19 47.41 16.84 -5.47
C ILE D 19 46.74 17.90 -4.60
N VAL D 20 46.76 19.15 -5.07
CA VAL D 20 46.30 20.28 -4.27
C VAL D 20 45.14 20.97 -4.98
N LEU D 21 44.05 21.17 -4.27
CA LEU D 21 43.02 22.11 -4.66
C LEU D 21 43.17 23.36 -3.79
N GLU D 22 43.06 24.53 -4.40
CA GLU D 22 43.23 25.74 -3.61
C GLU D 22 42.43 26.88 -4.21
N ASN D 23 41.80 27.67 -3.35
CA ASN D 23 41.30 28.98 -3.71
C ASN D 23 41.85 29.95 -2.67
N GLY D 24 41.24 31.14 -2.55
CA GLY D 24 41.74 32.14 -1.61
C GLY D 24 41.54 31.76 -0.16
N LYS D 25 40.54 30.93 0.13
CA LYS D 25 40.18 30.62 1.51
C LYS D 25 40.62 29.24 1.98
N LEU D 26 40.84 28.28 1.06
CA LEU D 26 41.08 26.89 1.47
C LEU D 26 42.18 26.26 0.64
N ASN D 27 42.98 25.43 1.31
CA ASN D 27 44.02 24.61 0.70
C ASN D 27 43.67 23.15 1.01
N ILE D 28 43.36 22.37 -0.02
CA ILE D 28 43.08 20.94 0.13
C ILE D 28 44.31 20.17 -0.35
N ASN D 29 44.93 19.38 0.55
CA ASN D 29 46.10 18.57 0.21
C ASN D 29 45.68 17.11 0.22
N ILE D 30 45.72 16.47 -0.95
CA ILE D 30 45.29 15.08 -1.10
C ILE D 30 46.51 14.19 -1.32
N ASP D 31 46.71 13.25 -0.41
CA ASP D 31 47.78 12.28 -0.54
C ASP D 31 47.46 11.29 -1.65
N SER D 32 48.40 11.09 -2.56
CA SER D 32 48.14 10.25 -3.71
C SER D 32 48.21 8.76 -3.41
N LYS D 33 48.84 8.37 -2.30
CA LYS D 33 48.99 6.96 -1.97
C LYS D 33 47.84 6.42 -1.13
N THR D 34 47.20 7.27 -0.34
CA THR D 34 46.11 6.84 0.53
C THR D 34 44.76 7.43 0.16
N GLY D 35 44.75 8.55 -0.56
CA GLY D 35 43.53 9.27 -0.78
C GLY D 35 43.08 10.12 0.39
N CYS D 36 43.80 10.09 1.51
CA CYS D 36 43.48 10.97 2.62
C CYS D 36 43.74 12.42 2.24
N PHE D 37 42.96 13.33 2.81
CA PHE D 37 43.16 14.75 2.56
C PHE D 37 43.18 15.56 3.85
N SER D 38 43.85 16.69 3.79
CA SER D 38 43.78 17.69 4.84
C SER D 38 43.24 18.98 4.23
N VAL D 39 42.69 19.83 5.09
CA VAL D 39 42.12 21.09 4.68
C VAL D 39 42.76 22.19 5.51
N THR D 40 43.43 23.11 4.82
CA THR D 40 44.03 24.26 5.48
C THR D 40 43.05 25.42 5.31
N GLU D 41 42.49 25.85 6.42
CA GLU D 41 41.58 26.99 6.44
C GLU D 41 42.47 28.23 6.60
N LYS D 42 42.64 28.99 5.51
CA LYS D 42 43.76 29.92 5.41
C LYS D 42 43.53 31.23 6.14
N THR D 43 42.29 31.53 6.50
CA THR D 43 42.01 32.75 7.24
C THR D 43 42.52 32.64 8.67
N SER D 44 42.12 31.59 9.38
CA SER D 44 42.68 31.35 10.71
C SER D 44 44.02 30.62 10.67
N GLY D 45 44.34 29.93 9.58
CA GLY D 45 45.49 29.07 9.50
C GLY D 45 45.31 27.67 10.04
N HIS D 46 44.15 27.34 10.60
CA HIS D 46 43.94 25.99 11.12
C HIS D 46 43.99 24.93 10.02
N VAL D 47 44.57 23.77 10.35
CA VAL D 47 44.65 22.65 9.44
C VAL D 47 43.80 21.53 10.00
N TRP D 48 42.79 21.10 9.25
CA TRP D 48 42.03 19.90 9.57
C TRP D 48 42.78 18.70 9.03
N LYS D 49 43.03 17.71 9.88
CA LYS D 49 43.85 16.57 9.51
C LYS D 49 42.98 15.37 9.11
N SER D 50 43.58 14.48 8.32
CA SER D 50 42.91 13.23 8.02
C SER D 50 43.02 12.29 9.21
N ASP D 51 42.29 11.18 9.14
CA ASP D 51 42.27 10.13 10.17
C ASP D 51 43.57 10.08 10.96
N PRO D 52 43.58 10.56 12.21
CA PRO D 52 44.80 10.49 13.03
C PRO D 52 45.16 9.10 13.50
N TRP D 53 44.25 8.13 13.41
CA TRP D 53 44.46 6.80 13.96
C TRP D 53 45.16 5.87 12.97
N GLU D 54 44.60 5.71 11.77
CA GLU D 54 45.05 4.68 10.84
C GLU D 54 45.36 5.20 9.45
N ASN D 55 45.24 6.50 9.21
CA ASN D 55 45.39 7.06 7.87
C ASN D 55 44.38 6.45 6.90
N ALA D 56 43.17 6.24 7.38
CA ALA D 56 42.12 5.65 6.56
C ALA D 56 41.38 6.76 5.84
N ALA D 57 41.41 6.75 4.51
CA ALA D 57 40.54 7.70 3.80
C ALA D 57 39.07 7.37 4.03
N GLY D 58 38.74 6.08 4.20
CA GLY D 58 37.37 5.65 4.40
C GLY D 58 37.38 4.26 5.01
N LEU D 59 36.26 3.91 5.64
CA LEU D 59 36.09 2.60 6.26
C LEU D 59 34.88 1.92 5.65
N LEU D 60 35.12 0.78 5.00
CA LEU D 60 34.11 0.08 4.23
C LEU D 60 33.76 -1.25 4.92
N THR D 61 32.49 -1.51 5.12
CA THR D 61 32.02 -2.78 5.68
C THR D 61 31.43 -3.61 4.56
N LEU D 62 32.02 -4.79 4.31
CA LEU D 62 31.59 -5.71 3.27
C LEU D 62 31.80 -7.15 3.72
N THR D 63 31.15 -8.09 3.04
CA THR D 63 31.38 -9.51 3.29
C THR D 63 32.72 -9.96 2.71
N ASP D 64 33.36 -10.94 3.36
CA ASP D 64 34.56 -11.54 2.81
C ASP D 64 34.17 -12.75 1.95
N SER D 65 35.15 -13.58 1.58
CA SER D 65 34.82 -14.73 0.72
C SER D 65 33.88 -15.70 1.43
N LYS D 66 34.07 -15.88 2.75
CA LYS D 66 33.20 -16.70 3.59
C LYS D 66 31.86 -16.04 3.88
N GLY D 67 31.64 -14.81 3.44
CA GLY D 67 30.44 -14.09 3.85
C GLY D 67 30.44 -13.58 5.27
N LYS D 68 31.60 -13.46 5.91
CA LYS D 68 31.69 -12.75 7.17
C LYS D 68 31.82 -11.24 6.89
N LYS D 69 31.06 -10.44 7.64
CA LYS D 69 31.19 -8.99 7.57
C LYS D 69 32.54 -8.55 8.14
N GLN D 70 33.30 -7.79 7.36
CA GLN D 70 34.51 -7.15 7.87
C GLN D 70 34.52 -5.67 7.49
N THR D 71 35.21 -4.88 8.32
CA THR D 71 35.42 -3.45 8.08
C THR D 71 36.87 -3.23 7.68
N VAL D 72 37.08 -2.67 6.49
CA VAL D 72 38.43 -2.49 5.96
C VAL D 72 38.73 -1.00 5.73
N ASN D 73 40.01 -0.67 5.88
CA ASN D 73 40.54 0.64 5.53
C ASN D 73 40.75 0.68 4.02
N ILE D 74 39.98 1.50 3.32
CA ILE D 74 40.06 1.48 1.86
C ILE D 74 41.37 2.07 1.34
N SER D 75 42.11 2.80 2.18
CA SER D 75 43.44 3.23 1.76
C SER D 75 44.44 2.07 1.72
N LYS D 76 44.06 0.86 2.16
CA LYS D 76 44.88 -0.33 1.97
C LYS D 76 44.51 -1.10 0.71
N SER D 77 43.65 -0.55 -0.15
CA SER D 77 43.25 -1.22 -1.38
C SER D 77 44.46 -1.51 -2.27
N LYS D 78 44.28 -2.47 -3.18
CA LYS D 78 45.38 -2.87 -4.05
C LYS D 78 45.79 -1.72 -4.97
N LYS D 79 44.83 -0.97 -5.51
CA LYS D 79 45.12 0.16 -6.37
C LYS D 79 44.33 1.36 -5.92
N ILE D 80 44.98 2.52 -5.91
CA ILE D 80 44.38 3.78 -5.48
C ILE D 80 44.74 4.82 -6.50
N GLU D 81 43.73 5.37 -7.17
CA GLU D 81 43.91 6.34 -8.25
C GLU D 81 43.39 7.69 -7.77
N VAL D 82 44.26 8.69 -7.75
CA VAL D 82 43.93 10.06 -7.38
C VAL D 82 44.37 10.95 -8.53
N SER D 83 43.43 11.65 -9.17
CA SER D 83 43.83 12.56 -10.23
C SER D 83 42.92 13.78 -10.30
N LYS D 84 43.51 14.91 -10.69
CA LYS D 84 42.77 16.16 -10.80
C LYS D 84 42.07 16.18 -12.16
N THR D 85 40.74 16.07 -12.17
CA THR D 85 40.01 15.93 -13.42
C THR D 85 39.35 17.22 -13.91
N ALA D 86 39.36 18.28 -13.11
CA ALA D 86 39.06 19.63 -13.58
C ALA D 86 39.76 20.58 -12.62
N LYS D 87 39.63 21.89 -12.89
CA LYS D 87 40.38 22.88 -12.11
C LYS D 87 40.19 22.67 -10.61
N ASN D 88 38.95 22.42 -10.16
CA ASN D 88 38.64 22.33 -8.74
C ASN D 88 38.02 20.99 -8.35
N THR D 89 38.32 19.94 -9.11
CA THR D 89 37.78 18.61 -8.83
C THR D 89 38.92 17.61 -8.82
N VAL D 90 38.92 16.73 -7.82
CA VAL D 90 39.82 15.58 -7.77
C VAL D 90 38.97 14.31 -7.71
N SER D 91 39.30 13.34 -8.56
CA SER D 91 38.64 12.05 -8.58
C SER D 91 39.51 11.00 -7.91
N LEU D 92 38.88 10.16 -7.08
CA LEU D 92 39.59 9.11 -6.38
C LEU D 92 38.88 7.78 -6.62
N LYS D 93 39.67 6.72 -6.78
CA LYS D 93 39.16 5.38 -6.96
C LYS D 93 39.95 4.45 -6.05
N PHE D 94 39.24 3.70 -5.23
CA PHE D 94 39.85 2.70 -4.37
C PHE D 94 39.47 1.34 -4.91
N ILE D 95 40.47 0.53 -5.30
CA ILE D 95 40.22 -0.67 -6.07
C ILE D 95 40.81 -1.90 -5.39
N ASP D 96 39.98 -2.91 -5.19
CA ASP D 96 40.33 -4.20 -4.62
C ASP D 96 40.84 -4.03 -3.18
N PRO D 97 39.93 -3.69 -2.26
CA PRO D 97 40.30 -3.64 -0.84
C PRO D 97 40.94 -4.93 -0.36
N VAL D 98 41.75 -4.83 0.68
CA VAL D 98 42.44 -5.96 1.28
C VAL D 98 41.86 -6.21 2.67
N PHE D 99 41.56 -7.47 2.97
CA PHE D 99 41.02 -7.84 4.27
C PHE D 99 42.14 -7.96 5.29
N GLU D 100 41.75 -8.24 6.55
CA GLU D 100 42.75 -8.36 7.62
C GLU D 100 43.66 -9.55 7.37
N ASP D 101 43.09 -10.65 6.88
CA ASP D 101 43.79 -11.90 6.58
C ASP D 101 44.71 -11.81 5.37
N GLY D 102 44.74 -10.68 4.65
CA GLY D 102 45.48 -10.60 3.41
C GLY D 102 44.70 -10.99 2.17
N SER D 103 43.57 -11.67 2.34
CA SER D 103 42.68 -11.95 1.21
C SER D 103 42.22 -10.64 0.56
N VAL D 104 41.89 -10.69 -0.73
CA VAL D 104 41.58 -9.51 -1.52
C VAL D 104 40.13 -9.59 -2.02
N ALA D 105 39.39 -8.48 -1.88
CA ALA D 105 38.01 -8.38 -2.38
C ALA D 105 38.05 -7.88 -3.83
N LYS D 106 38.43 -8.79 -4.73
CA LYS D 106 38.57 -8.49 -6.16
C LYS D 106 37.22 -8.11 -6.77
N GLY D 107 37.25 -7.13 -7.67
CA GLY D 107 36.04 -6.61 -8.26
C GLY D 107 35.34 -5.54 -7.45
N VAL D 108 35.82 -5.23 -6.24
CA VAL D 108 35.20 -4.19 -5.42
C VAL D 108 35.94 -2.87 -5.64
N SER D 109 35.18 -1.80 -5.89
CA SER D 109 35.75 -0.47 -6.03
C SER D 109 34.83 0.56 -5.41
N ILE D 110 35.45 1.67 -5.00
CA ILE D 110 34.78 2.87 -4.50
C ILE D 110 35.35 4.05 -5.28
N ALA D 111 34.48 4.84 -5.90
CA ALA D 111 34.89 6.08 -6.55
C ALA D 111 34.31 7.26 -5.81
N THR D 112 35.13 8.30 -5.60
CA THR D 112 34.71 9.49 -4.88
C THR D 112 35.28 10.73 -5.56
N GLU D 113 34.72 11.89 -5.20
CA GLU D 113 35.11 13.19 -5.75
C GLU D 113 35.19 14.22 -4.64
N LEU D 114 36.19 15.09 -4.72
CA LEU D 114 36.29 16.30 -3.91
C LEU D 114 36.22 17.49 -4.84
N ARG D 115 35.27 18.38 -4.59
CA ARG D 115 35.04 19.55 -5.43
C ARG D 115 35.16 20.78 -4.54
N LEU D 116 36.18 21.59 -4.80
CA LEU D 116 36.36 22.84 -4.10
C LEU D 116 35.56 23.93 -4.79
N ASP D 117 34.83 24.72 -4.02
CA ASP D 117 34.15 25.84 -4.63
C ASP D 117 35.18 26.86 -5.10
N PRO D 118 35.02 27.43 -6.30
CA PRO D 118 36.07 28.34 -6.83
C PRO D 118 36.32 29.56 -5.96
N ASN D 119 35.31 30.02 -5.24
CA ASN D 119 35.48 31.23 -4.45
C ASN D 119 35.31 31.01 -2.96
N ASN D 120 34.34 30.22 -2.55
CA ASN D 120 33.96 30.14 -1.16
C ASN D 120 34.65 28.99 -0.45
N ALA D 121 34.54 29.01 0.89
CA ALA D 121 35.19 28.00 1.72
C ALA D 121 34.22 26.81 1.85
N GLN D 122 34.11 26.09 0.72
CA GLN D 122 33.18 24.98 0.59
C GLN D 122 33.85 23.88 -0.20
N LEU D 123 33.76 22.66 0.30
CA LEU D 123 34.28 21.46 -0.32
C LEU D 123 33.14 20.46 -0.36
N ASP D 124 32.69 20.12 -1.56
CA ASP D 124 31.76 19.01 -1.70
C ASP D 124 32.53 17.69 -1.76
N VAL D 125 32.04 16.71 -1.02
CA VAL D 125 32.63 15.39 -0.96
C VAL D 125 31.53 14.40 -1.35
N GLU D 126 31.80 13.55 -2.35
CA GLU D 126 30.75 12.72 -2.90
C GLU D 126 31.27 11.34 -3.20
N VAL D 127 30.50 10.32 -2.80
CA VAL D 127 30.71 8.94 -3.25
C VAL D 127 29.98 8.77 -4.58
N THR D 128 30.73 8.73 -5.67
CA THR D 128 30.11 8.74 -6.98
C THR D 128 29.75 7.35 -7.47
N GLU D 129 30.49 6.33 -7.05
CA GLU D 129 30.29 5.00 -7.61
C GLU D 129 30.78 3.96 -6.62
N HIS D 130 30.09 2.82 -6.58
CA HIS D 130 30.57 1.65 -5.87
C HIS D 130 30.17 0.41 -6.66
N ARG D 131 31.11 -0.52 -6.77
CA ARG D 131 30.91 -1.77 -7.47
C ARG D 131 31.30 -2.88 -6.51
N SER D 132 30.45 -3.91 -6.42
CA SER D 132 30.58 -4.89 -5.36
C SER D 132 31.14 -6.24 -5.81
N GLY D 133 31.22 -6.49 -7.12
CA GLY D 133 31.64 -7.80 -7.58
C GLY D 133 30.76 -8.90 -6.99
N ASN D 134 31.39 -9.96 -6.50
CA ASN D 134 30.64 -11.02 -5.85
C ASN D 134 30.55 -10.83 -4.34
N PHE D 135 30.89 -9.65 -3.82
CA PHE D 135 30.74 -9.37 -2.41
C PHE D 135 29.50 -8.50 -2.22
N THR D 136 29.13 -8.30 -0.96
CA THR D 136 28.03 -7.41 -0.60
C THR D 136 28.58 -6.25 0.24
N LEU D 137 28.25 -5.03 -0.15
CA LEU D 137 28.75 -3.82 0.51
C LEU D 137 27.67 -3.28 1.44
N TYR D 138 28.08 -2.90 2.65
CA TYR D 138 27.16 -2.25 3.59
C TYR D 138 27.61 -0.82 3.88
N ASP D 139 28.06 -0.53 5.09
CA ASP D 139 28.39 0.84 5.46
C ASP D 139 29.68 1.31 4.79
N LEU D 140 29.71 2.59 4.45
CA LEU D 140 30.95 3.28 4.10
C LEU D 140 31.04 4.56 4.92
N ARG D 141 32.02 4.63 5.84
CA ARG D 141 32.38 5.89 6.50
C ARG D 141 33.30 6.66 5.56
N TYR D 142 32.84 7.77 5.02
CA TYR D 142 33.64 8.53 4.08
C TYR D 142 33.19 9.98 4.13
N PRO D 143 34.08 10.94 4.44
CA PRO D 143 35.48 10.65 4.83
C PRO D 143 35.58 10.08 6.24
N ALA D 144 36.56 9.23 6.50
CA ALA D 144 36.64 8.55 7.78
C ALA D 144 37.44 9.39 8.77
N ARG D 145 36.87 9.58 9.96
CA ARG D 145 37.54 10.20 11.11
C ARG D 145 38.24 11.51 10.71
N ALA D 146 37.55 12.30 9.90
CA ALA D 146 38.01 13.59 9.40
C ALA D 146 37.52 14.72 10.31
N PHE D 147 38.15 15.90 10.14
CA PHE D 147 37.75 17.13 10.85
C PHE D 147 37.70 16.91 12.38
N SER D 148 38.65 16.13 12.88
CA SER D 148 38.64 15.76 14.29
C SER D 148 39.26 16.85 15.15
N LEU D 149 38.88 16.82 16.43
CA LEU D 149 39.47 17.63 17.48
C LEU D 149 40.31 16.73 18.37
N LYS D 150 41.49 17.19 18.74
CA LYS D 150 42.35 16.42 19.61
C LYS D 150 41.97 16.73 21.05
N THR D 151 41.56 15.70 21.79
CA THR D 151 41.00 15.91 23.12
C THR D 151 42.01 16.58 24.04
N ASP D 152 41.56 17.62 24.76
CA ASP D 152 42.33 18.38 25.74
C ASP D 152 43.47 19.18 25.11
N GLU D 153 43.54 19.24 23.80
CA GLU D 153 44.39 20.18 23.12
C GLU D 153 43.57 21.21 22.37
N ASP D 154 42.66 20.77 21.49
CA ASP D 154 41.63 21.67 20.98
C ASP D 154 40.61 21.97 22.08
N LYS D 155 40.23 23.24 22.20
CA LYS D 155 39.16 23.65 23.10
C LYS D 155 37.97 24.02 22.23
N GLY D 156 36.96 23.16 22.20
CA GLY D 156 35.85 23.34 21.30
C GLY D 156 34.92 22.17 21.47
N ALA D 157 34.26 21.76 20.40
CA ALA D 157 33.17 20.80 20.58
C ALA D 157 32.75 20.22 19.25
N ALA D 158 32.20 19.01 19.31
CA ALA D 158 31.34 18.50 18.24
C ALA D 158 29.97 19.14 18.38
N VAL D 159 29.33 19.39 17.24
CA VAL D 159 28.01 20.04 17.18
C VAL D 159 27.06 19.08 16.48
N ILE D 160 26.02 18.67 17.21
CA ILE D 160 25.14 17.57 16.80
C ILE D 160 23.69 17.97 16.97
N PRO D 161 22.94 18.13 15.92
CA PRO D 161 21.53 18.52 16.07
C PRO D 161 20.64 17.33 16.46
N GLN D 162 20.98 16.71 17.60
CA GLN D 162 20.17 15.66 18.19
C GLN D 162 18.94 16.30 18.83
N LYS D 163 17.77 16.05 18.25
CA LYS D 163 16.53 16.77 18.57
C LYS D 163 16.80 18.27 18.59
N GLN D 164 16.60 18.96 19.72
CA GLN D 164 16.85 20.40 19.71
C GLN D 164 18.33 20.70 19.50
N GLY D 165 19.21 19.81 19.95
CA GLY D 165 20.62 19.90 19.62
C GLY D 165 21.53 19.87 20.83
N VAL D 166 22.78 19.47 20.65
CA VAL D 166 23.75 19.44 21.74
C VAL D 166 25.11 19.80 21.17
N ILE D 167 26.01 20.17 22.07
CA ILE D 167 27.42 20.20 21.75
C ILE D 167 28.15 19.28 22.72
N CYS D 168 29.28 18.76 22.26
CA CYS D 168 30.08 17.81 23.03
C CYS D 168 31.49 18.37 23.12
N PRO D 169 31.87 18.98 24.24
CA PRO D 169 33.22 19.56 24.38
C PRO D 169 34.34 18.54 24.13
N SER D 170 35.43 19.04 23.57
CA SER D 170 36.61 18.27 23.20
C SER D 170 37.68 18.29 24.29
N TYR D 171 37.28 18.49 25.54
CA TYR D 171 38.24 18.65 26.63
C TYR D 171 37.46 18.50 27.94
N ILE D 172 38.17 18.19 29.01
CA ILE D 172 37.55 18.03 30.33
C ILE D 172 37.57 19.39 31.02
N PHE D 173 36.52 19.68 31.76
CA PHE D 173 36.25 20.99 32.34
C PHE D 173 35.62 20.79 33.70
N PRO D 174 35.62 21.81 34.55
CA PRO D 174 34.97 21.65 35.86
C PRO D 174 33.46 21.53 35.72
N MET D 175 32.89 20.65 36.54
CA MET D 175 31.46 20.42 36.62
C MET D 175 31.19 19.70 37.92
N ASN D 176 29.92 19.57 38.28
CA ASN D 176 29.55 18.82 39.47
C ASN D 176 30.24 17.48 39.51
N GLY D 177 30.68 17.06 40.70
CA GLY D 177 31.48 15.85 40.82
C GLY D 177 30.78 14.61 40.30
N GLY D 178 29.49 14.46 40.58
CA GLY D 178 28.76 13.32 40.05
C GLY D 178 28.65 13.34 38.54
N ARG D 179 28.30 14.50 37.97
CA ARG D 179 28.32 14.65 36.52
C ARG D 179 29.72 14.36 35.96
N PHE D 180 30.75 14.83 36.66
CA PHE D 180 32.13 14.71 36.16
C PHE D 180 32.51 13.24 36.04
N CYS D 181 32.22 12.44 37.06
CA CYS D 181 32.55 11.03 37.00
C CYS D 181 31.85 10.36 35.83
N LYS D 182 30.54 10.60 35.65
CA LYS D 182 29.85 9.97 34.54
C LYS D 182 30.40 10.48 33.21
N TRP D 183 30.70 11.78 33.12
CA TRP D 183 31.18 12.36 31.87
C TRP D 183 32.51 11.73 31.45
N ASP D 184 33.50 11.79 32.33
CA ASP D 184 34.84 11.31 32.00
C ASP D 184 34.85 9.80 31.77
N ASP D 185 34.09 9.06 32.58
CA ASP D 185 34.00 7.61 32.41
C ASP D 185 33.42 7.26 31.04
N ALA D 186 32.43 8.03 30.59
CA ALA D 186 31.83 7.74 29.30
C ALA D 186 32.80 7.95 28.16
N THR D 187 33.76 8.88 28.29
CA THR D 187 34.72 9.05 27.21
C THR D 187 35.68 7.87 27.11
N TYR D 188 35.70 6.98 28.11
CA TYR D 188 36.54 5.78 28.04
C TYR D 188 35.77 4.51 27.78
N ASN D 189 34.45 4.56 27.61
CA ASN D 189 33.76 3.32 27.26
C ASN D 189 32.83 3.52 26.07
N ASN D 190 31.94 2.56 25.83
CA ASN D 190 31.17 2.57 24.60
C ASN D 190 30.08 3.62 24.59
N LYS D 191 29.87 4.35 25.68
CA LYS D 191 28.89 5.42 25.64
C LYS D 191 29.31 6.54 24.69
N SER D 192 30.61 6.70 24.43
CA SER D 192 31.07 7.83 23.63
C SER D 192 31.27 7.48 22.16
N GLN D 193 30.73 6.35 21.68
CA GLN D 193 30.87 5.98 20.29
C GLN D 193 29.58 5.29 19.85
N GLY D 194 29.20 5.51 18.61
CA GLY D 194 27.95 4.95 18.11
C GLY D 194 27.51 5.74 16.90
N SER D 195 26.24 5.56 16.54
CA SER D 195 25.70 6.26 15.39
C SER D 195 24.25 6.68 15.66
N LEU D 196 23.83 7.70 14.92
CA LEU D 196 22.48 8.27 14.99
C LEU D 196 21.94 8.36 13.57
N GLU D 197 20.60 8.37 13.44
CA GLU D 197 19.91 8.49 12.16
C GLU D 197 19.27 9.88 12.01
N LEU D 198 18.94 10.23 10.77
CA LEU D 198 18.34 11.53 10.44
C LEU D 198 16.81 11.48 10.51
N PHE D 199 16.22 12.49 11.13
CA PHE D 199 14.80 12.80 10.98
C PHE D 199 13.89 11.79 11.67
N ASN D 200 14.25 11.34 12.85
CA ASN D 200 13.31 10.57 13.64
C ASN D 200 12.99 11.37 14.90
N ASN D 201 11.99 10.90 15.64
CA ASN D 201 11.60 11.52 16.91
C ASN D 201 12.17 10.77 18.10
N GLY D 202 13.13 9.87 17.86
CA GLY D 202 13.85 9.21 18.93
C GLY D 202 15.18 9.87 19.24
N THR D 203 16.27 9.12 19.12
CA THR D 203 17.60 9.55 19.46
C THR D 203 18.28 10.34 18.36
N GLY D 204 17.63 10.52 17.20
CA GLY D 204 18.31 10.94 16.00
C GLY D 204 18.36 12.46 15.79
N LEU D 205 18.80 12.82 14.59
CA LEU D 205 19.07 14.21 14.23
C LEU D 205 17.85 14.83 13.58
N THR D 206 17.68 16.13 13.78
CA THR D 206 16.58 16.86 13.18
C THR D 206 17.02 17.80 12.07
N MET D 207 18.32 17.92 11.83
CA MET D 207 18.76 18.68 10.68
C MET D 207 19.88 17.89 10.01
N PRO D 208 20.00 17.99 8.69
CA PRO D 208 20.97 17.18 7.95
C PRO D 208 22.39 17.74 7.98
N TRP D 209 22.87 18.07 9.19
CA TRP D 209 24.22 18.61 9.29
C TRP D 209 24.82 18.31 10.65
N TRP D 210 26.14 18.44 10.73
CA TRP D 210 26.84 18.28 11.99
C TRP D 210 28.23 18.87 11.78
N GLY D 211 28.93 19.12 12.89
CA GLY D 211 30.19 19.82 12.75
C GLY D 211 31.10 19.75 13.96
N THR D 212 32.30 20.30 13.78
CA THR D 212 33.29 20.47 14.83
C THR D 212 33.92 21.86 14.75
N TYR D 213 34.36 22.37 15.91
CA TYR D 213 35.07 23.63 15.95
C TYR D 213 36.03 23.64 17.13
N ASN D 214 37.07 24.47 17.01
CA ASN D 214 37.97 24.80 18.09
C ASN D 214 38.05 26.31 18.17
N GLU D 215 39.04 26.87 18.88
CA GLU D 215 39.09 28.31 19.06
C GLU D 215 39.44 29.09 17.80
N LYS D 216 39.89 28.40 16.75
CA LYS D 216 40.29 29.03 15.50
C LYS D 216 39.29 28.85 14.38
N SER D 217 38.55 27.73 14.34
CA SER D 217 37.87 27.44 13.09
C SER D 217 36.75 26.43 13.31
N ALA D 218 35.73 26.53 12.47
CA ALA D 218 34.62 25.57 12.49
C ALA D 218 34.45 24.96 11.12
N VAL D 219 34.04 23.69 11.12
CA VAL D 219 33.62 23.05 9.87
C VAL D 219 32.33 22.29 10.15
N MET D 220 31.46 22.27 9.15
CA MET D 220 30.19 21.58 9.23
C MET D 220 29.92 20.96 7.86
N GLY D 221 29.23 19.83 7.87
CA GLY D 221 28.89 19.20 6.61
C GLY D 221 27.39 19.16 6.45
N ILE D 222 26.87 19.56 5.30
CA ILE D 222 25.43 19.51 5.05
C ILE D 222 25.18 18.37 4.09
N VAL D 223 24.31 17.44 4.50
CA VAL D 223 24.02 16.23 3.73
C VAL D 223 23.06 16.56 2.59
N ASP D 224 23.38 16.09 1.38
CA ASP D 224 22.53 16.30 0.22
C ASP D 224 21.08 15.90 0.52
N VAL D 225 20.14 16.74 0.09
CA VAL D 225 18.72 16.57 0.38
C VAL D 225 18.20 15.18 -0.02
N SER D 226 18.85 14.53 -0.98
CA SER D 226 18.40 13.23 -1.48
C SER D 226 18.88 12.03 -0.67
N ALA D 227 19.78 12.22 0.29
CA ALA D 227 20.50 11.11 0.89
C ALA D 227 20.14 10.95 2.36
N ARG D 228 20.27 9.73 2.87
CA ARG D 228 20.04 9.44 4.29
C ARG D 228 21.20 8.65 4.86
N PRO D 229 22.38 9.25 4.93
CA PRO D 229 23.45 8.65 5.73
C PRO D 229 23.06 8.65 7.19
N HIS D 230 23.67 7.76 7.96
CA HIS D 230 23.70 7.90 9.41
C HIS D 230 24.93 8.69 9.80
N MET D 231 25.04 9.04 11.08
CA MET D 231 26.16 9.83 11.59
C MET D 231 26.88 9.06 12.69
N GLN D 232 28.14 8.71 12.46
CA GLN D 232 28.97 8.10 13.49
C GLN D 232 29.55 9.18 14.39
N TYR D 233 29.51 8.96 15.69
CA TYR D 233 30.17 9.87 16.62
C TYR D 233 31.25 9.13 17.40
N ASN D 234 32.24 9.89 17.84
CA ASN D 234 33.30 9.44 18.72
C ASN D 234 33.67 10.63 19.59
N ILE D 235 33.29 10.59 20.87
CA ILE D 235 33.36 11.77 21.70
C ILE D 235 34.48 11.59 22.73
N ASN D 236 35.70 12.02 22.37
CA ASN D 236 36.89 11.95 23.21
C ASN D 236 37.35 10.52 23.49
N ASN D 237 36.93 9.55 22.70
CA ASN D 237 37.28 8.16 22.88
C ASN D 237 38.55 7.86 22.09
N ASN D 238 39.44 7.07 22.68
CA ASN D 238 40.71 6.74 22.02
C ASN D 238 40.60 5.50 21.12
N GLY D 239 39.38 5.04 20.81
CA GLY D 239 39.22 3.85 19.97
C GLY D 239 39.40 2.52 20.66
N GLN D 240 39.34 2.49 22.01
CA GLN D 240 39.49 1.22 22.71
C GLN D 240 38.45 0.21 22.26
N TYR D 241 37.26 0.67 21.87
CA TYR D 241 36.22 -0.22 21.37
C TYR D 241 36.65 -1.01 20.15
N LEU D 242 37.65 -0.52 19.40
CA LEU D 242 38.20 -1.28 18.27
C LEU D 242 39.10 -2.42 18.69
N PHE D 243 39.51 -2.49 19.96
CA PHE D 243 40.53 -3.43 20.43
C PHE D 243 40.07 -4.35 21.55
N ASN D 244 38.87 -4.14 22.09
CA ASN D 244 38.43 -4.94 23.23
C ASN D 244 38.33 -6.43 22.89
N ALA D 245 37.84 -6.77 21.70
CA ALA D 245 37.74 -8.19 21.33
C ALA D 245 39.12 -8.82 21.13
N LYS D 246 40.10 -8.03 20.71
CA LYS D 246 41.48 -8.49 20.65
C LYS D 246 42.16 -8.47 22.02
N GLY D 247 41.54 -7.86 23.03
CA GLY D 247 42.16 -7.82 24.35
C GLY D 247 43.51 -7.11 24.39
N VAL D 248 43.64 -5.99 23.68
CA VAL D 248 44.85 -5.16 23.71
C VAL D 248 44.42 -3.74 24.01
N MET D 249 45.36 -2.95 24.55
CA MET D 249 45.12 -1.53 24.79
C MET D 249 45.21 -0.72 23.50
N SER D 250 44.32 0.25 23.34
CA SER D 250 44.37 1.11 22.17
C SER D 250 45.70 1.86 22.11
N PRO D 251 46.37 1.93 20.97
CA PRO D 251 47.50 2.83 20.81
C PRO D 251 47.13 4.21 20.29
N TYR D 252 45.85 4.52 20.16
CA TYR D 252 45.43 5.73 19.50
C TYR D 252 45.20 6.85 20.52
N GLN D 253 45.11 8.08 20.00
CA GLN D 253 44.84 9.25 20.81
C GLN D 253 43.33 9.50 20.95
N ARG D 254 42.93 10.00 22.13
CA ARG D 254 41.58 10.50 22.34
C ARG D 254 41.30 11.69 21.41
N ILE D 255 40.23 11.57 20.60
CA ILE D 255 39.84 12.60 19.63
C ILE D 255 38.33 12.66 19.57
N VAL D 256 37.83 13.74 18.94
CA VAL D 256 36.41 13.91 18.67
C VAL D 256 36.25 13.90 17.16
N PHE D 257 35.32 13.08 16.65
CA PHE D 257 35.00 13.18 15.23
C PHE D 257 33.55 12.76 15.03
N LEU D 258 33.02 13.17 13.87
CA LEU D 258 31.70 12.82 13.41
C LEU D 258 31.84 12.44 11.93
N ASP D 259 31.34 11.26 11.55
CA ASP D 259 31.53 10.75 10.20
C ASP D 259 30.19 10.47 9.53
N PRO D 260 30.04 10.74 8.23
CA PRO D 260 28.89 10.21 7.49
C PRO D 260 29.03 8.70 7.36
N ILE D 261 27.92 7.98 7.53
CA ILE D 261 27.83 6.54 7.26
C ILE D 261 26.89 6.38 6.08
N TRP D 262 27.46 6.13 4.90
CA TRP D 262 26.68 5.88 3.71
C TRP D 262 26.26 4.41 3.69
N LYS D 263 24.95 4.17 3.64
CA LYS D 263 24.40 2.81 3.66
C LYS D 263 24.34 2.31 2.22
N LEU D 264 25.45 1.74 1.75
CA LEU D 264 25.56 1.42 0.34
C LEU D 264 24.52 0.38 -0.09
N ASP D 265 24.07 -0.48 0.82
CA ASP D 265 23.06 -1.48 0.50
C ASP D 265 21.65 -0.90 0.38
N GLN D 266 21.42 0.35 0.79
CA GLN D 266 20.08 0.94 0.78
C GLN D 266 20.04 2.29 0.05
N GLU D 267 21.11 3.06 0.12
CA GLU D 267 21.06 4.45 -0.30
C GLU D 267 20.78 4.55 -1.80
N LYS D 268 19.67 5.21 -2.15
CA LYS D 268 19.36 5.48 -3.54
C LYS D 268 19.64 6.92 -3.95
N GLY D 269 19.96 7.81 -3.00
CA GLY D 269 20.20 9.21 -3.31
C GLY D 269 21.64 9.50 -3.68
N LYS D 270 21.91 10.78 -3.88
CA LYS D 270 23.25 11.25 -4.20
C LYS D 270 24.07 11.37 -2.92
N MET D 271 25.15 10.59 -2.83
CA MET D 271 25.93 10.46 -1.60
C MET D 271 26.95 11.58 -1.48
N ARG D 272 26.42 12.78 -1.29
CA ARG D 272 27.19 14.01 -1.26
C ARG D 272 27.00 14.72 0.08
N ILE D 273 28.10 15.21 0.63
CA ILE D 273 28.05 16.09 1.79
C ILE D 273 28.85 17.35 1.45
N SER D 274 28.30 18.50 1.83
CA SER D 274 28.88 19.80 1.53
C SER D 274 29.54 20.35 2.79
N TYR D 275 30.86 20.40 2.81
CA TYR D 275 31.56 20.94 3.97
C TYR D 275 31.70 22.45 3.81
N HIS D 276 31.25 23.19 4.81
CA HIS D 276 31.45 24.64 4.88
C HIS D 276 32.40 24.97 6.02
N PHE D 277 33.37 25.85 5.75
CA PHE D 277 34.42 26.16 6.72
C PHE D 277 34.26 27.60 7.17
N ILE D 278 34.19 27.83 8.47
CA ILE D 278 33.89 29.13 9.04
C ILE D 278 35.05 29.56 9.94
N PRO D 279 35.91 30.46 9.48
CA PRO D 279 36.99 30.98 10.33
C PRO D 279 36.41 31.63 11.58
N GLY D 280 36.90 31.20 12.74
CA GLY D 280 36.42 31.74 14.00
C GLY D 280 35.00 31.34 14.37
N GLY D 281 34.37 30.41 13.65
CA GLY D 281 32.98 30.08 13.90
C GLY D 281 32.78 29.07 15.02
N ASP D 282 31.53 28.95 15.46
CA ASP D 282 31.15 27.89 16.39
C ASP D 282 29.76 27.41 15.98
N TYR D 283 29.03 26.83 16.92
CA TYR D 283 27.74 26.21 16.55
C TYR D 283 26.72 27.26 16.11
N VAL D 284 26.84 28.50 16.57
CA VAL D 284 25.92 29.53 16.10
C VAL D 284 26.15 29.78 14.61
N ASP D 285 27.41 29.99 14.21
CA ASP D 285 27.71 30.22 12.80
C ASP D 285 27.29 29.03 11.93
N MET D 286 27.54 27.80 12.41
CA MET D 286 27.08 26.61 11.69
C MET D 286 25.57 26.66 11.47
N ALA D 287 24.81 26.94 12.54
CA ALA D 287 23.36 26.99 12.40
C ALA D 287 22.93 28.06 11.40
N LYS D 288 23.58 29.23 11.40
CA LYS D 288 23.17 30.26 10.47
C LYS D 288 23.52 29.91 9.03
N VAL D 289 24.63 29.19 8.82
CA VAL D 289 24.92 28.65 7.49
C VAL D 289 23.81 27.71 7.04
N TYR D 290 23.37 26.80 7.92
CA TYR D 290 22.33 25.86 7.48
C TYR D 290 21.01 26.59 7.24
N GLN D 291 20.74 27.65 8.00
CA GLN D 291 19.50 28.42 7.80
C GLN D 291 19.35 28.89 6.35
N LYS D 292 20.44 29.31 5.72
CA LYS D 292 20.34 29.70 4.31
C LYS D 292 19.94 28.51 3.45
N GLU D 293 20.49 27.34 3.74
CA GLU D 293 20.11 26.12 3.02
C GLU D 293 18.67 25.71 3.38
N ALA D 294 18.25 25.89 4.64
CA ALA D 294 16.88 25.55 4.99
C ALA D 294 15.89 26.38 4.18
N LYS D 295 16.19 27.65 3.99
CA LYS D 295 15.36 28.51 3.14
C LYS D 295 15.35 28.02 1.71
N ALA D 296 16.52 27.69 1.16
CA ALA D 296 16.57 27.22 -0.22
C ALA D 296 15.83 25.90 -0.41
N ARG D 297 15.68 25.11 0.67
CA ARG D 297 14.96 23.84 0.59
C ARG D 297 13.46 24.00 0.75
N GLY D 298 12.99 25.19 1.10
CA GLY D 298 11.56 25.40 1.25
C GLY D 298 10.99 25.07 2.61
N HIS D 299 11.81 24.64 3.57
CA HIS D 299 11.27 24.36 4.90
C HIS D 299 10.88 25.64 5.63
N PHE D 300 11.50 26.77 5.29
CA PHE D 300 11.43 27.97 6.12
C PHE D 300 10.25 28.85 5.70
N VAL D 301 9.18 28.80 6.47
CA VAL D 301 8.02 29.67 6.30
C VAL D 301 7.84 30.38 7.64
N SER D 302 7.95 31.70 7.64
CA SER D 302 8.11 32.37 8.92
C SER D 302 6.76 32.53 9.63
N LEU D 303 6.84 32.72 10.95
CA LEU D 303 5.64 32.93 11.75
C LEU D 303 4.93 34.23 11.37
N GLN D 304 5.66 35.22 10.87
CA GLN D 304 5.00 36.45 10.43
C GLN D 304 4.14 36.20 9.20
N GLU D 305 4.63 35.40 8.26
CA GLU D 305 3.82 35.04 7.11
C GLU D 305 2.62 34.20 7.55
N LYS D 306 2.84 33.30 8.48
CA LYS D 306 1.72 32.52 9.01
C LYS D 306 0.74 33.41 9.75
N LEU D 307 1.25 34.45 10.42
CA LEU D 307 0.38 35.42 11.08
C LEU D 307 -0.46 36.20 10.07
N LYS D 308 0.13 36.57 8.93
CA LYS D 308 -0.64 37.23 7.87
C LYS D 308 -1.79 36.34 7.41
N ARG D 309 -1.51 35.04 7.26
CA ARG D 309 -2.55 34.12 6.80
C ARG D 309 -3.60 33.89 7.88
N ASN D 310 -3.22 33.97 9.13
CA ASN D 310 -4.17 33.69 10.19
C ASN D 310 -3.84 34.54 11.41
N PRO D 311 -4.64 35.58 11.69
CA PRO D 311 -4.33 36.43 12.84
C PRO D 311 -4.43 35.72 14.19
N ASN D 312 -5.14 34.60 14.30
CA ASN D 312 -5.17 33.84 15.54
C ASN D 312 -3.80 33.25 15.92
N VAL D 313 -2.85 33.21 14.98
CA VAL D 313 -1.47 32.84 15.33
C VAL D 313 -0.98 33.67 16.51
N ASN D 314 -1.41 34.92 16.58
CA ASN D 314 -0.98 35.80 17.66
C ASN D 314 -1.63 35.47 19.01
N LYS D 315 -2.43 34.41 19.11
CA LYS D 315 -2.84 33.92 20.41
C LYS D 315 -1.78 33.04 21.06
N LEU D 316 -0.71 32.67 20.34
CA LEU D 316 0.37 31.84 20.87
C LEU D 316 1.44 32.59 21.67
N PRO D 317 1.86 33.81 21.30
CA PRO D 317 2.94 34.45 22.07
C PRO D 317 2.53 34.69 23.52
N GLY D 318 3.36 34.23 24.44
CA GLY D 318 3.03 34.32 25.86
C GLY D 318 1.95 33.37 26.34
N ALA D 319 1.57 32.38 25.54
CA ALA D 319 0.58 31.39 25.93
C ALA D 319 1.24 30.20 26.59
N ILE D 320 0.67 29.73 27.69
CA ILE D 320 1.07 28.47 28.28
C ILE D 320 0.31 27.35 27.57
N TYR D 321 1.03 26.31 27.18
CA TYR D 321 0.41 25.12 26.59
C TYR D 321 -0.01 24.20 27.73
N PHE D 322 -1.31 24.04 27.90
CA PHE D 322 -1.89 23.19 28.94
C PHE D 322 -2.42 21.92 28.30
N GLY D 323 -1.91 20.78 28.75
CA GLY D 323 -2.44 19.51 28.28
C GLY D 323 -3.16 18.81 29.41
N ILE D 324 -4.48 18.66 29.30
CA ILE D 324 -5.29 18.00 30.31
C ILE D 324 -5.47 16.58 29.85
N TYR D 325 -4.73 15.66 30.48
CA TYR D 325 -4.60 14.30 30.00
C TYR D 325 -5.61 13.41 30.74
N GLY D 326 -6.61 12.92 30.01
CA GLY D 326 -7.68 12.14 30.61
C GLY D 326 -7.61 10.64 30.38
N GLY D 327 -6.40 10.12 30.13
CA GLY D 327 -6.25 8.70 29.89
C GLY D 327 -6.54 8.27 28.47
N TYR D 328 -6.83 9.19 27.59
CA TYR D 328 -7.11 9.06 26.19
C TYR D 328 -5.94 9.66 25.41
N PRO D 329 -5.51 9.08 24.27
CA PRO D 329 -6.10 7.98 23.48
C PRO D 329 -5.96 6.56 24.04
N HIS D 330 -5.21 6.40 25.13
CA HIS D 330 -4.85 5.05 25.60
C HIS D 330 -6.06 4.25 26.06
N TYR D 331 -7.04 4.92 26.66
CA TYR D 331 -8.24 4.27 27.18
C TYR D 331 -9.42 5.20 27.01
N VAL D 332 -10.61 4.63 26.80
CA VAL D 332 -11.84 5.42 26.68
C VAL D 332 -12.50 5.51 28.04
N ASN D 333 -12.75 6.74 28.48
CA ASN D 333 -13.43 7.02 29.75
C ASN D 333 -12.80 6.22 30.90
N MET D 334 -11.49 6.44 31.10
CA MET D 334 -10.82 5.68 32.14
C MET D 334 -11.10 6.26 33.53
N PRO D 335 -11.58 5.44 34.47
CA PRO D 335 -11.80 5.89 35.85
C PRO D 335 -10.53 6.45 36.48
N GLY D 336 -10.69 7.53 37.26
CA GLY D 336 -9.56 8.19 37.87
C GLY D 336 -8.74 9.05 36.93
N MET D 337 -9.06 9.08 35.64
CA MET D 337 -8.26 9.88 34.71
C MET D 337 -9.16 10.73 33.81
N ALA D 338 -10.19 10.11 33.23
CA ALA D 338 -11.08 10.86 32.35
C ALA D 338 -11.69 12.06 33.07
N PHE D 339 -11.76 13.20 32.37
CA PHE D 339 -12.51 14.36 32.82
C PHE D 339 -13.87 14.38 32.13
N THR D 340 -14.86 14.93 32.84
CA THR D 340 -16.07 15.36 32.17
C THR D 340 -15.84 16.71 31.47
N PHE D 341 -16.79 17.07 30.61
CA PHE D 341 -16.71 18.36 29.92
C PHE D 341 -16.96 19.53 30.87
N ASP D 342 -17.77 19.33 31.90
CA ASP D 342 -17.93 20.35 32.92
C ASP D 342 -16.64 20.52 33.72
N GLU D 343 -16.00 19.41 34.10
CA GLU D 343 -14.68 19.49 34.72
C GLU D 343 -13.68 20.22 33.82
N LEU D 344 -13.66 19.86 32.54
CA LEU D 344 -12.80 20.57 31.60
C LEU D 344 -13.06 22.07 31.64
N LYS D 345 -14.36 22.46 31.65
CA LYS D 345 -14.73 23.87 31.67
C LYS D 345 -14.25 24.57 32.94
N ASN D 346 -14.40 23.91 34.10
N ASN D 346 -14.40 23.91 34.10
CA ASN D 346 -13.98 24.56 35.34
CA ASN D 346 -14.01 24.52 35.35
C ASN D 346 -12.48 24.70 35.45
C ASN D 346 -12.48 24.68 35.46
N ILE D 347 -11.72 23.81 34.80
CA ILE D 347 -10.26 23.96 34.78
C ILE D 347 -9.87 25.17 33.96
N ILE D 348 -10.46 25.29 32.76
CA ILE D 348 -10.27 26.48 31.93
C ILE D 348 -10.61 27.76 32.72
N LYS D 349 -11.77 27.75 33.39
CA LYS D 349 -12.18 28.94 34.15
C LYS D 349 -11.18 29.31 35.22
N THR D 350 -10.65 28.30 35.94
CA THR D 350 -9.73 28.56 37.04
C THR D 350 -8.39 29.11 36.54
N ILE D 351 -7.88 28.54 35.45
CA ILE D 351 -6.64 29.05 34.85
C ILE D 351 -6.76 30.53 34.53
N HIS D 352 -7.92 30.94 34.00
CA HIS D 352 -8.11 32.34 33.65
C HIS D 352 -8.46 33.19 34.87
N ASP D 353 -9.47 32.78 35.65
CA ASP D 353 -10.03 33.65 36.67
C ASP D 353 -9.19 33.67 37.95
N ASP D 354 -8.64 32.53 38.35
CA ASP D 354 -7.83 32.49 39.56
C ASP D 354 -6.35 32.64 39.27
N LEU D 355 -5.85 31.92 38.27
CA LEU D 355 -4.42 31.95 37.99
C LEU D 355 -4.03 33.11 37.09
N ARG D 356 -5.01 33.84 36.55
CA ARG D 356 -4.76 35.10 35.82
C ARG D 356 -3.84 34.88 34.62
N VAL D 357 -4.00 33.75 33.94
CA VAL D 357 -3.19 33.44 32.77
C VAL D 357 -3.83 34.14 31.58
N ASP D 358 -3.14 35.15 31.03
CA ASP D 358 -3.71 35.97 29.96
C ASP D 358 -3.88 35.20 28.66
N LYS D 359 -2.97 34.28 28.36
CA LYS D 359 -2.97 33.59 27.08
C LYS D 359 -2.66 32.12 27.30
N ALA D 360 -3.31 31.24 26.52
CA ALA D 360 -3.20 29.82 26.81
C ALA D 360 -3.61 29.01 25.59
N PHE D 361 -2.96 27.86 25.42
CA PHE D 361 -3.36 26.84 24.45
C PHE D 361 -3.82 25.64 25.27
N VAL D 362 -5.14 25.38 25.30
CA VAL D 362 -5.73 24.31 26.08
C VAL D 362 -5.93 23.10 25.17
N HIS D 363 -5.31 21.97 25.52
CA HIS D 363 -5.31 20.75 24.72
C HIS D 363 -5.95 19.68 25.58
N ALA D 364 -7.19 19.27 25.23
CA ALA D 364 -7.97 18.33 26.04
C ALA D 364 -7.86 16.92 25.48
N TRP D 365 -7.25 16.02 26.26
CA TRP D 365 -7.00 14.64 25.82
C TRP D 365 -8.12 13.75 26.35
N GLY D 366 -9.13 13.50 25.53
CA GLY D 366 -10.22 12.63 25.91
C GLY D 366 -11.56 13.29 25.69
N THR D 367 -12.00 13.34 24.44
CA THR D 367 -13.26 13.96 24.11
C THR D 367 -14.17 13.05 23.29
N PHE D 368 -13.68 11.90 22.84
CA PHE D 368 -14.47 11.01 22.00
C PHE D 368 -14.66 9.68 22.71
N SER D 369 -15.70 8.96 22.31
CA SER D 369 -16.09 7.68 22.90
C SER D 369 -15.68 6.46 22.06
N ASN D 370 -15.05 6.68 20.91
CA ASN D 370 -14.32 5.63 20.22
C ASN D 370 -12.82 5.88 20.34
N PHE D 371 -12.04 4.83 20.13
CA PHE D 371 -10.60 4.96 20.03
C PHE D 371 -10.20 5.60 18.71
N VAL D 372 -9.12 6.38 18.76
CA VAL D 372 -8.43 6.80 17.54
C VAL D 372 -8.12 5.50 16.80
N PRO D 373 -8.15 5.46 15.46
CA PRO D 373 -8.25 6.60 14.53
C PRO D 373 -9.67 7.07 14.20
N HIS D 374 -10.68 6.65 14.96
CA HIS D 374 -12.04 7.13 14.78
C HIS D 374 -12.30 8.17 15.87
N ASN D 375 -12.03 9.43 15.52
CA ASN D 375 -12.02 10.56 16.46
C ASN D 375 -13.42 11.16 16.59
N TYR D 376 -14.36 10.32 16.99
CA TYR D 376 -15.77 10.65 17.02
C TYR D 376 -16.52 9.50 17.69
N PRO D 377 -17.75 9.74 18.17
CA PRO D 377 -18.39 11.06 18.29
C PRO D 377 -17.92 11.71 19.56
N ILE D 378 -18.14 13.01 19.74
CA ILE D 378 -18.00 13.61 21.06
C ILE D 378 -18.74 12.75 22.08
N SER D 379 -18.09 12.46 23.20
CA SER D 379 -18.58 11.44 24.10
C SER D 379 -19.85 11.89 24.81
N GLU D 380 -20.92 11.09 24.69
CA GLU D 380 -22.09 11.28 25.53
C GLU D 380 -21.74 11.08 27.01
N ALA D 381 -20.89 10.08 27.30
CA ALA D 381 -20.61 9.75 28.70
C ALA D 381 -19.93 10.89 29.44
N LEU D 382 -19.10 11.69 28.75
CA LEU D 382 -18.42 12.83 29.34
C LEU D 382 -19.28 14.10 29.38
N GLY D 383 -20.50 14.05 28.83
CA GLY D 383 -21.39 15.18 28.88
C GLY D 383 -22.00 15.61 27.56
N GLY D 384 -21.54 15.02 26.45
CA GLY D 384 -22.14 15.27 25.16
C GLY D 384 -21.71 16.58 24.53
N PRO D 385 -22.10 16.76 23.26
CA PRO D 385 -21.54 17.87 22.46
C PRO D 385 -21.78 19.26 23.04
N GLU D 386 -22.96 19.54 23.59
CA GLU D 386 -23.21 20.91 24.05
C GLU D 386 -22.31 21.28 25.22
N LYS D 387 -22.06 20.33 26.13
CA LYS D 387 -21.18 20.61 27.26
C LYS D 387 -19.74 20.84 26.82
N LEU D 388 -19.28 20.12 25.79
CA LEU D 388 -17.95 20.39 25.25
C LEU D 388 -17.91 21.77 24.58
N LYS D 389 -18.96 22.11 23.84
CA LYS D 389 -19.02 23.43 23.21
C LYS D 389 -18.98 24.53 24.27
N ALA D 390 -19.66 24.31 25.39
CA ALA D 390 -19.59 25.26 26.51
C ALA D 390 -18.15 25.46 26.97
N ALA D 391 -17.38 24.39 27.12
CA ALA D 391 -15.99 24.52 27.51
C ALA D 391 -15.19 25.28 26.46
N VAL D 392 -15.39 24.94 25.18
CA VAL D 392 -14.63 25.59 24.13
C VAL D 392 -15.00 27.07 24.02
N ASP D 393 -16.31 27.37 24.09
CA ASP D 393 -16.75 28.77 24.05
C ASP D 393 -16.20 29.56 25.22
N LEU D 394 -16.16 28.96 26.42
CA LEU D 394 -15.52 29.66 27.54
C LEU D 394 -14.08 30.02 27.19
N ALA D 395 -13.33 29.07 26.62
CA ALA D 395 -11.94 29.35 26.29
C ALA D 395 -11.82 30.42 25.21
N LYS D 396 -12.71 30.37 24.20
CA LYS D 396 -12.67 31.38 23.14
C LYS D 396 -12.98 32.76 23.70
N SER D 397 -13.85 32.82 24.71
CA SER D 397 -14.17 34.09 25.37
C SER D 397 -12.95 34.70 26.02
N TYR D 398 -11.98 33.87 26.41
CA TYR D 398 -10.74 34.32 27.02
C TYR D 398 -9.65 34.67 26.03
N GLY D 399 -9.88 34.42 24.74
CA GLY D 399 -8.81 34.52 23.78
C GLY D 399 -7.90 33.31 23.72
N TYR D 400 -8.28 32.22 24.40
CA TYR D 400 -7.48 30.99 24.42
C TYR D 400 -7.64 30.22 23.12
N LEU D 401 -6.55 29.57 22.70
CA LEU D 401 -6.66 28.49 21.72
C LEU D 401 -7.11 27.21 22.42
N TYR D 402 -7.88 26.39 21.69
CA TYR D 402 -8.33 25.11 22.19
C TYR D 402 -8.19 24.05 21.10
N SER D 403 -7.82 22.84 21.50
CA SER D 403 -7.86 21.68 20.61
C SER D 403 -8.15 20.44 21.44
N SER D 404 -8.81 19.47 20.81
CA SER D 404 -8.93 18.13 21.36
C SER D 404 -7.71 17.31 20.93
N TYR D 405 -7.60 16.10 21.50
CA TYR D 405 -6.61 15.15 21.03
C TYR D 405 -7.10 14.49 19.75
N HIS D 406 -6.26 14.46 18.72
CA HIS D 406 -6.56 13.79 17.46
C HIS D 406 -5.37 12.96 17.03
N ALA D 407 -5.65 11.77 16.50
CA ALA D 407 -4.62 10.96 15.85
C ALA D 407 -5.29 10.05 14.85
N TYR D 408 -4.69 9.93 13.66
CA TYR D 408 -5.24 9.11 12.60
C TYR D 408 -4.33 7.94 12.23
N SER D 409 -3.17 7.83 12.86
CA SER D 409 -2.19 6.77 12.65
C SER D 409 -2.33 5.54 13.56
N PRO D 410 -2.93 5.63 14.75
CA PRO D 410 -2.95 4.45 15.63
C PRO D 410 -3.89 3.36 15.17
N MET D 411 -3.57 2.15 15.63
CA MET D 411 -4.48 1.02 15.50
C MET D 411 -4.26 0.16 16.74
N LEU D 412 -5.12 0.33 17.74
CA LEU D 412 -4.87 -0.15 19.10
C LEU D 412 -5.47 -1.53 19.32
N GLU D 413 -4.69 -2.40 19.98
CA GLU D 413 -5.14 -3.75 20.34
C GLU D 413 -6.40 -3.75 21.17
N ASN D 414 -6.59 -2.73 22.03
CA ASN D 414 -7.73 -2.72 22.94
C ASN D 414 -8.94 -2.04 22.33
N ASP D 415 -8.81 -1.55 21.09
CA ASP D 415 -9.91 -0.98 20.33
C ASP D 415 -10.80 -2.12 19.82
N PRO D 416 -12.08 -2.16 20.18
CA PRO D 416 -12.97 -3.17 19.60
C PRO D 416 -13.05 -3.08 18.09
N ASN D 417 -12.72 -1.93 17.50
CA ASN D 417 -12.72 -1.72 16.06
C ASN D 417 -11.37 -2.08 15.42
N PHE D 418 -10.46 -2.67 16.18
CA PHE D 418 -9.15 -3.03 15.64
C PHE D 418 -9.27 -3.83 14.34
N THR D 419 -8.49 -3.46 13.34
CA THR D 419 -8.42 -4.29 12.13
C THR D 419 -7.06 -4.11 11.49
N THR D 420 -6.51 -5.23 11.00
CA THR D 420 -5.28 -5.16 10.22
C THR D 420 -5.52 -4.60 8.81
N ASP D 421 -6.78 -4.42 8.40
CA ASP D 421 -7.05 -3.95 7.05
C ASP D 421 -6.52 -2.55 6.82
N LEU D 422 -6.41 -1.74 7.87
CA LEU D 422 -5.88 -0.38 7.74
C LEU D 422 -4.37 -0.32 7.93
N MET D 423 -3.71 -1.47 8.09
CA MET D 423 -2.28 -1.48 8.28
C MET D 423 -1.56 -1.63 6.94
N GLN D 424 -0.24 -1.46 6.97
CA GLN D 424 0.61 -1.59 5.80
C GLN D 424 1.33 -2.93 5.83
N ARG D 425 1.51 -3.54 4.66
CA ARG D 425 2.26 -4.78 4.53
C ARG D 425 3.50 -4.57 3.68
N ASP D 426 4.56 -5.32 3.99
CA ASP D 426 5.83 -5.19 3.30
C ASP D 426 5.83 -6.09 2.06
N ALA D 427 7.00 -6.14 1.40
CA ALA D 427 7.12 -6.87 0.14
C ALA D 427 6.87 -8.36 0.30
N GLU D 428 6.97 -8.89 1.51
CA GLU D 428 6.69 -10.30 1.73
C GLU D 428 5.25 -10.54 2.16
N GLY D 429 4.39 -9.52 2.14
CA GLY D 429 3.03 -9.69 2.58
C GLY D 429 2.86 -9.62 4.09
N LYS D 430 3.93 -9.31 4.82
CA LYS D 430 3.89 -9.25 6.28
C LYS D 430 3.49 -7.87 6.76
N LEU D 431 2.73 -7.85 7.86
CA LEU D 431 2.32 -6.60 8.49
C LEU D 431 3.54 -5.79 8.96
N MET D 432 3.47 -4.48 8.79
CA MET D 432 4.50 -3.57 9.26
C MET D 432 4.05 -2.87 10.54
N ASN D 433 5.05 -2.49 11.35
CA ASN D 433 4.85 -1.80 12.62
C ASN D 433 3.94 -2.57 13.57
N THR D 434 4.03 -3.91 13.54
CA THR D 434 3.29 -4.72 14.51
C THR D 434 3.72 -4.37 15.93
N GLY D 435 4.96 -3.94 16.12
CA GLY D 435 5.44 -3.57 17.43
C GLY D 435 5.28 -2.11 17.77
N SER D 436 4.51 -1.34 17.01
CA SER D 436 4.49 0.11 17.18
C SER D 436 3.05 0.61 17.00
N ARG D 437 2.25 0.43 18.05
CA ARG D 437 0.79 0.56 17.94
C ARG D 437 0.34 1.96 17.52
N TRP D 438 1.10 3.01 17.83
CA TRP D 438 0.64 4.38 17.56
C TRP D 438 0.87 4.80 16.11
N ALA D 439 1.61 4.01 15.33
CA ALA D 439 1.91 4.30 13.92
C ALA D 439 1.69 3.03 13.09
N ARG D 440 0.45 2.54 13.09
CA ARG D 440 0.13 1.33 12.36
C ARG D 440 -0.72 1.56 11.12
N VAL D 441 -1.50 2.63 11.07
CA VAL D 441 -2.35 2.89 9.92
C VAL D 441 -1.48 3.45 8.80
N ASP D 442 -1.53 2.81 7.65
CA ASP D 442 -0.82 3.30 6.48
C ASP D 442 -1.17 4.76 6.22
N PRO D 443 -0.18 5.65 6.08
CA PRO D 443 -0.50 7.07 5.79
C PRO D 443 -1.43 7.27 4.60
N LYS D 444 -1.45 6.36 3.61
CA LYS D 444 -2.36 6.54 2.50
C LYS D 444 -3.83 6.45 2.91
N PHE D 445 -4.14 5.94 4.11
CA PHE D 445 -5.51 5.91 4.62
C PHE D 445 -5.86 7.09 5.52
N GLN D 446 -4.87 7.88 5.94
CA GLN D 446 -5.08 8.74 7.10
C GLN D 446 -5.92 9.98 6.79
N LYS D 447 -5.77 10.58 5.60
CA LYS D 447 -6.65 11.67 5.21
C LYS D 447 -8.11 11.23 5.20
N GLY D 448 -8.38 10.03 4.68
CA GLY D 448 -9.74 9.52 4.71
C GLY D 448 -10.29 9.43 6.12
N LEU D 449 -9.45 8.97 7.08
CA LEU D 449 -9.89 8.88 8.46
C LEU D 449 -10.16 10.25 9.07
N ALA D 450 -9.27 11.22 8.82
CA ALA D 450 -9.52 12.58 9.31
C ALA D 450 -10.78 13.16 8.69
N GLN D 451 -11.01 12.87 7.41
CA GLN D 451 -12.17 13.40 6.70
C GLN D 451 -13.49 12.90 7.27
N LYS D 452 -13.48 11.79 8.00
CA LYS D 452 -14.74 11.27 8.55
C LYS D 452 -15.45 12.29 9.44
N ASN D 453 -14.69 13.08 10.20
CA ASN D 453 -15.35 13.95 11.17
C ASN D 453 -14.69 15.31 11.46
N ILE D 454 -13.47 15.57 10.98
CA ILE D 454 -12.77 16.78 11.42
C ILE D 454 -13.53 18.04 11.00
N GLU D 455 -14.14 18.04 9.80
CA GLU D 455 -14.89 19.21 9.34
C GLU D 455 -16.15 19.43 10.18
N LYS D 456 -16.85 18.35 10.54
CA LYS D 456 -17.99 18.46 11.44
C LYS D 456 -17.57 19.06 12.78
N GLU D 457 -16.52 18.50 13.38
CA GLU D 457 -16.07 18.95 14.69
C GLU D 457 -15.68 20.43 14.64
N ILE D 458 -14.91 20.83 13.63
CA ILE D 458 -14.55 22.24 13.48
C ILE D 458 -15.81 23.10 13.39
N SER D 459 -16.73 22.68 12.52
CA SER D 459 -17.99 23.41 12.33
C SER D 459 -18.73 23.56 13.65
N TYR D 460 -18.94 22.44 14.35
CA TYR D 460 -19.83 22.46 15.49
C TYR D 460 -19.25 23.28 16.65
N LEU D 461 -17.96 23.09 16.95
CA LEU D 461 -17.37 23.77 18.10
C LEU D 461 -16.79 25.12 17.72
N GLY D 462 -16.79 25.46 16.43
CA GLY D 462 -16.17 26.70 15.99
C GLY D 462 -14.69 26.74 16.33
N LEU D 463 -13.97 25.68 15.96
CA LEU D 463 -12.59 25.55 16.40
C LEU D 463 -11.72 26.59 15.71
N GLU D 464 -10.74 27.11 16.47
CA GLU D 464 -9.72 28.00 15.91
C GLU D 464 -8.36 27.33 15.81
N ALA D 465 -8.21 26.13 16.38
CA ALA D 465 -6.92 25.47 16.47
C ALA D 465 -7.11 23.97 16.41
N ASP D 466 -6.02 23.27 16.09
CA ASP D 466 -6.02 21.82 16.07
C ASP D 466 -4.60 21.33 16.34
N ILE D 467 -4.51 20.18 17.02
CA ILE D 467 -3.24 19.47 17.20
C ILE D 467 -3.46 18.01 16.84
N THR D 468 -2.50 17.45 16.12
CA THR D 468 -2.55 16.07 15.62
C THR D 468 -1.31 15.36 16.14
N ASP D 469 -1.51 14.17 16.70
CA ASP D 469 -0.40 13.41 17.29
C ASP D 469 0.25 12.49 16.27
N ILE D 470 1.54 12.18 16.50
CA ILE D 470 2.29 11.07 15.88
C ILE D 470 2.70 11.27 14.42
N THR D 471 1.73 11.56 13.53
CA THR D 471 1.97 11.39 12.10
C THR D 471 3.11 12.26 11.58
N PHE D 472 3.36 13.41 12.20
CA PHE D 472 4.36 14.32 11.69
C PHE D 472 5.55 14.45 12.65
N ALA D 473 5.80 13.39 13.45
CA ALA D 473 6.93 13.41 14.38
C ALA D 473 8.24 13.03 13.71
N ALA D 474 8.18 12.44 12.51
CA ALA D 474 9.37 11.96 11.83
C ALA D 474 9.25 12.34 10.37
N TYR D 475 10.30 12.05 9.60
CA TYR D 475 10.25 12.27 8.16
C TYR D 475 10.99 11.12 7.47
N ARG D 476 10.31 9.96 7.45
CA ARG D 476 10.84 8.80 6.76
C ARG D 476 10.30 8.76 5.34
N GLU D 477 10.98 7.99 4.50
CA GLU D 477 10.53 7.85 3.11
C GLU D 477 9.21 7.08 3.04
N ASN D 478 9.10 5.97 3.77
CA ASN D 478 7.95 5.10 3.61
C ASN D 478 6.70 5.80 4.15
N GLY D 479 5.70 5.99 3.30
CA GLY D 479 4.46 6.62 3.69
C GLY D 479 4.42 8.13 3.58
N LYS D 480 5.52 8.79 3.16
CA LYS D 480 5.53 10.25 3.27
C LYS D 480 4.48 10.89 2.37
N GLU D 481 4.17 10.30 1.21
CA GLU D 481 3.16 10.87 0.32
C GLU D 481 1.80 10.95 1.00
N GLY D 482 1.40 9.88 1.71
CA GLY D 482 0.16 9.95 2.46
C GLY D 482 0.21 11.00 3.55
N ARG D 483 1.35 11.10 4.24
CA ARG D 483 1.49 12.10 5.29
C ARG D 483 1.34 13.51 4.71
N ILE D 484 2.00 13.79 3.58
CA ILE D 484 1.89 15.09 2.93
C ILE D 484 0.45 15.38 2.54
N GLU D 485 -0.27 14.37 2.04
CA GLU D 485 -1.67 14.56 1.68
C GLU D 485 -2.50 14.93 2.90
N LEU D 486 -2.23 14.29 4.05
CA LEU D 486 -2.92 14.64 5.29
C LEU D 486 -2.52 16.04 5.78
N ALA D 487 -1.23 16.39 5.64
CA ALA D 487 -0.79 17.72 6.07
C ALA D 487 -1.47 18.82 5.27
N LYS D 488 -1.51 18.67 3.94
CA LYS D 488 -2.23 19.64 3.10
C LYS D 488 -3.69 19.76 3.54
N TYR D 489 -4.35 18.62 3.73
CA TYR D 489 -5.75 18.62 4.13
C TYR D 489 -5.96 19.40 5.41
N ILE D 490 -5.14 19.11 6.44
CA ILE D 490 -5.28 19.80 7.71
C ILE D 490 -4.95 21.28 7.56
N ASP D 491 -3.90 21.60 6.82
CA ASP D 491 -3.51 22.98 6.64
C ASP D 491 -4.56 23.79 5.86
N SER D 492 -5.40 23.13 5.07
CA SER D 492 -6.40 23.82 4.25
C SER D 492 -7.47 24.52 5.09
N PHE D 493 -7.74 24.03 6.31
CA PHE D 493 -8.69 24.66 7.22
C PHE D 493 -8.20 25.99 7.79
N ASN D 494 -6.91 26.29 7.66
CA ASN D 494 -6.33 27.55 8.15
C ASN D 494 -6.71 27.81 9.61
N LEU D 495 -6.53 26.78 10.43
CA LEU D 495 -6.53 26.94 11.88
C LEU D 495 -5.11 27.16 12.37
N VAL D 496 -4.99 27.63 13.60
CA VAL D 496 -3.69 27.55 14.27
C VAL D 496 -3.42 26.07 14.51
N ASN D 497 -2.43 25.48 13.85
CA ASN D 497 -2.27 24.04 14.06
C ASN D 497 -0.88 23.65 14.53
N GLY D 498 -0.90 22.76 15.52
CA GLY D 498 0.29 22.15 16.06
C GLY D 498 0.31 20.66 15.75
N THR D 499 1.47 20.07 16.03
CA THR D 499 1.60 18.64 15.88
C THR D 499 2.70 18.15 16.78
N GLU D 500 2.67 16.86 17.07
CA GLU D 500 3.65 16.30 17.99
C GLU D 500 5.05 16.35 17.37
N HIS D 501 5.99 16.97 18.08
CA HIS D 501 7.42 16.87 17.82
C HIS D 501 7.83 17.61 16.55
N GLY D 502 7.30 17.20 15.39
CA GLY D 502 7.59 17.84 14.14
C GLY D 502 8.95 17.46 13.54
N GLN D 503 9.15 17.88 12.30
CA GLN D 503 10.44 17.86 11.64
C GLN D 503 10.49 19.09 10.72
N GLU D 504 11.71 19.49 10.33
CA GLU D 504 11.84 20.70 9.51
C GLU D 504 11.01 20.62 8.24
N GLN D 505 10.84 19.42 7.68
CA GLN D 505 10.07 19.28 6.44
C GLN D 505 8.60 19.65 6.64
N TRP D 506 8.09 19.57 7.88
CA TRP D 506 6.69 19.89 8.15
C TRP D 506 6.45 21.34 8.51
N ILE D 507 7.50 22.13 8.69
CA ILE D 507 7.35 23.51 9.12
C ILE D 507 6.39 24.31 8.23
N PRO D 508 6.35 24.10 6.91
CA PRO D 508 5.39 24.88 6.11
C PRO D 508 3.93 24.65 6.47
N TYR D 509 3.59 23.55 7.14
CA TYR D 509 2.18 23.19 7.34
C TYR D 509 1.65 23.49 8.74
N PHE D 510 2.51 23.95 9.66
CA PHE D 510 2.13 24.01 11.07
C PHE D 510 2.59 25.33 11.66
N ASP D 511 1.96 25.68 12.78
CA ASP D 511 2.34 26.88 13.52
C ASP D 511 3.19 26.55 14.74
N MET D 512 3.03 25.36 15.31
CA MET D 512 3.74 25.02 16.52
C MET D 512 4.01 23.52 16.55
N PHE D 513 5.16 23.17 17.13
CA PHE D 513 5.57 21.80 17.41
C PHE D 513 5.50 21.59 18.92
N GLU D 514 4.82 20.54 19.36
CA GLU D 514 4.88 20.11 20.76
C GLU D 514 6.08 19.18 20.93
N GLY D 515 7.16 19.71 21.51
CA GLY D 515 8.41 18.97 21.60
C GLY D 515 9.52 19.66 20.83
N MET D 516 10.30 18.89 20.08
CA MET D 516 11.56 19.37 19.53
C MET D 516 12.45 19.92 20.65
N THR D 517 12.53 19.15 21.74
CA THR D 517 13.40 19.47 22.86
C THR D 517 14.41 18.33 23.04
N TYR D 518 14.24 17.47 24.06
CA TYR D 518 15.22 16.45 24.44
C TYR D 518 14.50 15.19 24.90
N LEU D 519 14.93 14.02 24.41
CA LEU D 519 14.59 12.78 25.11
C LEU D 519 15.18 12.80 26.52
N GLU D 520 14.62 11.97 27.39
CA GLU D 520 15.17 11.90 28.74
C GLU D 520 16.38 10.96 28.79
N ASP D 521 16.25 9.74 28.26
CA ASP D 521 17.34 8.79 28.11
C ASP D 521 17.80 8.82 26.67
N ARG D 522 19.08 9.11 26.45
CA ARG D 522 19.50 9.26 25.07
C ARG D 522 21.00 9.08 25.00
N PRO D 523 21.49 8.51 23.90
CA PRO D 523 22.94 8.52 23.66
C PRO D 523 23.48 9.92 23.82
N LEU D 524 24.67 10.01 24.43
CA LEU D 524 25.44 11.23 24.63
C LEU D 524 24.93 12.09 25.78
N SER D 525 23.93 11.67 26.54
CA SER D 525 23.39 12.55 27.57
C SER D 525 24.44 12.93 28.60
N VAL D 526 25.32 12.00 28.98
CA VAL D 526 26.27 12.30 30.05
C VAL D 526 27.52 13.00 29.52
N ILE D 527 27.63 13.23 28.20
CA ILE D 527 28.80 13.89 27.62
C ILE D 527 28.40 14.94 26.60
N SER D 528 27.29 15.64 26.85
CA SER D 528 26.92 16.73 25.98
C SER D 528 26.20 17.80 26.80
N HIS D 529 26.09 18.98 26.20
CA HIS D 529 25.27 20.05 26.74
C HIS D 529 24.16 20.39 25.76
N PRO D 530 22.93 20.57 26.25
CA PRO D 530 21.88 21.09 25.38
C PRO D 530 22.32 22.41 24.76
N ALA D 531 22.09 22.54 23.45
CA ALA D 531 22.30 23.80 22.72
C ALA D 531 21.10 24.01 21.80
N PRO D 532 20.64 25.26 21.63
CA PRO D 532 19.40 25.52 20.86
C PRO D 532 19.64 25.52 19.35
N LEU D 533 20.18 24.42 18.83
CA LEU D 533 20.59 24.38 17.42
C LEU D 533 19.39 24.48 16.49
N PHE D 534 18.34 23.71 16.77
CA PHE D 534 17.17 23.78 15.90
C PHE D 534 16.56 25.18 15.92
N ASN D 535 16.44 25.76 17.12
CA ASN D 535 15.82 27.08 17.20
C ASN D 535 16.74 28.17 16.67
N LEU D 536 18.06 27.99 16.73
CA LEU D 536 18.97 28.92 16.08
C LEU D 536 18.71 28.97 14.57
N VAL D 537 18.19 27.89 14.00
CA VAL D 537 17.78 27.90 12.61
C VAL D 537 16.35 28.40 12.45
N TYR D 538 15.42 27.84 13.21
CA TYR D 538 14.01 27.85 12.81
C TYR D 538 13.09 28.62 13.75
N HIS D 539 13.60 29.31 14.77
CA HIS D 539 12.71 29.98 15.72
C HIS D 539 11.73 30.93 15.03
N GLU D 540 12.18 31.67 14.02
CA GLU D 540 11.28 32.59 13.31
C GLU D 540 10.17 31.87 12.54
N ALA D 541 10.33 30.58 12.24
CA ALA D 541 9.42 29.86 11.36
C ALA D 541 8.49 28.88 12.08
N ILE D 542 8.83 28.44 13.28
CA ILE D 542 8.01 27.46 13.99
C ILE D 542 8.18 27.69 15.48
N ALA D 543 7.07 27.77 16.18
CA ALA D 543 7.05 27.87 17.63
C ALA D 543 7.09 26.47 18.23
N ASN D 544 7.85 26.29 19.30
CA ASN D 544 7.79 25.00 19.95
C ASN D 544 7.53 25.16 21.44
N PHE D 545 7.06 24.06 22.03
CA PHE D 545 6.68 23.94 23.42
C PHE D 545 7.29 22.65 23.96
N GLY D 546 7.36 22.52 25.28
CA GLY D 546 7.89 21.31 25.87
C GLY D 546 7.08 20.08 25.46
N LYS D 547 7.75 18.93 25.45
CA LYS D 547 7.12 17.65 25.11
C LYS D 547 6.21 17.18 26.24
N ILE D 548 5.06 16.57 25.89
CA ILE D 548 4.09 16.20 26.92
C ILE D 548 4.61 15.12 27.85
N GLN D 549 5.42 14.19 27.35
CA GLN D 549 5.94 13.14 28.21
C GLN D 549 6.95 13.67 29.21
N ASP D 550 7.59 14.80 28.91
CA ASP D 550 8.61 15.38 29.79
C ASP D 550 8.26 16.84 30.05
N PRO D 551 7.12 17.10 30.68
CA PRO D 551 6.61 18.47 30.75
C PRO D 551 7.31 19.28 31.82
N ASP D 552 7.08 20.59 31.79
CA ASP D 552 7.75 21.45 32.75
C ASP D 552 7.31 21.21 34.21
N ASN D 553 6.21 20.50 34.43
CA ASN D 553 5.77 20.16 35.79
C ASN D 553 6.30 18.81 36.30
N GLU D 554 7.13 18.10 35.52
CA GLU D 554 7.67 16.81 35.93
C GLU D 554 9.18 16.92 36.17
N VAL D 555 9.68 16.16 37.15
CA VAL D 555 11.09 16.18 37.49
C VAL D 555 11.74 15.00 36.78
N THR D 556 12.66 15.27 35.86
CA THR D 556 13.25 14.23 35.01
C THR D 556 14.72 14.50 34.80
N ALA D 557 15.34 13.63 34.00
CA ALA D 557 16.74 13.80 33.61
C ALA D 557 16.97 15.17 33.00
N ASN D 558 15.95 15.78 32.39
CA ASN D 558 16.11 17.08 31.76
C ASN D 558 15.81 18.23 32.68
N GLY D 559 15.54 17.95 33.95
CA GLY D 559 15.49 18.97 34.97
C GLY D 559 14.14 19.02 35.68
N ASP D 560 14.07 19.93 36.63
CA ASP D 560 12.87 20.29 37.36
C ASP D 560 12.28 21.56 36.76
N PHE D 561 11.38 22.24 37.47
CA PHE D 561 10.79 23.43 36.89
C PHE D 561 11.78 24.57 36.82
N ARG D 562 12.64 24.71 37.84
CA ARG D 562 13.67 25.74 37.82
C ARG D 562 14.49 25.68 36.53
N ILE D 563 15.02 24.49 36.24
CA ILE D 563 15.91 24.33 35.10
C ILE D 563 15.15 24.49 33.79
N LYS D 564 14.00 23.82 33.68
CA LYS D 564 13.21 23.87 32.45
C LYS D 564 12.70 25.27 32.15
N ALA D 565 12.28 26.01 33.16
CA ALA D 565 11.82 27.38 32.93
C ALA D 565 12.94 28.26 32.40
N LEU D 566 14.13 28.18 33.01
CA LEU D 566 15.25 28.99 32.54
C LEU D 566 15.68 28.58 31.14
N ARG D 567 15.71 27.28 30.87
CA ARG D 567 16.07 26.81 29.53
C ARG D 567 15.05 27.26 28.50
N SER D 568 13.75 27.24 28.85
CA SER D 568 12.71 27.72 27.95
C SER D 568 13.04 29.12 27.42
N MET D 569 13.48 29.99 28.30
CA MET D 569 13.71 31.38 27.91
C MET D 569 14.99 31.50 27.10
N LEU D 570 16.02 30.74 27.48
CA LEU D 570 17.27 30.76 26.73
C LEU D 570 17.07 30.22 25.32
N PHE D 571 16.26 29.19 25.18
CA PHE D 571 16.12 28.49 23.91
C PHE D 571 14.95 29.00 23.09
N GLY D 572 14.06 29.79 23.68
CA GLY D 572 12.95 30.35 22.97
C GLY D 572 11.78 29.42 22.73
N ARG D 573 11.43 28.59 23.71
CA ARG D 573 10.25 27.75 23.62
C ARG D 573 9.23 28.14 24.68
N GLY D 574 7.98 27.68 24.46
CA GLY D 574 6.90 27.95 25.39
C GLY D 574 6.81 26.88 26.47
N THR D 575 6.15 27.27 27.57
CA THR D 575 5.94 26.39 28.72
C THR D 575 4.90 25.33 28.39
N THR D 576 5.15 24.10 28.87
CA THR D 576 4.20 22.98 28.77
C THR D 576 3.88 22.50 30.17
N ILE D 577 2.60 22.55 30.54
CA ILE D 577 2.08 21.99 31.79
C ILE D 577 1.16 20.85 31.35
N PHE D 578 1.58 19.61 31.59
CA PHE D 578 0.86 18.45 31.10
C PHE D 578 0.53 17.56 32.29
N PHE D 579 -0.75 17.35 32.55
CA PHE D 579 -1.14 16.79 33.83
C PHE D 579 -2.42 15.99 33.69
N ALA D 580 -2.55 15.00 34.59
CA ALA D 580 -3.83 14.37 34.86
C ALA D 580 -4.71 15.32 35.68
N PRO D 581 -6.03 15.31 35.45
CA PRO D 581 -6.91 16.25 36.17
C PRO D 581 -6.72 16.27 37.68
N TYR D 582 -6.56 15.10 38.32
CA TYR D 582 -6.40 15.09 39.77
C TYR D 582 -5.15 15.84 40.24
N GLU D 583 -4.19 16.09 39.35
CA GLU D 583 -2.98 16.82 39.74
C GLU D 583 -3.18 18.34 39.72
N PHE D 584 -4.32 18.83 39.27
CA PHE D 584 -4.41 20.26 38.93
C PHE D 584 -3.99 21.18 40.07
N GLU D 585 -4.42 20.90 41.30
CA GLU D 585 -4.07 21.82 42.38
C GLU D 585 -2.57 21.87 42.63
N GLY D 586 -1.85 20.75 42.38
CA GLY D 586 -0.40 20.76 42.46
C GLY D 586 0.27 21.59 41.37
N MET D 587 -0.43 21.85 40.26
CA MET D 587 0.15 22.63 39.17
C MET D 587 0.17 24.14 39.46
N ARG D 588 -0.70 24.63 40.36
CA ARG D 588 -0.86 26.07 40.54
C ARG D 588 0.45 26.81 40.70
N PRO D 589 1.36 26.42 41.61
CA PRO D 589 2.57 27.23 41.79
C PRO D 589 3.41 27.32 40.52
N MET D 590 3.46 26.25 39.72
CA MET D 590 4.29 26.30 38.51
C MET D 590 3.64 27.16 37.43
N ILE D 591 2.31 27.09 37.31
CA ILE D 591 1.59 27.97 36.39
C ILE D 591 1.86 29.44 36.74
N GLU D 592 1.75 29.77 38.03
CA GLU D 592 2.01 31.13 38.48
C GLU D 592 3.43 31.59 38.14
N MET D 593 4.42 30.74 38.42
CA MET D 593 5.80 31.12 38.13
C MET D 593 6.01 31.26 36.62
N ALA D 594 5.44 30.35 35.83
CA ALA D 594 5.54 30.45 34.38
C ALA D 594 4.88 31.74 33.89
N ARG D 595 3.71 32.04 34.42
CA ARG D 595 3.01 33.29 34.08
C ARG D 595 3.89 34.50 34.35
N ASP D 596 4.54 34.54 35.52
CA ASP D 596 5.28 35.72 35.92
C ASP D 596 6.65 35.82 35.24
N LEU D 597 7.30 34.70 34.96
CA LEU D 597 8.66 34.73 34.44
C LEU D 597 8.76 34.44 32.96
N VAL D 598 8.20 33.31 32.50
CA VAL D 598 8.45 32.84 31.15
C VAL D 598 7.54 33.52 30.14
N SER D 599 6.24 33.59 30.46
CA SER D 599 5.27 34.09 29.49
C SER D 599 5.66 35.44 28.89
N PRO D 600 6.07 36.45 29.67
CA PRO D 600 6.40 37.74 29.05
C PRO D 600 7.64 37.67 28.14
N VAL D 601 8.62 36.84 28.47
CA VAL D 601 9.79 36.69 27.61
C VAL D 601 9.40 35.94 26.33
N HIS D 602 8.64 34.85 26.48
CA HIS D 602 8.11 34.11 25.35
C HIS D 602 7.32 35.04 24.41
N LYS D 603 6.39 35.83 24.99
CA LYS D 603 5.61 36.77 24.20
C LYS D 603 6.51 37.71 23.40
N GLU D 604 7.49 38.34 24.07
CA GLU D 604 8.30 39.35 23.40
C GLU D 604 9.18 38.77 22.29
N THR D 605 9.70 37.56 22.49
CA THR D 605 10.68 36.98 21.57
C THR D 605 10.05 36.05 20.53
N PHE D 606 8.75 35.77 20.65
CA PHE D 606 8.07 34.71 19.91
C PHE D 606 8.37 34.72 18.41
N TYR D 607 8.31 35.90 17.77
CA TYR D 607 8.47 35.97 16.31
C TYR D 607 9.91 36.23 15.87
N SER D 608 10.82 36.42 16.81
CA SER D 608 12.14 36.94 16.49
C SER D 608 13.10 35.81 16.13
N GLU D 609 14.28 36.21 15.67
CA GLU D 609 15.37 35.28 15.44
C GLU D 609 16.15 35.12 16.73
N LEU D 610 16.42 33.89 17.11
CA LEU D 610 17.45 33.62 18.11
C LEU D 610 18.78 33.89 17.42
N LYS D 611 19.30 35.10 17.61
CA LYS D 611 20.50 35.53 16.90
C LYS D 611 21.74 34.82 17.42
N SER D 612 21.83 34.62 18.72
CA SER D 612 23.04 34.06 19.28
C SER D 612 22.74 33.38 20.60
N HIS D 613 23.54 32.38 20.90
CA HIS D 613 23.56 31.71 22.19
C HIS D 613 25.03 31.50 22.55
N GLU D 614 25.36 31.67 23.84
CA GLU D 614 26.72 31.53 24.31
C GLU D 614 26.71 30.85 25.67
N TYR D 615 27.69 29.97 25.88
CA TYR D 615 28.03 29.51 27.23
C TYR D 615 29.06 30.45 27.82
N LEU D 616 28.76 30.97 29.01
CA LEU D 616 29.58 32.01 29.62
C LEU D 616 30.37 31.55 30.83
N SER D 617 30.08 30.36 31.37
CA SER D 617 30.86 29.81 32.47
C SER D 617 31.60 28.55 32.03
N ALA D 618 32.65 28.23 32.78
CA ALA D 618 33.50 27.09 32.46
C ALA D 618 32.72 25.78 32.48
N ASP D 619 31.72 25.67 33.37
CA ASP D 619 30.91 24.46 33.49
C ASP D 619 29.67 24.48 32.60
N TYR D 620 29.57 25.44 31.68
CA TYR D 620 28.51 25.51 30.67
C TYR D 620 27.12 25.72 31.26
N LYS D 621 27.02 25.95 32.58
CA LYS D 621 25.72 26.15 33.20
C LYS D 621 25.20 27.59 33.10
N VAL D 622 26.06 28.60 32.91
CA VAL D 622 25.60 29.98 32.71
C VAL D 622 25.63 30.30 31.21
N GLN D 623 24.51 30.79 30.70
CA GLN D 623 24.35 30.98 29.26
C GLN D 623 23.69 32.33 28.95
N ARG D 624 23.91 32.81 27.72
CA ARG D 624 23.30 34.05 27.23
C ARG D 624 22.72 33.83 25.84
N SER D 625 21.45 34.23 25.68
CA SER D 625 20.76 34.21 24.39
C SER D 625 20.28 35.61 24.03
N ARG D 626 20.39 35.96 22.75
CA ARG D 626 20.00 37.27 22.23
C ARG D 626 19.04 37.09 21.07
N PHE D 627 17.88 37.71 21.18
CA PHE D 627 16.81 37.64 20.19
C PHE D 627 16.71 38.96 19.44
N SER D 628 16.32 38.88 18.17
CA SER D 628 16.26 40.10 17.36
C SER D 628 15.07 40.98 17.72
N SER D 629 14.25 40.58 18.70
CA SER D 629 13.34 41.54 19.32
C SER D 629 14.09 42.54 20.19
N GLY D 630 15.40 42.38 20.36
CA GLY D 630 16.13 43.17 21.33
C GLY D 630 16.07 42.63 22.74
N THR D 631 15.75 41.36 22.91
CA THR D 631 15.70 40.77 24.24
C THR D 631 16.97 39.96 24.48
N GLU D 632 17.52 40.11 25.68
CA GLU D 632 18.67 39.32 26.11
C GLU D 632 18.30 38.50 27.32
N VAL D 633 18.59 37.20 27.27
CA VAL D 633 18.36 36.30 28.40
C VAL D 633 19.69 35.75 28.85
N ILE D 634 20.06 36.03 30.09
CA ILE D 634 21.14 35.34 30.78
C ILE D 634 20.52 34.49 31.87
N ALA D 635 20.95 33.24 31.98
CA ALA D 635 20.42 32.37 33.02
C ALA D 635 21.50 31.38 33.44
N ASN D 636 21.39 30.95 34.70
CA ASN D 636 22.35 30.07 35.37
C ASN D 636 21.59 28.80 35.72
N LEU D 637 21.92 27.68 35.05
CA LEU D 637 21.17 26.44 35.21
C LEU D 637 21.75 25.54 36.30
N GLY D 638 22.72 26.02 37.06
CA GLY D 638 23.30 25.25 38.14
C GLY D 638 23.01 25.90 39.48
N PRO D 639 23.42 25.24 40.57
CA PRO D 639 23.01 25.70 41.91
C PRO D 639 23.85 26.81 42.52
N VAL D 640 25.07 27.09 42.05
CA VAL D 640 25.95 28.06 42.70
C VAL D 640 25.97 29.36 41.88
N ALA D 641 25.99 30.49 42.57
CA ALA D 641 26.15 31.78 41.90
C ALA D 641 27.48 31.81 41.15
N GLN D 642 27.48 32.40 39.96
CA GLN D 642 28.70 32.53 39.19
C GLN D 642 28.78 33.92 38.57
N LYS D 643 30.00 34.45 38.53
CA LYS D 643 30.23 35.74 37.88
C LYS D 643 30.46 35.51 36.40
N ILE D 644 30.07 36.49 35.58
CA ILE D 644 30.37 36.41 34.16
C ILE D 644 31.15 37.63 33.70
N GLU D 645 31.77 37.50 32.53
CA GLU D 645 32.40 38.61 31.81
C GLU D 645 31.53 39.85 31.90
N GLY D 646 32.13 40.95 32.35
CA GLY D 646 31.36 42.14 32.69
C GLY D 646 31.17 42.35 34.17
N GLY D 647 31.67 41.44 35.03
CA GLY D 647 31.61 41.57 36.46
C GLY D 647 30.34 41.05 37.12
N ILE D 648 29.26 40.91 36.34
CA ILE D 648 27.95 40.53 36.88
C ILE D 648 27.98 39.15 37.50
N SER D 649 27.27 38.98 38.61
CA SER D 649 26.99 37.68 39.20
C SER D 649 25.58 37.25 38.85
N ILE D 650 25.40 35.98 38.51
CA ILE D 650 24.08 35.38 38.30
C ILE D 650 23.87 34.34 39.39
N PRO D 651 22.83 34.44 40.20
CA PRO D 651 22.58 33.44 41.25
C PRO D 651 22.33 32.06 40.67
N GLY D 652 22.53 31.04 41.52
CA GLY D 652 22.10 29.70 41.19
C GLY D 652 20.64 29.69 40.77
N TYR D 653 20.32 29.03 39.66
CA TYR D 653 18.94 28.96 39.16
C TYR D 653 18.34 30.37 39.04
N GLY D 654 19.17 31.31 38.57
CA GLY D 654 18.80 32.71 38.47
C GLY D 654 18.87 33.22 37.05
N TYR D 655 18.46 34.49 36.90
CA TYR D 655 18.34 35.04 35.55
C TYR D 655 18.60 36.54 35.59
N ARG D 656 18.91 37.07 34.41
CA ARG D 656 19.15 38.48 34.19
C ARG D 656 18.72 38.75 32.76
N ILE D 657 17.57 39.41 32.60
CA ILE D 657 16.89 39.59 31.33
C ILE D 657 16.79 41.07 31.03
N GLN D 658 17.24 41.47 29.84
CA GLN D 658 17.00 42.82 29.33
C GLN D 658 15.87 42.75 28.32
N MET D 659 14.78 43.47 28.60
CA MET D 659 13.65 43.48 27.71
C MET D 659 13.85 44.50 26.58
N LYS D 660 13.00 44.38 25.56
CA LYS D 660 13.06 45.27 24.40
C LYS D 660 13.15 46.73 24.79
N ASP D 661 12.39 47.13 25.83
CA ASP D 661 12.29 48.53 26.21
C ASP D 661 13.47 49.00 27.05
N GLY D 662 14.47 48.15 27.29
CA GLY D 662 15.61 48.51 28.08
C GLY D 662 15.51 48.16 29.55
N SER D 663 14.36 47.73 30.04
CA SER D 663 14.29 47.37 31.45
C SER D 663 15.02 46.05 31.71
N LEU D 664 15.28 45.82 33.00
CA LEU D 664 16.13 44.73 33.48
C LEU D 664 15.35 43.93 34.50
N LYS D 665 15.17 42.64 34.25
CA LYS D 665 14.55 41.72 35.20
C LYS D 665 15.61 40.76 35.73
N THR D 666 15.81 40.76 37.04
CA THR D 666 16.69 39.79 37.67
C THR D 666 15.91 39.05 38.74
N GLY D 667 16.37 37.85 39.04
CA GLY D 667 15.76 37.03 40.07
C GLY D 667 16.36 35.64 40.05
N HIS D 668 15.74 34.76 40.85
CA HIS D 668 16.24 33.40 41.00
C HIS D 668 15.16 32.55 41.68
N PHE D 669 15.14 31.26 41.35
CA PHE D 669 14.29 30.30 42.03
C PHE D 669 14.92 29.87 43.35
N GLN D 670 14.04 29.54 44.30
CA GLN D 670 14.44 29.05 45.62
C GLN D 670 13.63 27.80 45.94
N VAL D 671 14.30 26.80 46.50
CA VAL D 671 13.64 25.66 47.09
C VAL D 671 13.76 25.82 48.60
N SER D 672 12.65 25.66 49.31
CA SER D 672 12.69 25.82 50.75
C SER D 672 11.83 24.76 51.42
N LEU D 673 12.06 24.62 52.72
CA LEU D 673 11.41 23.62 53.55
C LEU D 673 10.54 24.33 54.59
N HIS D 674 9.23 24.12 54.49
N HIS D 674 9.23 24.11 54.51
CA HIS D 674 8.27 24.67 55.45
CA HIS D 674 8.27 24.67 55.45
C HIS D 674 7.94 23.56 56.46
C HIS D 674 7.94 23.56 56.45
N MET D 675 8.56 23.63 57.62
CA MET D 675 8.22 22.73 58.72
C MET D 675 7.09 23.38 59.54
N ASP D 676 6.00 22.65 59.76
CA ASP D 676 4.87 23.20 60.53
C ASP D 676 5.32 23.39 61.97
C01 A1H37 E . -31.25 -0.90 -44.18
C02 A1H37 E . -30.10 -1.69 -44.55
C03 A1H37 E . -28.97 -0.73 -44.84
C04 A1H37 E . -28.64 -0.04 -43.58
C05 A1H37 E . -29.81 0.86 -43.56
C06 A1H37 E . -29.77 1.32 -44.97
F02 A1H37 E . -29.72 -2.44 -43.75
O01 A1H37 E . -30.99 0.13 -43.35
O03 A1H37 E . -29.42 0.26 -45.67
O04 A1H37 E . -27.40 0.60 -43.74
O1 TLA F . -24.76 -1.63 -35.18
O11 TLA F . -24.62 -2.43 -37.25
C1 TLA F . -24.66 -2.60 -36.00
C2 TLA F . -24.56 -3.98 -35.41
O2 TLA F . -24.78 -3.85 -34.02
C3 TLA F . -23.15 -4.48 -35.65
O3 TLA F . -22.24 -3.61 -35.03
C4 TLA F . -23.06 -5.83 -34.97
O4 TLA F . -23.63 -6.80 -35.51
O41 TLA F . -22.43 -5.96 -33.88
C1 PEG G . -23.66 -34.61 -24.31
O1 PEG G . -22.36 -34.96 -23.87
C2 PEG G . -23.67 -33.17 -24.86
O2 PEG G . -24.57 -32.37 -24.14
C3 PEG G . -24.28 -31.00 -24.09
C4 PEG G . -25.49 -30.31 -23.50
O4 PEG G . -25.61 -30.82 -22.19
NA NA H . -46.52 -11.57 -49.70
CL CL I . -28.55 -18.28 -38.09
CL CL J . -39.74 3.49 -39.16
C1 EDO K . -26.84 18.41 -49.21
O1 EDO K . -26.55 18.17 -50.60
C2 EDO K . -28.31 18.78 -49.03
O2 EDO K . -28.61 19.16 -47.67
C1 EDO L . -37.81 14.56 -54.92
O1 EDO L . -38.28 14.43 -56.28
C2 EDO L . -38.92 15.08 -54.02
O2 EDO L . -38.60 16.39 -53.54
C1 EDO M . -19.42 9.32 -52.79
O1 EDO M . -18.06 9.02 -53.21
C2 EDO M . -19.60 10.85 -52.71
O2 EDO M . -19.17 11.36 -51.41
C1 EDO N . -16.32 -6.25 -17.39
O1 EDO N . -16.18 -5.33 -18.47
C2 EDO N . -16.13 -5.60 -16.02
O2 EDO N . -16.44 -4.19 -16.11
C1 EDO O . -28.48 -1.41 -35.01
O1 EDO O . -29.49 -2.35 -35.36
C2 EDO O . -28.17 -1.61 -33.53
O2 EDO O . -27.48 -2.86 -33.46
C01 A1H37 P . -4.15 -14.48 -18.60
C02 A1H37 P . -4.59 -15.26 -19.72
C03 A1H37 P . -5.81 -16.03 -19.30
C04 A1H37 P . -6.85 -15.05 -18.91
C05 A1H37 P . -6.24 -14.62 -17.66
C06 A1H37 P . -5.89 -15.95 -17.12
F02 A1H37 P . -4.88 -14.64 -20.60
O01 A1H37 P . -5.11 -13.89 -17.89
O03 A1H37 P . -5.51 -16.69 -18.18
O04 A1H37 P . -8.07 -15.67 -18.72
O1 TLA Q . -12.70 -8.82 -22.60
O11 TLA Q . -11.72 -10.66 -23.31
C1 TLA Q . -12.11 -9.46 -23.50
C2 TLA Q . -11.89 -8.82 -24.86
O2 TLA Q . -12.33 -7.48 -24.89
C3 TLA Q . -12.70 -9.66 -25.83
O3 TLA Q . -14.07 -9.63 -25.54
C4 TLA Q . -12.50 -9.09 -27.22
O4 TLA Q . -13.47 -8.52 -27.78
O41 TLA Q . -11.37 -9.21 -27.76
C1 PEG R . -4.34 2.60 -53.66
O1 PEG R . -4.96 2.48 -54.93
C2 PEG R . -5.46 2.81 -52.64
O2 PEG R . -4.94 2.85 -51.34
C3 PEG R . -5.70 3.66 -50.49
C4 PEG R . -4.85 4.86 -50.06
O4 PEG R . -5.45 6.04 -50.58
NA NA S . 15.04 -13.08 -22.03
CL CL T . -1.79 -9.03 -36.28
CL CL U . -0.67 -6.70 -11.94
C1 EDO V . -1.32 -37.04 -30.91
O1 EDO V . -1.95 -38.29 -31.20
C2 EDO V . -1.31 -36.79 -29.41
O2 EDO V . -2.67 -36.61 -28.97
C1 EDO W . -10.19 -6.00 -21.86
O1 EDO W . -10.91 -5.86 -23.08
C2 EDO W . -9.38 -7.27 -21.95
O2 EDO W . -8.65 -7.39 -20.71
C1 EDO X . -12.62 -22.96 -1.86
O1 EDO X . -13.57 -23.97 -2.22
C2 EDO X . -13.25 -21.59 -2.10
O2 EDO X . -12.53 -20.60 -1.33
C1 EDO Y . 20.25 -14.99 -36.87
O1 EDO Y . 21.07 -13.98 -36.27
C2 EDO Y . 21.07 -16.25 -37.04
O2 EDO Y . 21.99 -16.34 -35.94
C01 A1H37 Z . 34.42 4.75 41.79
C02 A1H37 Z . 33.65 5.96 41.85
C03 A1H37 Z . 34.11 6.88 40.77
C04 A1H37 Z . 33.79 6.26 39.49
C05 A1H37 Z . 34.81 5.20 39.55
C06 A1H37 Z . 35.97 6.06 39.90
F02 A1H37 Z . 32.46 5.80 41.71
O01 A1H37 Z . 34.53 4.29 40.55
O03 A1H37 Z . 35.48 6.96 40.79
O04 A1H37 Z . 34.02 7.17 38.51
O1 TLA AA . 27.27 5.59 35.43
O11 TLA AA . 26.96 4.16 33.77
C1 TLA AA . 26.52 4.81 34.76
C2 TLA AA . 25.06 4.64 35.12
O2 TLA AA . 24.48 3.61 34.35
C3 TLA AA . 24.34 5.94 34.78
O3 TLA AA . 24.40 6.15 33.40
C4 TLA AA . 22.90 5.74 35.21
O4 TLA AA . 22.01 5.60 34.34
O41 TLA AA . 22.60 5.67 36.43
NA NA BA . 34.18 -1.56 60.24
CL CL CA . 16.71 5.57 47.78
CL CL DA . 37.68 -5.49 41.23
C1 EDO EA . -2.21 1.41 45.51
O1 EDO EA . -3.09 1.99 46.49
C2 EDO EA . -1.53 0.18 46.13
O2 EDO EA . -2.50 -0.88 46.30
C1 EDO FA . 51.34 7.63 30.32
O1 EDO FA . 50.73 6.36 30.09
C2 EDO FA . 50.34 8.75 30.08
O2 EDO FA . 50.95 9.96 30.54
C1 EDO GA . 26.92 0.24 34.82
O1 EDO GA . 26.08 1.38 35.00
C2 EDO GA . 27.56 0.03 36.18
O2 EDO GA . 27.89 1.34 36.59
C1 EDO HA . 51.71 8.28 55.09
O1 EDO HA . 50.88 8.19 53.91
C2 EDO HA . 52.32 9.69 55.21
O2 EDO HA . 53.15 9.84 56.37
C1 EDO IA . 54.65 3.11 49.59
O1 EDO IA . 55.92 2.86 48.96
C2 EDO IA . 54.86 3.96 50.83
O2 EDO IA . 55.96 4.84 50.57
C1 EDO JA . 11.40 -31.88 8.18
O1 EDO JA . 10.93 -33.10 8.77
C2 EDO JA . 12.89 -31.75 8.44
O2 EDO JA . 13.47 -33.05 8.29
C01 A1H37 KA . 1.08 10.71 20.85
C02 A1H37 KA . 1.23 11.20 22.17
C03 A1H37 KA . 0.83 10.14 23.15
C04 A1H37 KA . 1.73 8.99 22.97
C05 A1H37 KA . 1.18 8.53 21.69
C06 A1H37 KA . -0.27 8.61 22.03
F02 A1H37 KA . 2.33 11.50 22.46
O01 A1H37 KA . 1.49 9.44 20.68
O03 A1H37 KA . -0.40 9.69 22.79
O04 A1H37 KA . 1.55 8.01 23.97
O1 TLA LA . 12.70 10.38 26.83
O11 TLA LA . 13.92 8.63 27.39
C1 TLA LA . 12.83 9.13 27.03
C2 TLA LA . 11.63 8.23 26.79
O2 TLA LA . 11.89 6.94 27.30
C3 TLA LA . 11.36 8.12 25.29
O3 TLA LA . 12.48 7.67 24.59
C4 TLA LA . 10.22 7.15 25.08
O4 TLA LA . 9.02 7.54 25.24
O41 TLA LA . 10.48 5.96 24.75
NA NA MA . -1.98 27.11 10.67
CL CL NA . 14.30 23.09 25.46
CL CL OA . 2.29 7.88 10.57
C1 EDO PA . -0.71 8.19 -0.42
O1 EDO PA . -0.99 9.50 -0.95
C2 EDO PA . 0.07 7.26 -1.36
O2 EDO PA . 1.00 8.01 -2.18
C1 EDO QA . 41.44 23.50 26.81
O1 EDO QA . 42.79 23.37 26.35
C2 EDO QA . 41.43 23.59 28.33
O2 EDO QA . 42.55 22.85 28.86
C1 EDO RA . 13.88 51.85 30.58
O1 EDO RA . 12.49 51.50 30.68
C2 EDO RA . 14.57 51.43 31.88
O2 EDO RA . 15.99 51.72 31.80
C1 EDO SA . 33.76 27.63 27.40
O1 EDO SA . 33.28 28.11 26.14
C2 EDO SA . 32.90 28.26 28.49
O2 EDO SA . 33.40 29.58 28.80
C1 EDO TA . -10.79 22.47 39.58
O1 EDO TA . -11.67 22.69 38.47
C2 EDO TA . -10.26 23.83 40.05
O2 EDO TA . -11.30 24.61 40.64
C1 EDO UA . 23.71 5.26 25.88
O1 EDO UA . 24.46 5.85 26.93
C2 EDO UA . 24.66 5.15 24.70
O2 EDO UA . 23.94 4.52 23.62
C1 EDO VA . 9.77 6.76 20.68
O1 EDO VA . 9.59 8.14 21.04
C2 EDO VA . 11.28 6.59 20.64
O2 EDO VA . 11.78 7.51 21.62
C1 EDO WA . -18.61 9.97 11.24
O1 EDO WA . -19.09 8.79 10.57
C2 EDO WA . -19.78 10.84 11.66
O2 EDO WA . -20.21 10.46 12.97
#